data_7UX1
#
_entry.id   7UX1
#
_cell.length_a   1.00
_cell.length_b   1.00
_cell.length_c   1.00
_cell.angle_alpha   90.00
_cell.angle_beta   90.00
_cell.angle_gamma   90.00
#
_symmetry.space_group_name_H-M   'P 1'
#
_entity_poly.entity_id   1
_entity_poly.type   'polypeptide(L)'
_entity_poly.pdbx_seq_one_letter_code
;MTMFQYYKRSRHFVFSAFIAFVFVLLCQNTAFARASSNGDLPTKADLQAQLDSLNKQKDLSAQDKLVQQDLTDTLATLDK
IDRIKEETVQLRQKVAEAPEKMRQATAALTALSDVDNDEETRKILSTLSLRQLETRVAQALDDLQNAQNDLASYNSQLVS
LQTQPERVQNAMYNASQQLQQIRSRLDGTDVGETALRPSQKVLMQAQQALLNAEIDQQRKSLEGNTVLQDTLQKQRDYVT
ANSARLEHQLQLLQEAVNSKRLTLTEKTAQEAVSPDEAARIQANPLVKQELEINQQLSQRLITATENGNQLMQQNIKVKN
WLERALQSERNIKEQIAVLKGSLLLSRILYQQQQTLPSADELENMTNRIADLRLEQFEVNQQRDALFQSDAFVNKLEEGH
TNEVNSEVHDALLQVVDMRRELLDQLNKQLGNQLMMAINLQINQQQLMSVSKNLKSILTQQIFWVNSNRPMDWDWIKAFP
QSLKDEFKSMKITVNWQKAWPAVFIAFLAGLPLLLIAGLIHWRLGWLKAYQQKLASAVGSLRNDSQLNTPKAILIDLIRA
LPVCLIILAVGLILLTMQLNISELLWSFSKKLAIFWLVFGLCWKVLEKNGVAVRHFGMPEQQTSHWRRQIVRISLALLPI
HFWSVVAELSPLHLMDDVLGQAMIFFNLLLIAFLVWPMCRESWRDKESHTMRLVTITVLSIIPIALMVLTATGYFYTTLR
LAGRWIETVYLVIIWNLLYQTVLRGLSVAARRIAWRRALARRQNLVKEGAEGAEPPEEPTIALEQVNQQTLRITMLLMFA
LFGVMFWAIWSDLITVFSYLDSITLWHYNGTEAGAAVVKNVTMGSLLFAIIASMVAWALIRNLPGLLEVLVLSRLNMRQG
ASYAITTILNYIIIAVGAMTVFGSLGVSWDKLQWLAAALSVGLSFGLQEIFGNFVSGLIILFERPVRIGDTVTIGSFSGT
VSKIRIRATTITDFDRKEVIIPNKAFVTERLINWSLTDTTTRLVIRLGVAYGSDLEKVRKVLLKAATEHPRVMHEPMPEV
FFTAFGASTLDHELRLYVRELRDRSRTVDELNRTIDQLCRENDINIAFNQLEVHLHNEKGDEVTEVKRDYKGDDPTPAVG
;
_entity_poly.pdbx_strand_id   A,G,F,E,D,C,B
#
# COMPACT_ATOMS: atom_id res chain seq x y z
N LEU A 286 25.99 -88.58 43.84
CA LEU A 286 25.60 -87.18 43.91
C LEU A 286 26.82 -86.27 43.75
N VAL A 287 27.84 -86.50 44.57
CA VAL A 287 29.05 -85.69 44.50
C VAL A 287 29.85 -85.99 43.23
N LYS A 288 29.73 -87.20 42.70
CA LYS A 288 30.45 -87.55 41.48
C LYS A 288 30.00 -86.69 40.30
N GLN A 289 28.69 -86.44 40.20
CA GLN A 289 28.18 -85.60 39.12
C GLN A 289 28.72 -84.18 39.25
N GLU A 290 28.74 -83.64 40.48
CA GLU A 290 29.29 -82.30 40.69
C GLU A 290 30.76 -82.24 40.34
N LEU A 291 31.52 -83.28 40.71
CA LEU A 291 32.94 -83.31 40.37
C LEU A 291 33.15 -83.37 38.86
N GLU A 292 32.34 -84.18 38.17
CA GLU A 292 32.44 -84.25 36.71
C GLU A 292 32.10 -82.91 36.07
N ILE A 293 31.06 -82.24 36.58
CA ILE A 293 30.71 -80.92 36.05
C ILE A 293 31.83 -79.92 36.29
N ASN A 294 32.44 -79.96 37.47
CA ASN A 294 33.57 -79.05 37.75
C ASN A 294 34.75 -79.34 36.82
N GLN A 295 35.03 -80.61 36.57
CA GLN A 295 36.12 -80.95 35.65
C GLN A 295 35.82 -80.47 34.24
N GLN A 296 34.57 -80.63 33.79
CA GLN A 296 34.19 -80.16 32.46
C GLN A 296 34.31 -78.64 32.38
N LEU A 297 33.89 -77.93 33.43
CA LEU A 297 34.01 -76.48 33.46
C LEU A 297 35.47 -76.06 33.41
N SER A 298 36.34 -76.75 34.15
CA SER A 298 37.75 -76.42 34.14
C SER A 298 38.38 -76.66 32.77
N GLN A 299 38.02 -77.77 32.13
CA GLN A 299 38.54 -78.05 30.79
C GLN A 299 38.05 -77.00 29.79
N ARG A 300 36.78 -76.61 29.89
CA ARG A 300 36.25 -75.59 28.99
C ARG A 300 36.95 -74.26 29.22
N LEU A 301 37.21 -73.91 30.49
CA LEU A 301 37.91 -72.67 30.78
C LEU A 301 39.34 -72.69 30.25
N ILE A 302 40.02 -73.83 30.37
CA ILE A 302 41.38 -73.94 29.85
C ILE A 302 41.40 -73.79 28.33
N THR A 303 40.48 -74.46 27.64
CA THR A 303 40.41 -74.35 26.18
C THR A 303 40.08 -72.92 25.76
N ALA A 304 39.14 -72.28 26.47
CA ALA A 304 38.79 -70.91 26.15
C ALA A 304 39.96 -69.97 26.37
N THR A 305 40.73 -70.18 27.45
CA THR A 305 41.89 -69.34 27.70
C THR A 305 42.96 -69.53 26.63
N GLU A 306 43.18 -70.78 26.20
CA GLU A 306 44.15 -71.01 25.13
C GLU A 306 43.70 -70.34 23.83
N ASN A 307 42.41 -70.46 23.49
CA ASN A 307 41.90 -69.82 22.30
C ASN A 307 42.01 -68.30 22.40
N GLY A 308 41.75 -67.75 23.60
CA GLY A 308 41.88 -66.32 23.81
C GLY A 308 43.31 -65.85 23.64
N ASN A 309 44.27 -66.63 24.15
CA ASN A 309 45.67 -66.25 23.98
C ASN A 309 46.08 -66.29 22.51
N GLN A 310 45.66 -67.31 21.78
CA GLN A 310 45.96 -67.37 20.36
C GLN A 310 45.32 -66.20 19.62
N LEU A 311 44.07 -65.88 19.96
CA LEU A 311 43.38 -64.76 19.31
C LEU A 311 44.06 -63.43 19.64
N MET A 312 44.52 -63.28 20.89
CA MET A 312 45.21 -62.06 21.26
C MET A 312 46.53 -61.92 20.50
N GLN A 313 47.26 -63.01 20.34
CA GLN A 313 48.49 -62.97 19.56
C GLN A 313 48.21 -62.59 18.11
N GLN A 314 47.18 -63.21 17.52
CA GLN A 314 46.82 -62.89 16.14
C GLN A 314 46.38 -61.44 16.02
N ASN A 315 45.61 -60.95 17.00
CA ASN A 315 45.15 -59.57 16.98
C ASN A 315 46.30 -58.60 17.11
N ILE A 316 47.29 -58.92 17.94
CA ILE A 316 48.46 -58.06 18.07
C ILE A 316 49.25 -58.01 16.76
N LYS A 317 49.42 -59.17 16.11
CA LYS A 317 50.10 -59.19 14.82
C LYS A 317 49.34 -58.37 13.80
N VAL A 318 48.01 -58.51 13.77
CA VAL A 318 47.19 -57.75 12.84
C VAL A 318 47.29 -56.26 13.12
N LYS A 319 47.31 -55.87 14.40
CA LYS A 319 47.43 -54.45 14.75
C LYS A 319 48.77 -53.89 14.31
N ASN A 320 49.85 -54.65 14.50
CA ASN A 320 51.15 -54.20 14.04
C ASN A 320 51.17 -54.01 12.54
N TRP A 321 50.65 -55.01 11.80
CA TRP A 321 50.59 -54.89 10.35
C TRP A 321 49.71 -53.72 9.93
N LEU A 322 48.62 -53.47 10.65
CA LEU A 322 47.71 -52.39 10.29
C LEU A 322 48.34 -51.02 10.55
N GLU A 323 49.08 -50.88 11.64
CA GLU A 323 49.80 -49.64 11.88
C GLU A 323 50.84 -49.40 10.79
N ARG A 324 51.57 -50.45 10.43
CA ARG A 324 52.55 -50.33 9.35
C ARG A 324 51.87 -49.91 8.05
N ALA A 325 50.72 -50.51 7.75
CA ALA A 325 49.99 -50.19 6.53
C ALA A 325 49.48 -48.76 6.56
N LEU A 326 48.99 -48.30 7.71
CA LEU A 326 48.51 -46.92 7.81
C LEU A 326 49.64 -45.93 7.58
N GLN A 327 50.80 -46.20 8.20
CA GLN A 327 51.95 -45.33 7.99
C GLN A 327 52.37 -45.33 6.52
N SER A 328 52.42 -46.52 5.90
CA SER A 328 52.82 -46.61 4.51
C SER A 328 51.84 -45.90 3.60
N GLU A 329 50.54 -46.01 3.87
CA GLU A 329 49.54 -45.36 3.05
C GLU A 329 49.62 -43.85 3.17
N ARG A 330 49.82 -43.34 4.39
CA ARG A 330 50.01 -41.90 4.55
C ARG A 330 51.25 -41.44 3.80
N ASN A 331 52.34 -42.21 3.89
CA ASN A 331 53.57 -41.85 3.20
C ASN A 331 53.36 -41.84 1.69
N ILE A 332 52.65 -42.84 1.17
CA ILE A 332 52.40 -42.92 -0.26
C ILE A 332 51.53 -41.76 -0.72
N LYS A 333 50.53 -41.38 0.07
CA LYS A 333 49.69 -40.24 -0.28
C LYS A 333 50.52 -38.95 -0.31
N GLU A 334 51.38 -38.76 0.68
CA GLU A 334 52.24 -37.59 0.69
C GLU A 334 53.18 -37.58 -0.51
N GLN A 335 53.74 -38.74 -0.85
CA GLN A 335 54.65 -38.82 -1.98
C GLN A 335 53.94 -38.49 -3.28
N ILE A 336 52.80 -39.16 -3.53
CA ILE A 336 52.04 -38.91 -4.74
C ILE A 336 51.56 -37.46 -4.80
N ALA A 337 51.42 -36.80 -3.65
CA ALA A 337 51.13 -35.38 -3.65
C ALA A 337 52.29 -34.57 -4.24
N VAL A 338 53.48 -35.16 -4.29
CA VAL A 338 54.66 -34.46 -4.79
C VAL A 338 55.49 -35.27 -5.78
N LEU A 339 55.13 -36.52 -6.06
CA LEU A 339 55.87 -37.36 -7.01
C LEU A 339 55.16 -37.47 -8.35
N LYS A 340 54.56 -36.38 -8.82
CA LYS A 340 53.85 -36.41 -10.09
C LYS A 340 54.82 -36.59 -11.24
N GLY A 341 54.39 -37.35 -12.26
CA GLY A 341 55.15 -37.59 -13.48
C GLY A 341 56.52 -38.23 -13.16
N SER A 342 56.46 -39.42 -12.60
CA SER A 342 57.65 -40.20 -12.28
C SER A 342 57.45 -41.63 -12.74
N LEU A 343 58.19 -42.02 -13.78
CA LEU A 343 58.06 -43.37 -14.31
C LEU A 343 58.49 -44.40 -13.28
N LEU A 344 59.62 -44.16 -12.60
CA LEU A 344 60.11 -45.07 -11.58
C LEU A 344 59.15 -45.17 -10.40
N LEU A 345 58.29 -44.17 -10.21
CA LEU A 345 57.30 -44.25 -9.14
C LEU A 345 56.36 -45.43 -9.34
N SER A 346 56.22 -45.89 -10.59
CA SER A 346 55.46 -47.12 -10.82
C SER A 346 56.13 -48.30 -10.13
N ARG A 347 57.46 -48.39 -10.21
CA ARG A 347 58.17 -49.45 -9.51
C ARG A 347 58.00 -49.32 -8.00
N ILE A 348 58.03 -48.10 -7.48
CA ILE A 348 57.84 -47.88 -6.06
C ILE A 348 56.44 -48.32 -5.63
N LEU A 349 55.43 -47.99 -6.44
CA LEU A 349 54.07 -48.42 -6.14
C LEU A 349 53.94 -49.93 -6.21
N TYR A 350 54.61 -50.57 -7.16
CA TYR A 350 54.60 -52.03 -7.23
C TYR A 350 55.22 -52.64 -5.99
N GLN A 351 56.34 -52.07 -5.54
CA GLN A 351 56.96 -52.54 -4.30
C GLN A 351 56.03 -52.34 -3.11
N GLN A 352 55.38 -51.19 -3.03
CA GLN A 352 54.47 -50.92 -1.92
C GLN A 352 53.30 -51.88 -1.92
N GLN A 353 52.73 -52.15 -3.10
CA GLN A 353 51.65 -53.12 -3.20
C GLN A 353 52.13 -54.52 -2.83
N GLN A 354 53.33 -54.90 -3.25
CA GLN A 354 53.90 -56.17 -2.84
C GLN A 354 54.12 -56.24 -1.33
N THR A 355 54.37 -55.10 -0.69
CA THR A 355 54.54 -55.06 0.76
C THR A 355 53.22 -55.20 1.50
N LEU A 356 52.11 -54.82 0.87
CA LEU A 356 50.81 -54.90 1.53
C LEU A 356 50.48 -56.34 1.87
N PRO A 357 50.03 -56.57 3.10
CA PRO A 357 49.63 -57.90 3.53
C PRO A 357 48.27 -58.25 2.96
N SER A 358 47.98 -59.55 2.90
CA SER A 358 46.74 -60.05 2.33
C SER A 358 45.66 -60.05 3.40
N ALA A 359 44.61 -59.25 3.19
CA ALA A 359 43.50 -59.18 4.12
C ALA A 359 42.47 -60.27 3.91
N ASP A 360 42.61 -61.09 2.87
CA ASP A 360 41.66 -62.17 2.62
C ASP A 360 41.74 -63.25 3.68
N GLU A 361 42.81 -63.30 4.47
CA GLU A 361 42.98 -64.29 5.52
C GLU A 361 42.20 -63.96 6.78
N LEU A 362 41.40 -62.88 6.77
CA LEU A 362 40.62 -62.50 7.93
C LEU A 362 39.53 -63.52 8.20
N GLU A 363 39.40 -63.93 9.45
CA GLU A 363 38.38 -64.90 9.87
C GLU A 363 37.21 -64.14 10.46
N ASN A 364 36.08 -64.12 9.74
CA ASN A 364 34.89 -63.43 10.21
C ASN A 364 34.24 -64.21 11.34
N MET A 365 34.84 -64.16 12.52
CA MET A 365 34.39 -64.93 13.67
C MET A 365 33.28 -64.23 14.45
N THR A 366 32.54 -63.33 13.80
CA THR A 366 31.42 -62.66 14.47
C THR A 366 30.42 -63.68 15.02
N ASN A 367 30.22 -64.79 14.31
CA ASN A 367 29.38 -65.86 14.83
C ASN A 367 29.97 -66.44 16.11
N ARG A 368 31.30 -66.62 16.14
CA ARG A 368 31.94 -67.06 17.37
C ARG A 368 31.78 -66.03 18.48
N ILE A 369 31.75 -64.75 18.13
CA ILE A 369 31.51 -63.72 19.14
C ILE A 369 30.11 -63.84 19.73
N ALA A 370 29.11 -64.08 18.89
CA ALA A 370 27.76 -64.32 19.40
C ALA A 370 27.71 -65.59 20.25
N ASP A 371 28.44 -66.63 19.85
CA ASP A 371 28.50 -67.85 20.64
C ASP A 371 29.11 -67.58 22.00
N LEU A 372 30.17 -66.76 22.04
CA LEU A 372 30.78 -66.40 23.31
C LEU A 372 29.83 -65.60 24.18
N ARG A 373 29.08 -64.68 23.56
CA ARG A 373 28.10 -63.90 24.33
C ARG A 373 27.03 -64.79 24.92
N LEU A 374 26.53 -65.75 24.12
CA LEU A 374 25.53 -66.69 24.62
C LEU A 374 26.09 -67.56 25.73
N GLU A 375 27.33 -68.02 25.58
CA GLU A 375 27.96 -68.82 26.62
C GLU A 375 28.12 -68.02 27.91
N GLN A 376 28.50 -66.75 27.79
CA GLN A 376 28.63 -65.90 28.97
C GLN A 376 27.28 -65.68 29.65
N PHE A 377 26.23 -65.46 28.86
CA PHE A 377 24.90 -65.32 29.44
C PHE A 377 24.47 -66.61 30.15
N GLU A 378 24.78 -67.77 29.55
CA GLU A 378 24.44 -69.04 30.18
C GLU A 378 25.22 -69.22 31.48
N VAL A 379 26.50 -68.83 31.49
CA VAL A 379 27.29 -68.92 32.71
C VAL A 379 26.74 -68.00 33.79
N ASN A 380 26.32 -66.80 33.41
CA ASN A 380 25.71 -65.89 34.37
C ASN A 380 24.42 -66.47 34.93
N GLN A 381 23.60 -67.09 34.07
CA GLN A 381 22.37 -67.71 34.56
C GLN A 381 22.68 -68.86 35.52
N GLN A 382 23.68 -69.68 35.19
CA GLN A 382 24.05 -70.78 36.06
C GLN A 382 24.57 -70.28 37.40
N ARG A 383 25.37 -69.21 37.39
CA ARG A 383 25.87 -68.64 38.63
C ARG A 383 24.74 -68.06 39.47
N ASP A 384 23.77 -67.40 38.82
CA ASP A 384 22.62 -66.88 39.53
C ASP A 384 21.80 -68.01 40.16
N ALA A 385 21.65 -69.11 39.42
CA ALA A 385 20.97 -70.28 39.98
C ALA A 385 21.74 -70.89 41.14
N LEU A 386 23.07 -70.82 41.09
CA LEU A 386 23.92 -71.34 42.15
C LEU A 386 24.38 -70.26 43.12
N PHE A 387 23.78 -69.07 43.06
CA PHE A 387 24.17 -68.00 43.98
C PHE A 387 23.88 -68.38 45.43
N GLN A 388 22.72 -68.98 45.69
CA GLN A 388 22.33 -69.43 47.02
C GLN A 388 22.81 -70.87 47.17
N SER A 389 23.98 -71.04 47.78
CA SER A 389 24.56 -72.38 47.94
C SER A 389 23.70 -73.25 48.84
N ASP A 390 23.20 -72.69 49.96
CA ASP A 390 22.38 -73.47 50.87
C ASP A 390 21.07 -73.89 50.21
N ALA A 391 20.42 -72.97 49.48
CA ALA A 391 19.17 -73.31 48.81
C ALA A 391 19.39 -74.36 47.73
N PHE A 392 20.48 -74.23 46.97
CA PHE A 392 20.79 -75.23 45.94
C PHE A 392 21.07 -76.59 46.57
N VAL A 393 21.79 -76.62 47.68
CA VAL A 393 22.07 -77.88 48.35
C VAL A 393 20.79 -78.51 48.88
N ASN A 394 19.89 -77.70 49.45
CA ASN A 394 18.61 -78.21 49.94
C ASN A 394 17.77 -78.76 48.80
N LYS A 395 17.75 -78.07 47.66
CA LYS A 395 16.99 -78.54 46.51
C LYS A 395 17.57 -79.85 45.97
N LEU A 396 18.90 -79.95 45.91
CA LEU A 396 19.52 -81.17 45.42
C LEU A 396 19.31 -82.34 46.38
N GLU A 397 19.29 -82.07 47.68
CA GLU A 397 19.11 -83.13 48.67
C GLU A 397 17.68 -83.65 48.71
N GLU A 398 16.74 -82.99 48.03
CA GLU A 398 15.37 -83.47 48.01
C GLU A 398 15.29 -84.84 47.34
N GLY A 399 14.45 -85.71 47.92
CA GLY A 399 14.27 -87.08 47.45
C GLY A 399 15.56 -87.88 47.46
N HIS A 400 16.54 -87.46 48.25
CA HIS A 400 17.82 -88.16 48.36
C HIS A 400 18.31 -88.21 49.81
N THR A 401 17.38 -88.22 50.76
CA THR A 401 17.76 -88.25 52.17
C THR A 401 18.37 -89.59 52.57
N ASN A 402 18.14 -90.65 51.80
CA ASN A 402 18.70 -91.95 52.11
C ASN A 402 20.20 -92.02 51.86
N GLU A 403 20.74 -91.10 51.07
CA GLU A 403 22.17 -91.07 50.77
C GLU A 403 22.82 -89.76 51.20
N VAL A 404 22.09 -88.88 51.89
CA VAL A 404 22.61 -87.61 52.34
C VAL A 404 22.81 -87.64 53.86
N ASN A 405 24.00 -87.26 54.29
CA ASN A 405 24.34 -87.22 55.71
C ASN A 405 24.90 -85.84 56.05
N SER A 406 25.43 -85.71 57.28
CA SER A 406 26.03 -84.45 57.69
C SER A 406 27.25 -84.11 56.83
N GLU A 407 28.09 -85.10 56.56
CA GLU A 407 29.25 -84.86 55.71
C GLU A 407 28.85 -84.67 54.25
N VAL A 408 27.79 -85.35 53.81
CA VAL A 408 27.36 -85.23 52.42
C VAL A 408 26.88 -83.80 52.11
N HIS A 409 26.14 -83.20 53.03
CA HIS A 409 25.67 -81.83 52.83
C HIS A 409 26.85 -80.85 52.73
N ASP A 410 27.84 -81.00 53.61
CA ASP A 410 29.01 -80.13 53.55
C ASP A 410 29.79 -80.34 52.27
N ALA A 411 29.95 -81.59 51.84
CA ALA A 411 30.64 -81.86 50.59
C ALA A 411 29.90 -81.25 49.40
N LEU A 412 28.57 -81.36 49.39
CA LEU A 412 27.79 -80.76 48.32
C LEU A 412 27.91 -79.25 48.32
N LEU A 413 27.89 -78.63 49.49
CA LEU A 413 28.06 -77.18 49.58
C LEU A 413 29.42 -76.75 49.07
N GLN A 414 30.47 -77.48 49.46
CA GLN A 414 31.82 -77.15 48.99
C GLN A 414 31.94 -77.32 47.48
N VAL A 415 31.34 -78.39 46.94
CA VAL A 415 31.37 -78.60 45.50
C VAL A 415 30.62 -77.51 44.76
N VAL A 416 29.48 -77.07 45.30
CA VAL A 416 28.74 -75.98 44.69
C VAL A 416 29.54 -74.69 44.72
N ASP A 417 30.20 -74.41 45.84
CA ASP A 417 31.03 -73.21 45.93
C ASP A 417 32.18 -73.25 44.93
N MET A 418 32.84 -74.40 44.83
CA MET A 418 33.94 -74.53 43.87
C MET A 418 33.46 -74.40 42.44
N ARG A 419 32.30 -74.99 42.13
CA ARG A 419 31.75 -74.85 40.79
C ARG A 419 31.39 -73.41 40.48
N ARG A 420 30.83 -72.69 41.46
CA ARG A 420 30.52 -71.28 41.26
C ARG A 420 31.77 -70.46 41.02
N GLU A 421 32.83 -70.73 41.79
CA GLU A 421 34.09 -70.00 41.61
C GLU A 421 34.68 -70.27 40.24
N LEU A 422 34.69 -71.54 39.81
CA LEU A 422 35.21 -71.89 38.50
C LEU A 422 34.39 -71.26 37.39
N LEU A 423 33.05 -71.24 37.56
CA LEU A 423 32.19 -70.62 36.57
C LEU A 423 32.45 -69.11 36.49
N ASP A 424 32.66 -68.46 37.63
CA ASP A 424 32.98 -67.04 37.62
C ASP A 424 34.30 -66.78 36.91
N GLN A 425 35.32 -67.59 37.19
CA GLN A 425 36.61 -67.42 36.54
C GLN A 425 36.48 -67.62 35.03
N LEU A 426 35.77 -68.66 34.62
CA LEU A 426 35.57 -68.92 33.19
C LEU A 426 34.78 -67.80 32.54
N ASN A 427 33.78 -67.26 33.24
CA ASN A 427 32.99 -66.16 32.69
C ASN A 427 33.84 -64.91 32.51
N LYS A 428 34.70 -64.60 33.48
CA LYS A 428 35.60 -63.46 33.34
C LYS A 428 36.56 -63.67 32.17
N GLN A 429 37.11 -64.87 32.04
CA GLN A 429 38.01 -65.17 30.92
C GLN A 429 37.29 -65.03 29.59
N LEU A 430 36.06 -65.55 29.52
CA LEU A 430 35.29 -65.47 28.29
C LEU A 430 34.93 -64.03 27.93
N GLY A 431 34.58 -63.23 28.93
CA GLY A 431 34.27 -61.83 28.67
C GLY A 431 35.50 -61.08 28.18
N ASN A 432 36.65 -61.34 28.79
CA ASN A 432 37.90 -60.72 28.32
C ASN A 432 38.21 -61.16 26.89
N GLN A 433 38.04 -62.44 26.61
CA GLN A 433 38.27 -62.95 25.26
C GLN A 433 37.31 -62.32 24.26
N LEU A 434 36.05 -62.12 24.66
CA LEU A 434 35.07 -61.50 23.76
C LEU A 434 35.42 -60.05 23.48
N MET A 435 35.86 -59.33 24.51
CA MET A 435 36.31 -57.95 24.29
C MET A 435 37.50 -57.91 23.34
N MET A 436 38.47 -58.81 23.56
CA MET A 436 39.63 -58.87 22.68
C MET A 436 39.22 -59.21 21.25
N ALA A 437 38.28 -60.14 21.10
CA ALA A 437 37.81 -60.52 19.78
C ALA A 437 37.04 -59.40 19.10
N ILE A 438 36.26 -58.63 19.85
CA ILE A 438 35.55 -57.49 19.27
C ILE A 438 36.54 -56.44 18.80
N ASN A 439 37.57 -56.16 19.62
CA ASN A 439 38.60 -55.24 19.19
C ASN A 439 39.33 -55.76 17.96
N LEU A 440 39.62 -57.06 17.93
CA LEU A 440 40.29 -57.66 16.78
C LEU A 440 39.44 -57.57 15.53
N GLN A 441 38.13 -57.79 15.66
CA GLN A 441 37.24 -57.71 14.51
C GLN A 441 37.15 -56.27 13.99
N ILE A 442 37.06 -55.30 14.91
CA ILE A 442 37.05 -53.90 14.48
C ILE A 442 38.34 -53.56 13.76
N ASN A 443 39.48 -53.99 14.31
CA ASN A 443 40.77 -53.72 13.69
C ASN A 443 40.87 -54.41 12.33
N GLN A 444 40.37 -55.63 12.21
CA GLN A 444 40.44 -56.36 10.95
C GLN A 444 39.57 -55.70 9.89
N GLN A 445 38.38 -55.23 10.27
CA GLN A 445 37.54 -54.51 9.32
C GLN A 445 38.21 -53.21 8.89
N GLN A 446 38.81 -52.50 9.84
CA GLN A 446 39.51 -51.26 9.50
C GLN A 446 40.68 -51.54 8.57
N LEU A 447 41.42 -52.62 8.82
CA LEU A 447 42.58 -52.96 7.99
C LEU A 447 42.15 -53.42 6.60
N MET A 448 41.05 -54.17 6.50
CA MET A 448 40.54 -54.53 5.18
C MET A 448 40.11 -53.29 4.40
N SER A 449 39.43 -52.36 5.08
CA SER A 449 39.07 -51.11 4.43
C SER A 449 40.29 -50.33 4.00
N VAL A 450 41.33 -50.31 4.85
CA VAL A 450 42.56 -49.60 4.52
C VAL A 450 43.25 -50.24 3.32
N SER A 451 43.28 -51.56 3.25
CA SER A 451 43.88 -52.24 2.11
C SER A 451 43.10 -51.97 0.84
N LYS A 452 41.77 -51.96 0.93
CA LYS A 452 40.95 -51.61 -0.23
C LYS A 452 41.21 -50.19 -0.68
N ASN A 453 41.32 -49.26 0.27
CA ASN A 453 41.63 -47.88 -0.06
C ASN A 453 43.02 -47.76 -0.66
N LEU A 454 43.97 -48.57 -0.19
CA LEU A 454 45.32 -48.56 -0.76
C LEU A 454 45.29 -49.05 -2.20
N LYS A 455 44.51 -50.10 -2.47
CA LYS A 455 44.35 -50.56 -3.85
C LYS A 455 43.71 -49.47 -4.71
N SER A 456 42.71 -48.78 -4.17
CA SER A 456 42.06 -47.71 -4.90
C SER A 456 43.05 -46.60 -5.21
N ILE A 457 43.88 -46.24 -4.23
CA ILE A 457 44.87 -45.19 -4.44
C ILE A 457 45.91 -45.61 -5.48
N LEU A 458 46.33 -46.88 -5.43
CA LEU A 458 47.29 -47.37 -6.40
C LEU A 458 46.72 -47.30 -7.81
N THR A 459 45.45 -47.69 -7.96
CA THR A 459 44.79 -47.57 -9.26
C THR A 459 44.68 -46.13 -9.69
N GLN A 460 44.33 -45.23 -8.77
CA GLN A 460 44.18 -43.82 -9.11
C GLN A 460 45.50 -43.23 -9.57
N GLN A 461 46.59 -43.57 -8.88
CA GLN A 461 47.91 -43.12 -9.31
C GLN A 461 48.28 -43.71 -10.66
N ILE A 462 47.93 -44.99 -10.89
CA ILE A 462 48.27 -45.64 -12.14
C ILE A 462 47.31 -45.27 -13.27
N PHE A 463 46.31 -44.45 -13.01
CA PHE A 463 45.30 -44.11 -14.02
C PHE A 463 45.92 -43.42 -15.23
N TRP A 464 46.43 -42.21 -15.04
CA TRP A 464 47.00 -41.45 -16.14
C TRP A 464 48.41 -41.93 -16.46
N ASP A 474 65.90 -54.77 -28.00
CA ASP A 474 65.54 -53.83 -26.94
C ASP A 474 64.48 -54.43 -26.04
N TRP A 475 63.26 -53.92 -26.14
CA TRP A 475 62.15 -54.43 -25.34
C TRP A 475 61.88 -55.90 -25.68
N ILE A 476 61.87 -56.23 -26.97
CA ILE A 476 61.66 -57.63 -27.37
C ILE A 476 62.85 -58.49 -26.95
N LYS A 477 64.06 -57.95 -27.05
CA LYS A 477 65.25 -58.70 -26.65
C LYS A 477 65.20 -59.04 -25.17
N ALA A 478 64.80 -58.08 -24.33
CA ALA A 478 64.61 -58.36 -22.91
C ALA A 478 63.45 -59.33 -22.70
N PHE A 479 62.40 -59.22 -23.51
CA PHE A 479 61.28 -60.14 -23.38
C PHE A 479 61.66 -61.59 -23.64
N PRO A 480 62.68 -61.90 -24.45
CA PRO A 480 63.07 -63.31 -24.60
C PRO A 480 63.47 -63.97 -23.28
N GLN A 481 64.16 -63.23 -22.40
CA GLN A 481 64.49 -63.78 -21.09
C GLN A 481 63.27 -63.79 -20.18
N SER A 482 62.43 -62.75 -20.26
CA SER A 482 61.25 -62.67 -19.41
C SER A 482 60.20 -63.73 -19.78
N LEU A 483 60.31 -64.33 -20.96
CA LEU A 483 59.37 -65.38 -21.34
C LEU A 483 59.48 -66.57 -20.40
N LYS A 484 60.71 -66.96 -20.05
CA LYS A 484 60.90 -68.06 -19.12
C LYS A 484 60.35 -67.72 -17.74
N ASP A 485 60.56 -66.47 -17.29
CA ASP A 485 60.03 -66.05 -16.00
C ASP A 485 58.51 -66.08 -16.00
N GLU A 486 57.88 -65.63 -17.09
CA GLU A 486 56.43 -65.67 -17.19
C GLU A 486 55.92 -67.11 -17.21
N PHE A 487 56.61 -68.00 -17.93
CA PHE A 487 56.21 -69.40 -17.94
C PHE A 487 56.33 -70.02 -16.56
N LYS A 488 57.39 -69.69 -15.83
CA LYS A 488 57.52 -70.18 -14.46
C LYS A 488 56.42 -69.63 -13.57
N SER A 489 56.03 -68.37 -13.80
CA SER A 489 54.95 -67.78 -13.01
C SER A 489 53.62 -68.48 -13.25
N MET A 490 53.46 -69.12 -14.40
CA MET A 490 52.24 -69.87 -14.67
C MET A 490 52.09 -71.04 -13.71
N LYS A 491 53.18 -71.74 -13.43
CA LYS A 491 53.16 -72.86 -12.49
C LYS A 491 53.48 -72.39 -11.08
N ILE A 505 25.00 -77.07 -5.85
CA ILE A 505 24.36 -75.96 -6.52
C ILE A 505 24.82 -75.86 -7.97
N ALA A 506 26.14 -76.00 -8.21
CA ALA A 506 26.67 -75.93 -9.55
C ALA A 506 26.14 -77.08 -10.41
N PHE A 507 26.10 -78.30 -9.86
CA PHE A 507 25.58 -79.44 -10.60
C PHE A 507 24.09 -79.27 -10.91
N LEU A 508 23.32 -78.75 -9.94
CA LEU A 508 21.90 -78.52 -10.18
C LEU A 508 21.69 -77.47 -11.26
N ALA A 509 22.49 -76.41 -11.25
CA ALA A 509 22.38 -75.38 -12.29
C ALA A 509 22.76 -75.95 -13.65
N GLY A 510 23.81 -76.78 -13.70
CA GLY A 510 24.21 -77.37 -14.97
C GLY A 510 23.16 -78.31 -15.55
N LEU A 511 22.61 -79.19 -14.70
CA LEU A 511 21.53 -80.07 -15.16
C LEU A 511 20.30 -79.29 -15.59
N PRO A 512 19.83 -78.29 -14.85
CA PRO A 512 18.72 -77.47 -15.37
C PRO A 512 19.06 -76.79 -16.68
N LEU A 513 20.31 -76.35 -16.86
CA LEU A 513 20.71 -75.76 -18.12
C LEU A 513 20.66 -76.80 -19.25
N LEU A 514 21.08 -78.03 -18.97
CA LEU A 514 21.01 -79.08 -19.98
C LEU A 514 19.56 -79.38 -20.37
N LEU A 515 18.66 -79.46 -19.39
CA LEU A 515 17.25 -79.67 -19.70
C LEU A 515 16.67 -78.50 -20.48
N ILE A 516 17.06 -77.28 -20.12
CA ILE A 516 16.59 -76.09 -20.82
C ILE A 516 17.03 -76.12 -22.28
N ALA A 517 18.29 -76.51 -22.52
CA ALA A 517 18.79 -76.60 -23.90
C ALA A 517 18.07 -77.72 -24.66
N GLY A 518 17.82 -78.84 -24.00
CA GLY A 518 17.11 -79.94 -24.65
C GLY A 518 15.71 -79.53 -25.09
N LEU A 519 14.98 -78.83 -24.23
CA LEU A 519 13.68 -78.32 -24.62
C LEU A 519 13.80 -77.20 -25.65
N ILE A 520 14.84 -76.38 -25.55
CA ILE A 520 15.01 -75.24 -26.43
C ILE A 520 15.37 -75.67 -27.84
N HIS A 521 15.92 -76.87 -28.03
CA HIS A 521 16.13 -77.34 -29.40
C HIS A 521 14.82 -77.41 -30.17
N TRP A 522 13.82 -78.10 -29.60
CA TRP A 522 12.51 -78.17 -30.24
C TRP A 522 11.80 -76.81 -30.21
N ARG A 523 12.00 -76.04 -29.14
CA ARG A 523 11.41 -74.71 -29.09
C ARG A 523 11.92 -73.83 -30.23
N LEU A 524 13.22 -73.88 -30.50
CA LEU A 524 13.80 -73.10 -31.58
C LEU A 524 13.41 -73.65 -32.94
N GLY A 525 13.24 -74.96 -33.08
CA GLY A 525 12.68 -75.49 -34.31
C GLY A 525 11.30 -74.95 -34.59
N TRP A 526 10.43 -74.96 -33.57
CA TRP A 526 9.09 -74.41 -33.73
C TRP A 526 9.12 -72.92 -34.00
N LEU A 527 10.02 -72.20 -33.34
CA LEU A 527 10.14 -70.76 -33.55
C LEU A 527 10.61 -70.46 -34.97
N LYS A 528 11.55 -71.25 -35.50
CA LYS A 528 12.00 -71.06 -36.87
C LYS A 528 10.88 -71.35 -37.85
N ALA A 529 10.09 -72.39 -37.59
CA ALA A 529 8.93 -72.67 -38.45
C ALA A 529 7.95 -71.51 -38.42
N TYR A 530 7.66 -70.98 -37.24
CA TYR A 530 6.73 -69.86 -37.12
C TYR A 530 7.27 -68.62 -37.82
N GLN A 531 8.56 -68.36 -37.68
CA GLN A 531 9.18 -67.19 -38.33
C GLN A 531 9.13 -67.34 -39.84
N GLN A 532 9.40 -68.53 -40.36
CA GLN A 532 9.30 -68.75 -41.80
C GLN A 532 7.88 -68.56 -42.28
N LYS A 533 6.90 -69.06 -41.52
CA LYS A 533 5.50 -68.88 -41.89
C LYS A 533 5.12 -67.41 -41.91
N LEU A 534 5.57 -66.65 -40.91
CA LEU A 534 5.23 -65.22 -40.84
C LEU A 534 5.90 -64.42 -41.94
N ALA A 535 7.18 -64.72 -42.23
CA ALA A 535 7.90 -63.95 -43.24
C ALA A 535 7.46 -64.29 -44.65
N SER A 536 7.24 -65.56 -44.95
CA SER A 536 6.82 -65.98 -46.28
C SER A 536 6.01 -67.27 -46.23
N THR A 549 12.59 -59.03 -43.22
CA THR A 549 11.33 -58.78 -42.54
C THR A 549 11.56 -58.43 -41.08
N PRO A 550 10.84 -57.42 -40.57
CA PRO A 550 10.97 -57.05 -39.16
C PRO A 550 10.63 -58.20 -38.22
N LYS A 551 9.59 -58.97 -38.57
CA LYS A 551 9.21 -60.13 -37.76
C LYS A 551 10.31 -61.19 -37.78
N ALA A 552 10.90 -61.43 -38.94
CA ALA A 552 11.99 -62.39 -39.03
C ALA A 552 13.20 -61.94 -38.22
N ILE A 553 13.50 -60.65 -38.27
CA ILE A 553 14.63 -60.11 -37.50
C ILE A 553 14.36 -60.25 -36.00
N LEU A 554 13.14 -59.94 -35.56
CA LEU A 554 12.79 -60.09 -34.16
C LEU A 554 12.88 -61.54 -33.72
N ILE A 555 12.41 -62.47 -34.57
CA ILE A 555 12.49 -63.88 -34.24
C ILE A 555 13.94 -64.34 -34.14
N ASP A 556 14.78 -63.88 -35.06
CA ASP A 556 16.21 -64.23 -35.00
C ASP A 556 16.85 -63.69 -33.73
N LEU A 557 16.52 -62.46 -33.36
CA LEU A 557 17.06 -61.87 -32.13
C LEU A 557 16.59 -62.66 -30.90
N ILE A 558 15.32 -63.06 -30.88
CA ILE A 558 14.80 -63.84 -29.76
C ILE A 558 15.49 -65.19 -29.68
N ARG A 559 15.72 -65.83 -30.83
CA ARG A 559 16.41 -67.12 -30.85
C ARG A 559 17.85 -66.98 -30.37
N ALA A 560 18.52 -65.92 -30.78
CA ALA A 560 19.89 -65.68 -30.31
C ALA A 560 19.91 -65.42 -28.81
N LEU A 561 18.92 -64.69 -28.30
CA LEU A 561 18.85 -64.41 -26.87
C LEU A 561 18.71 -65.66 -26.03
N PRO A 562 17.85 -66.63 -26.37
CA PRO A 562 17.77 -67.85 -25.54
C PRO A 562 19.07 -68.63 -25.51
N VAL A 563 19.76 -68.75 -26.64
CA VAL A 563 21.03 -69.47 -26.67
C VAL A 563 22.06 -68.74 -25.84
N CYS A 564 22.09 -67.41 -25.93
CA CYS A 564 23.03 -66.63 -25.13
C CYS A 564 22.74 -66.79 -23.64
N LEU A 565 21.46 -66.80 -23.26
CA LEU A 565 21.10 -67.00 -21.86
C LEU A 565 21.51 -68.38 -21.37
N ILE A 566 21.30 -69.41 -22.21
CA ILE A 566 21.71 -70.77 -21.83
C ILE A 566 23.22 -70.84 -21.65
N ILE A 567 23.97 -70.22 -22.57
CA ILE A 567 25.43 -70.24 -22.47
C ILE A 567 25.89 -69.49 -21.22
N LEU A 568 25.25 -68.36 -20.92
CA LEU A 568 25.61 -67.61 -19.72
C LEU A 568 25.31 -68.40 -18.45
N ALA A 569 24.18 -69.10 -18.42
CA ALA A 569 23.86 -69.95 -17.27
C ALA A 569 24.88 -71.08 -17.12
N VAL A 570 25.27 -71.69 -18.24
CA VAL A 570 26.26 -72.76 -18.19
C VAL A 570 27.59 -72.22 -17.67
N GLY A 571 28.01 -71.04 -18.15
CA GLY A 571 29.24 -70.45 -17.67
C GLY A 571 29.19 -70.10 -16.19
N LEU A 572 28.06 -69.56 -15.73
CA LEU A 572 27.91 -69.25 -14.31
C LEU A 572 27.96 -70.51 -13.46
N ILE A 573 27.33 -71.59 -13.93
CA ILE A 573 27.41 -72.86 -13.22
C ILE A 573 28.85 -73.36 -13.20
N LEU A 574 29.59 -73.16 -14.29
CA LEU A 574 30.99 -73.56 -14.33
C LEU A 574 31.88 -72.64 -13.50
N LEU A 575 31.37 -71.47 -13.10
CA LEU A 575 32.15 -70.54 -12.30
C LEU A 575 31.64 -70.49 -10.86
N SER A 582 38.32 -69.03 -9.19
CA SER A 582 37.56 -68.86 -10.42
C SER A 582 37.01 -67.45 -10.54
N GLU A 583 37.72 -66.49 -9.94
CA GLU A 583 37.27 -65.09 -9.99
C GLU A 583 37.33 -64.55 -11.41
N LEU A 584 38.38 -64.87 -12.16
CA LEU A 584 38.50 -64.37 -13.52
C LEU A 584 37.45 -64.98 -14.43
N LEU A 585 37.02 -66.21 -14.13
CA LEU A 585 36.01 -66.86 -14.96
C LEU A 585 34.68 -66.13 -14.91
N TRP A 586 34.32 -65.60 -13.73
CA TRP A 586 33.04 -64.89 -13.61
C TRP A 586 33.00 -63.64 -14.47
N SER A 587 34.06 -62.83 -14.41
CA SER A 587 34.13 -61.64 -15.26
C SER A 587 34.25 -62.02 -16.73
N PHE A 588 34.97 -63.10 -17.02
CA PHE A 588 35.05 -63.57 -18.39
C PHE A 588 33.68 -63.92 -18.95
N SER A 589 32.85 -64.59 -18.14
CA SER A 589 31.50 -64.93 -18.57
C SER A 589 30.62 -63.68 -18.65
N LYS A 590 30.81 -62.73 -17.73
CA LYS A 590 30.05 -61.49 -17.78
C LYS A 590 30.29 -60.75 -19.09
N LYS A 591 31.55 -60.68 -19.53
CA LYS A 591 31.85 -60.08 -20.82
C LYS A 591 31.37 -60.97 -21.96
N LEU A 592 31.50 -62.29 -21.80
CA LEU A 592 31.15 -63.23 -22.84
C LEU A 592 29.66 -63.26 -23.13
N ALA A 593 28.83 -62.82 -22.19
CA ALA A 593 27.40 -62.68 -22.48
C ALA A 593 27.19 -61.74 -23.67
N ILE A 594 27.68 -60.51 -23.55
CA ILE A 594 27.56 -59.56 -24.65
C ILE A 594 28.38 -60.00 -25.85
N PHE A 595 29.54 -60.62 -25.62
CA PHE A 595 30.36 -61.09 -26.73
C PHE A 595 29.62 -62.11 -27.57
N TRP A 596 28.96 -63.07 -26.92
CA TRP A 596 28.20 -64.09 -27.64
C TRP A 596 26.94 -63.49 -28.26
N LEU A 597 26.33 -62.50 -27.62
CA LEU A 597 25.21 -61.81 -28.26
C LEU A 597 25.64 -61.18 -29.58
N VAL A 598 26.78 -60.48 -29.56
CA VAL A 598 27.29 -59.86 -30.79
C VAL A 598 27.65 -60.92 -31.81
N PHE A 599 28.27 -62.01 -31.37
CA PHE A 599 28.67 -63.08 -32.30
C PHE A 599 27.46 -63.74 -32.95
N GLY A 600 26.42 -64.01 -32.17
CA GLY A 600 25.22 -64.63 -32.70
C GLY A 600 24.30 -63.69 -33.46
N LEU A 601 24.49 -62.38 -33.32
CA LEU A 601 23.75 -61.44 -34.15
C LEU A 601 24.02 -61.69 -35.63
N CYS A 602 25.28 -62.02 -35.97
CA CYS A 602 25.61 -62.35 -37.36
C CYS A 602 25.15 -63.74 -37.74
N TRP A 603 25.19 -64.69 -36.80
CA TRP A 603 24.75 -66.05 -37.09
C TRP A 603 23.26 -66.09 -37.39
N LYS A 604 22.46 -65.35 -36.65
CA LYS A 604 21.02 -65.28 -36.87
C LYS A 604 20.63 -64.24 -37.90
N VAL A 605 21.59 -63.49 -38.44
CA VAL A 605 21.30 -62.49 -39.46
C VAL A 605 22.52 -62.28 -40.35
N GLN A 622 28.29 -60.07 -48.73
CA GLN A 622 27.05 -60.84 -48.69
C GLN A 622 26.79 -61.37 -47.29
N THR A 623 25.50 -61.59 -46.97
CA THR A 623 25.14 -62.14 -45.66
C THR A 623 25.75 -63.52 -45.46
N SER A 624 25.68 -64.37 -46.48
CA SER A 624 26.34 -65.67 -46.41
C SER A 624 27.85 -65.50 -46.28
N HIS A 625 28.42 -64.57 -47.05
CA HIS A 625 29.84 -64.27 -46.91
C HIS A 625 30.14 -63.70 -45.53
N TRP A 626 29.26 -62.82 -45.02
CA TRP A 626 29.44 -62.30 -43.67
C TRP A 626 29.29 -63.40 -42.63
N ARG A 627 28.39 -64.36 -42.86
CA ARG A 627 28.20 -65.46 -41.92
C ARG A 627 29.47 -66.29 -41.77
N ARG A 628 30.34 -66.29 -42.78
CA ARG A 628 31.61 -66.99 -42.69
C ARG A 628 32.76 -66.09 -42.27
N GLN A 629 32.69 -64.79 -42.57
CA GLN A 629 33.74 -63.85 -42.22
C GLN A 629 33.63 -63.33 -40.80
N ILE A 630 32.49 -63.52 -40.13
CA ILE A 630 32.35 -63.08 -38.74
C ILE A 630 33.13 -63.96 -37.77
N VAL A 631 33.60 -65.13 -38.21
CA VAL A 631 34.38 -66.00 -37.33
C VAL A 631 35.67 -65.33 -36.91
N ARG A 632 36.33 -64.65 -37.85
CA ARG A 632 37.57 -63.95 -37.52
C ARG A 632 37.32 -62.84 -36.52
N ILE A 633 36.22 -62.09 -36.70
CA ILE A 633 35.88 -61.02 -35.75
C ILE A 633 35.60 -61.61 -34.37
N SER A 634 34.86 -62.72 -34.32
CA SER A 634 34.58 -63.36 -33.04
C SER A 634 35.86 -63.84 -32.36
N LEU A 635 36.78 -64.42 -33.13
CA LEU A 635 38.05 -64.88 -32.57
C LEU A 635 38.87 -63.71 -32.06
N ALA A 636 38.90 -62.60 -32.80
CA ALA A 636 39.64 -61.42 -32.37
C ALA A 636 39.06 -60.84 -31.09
N LEU A 637 37.72 -60.79 -30.99
CA LEU A 637 37.09 -60.33 -29.77
C LEU A 637 37.41 -61.25 -28.60
N LEU A 638 37.41 -62.56 -28.84
CA LEU A 638 37.76 -63.51 -27.79
C LEU A 638 39.17 -63.30 -27.26
N PRO A 639 40.21 -63.14 -28.10
CA PRO A 639 41.53 -62.80 -27.56
C PRO A 639 41.54 -61.49 -26.79
N ILE A 640 40.81 -60.49 -27.28
CA ILE A 640 40.72 -59.23 -26.57
C ILE A 640 40.02 -59.42 -25.23
N HIS A 641 38.95 -60.22 -25.22
CA HIS A 641 38.25 -60.50 -23.97
C HIS A 641 39.17 -61.19 -22.97
N PHE A 642 39.94 -62.17 -23.44
CA PHE A 642 40.86 -62.89 -22.56
C PHE A 642 41.96 -61.99 -22.04
N TRP A 643 42.46 -61.07 -22.87
CA TRP A 643 43.53 -60.18 -22.46
C TRP A 643 43.04 -58.99 -21.64
N SER A 644 41.74 -58.70 -21.64
CA SER A 644 41.21 -57.56 -20.91
C SER A 644 40.26 -57.92 -19.78
N VAL A 645 40.00 -59.21 -19.55
CA VAL A 645 39.09 -59.60 -18.47
C VAL A 645 39.65 -59.16 -17.12
N VAL A 646 40.95 -59.39 -16.89
CA VAL A 646 41.56 -59.09 -15.60
C VAL A 646 41.93 -57.63 -15.45
N ALA A 647 41.62 -56.79 -16.44
CA ALA A 647 42.00 -55.38 -16.37
C ALA A 647 41.14 -54.63 -15.35
N GLU A 648 39.82 -54.66 -15.53
CA GLU A 648 38.91 -53.92 -14.67
C GLU A 648 38.90 -54.41 -13.23
N LEU A 649 39.42 -55.61 -12.97
CA LEU A 649 39.43 -56.16 -11.62
C LEU A 649 40.80 -55.99 -10.96
N VAL A 658 54.64 -57.91 -19.74
CA VAL A 658 54.39 -57.57 -21.13
C VAL A 658 54.04 -58.80 -21.96
N LEU A 659 53.98 -59.99 -21.35
CA LEU A 659 53.66 -61.20 -22.10
C LEU A 659 52.24 -61.14 -22.65
N GLY A 660 51.30 -60.60 -21.88
CA GLY A 660 49.91 -60.55 -22.30
C GLY A 660 49.67 -59.68 -23.52
N GLN A 661 50.59 -58.77 -23.81
CA GLN A 661 50.46 -57.88 -24.96
C GLN A 661 51.10 -58.45 -26.23
N ALA A 662 51.74 -59.61 -26.15
CA ALA A 662 52.37 -60.20 -27.33
C ALA A 662 51.34 -60.53 -28.40
N MET A 663 50.22 -61.13 -27.99
CA MET A 663 49.16 -61.43 -28.95
C MET A 663 48.45 -60.16 -29.40
N ILE A 664 48.29 -59.19 -28.50
CA ILE A 664 47.59 -57.96 -28.84
C ILE A 664 48.38 -57.15 -29.86
N PHE A 665 49.71 -57.24 -29.82
CA PHE A 665 50.53 -56.52 -30.79
C PHE A 665 50.22 -56.97 -32.22
N PHE A 666 50.06 -58.28 -32.42
CA PHE A 666 49.68 -58.78 -33.73
C PHE A 666 48.21 -58.57 -34.03
N ASN A 667 47.36 -58.63 -32.99
CA ASN A 667 45.93 -58.44 -33.20
C ASN A 667 45.62 -57.02 -33.68
N LEU A 668 46.33 -56.02 -33.16
CA LEU A 668 46.13 -54.65 -33.59
C LEU A 668 46.47 -54.49 -35.07
N LEU A 669 47.60 -55.08 -35.50
CA LEU A 669 47.99 -55.01 -36.90
C LEU A 669 46.98 -55.75 -37.78
N LEU A 670 46.50 -56.90 -37.32
CA LEU A 670 45.51 -57.65 -38.09
C LEU A 670 44.22 -56.86 -38.24
N ILE A 671 43.78 -56.19 -37.17
CA ILE A 671 42.57 -55.38 -37.22
C ILE A 671 42.76 -54.22 -38.18
N ALA A 672 43.93 -53.56 -38.13
CA ALA A 672 44.20 -52.46 -39.04
C ALA A 672 44.19 -52.93 -40.49
N PHE A 673 44.80 -54.09 -40.76
CA PHE A 673 44.83 -54.62 -42.12
C PHE A 673 43.42 -54.97 -42.60
N LEU A 674 42.60 -55.56 -41.72
CA LEU A 674 41.23 -55.88 -42.10
C LEU A 674 40.42 -54.62 -42.38
N VAL A 675 40.61 -53.58 -41.57
CA VAL A 675 39.88 -52.34 -41.77
C VAL A 675 40.35 -51.64 -43.05
N TRP A 676 41.62 -51.81 -43.41
CA TRP A 676 42.13 -51.18 -44.63
C TRP A 676 41.37 -51.57 -45.88
N PRO A 677 41.02 -52.83 -46.11
CA PRO A 677 40.20 -53.15 -47.29
C PRO A 677 38.84 -52.46 -47.27
N MET A 678 38.21 -52.37 -46.09
CA MET A 678 36.92 -51.68 -46.00
C MET A 678 37.06 -50.19 -46.28
N CYS A 679 38.14 -49.57 -45.78
CA CYS A 679 38.38 -48.17 -46.06
C CYS A 679 38.64 -47.94 -47.55
N ARG A 680 39.40 -48.84 -48.18
CA ARG A 680 39.64 -48.73 -49.61
C ARG A 680 38.34 -48.86 -50.41
N GLU A 681 37.48 -49.80 -50.00
CA GLU A 681 36.17 -49.93 -50.64
C GLU A 681 35.31 -48.70 -50.38
N SER A 682 35.37 -48.17 -49.16
CA SER A 682 34.61 -46.96 -48.85
C SER A 682 35.17 -45.75 -49.60
N TRP A 683 36.49 -45.69 -49.76
CA TRP A 683 37.11 -44.57 -50.47
C TRP A 683 36.70 -44.53 -51.94
N ARG A 684 36.27 -45.65 -52.50
CA ARG A 684 35.82 -45.66 -53.89
C ARG A 684 34.55 -44.85 -54.10
N ASP A 685 33.77 -44.63 -53.06
CA ASP A 685 32.54 -43.85 -53.14
C ASP A 685 32.74 -42.53 -52.43
N LYS A 686 32.37 -41.44 -53.11
CA LYS A 686 32.52 -40.09 -52.57
C LYS A 686 31.17 -39.46 -52.23
N GLU A 687 30.24 -39.43 -53.19
CA GLU A 687 28.93 -38.83 -52.94
C GLU A 687 28.10 -39.65 -51.96
N SER A 688 28.41 -40.92 -51.79
CA SER A 688 27.66 -41.76 -50.86
C SER A 688 27.98 -41.38 -49.41
N HIS A 689 27.04 -41.65 -48.52
CA HIS A 689 27.23 -41.34 -47.11
C HIS A 689 28.29 -42.26 -46.50
N THR A 690 29.09 -41.69 -45.61
CA THR A 690 30.16 -42.41 -44.92
C THR A 690 30.09 -42.15 -43.42
N MET A 691 28.87 -42.25 -42.86
CA MET A 691 28.70 -42.03 -41.44
C MET A 691 29.42 -43.08 -40.61
N ARG A 692 29.36 -44.34 -41.03
CA ARG A 692 29.99 -45.43 -40.29
C ARG A 692 31.51 -45.44 -40.42
N LEU A 693 32.08 -44.68 -41.36
CA LEU A 693 33.52 -44.66 -41.52
C LEU A 693 34.21 -44.02 -40.32
N VAL A 694 33.54 -43.05 -39.67
CA VAL A 694 34.13 -42.37 -38.53
C VAL A 694 34.40 -43.34 -37.40
N THR A 695 33.43 -44.21 -37.10
CA THR A 695 33.62 -45.21 -36.05
C THR A 695 34.72 -46.20 -36.43
N ILE A 696 34.75 -46.61 -37.70
CA ILE A 696 35.81 -47.50 -38.16
C ILE A 696 37.17 -46.81 -38.06
N THR A 697 37.22 -45.53 -38.42
CA THR A 697 38.47 -44.79 -38.31
C THR A 697 38.93 -44.70 -36.86
N VAL A 698 38.00 -44.46 -35.94
CA VAL A 698 38.36 -44.38 -34.52
C VAL A 698 38.86 -45.73 -34.02
N LEU A 699 38.20 -46.82 -34.43
CA LEU A 699 38.64 -48.15 -34.01
C LEU A 699 40.02 -48.47 -34.57
N SER A 700 40.28 -48.11 -35.82
CA SER A 700 41.59 -48.34 -36.40
C SER A 700 42.67 -47.49 -35.71
N ILE A 701 42.33 -46.25 -35.37
CA ILE A 701 43.27 -45.39 -34.64
C ILE A 701 43.60 -46.01 -33.29
N ILE A 702 42.58 -46.53 -32.60
CA ILE A 702 42.83 -47.23 -31.35
C ILE A 702 43.72 -48.45 -31.56
N PRO A 703 43.51 -49.29 -32.58
CA PRO A 703 44.44 -50.40 -32.81
C PRO A 703 45.86 -49.94 -33.09
N ILE A 704 46.03 -48.83 -33.81
CA ILE A 704 47.36 -48.31 -34.08
C ILE A 704 47.99 -47.75 -32.81
N ALA A 705 47.21 -46.97 -32.06
CA ALA A 705 47.74 -46.33 -30.85
C ALA A 705 48.13 -47.36 -29.81
N LEU A 706 47.32 -48.40 -29.64
CA LEU A 706 47.62 -49.42 -28.64
C LEU A 706 48.93 -50.13 -28.93
N MET A 707 49.19 -50.44 -30.20
CA MET A 707 50.43 -51.10 -30.58
C MET A 707 51.60 -50.14 -30.72
N VAL A 708 51.35 -48.83 -30.78
CA VAL A 708 52.42 -47.86 -30.95
C VAL A 708 52.93 -47.35 -29.61
N LEU A 709 52.03 -46.85 -28.77
CA LEU A 709 52.41 -46.15 -27.55
C LEU A 709 52.68 -47.08 -26.38
N THR A 710 52.53 -48.38 -26.54
CA THR A 710 52.72 -49.32 -25.43
C THR A 710 54.18 -49.64 -25.15
N ALA A 711 55.11 -49.14 -25.95
CA ALA A 711 56.52 -49.42 -25.75
C ALA A 711 57.03 -48.76 -24.47
N PHE A 715 51.50 -44.38 -18.30
CA PHE A 715 52.26 -44.40 -19.53
C PHE A 715 52.02 -45.69 -20.31
N TYR A 716 52.01 -46.80 -19.60
CA TYR A 716 51.73 -48.11 -20.20
C TYR A 716 50.26 -48.48 -20.17
N THR A 717 49.40 -47.59 -19.68
CA THR A 717 47.98 -47.86 -19.55
C THR A 717 47.18 -47.63 -20.83
N THR A 718 47.86 -47.63 -21.98
CA THR A 718 47.16 -47.39 -23.25
C THR A 718 46.18 -48.51 -23.57
N LEU A 719 46.42 -49.72 -23.06
CA LEU A 719 45.55 -50.84 -23.36
C LEU A 719 44.17 -50.70 -22.71
N ARG A 720 44.01 -49.77 -21.77
CA ARG A 720 42.73 -49.62 -21.10
C ARG A 720 41.65 -49.12 -22.04
N LEU A 721 42.03 -48.32 -23.04
CA LEU A 721 41.05 -47.73 -23.94
C LEU A 721 40.37 -48.78 -24.80
N ALA A 722 40.97 -49.98 -24.92
CA ALA A 722 40.38 -51.02 -25.76
C ALA A 722 39.04 -51.48 -25.22
N GLY A 723 38.88 -51.53 -23.89
CA GLY A 723 37.61 -51.93 -23.32
C GLY A 723 36.49 -50.99 -23.71
N ARG A 724 36.75 -49.69 -23.68
CA ARG A 724 35.75 -48.73 -24.12
C ARG A 724 35.56 -48.78 -25.63
N TRP A 725 36.63 -49.02 -26.38
CA TRP A 725 36.52 -49.05 -27.84
C TRP A 725 35.65 -50.21 -28.31
N ILE A 726 35.82 -51.38 -27.70
CA ILE A 726 35.00 -52.53 -28.08
C ILE A 726 33.53 -52.27 -27.78
N GLU A 727 33.26 -51.69 -26.61
CA GLU A 727 31.87 -51.37 -26.25
C GLU A 727 31.29 -50.34 -27.21
N THR A 728 32.08 -49.34 -27.59
CA THR A 728 31.60 -48.34 -28.54
C THR A 728 31.31 -48.96 -29.89
N VAL A 729 32.16 -49.88 -30.34
CA VAL A 729 31.92 -50.55 -31.62
C VAL A 729 30.64 -51.37 -31.55
N TYR A 730 30.44 -52.10 -30.46
CA TYR A 730 29.22 -52.88 -30.31
C TYR A 730 27.99 -51.98 -30.28
N LEU A 731 28.08 -50.85 -29.58
CA LEU A 731 26.96 -49.92 -29.54
C LEU A 731 26.67 -49.34 -30.92
N VAL A 732 27.71 -49.05 -31.70
CA VAL A 732 27.51 -48.51 -33.04
C VAL A 732 26.85 -49.56 -33.93
N ILE A 733 27.28 -50.81 -33.83
CA ILE A 733 26.66 -51.87 -34.62
C ILE A 733 25.19 -52.04 -34.25
N ILE A 734 24.90 -52.02 -32.94
CA ILE A 734 23.52 -52.15 -32.48
C ILE A 734 22.69 -50.98 -32.98
N TRP A 735 23.25 -49.77 -32.94
CA TRP A 735 22.52 -48.60 -33.41
C TRP A 735 22.23 -48.68 -34.90
N ASN A 736 23.20 -49.15 -35.69
CA ASN A 736 22.98 -49.30 -37.12
C ASN A 736 21.89 -50.33 -37.40
N LEU A 737 21.93 -51.47 -36.70
CA LEU A 737 20.91 -52.48 -36.90
C LEU A 737 19.53 -51.96 -36.50
N LEU A 738 19.45 -51.25 -35.36
CA LEU A 738 18.18 -50.69 -34.93
C LEU A 738 17.67 -49.65 -35.91
N TYR A 739 18.58 -48.84 -36.48
CA TYR A 739 18.18 -47.86 -37.48
C TYR A 739 17.63 -48.53 -38.72
N GLN A 740 18.27 -49.60 -39.19
CA GLN A 740 17.76 -50.32 -40.34
C GLN A 740 16.39 -50.93 -40.05
N THR A 741 16.22 -51.53 -38.87
CA THR A 741 14.93 -52.11 -38.51
C THR A 741 13.85 -51.04 -38.42
N VAL A 742 14.19 -49.88 -37.85
CA VAL A 742 13.22 -48.80 -37.71
C VAL A 742 12.85 -48.25 -39.08
N LEU A 743 13.83 -48.16 -39.99
CA LEU A 743 13.52 -47.71 -41.34
C LEU A 743 12.58 -48.68 -42.05
N ARG A 744 12.83 -49.98 -41.90
CA ARG A 744 11.95 -50.97 -42.50
C ARG A 744 10.53 -50.89 -41.92
N GLY A 745 10.44 -50.76 -40.60
CA GLY A 745 9.14 -50.65 -39.96
C GLY A 745 8.39 -49.39 -40.37
N LEU A 746 9.11 -48.27 -40.46
CA LEU A 746 8.49 -47.02 -40.89
C LEU A 746 8.01 -47.10 -42.34
N SER A 747 8.80 -47.75 -43.20
CA SER A 747 8.37 -47.93 -44.58
C SER A 747 7.12 -48.80 -44.66
N VAL A 748 7.07 -49.87 -43.87
CA VAL A 748 5.89 -50.74 -43.85
C VAL A 748 4.68 -49.97 -43.36
N ALA A 749 4.85 -49.19 -42.29
CA ALA A 749 3.72 -48.43 -41.74
C ALA A 749 3.24 -47.37 -42.73
N ALA A 750 4.18 -46.71 -43.42
CA ALA A 750 3.79 -45.71 -44.42
C ALA A 750 3.05 -46.35 -45.58
N ARG A 751 3.51 -47.52 -46.04
CA ARG A 751 2.81 -48.23 -47.10
C ARG A 751 1.40 -48.62 -46.67
N ARG A 752 1.26 -49.13 -45.44
CA ARG A 752 -0.05 -49.49 -44.94
C ARG A 752 -0.97 -48.29 -44.84
N ILE A 753 -0.45 -47.16 -44.35
CA ILE A 753 -1.25 -45.95 -44.23
C ILE A 753 -1.68 -45.44 -45.60
N ALA A 754 -0.77 -45.48 -46.57
CA ALA A 754 -1.11 -45.03 -47.93
C ALA A 754 -2.17 -45.94 -48.54
N ASN A 787 5.03 -40.15 -41.82
CA ASN A 787 5.87 -41.18 -42.42
C ASN A 787 7.35 -40.81 -42.32
N GLN A 788 7.80 -39.95 -43.25
CA GLN A 788 9.20 -39.53 -43.24
C GLN A 788 9.54 -38.77 -41.97
N GLN A 789 8.66 -37.87 -41.53
CA GLN A 789 8.92 -37.09 -40.32
C GLN A 789 8.96 -37.99 -39.09
N THR A 790 8.03 -38.95 -39.00
CA THR A 790 8.02 -39.86 -37.87
C THR A 790 9.27 -40.75 -37.85
N LEU A 791 9.68 -41.22 -39.03
CA LEU A 791 10.90 -42.02 -39.12
C LEU A 791 12.12 -41.20 -38.70
N ARG A 792 12.19 -39.95 -39.15
CA ARG A 792 13.30 -39.09 -38.77
C ARG A 792 13.32 -38.85 -37.27
N ILE A 793 12.15 -38.63 -36.66
CA ILE A 793 12.08 -38.40 -35.22
C ILE A 793 12.52 -39.65 -34.47
N THR A 794 12.06 -40.82 -34.90
CA THR A 794 12.46 -42.06 -34.24
C THR A 794 13.96 -42.31 -34.37
N MET A 795 14.52 -42.04 -35.56
CA MET A 795 15.95 -42.20 -35.75
C MET A 795 16.74 -41.23 -34.89
N LEU A 796 16.25 -39.99 -34.77
CA LEU A 796 16.92 -39.02 -33.91
C LEU A 796 16.88 -39.47 -32.45
N LEU A 797 15.74 -39.99 -32.00
CA LEU A 797 15.63 -40.47 -30.62
C LEU A 797 16.60 -41.63 -30.38
N MET A 798 16.66 -42.57 -31.32
CA MET A 798 17.56 -43.71 -31.18
C MET A 798 19.01 -43.26 -31.17
N PHE A 799 19.37 -42.32 -32.04
CA PHE A 799 20.73 -41.81 -32.09
C PHE A 799 21.10 -41.09 -30.80
N ALA A 800 20.16 -40.31 -30.26
CA ALA A 800 20.41 -39.63 -28.99
C ALA A 800 20.61 -40.64 -27.85
N LEU A 801 19.80 -41.68 -27.81
CA LEU A 801 19.96 -42.71 -26.78
C LEU A 801 21.31 -43.41 -26.93
N PHE A 802 21.69 -43.75 -28.16
CA PHE A 802 22.98 -44.41 -28.38
C PHE A 802 24.13 -43.50 -27.99
N GLY A 803 24.04 -42.21 -28.31
CA GLY A 803 25.10 -41.28 -27.93
C GLY A 803 25.20 -41.10 -26.43
N VAL A 804 24.06 -41.05 -25.74
CA VAL A 804 24.08 -40.94 -24.29
C VAL A 804 24.72 -42.17 -23.68
N MET A 805 24.35 -43.36 -24.19
CA MET A 805 24.95 -44.60 -23.70
C MET A 805 26.44 -44.62 -23.94
N PHE A 806 26.89 -44.19 -25.12
CA PHE A 806 28.31 -44.16 -25.43
C PHE A 806 29.05 -43.19 -24.52
N TRP A 807 28.48 -42.01 -24.28
CA TRP A 807 29.10 -41.05 -23.39
C TRP A 807 29.23 -41.60 -21.98
N ALA A 808 28.19 -42.25 -21.48
CA ALA A 808 28.24 -42.84 -20.17
C ALA A 808 29.03 -44.14 -20.12
N ILE A 809 29.46 -44.68 -21.27
CA ILE A 809 30.14 -45.96 -21.34
C ILE A 809 31.59 -45.81 -21.77
N TRP A 810 31.87 -44.91 -22.72
CA TRP A 810 33.24 -44.75 -23.20
C TRP A 810 34.17 -44.22 -22.13
N SER A 811 33.63 -43.58 -21.10
CA SER A 811 34.35 -43.00 -19.96
C SER A 811 35.23 -41.83 -20.35
N ASP A 812 35.28 -41.46 -21.63
CA ASP A 812 36.06 -40.30 -22.07
C ASP A 812 35.22 -39.04 -22.20
N LEU A 813 33.91 -39.18 -22.43
CA LEU A 813 33.03 -38.01 -22.46
C LEU A 813 32.95 -37.35 -21.09
N ILE A 814 33.15 -38.12 -20.02
CA ILE A 814 33.23 -37.52 -18.68
C ILE A 814 34.39 -36.55 -18.61
N THR A 815 35.55 -36.93 -19.16
CA THR A 815 36.66 -36.00 -19.28
C THR A 815 36.30 -34.85 -20.20
N VAL A 816 35.58 -35.13 -21.28
CA VAL A 816 35.11 -34.08 -22.18
C VAL A 816 34.12 -33.18 -21.46
N PHE A 817 33.29 -33.77 -20.60
CA PHE A 817 32.36 -32.96 -19.80
C PHE A 817 33.11 -32.01 -18.88
N SER A 818 34.18 -32.51 -18.24
CA SER A 818 34.99 -31.64 -17.39
C SER A 818 35.67 -30.55 -18.21
N TYR A 819 36.17 -30.89 -19.39
CA TYR A 819 36.83 -29.89 -20.24
C TYR A 819 35.84 -28.81 -20.65
N LEU A 820 34.62 -29.20 -21.02
CA LEU A 820 33.59 -28.22 -21.36
C LEU A 820 33.20 -27.39 -20.15
N ASP A 821 33.17 -27.99 -18.96
CA ASP A 821 32.79 -27.29 -17.74
C ASP A 821 33.96 -26.58 -17.08
N SER A 822 35.02 -26.29 -17.82
CA SER A 822 36.22 -25.64 -17.28
C SER A 822 36.57 -24.40 -18.09
N ILE A 823 35.57 -23.55 -18.32
CA ILE A 823 35.76 -22.30 -19.04
C ILE A 823 34.91 -21.22 -18.37
N THR A 824 34.99 -20.00 -18.91
CA THR A 824 34.26 -18.87 -18.37
C THR A 824 33.73 -18.01 -19.52
N LEU A 825 32.50 -17.55 -19.39
CA LEU A 825 31.90 -16.70 -20.41
C LEU A 825 31.39 -15.37 -19.88
N TRP A 826 30.76 -15.36 -18.70
CA TRP A 826 30.22 -14.14 -18.12
C TRP A 826 30.15 -14.32 -16.61
N HIS A 827 30.04 -13.20 -15.90
CA HIS A 827 30.01 -13.21 -14.44
C HIS A 827 28.55 -13.30 -13.98
N TYR A 828 28.19 -14.42 -13.37
CA TYR A 828 26.87 -14.61 -12.79
C TYR A 828 26.98 -14.67 -11.26
N ASN A 829 25.86 -14.42 -10.60
CA ASN A 829 25.81 -14.44 -9.15
C ASN A 829 24.50 -15.07 -8.70
N GLY A 830 24.49 -15.54 -7.46
CA GLY A 830 23.27 -16.13 -6.92
C GLY A 830 23.49 -16.56 -5.48
N THR A 831 22.50 -17.29 -4.97
CA THR A 831 22.54 -17.82 -3.61
C THR A 831 22.44 -19.34 -3.66
N GLU A 832 23.46 -20.02 -3.14
CA GLU A 832 23.48 -21.47 -3.09
C GLU A 832 23.76 -21.90 -1.65
N ALA A 833 22.93 -22.82 -1.14
CA ALA A 833 23.07 -23.35 0.22
C ALA A 833 23.08 -22.24 1.26
N GLY A 834 22.32 -21.18 1.02
CA GLY A 834 22.27 -20.06 1.94
C GLY A 834 23.46 -19.14 1.91
N ALA A 835 24.36 -19.30 0.94
CA ALA A 835 25.55 -18.47 0.82
C ALA A 835 25.58 -17.79 -0.54
N ALA A 836 25.98 -16.51 -0.54
CA ALA A 836 26.07 -15.75 -1.79
C ALA A 836 27.30 -16.20 -2.55
N VAL A 837 27.10 -16.78 -3.73
CA VAL A 837 28.18 -17.31 -4.56
C VAL A 837 28.12 -16.64 -5.92
N VAL A 838 29.26 -16.13 -6.39
CA VAL A 838 29.39 -15.53 -7.70
C VAL A 838 30.37 -16.38 -8.50
N LYS A 839 29.94 -16.84 -9.67
CA LYS A 839 30.75 -17.69 -10.52
C LYS A 839 30.76 -17.19 -11.96
N ASN A 840 31.31 -18.01 -12.86
CA ASN A 840 31.38 -17.67 -14.27
C ASN A 840 30.60 -18.70 -15.08
N VAL A 841 30.21 -18.30 -16.28
CA VAL A 841 29.41 -19.14 -17.18
C VAL A 841 30.35 -20.11 -17.86
N THR A 842 30.30 -21.38 -17.45
CA THR A 842 31.15 -22.40 -18.06
C THR A 842 30.73 -22.65 -19.50
N MET A 843 31.71 -23.02 -20.33
CA MET A 843 31.39 -23.38 -21.72
C MET A 843 30.50 -24.59 -21.78
N GLY A 844 30.63 -25.51 -20.81
CA GLY A 844 29.70 -26.62 -20.73
C GLY A 844 28.27 -26.16 -20.54
N SER A 845 28.08 -25.11 -19.75
CA SER A 845 26.74 -24.56 -19.56
C SER A 845 26.20 -24.00 -20.87
N LEU A 846 27.04 -23.30 -21.64
CA LEU A 846 26.59 -22.77 -22.92
C LEU A 846 26.24 -23.89 -23.89
N LEU A 847 27.05 -24.95 -23.91
CA LEU A 847 26.76 -26.08 -24.79
C LEU A 847 25.45 -26.75 -24.39
N PHE A 848 25.22 -26.91 -23.08
CA PHE A 848 23.98 -27.50 -22.61
C PHE A 848 22.79 -26.63 -22.98
N ALA A 849 22.92 -25.31 -22.83
CA ALA A 849 21.84 -24.41 -23.19
C ALA A 849 21.52 -24.49 -24.68
N ILE A 850 22.57 -24.51 -25.51
CA ILE A 850 22.36 -24.60 -26.96
C ILE A 850 21.68 -25.92 -27.31
N ILE A 851 22.13 -27.01 -26.68
CA ILE A 851 21.53 -28.32 -26.94
C ILE A 851 20.06 -28.32 -26.54
N ALA A 852 19.76 -27.73 -25.38
CA ALA A 852 18.38 -27.69 -24.91
C ALA A 852 17.51 -26.89 -25.87
N SER A 853 18.00 -25.75 -26.34
CA SER A 853 17.23 -24.94 -27.29
C SER A 853 16.99 -25.72 -28.58
N MET A 854 18.03 -26.38 -29.09
CA MET A 854 17.89 -27.11 -30.34
C MET A 854 16.89 -28.26 -30.20
N VAL A 855 16.98 -29.02 -29.11
CA VAL A 855 16.07 -30.15 -28.94
C VAL A 855 14.65 -29.65 -28.71
N ALA A 856 14.48 -28.53 -28.02
CA ALA A 856 13.13 -27.98 -27.84
C ALA A 856 12.54 -27.58 -29.17
N TRP A 857 13.32 -26.90 -30.01
CA TRP A 857 12.81 -26.48 -31.31
C TRP A 857 12.51 -27.68 -32.21
N ALA A 858 13.31 -28.74 -32.09
CA ALA A 858 13.05 -29.94 -32.88
C ALA A 858 11.81 -30.67 -32.39
N LEU A 859 11.59 -30.69 -31.08
CA LEU A 859 10.53 -31.52 -30.52
C LEU A 859 9.18 -30.83 -30.56
N ILE A 860 9.16 -29.49 -30.53
CA ILE A 860 7.88 -28.78 -30.63
C ILE A 860 7.21 -29.08 -31.96
N ARG A 861 8.00 -29.16 -33.03
CA ARG A 861 7.44 -29.47 -34.34
C ARG A 861 7.24 -30.97 -34.53
N ASN A 862 7.84 -31.80 -33.69
CA ASN A 862 7.64 -33.24 -33.81
C ASN A 862 6.47 -33.71 -32.97
N LEU A 863 5.92 -32.83 -32.13
CA LEU A 863 4.79 -33.19 -31.28
C LEU A 863 3.52 -33.55 -32.04
N PRO A 864 3.03 -32.79 -33.05
CA PRO A 864 1.64 -32.96 -33.48
C PRO A 864 1.39 -34.27 -34.20
N GLY A 865 2.27 -34.65 -35.13
CA GLY A 865 2.07 -35.92 -35.81
C GLY A 865 2.20 -37.11 -34.88
N LEU A 866 3.20 -37.09 -34.01
CA LEU A 866 3.42 -38.20 -33.08
C LEU A 866 2.27 -38.32 -32.10
N LEU A 867 1.64 -37.20 -31.75
CA LEU A 867 0.44 -37.25 -30.93
C LEU A 867 -0.78 -37.72 -31.71
N GLU A 868 -0.95 -37.25 -32.95
CA GLU A 868 -2.15 -37.56 -33.71
C GLU A 868 -2.20 -39.03 -34.10
N VAL A 869 -1.04 -39.62 -34.41
CA VAL A 869 -1.03 -41.03 -34.80
C VAL A 869 -1.54 -41.90 -33.66
N LEU A 870 -1.23 -41.53 -32.42
CA LEU A 870 -1.78 -42.25 -31.27
C LEU A 870 -3.24 -41.89 -31.04
N VAL A 871 -3.58 -40.61 -31.16
CA VAL A 871 -4.94 -40.16 -30.88
C VAL A 871 -5.90 -40.68 -31.94
N LEU A 872 -5.48 -40.72 -33.19
CA LEU A 872 -6.34 -41.26 -34.26
C LEU A 872 -6.72 -42.71 -33.98
N SER A 873 -5.85 -43.46 -33.30
CA SER A 873 -6.19 -44.82 -32.91
C SER A 873 -7.13 -44.86 -31.72
N ARG A 874 -7.35 -43.74 -31.04
CA ARG A 874 -8.23 -43.68 -29.89
C ARG A 874 -9.67 -43.34 -30.26
N LEU A 875 -9.99 -43.23 -31.56
CA LEU A 875 -11.32 -42.91 -32.05
C LEU A 875 -11.80 -41.54 -31.58
N ASN A 876 -10.87 -40.69 -31.15
CA ASN A 876 -11.15 -39.32 -30.73
C ASN A 876 -12.10 -39.25 -29.54
N MET A 877 -12.32 -38.04 -29.03
CA MET A 877 -13.27 -37.80 -27.95
C MET A 877 -14.18 -36.61 -28.16
N ARG A 878 -13.92 -35.77 -29.15
CA ARG A 878 -14.72 -34.58 -29.43
C ARG A 878 -14.39 -34.09 -30.83
N GLN A 879 -14.96 -32.94 -31.20
CA GLN A 879 -14.73 -32.39 -32.53
C GLN A 879 -13.29 -31.93 -32.71
N GLY A 880 -12.71 -31.28 -31.69
CA GLY A 880 -11.34 -30.79 -31.78
C GLY A 880 -10.53 -31.09 -30.52
N ALA A 881 -10.89 -32.15 -29.79
CA ALA A 881 -10.13 -32.52 -28.60
C ALA A 881 -8.70 -32.88 -28.95
N SER A 882 -8.51 -33.53 -30.10
CA SER A 882 -7.15 -33.86 -30.54
C SER A 882 -6.34 -32.59 -30.77
N TYR A 883 -6.89 -31.64 -31.52
CA TYR A 883 -6.18 -30.39 -31.75
C TYR A 883 -5.86 -29.68 -30.44
N ALA A 884 -6.83 -29.66 -29.52
CA ALA A 884 -6.60 -29.01 -28.23
C ALA A 884 -5.47 -29.68 -27.46
N ILE A 885 -5.43 -31.01 -27.47
CA ILE A 885 -4.42 -31.70 -26.68
C ILE A 885 -3.04 -31.52 -27.29
N THR A 886 -2.94 -31.56 -28.62
CA THR A 886 -1.63 -31.31 -29.24
C THR A 886 -1.16 -29.89 -28.96
N THR A 887 -2.07 -28.91 -29.01
CA THR A 887 -1.68 -27.56 -28.66
C THR A 887 -1.21 -27.48 -27.21
N ILE A 888 -1.88 -28.17 -26.31
CA ILE A 888 -1.50 -28.12 -24.90
C ILE A 888 -0.12 -28.71 -24.69
N LEU A 889 0.17 -29.86 -25.32
CA LEU A 889 1.52 -30.41 -25.20
C LEU A 889 2.55 -29.49 -25.82
N ASN A 890 2.23 -28.86 -26.95
CA ASN A 890 3.11 -27.84 -27.53
C ASN A 890 3.45 -26.78 -26.50
N TYR A 891 2.43 -26.31 -25.78
CA TYR A 891 2.59 -25.18 -24.90
C TYR A 891 3.43 -25.57 -23.69
N ILE A 892 3.15 -26.75 -23.13
CA ILE A 892 3.93 -27.27 -22.01
C ILE A 892 5.38 -27.48 -22.42
N ILE A 893 5.60 -27.99 -23.64
CA ILE A 893 6.95 -28.24 -24.10
C ILE A 893 7.72 -26.94 -24.22
N ILE A 894 7.09 -25.91 -24.78
CA ILE A 894 7.80 -24.63 -24.90
C ILE A 894 8.07 -24.03 -23.53
N ALA A 895 7.14 -24.22 -22.58
CA ALA A 895 7.35 -23.70 -21.24
C ALA A 895 8.54 -24.38 -20.56
N VAL A 896 8.59 -25.71 -20.65
CA VAL A 896 9.68 -26.44 -20.01
C VAL A 896 11.01 -26.13 -20.69
N GLY A 897 10.98 -25.93 -22.01
CA GLY A 897 12.21 -25.57 -22.70
C GLY A 897 12.73 -24.21 -22.27
N ALA A 898 11.84 -23.23 -22.16
CA ALA A 898 12.25 -21.91 -21.69
C ALA A 898 12.78 -21.98 -20.27
N MET A 899 12.12 -22.76 -19.41
CA MET A 899 12.57 -22.87 -18.03
C MET A 899 13.96 -23.50 -17.96
N THR A 900 14.18 -24.56 -18.74
CA THR A 900 15.49 -25.21 -18.74
C THR A 900 16.56 -24.27 -19.28
N VAL A 901 16.26 -23.55 -20.36
CA VAL A 901 17.25 -22.66 -20.97
C VAL A 901 17.63 -21.55 -20.00
N PHE A 902 16.63 -20.91 -19.37
CA PHE A 902 16.92 -19.85 -18.42
C PHE A 902 17.61 -20.37 -17.17
N GLY A 903 17.32 -21.61 -16.77
CA GLY A 903 18.07 -22.21 -15.68
C GLY A 903 19.51 -22.47 -16.04
N SER A 904 19.75 -22.95 -17.27
CA SER A 904 21.11 -23.17 -17.72
C SER A 904 21.89 -21.86 -17.80
N LEU A 905 21.25 -20.80 -18.31
CA LEU A 905 21.88 -19.50 -18.32
C LEU A 905 22.09 -18.95 -16.91
N GLY A 906 21.27 -19.37 -15.95
CA GLY A 906 21.41 -18.94 -14.58
C GLY A 906 20.84 -17.58 -14.24
N VAL A 907 20.43 -16.80 -15.25
CA VAL A 907 19.85 -15.49 -14.99
C VAL A 907 18.45 -15.61 -14.40
N SER A 908 17.84 -16.79 -14.50
CA SER A 908 16.49 -16.97 -13.99
C SER A 908 16.45 -16.87 -12.46
N TRP A 909 17.60 -16.99 -11.80
CA TRP A 909 17.62 -16.88 -10.34
C TRP A 909 17.19 -15.49 -9.88
N ASP A 910 17.67 -14.44 -10.55
CA ASP A 910 17.27 -13.08 -10.21
C ASP A 910 16.12 -12.55 -11.06
N LYS A 911 15.62 -13.37 -11.99
CA LYS A 911 14.54 -12.93 -12.88
C LYS A 911 13.21 -12.78 -12.15
N LEU A 912 13.11 -13.28 -10.92
CA LEU A 912 11.87 -13.14 -10.15
C LEU A 912 11.69 -11.75 -9.58
N GLN A 913 12.43 -10.76 -10.07
CA GLN A 913 12.30 -9.39 -9.58
C GLN A 913 11.31 -8.58 -10.41
N TRP A 914 11.57 -8.46 -11.72
CA TRP A 914 10.79 -7.55 -12.54
C TRP A 914 9.61 -8.24 -13.22
N LEU A 915 9.89 -9.25 -14.05
CA LEU A 915 8.83 -9.94 -14.77
C LEU A 915 7.91 -10.73 -13.85
N ALA A 916 8.31 -10.96 -12.60
CA ALA A 916 7.48 -11.72 -11.67
C ALA A 916 6.16 -11.00 -11.41
N ALA A 917 6.21 -9.68 -11.24
CA ALA A 917 4.98 -8.92 -11.00
C ALA A 917 4.05 -9.00 -12.20
N ALA A 918 4.59 -8.89 -13.41
CA ALA A 918 3.78 -9.00 -14.61
C ALA A 918 3.15 -10.39 -14.73
N LEU A 919 3.93 -11.43 -14.46
CA LEU A 919 3.37 -12.78 -14.48
C LEU A 919 2.27 -12.93 -13.43
N SER A 920 2.48 -12.35 -12.25
CA SER A 920 1.49 -12.44 -11.19
C SER A 920 0.18 -11.79 -11.60
N VAL A 921 0.24 -10.56 -12.14
CA VAL A 921 -1.01 -9.91 -12.52
C VAL A 921 -1.65 -10.60 -13.71
N GLY A 922 -0.85 -11.12 -14.64
CA GLY A 922 -1.41 -11.83 -15.77
C GLY A 922 -2.18 -13.07 -15.36
N LEU A 923 -1.60 -13.85 -14.44
CA LEU A 923 -2.31 -15.02 -13.92
C LEU A 923 -3.51 -14.60 -13.06
N SER A 924 -3.37 -13.49 -12.33
CA SER A 924 -4.42 -13.03 -11.45
C SER A 924 -5.68 -12.65 -12.22
N PHE A 925 -5.50 -11.99 -13.37
CA PHE A 925 -6.67 -11.61 -14.17
C PHE A 925 -7.49 -12.84 -14.54
N GLY A 926 -6.84 -13.85 -15.10
CA GLY A 926 -7.57 -15.03 -15.52
C GLY A 926 -8.16 -15.81 -14.37
N LEU A 927 -7.41 -15.98 -13.29
CA LEU A 927 -7.94 -16.72 -12.15
C LEU A 927 -9.11 -15.97 -11.51
N GLN A 928 -9.04 -14.64 -11.47
CA GLN A 928 -10.15 -13.84 -10.96
C GLN A 928 -11.38 -13.98 -11.86
N GLU A 929 -11.17 -14.00 -13.18
CA GLU A 929 -12.30 -14.20 -14.09
C GLU A 929 -12.95 -15.54 -13.84
N ILE A 930 -12.14 -16.60 -13.72
CA ILE A 930 -12.68 -17.94 -13.51
C ILE A 930 -13.44 -18.01 -12.19
N PHE A 931 -12.88 -17.43 -11.13
CA PHE A 931 -13.51 -17.54 -9.82
C PHE A 931 -14.74 -16.65 -9.71
N GLY A 932 -14.75 -15.51 -10.38
CA GLY A 932 -15.95 -14.69 -10.43
C GLY A 932 -17.08 -15.41 -11.15
N ASN A 933 -16.75 -16.09 -12.26
CA ASN A 933 -17.76 -16.89 -12.92
C ASN A 933 -18.20 -18.07 -12.05
N PHE A 934 -17.28 -18.60 -11.24
CA PHE A 934 -17.65 -19.61 -10.25
C PHE A 934 -18.70 -19.12 -9.28
N VAL A 935 -18.46 -17.96 -8.66
CA VAL A 935 -19.43 -17.44 -7.71
C VAL A 935 -20.72 -17.04 -8.40
N SER A 936 -20.65 -16.57 -9.65
CA SER A 936 -21.87 -16.27 -10.39
C SER A 936 -22.69 -17.53 -10.62
N GLY A 937 -22.04 -18.62 -10.99
CA GLY A 937 -22.75 -19.88 -11.13
C GLY A 937 -23.35 -20.34 -9.81
N LEU A 938 -22.61 -20.16 -8.71
CA LEU A 938 -23.13 -20.57 -7.40
C LEU A 938 -24.39 -19.78 -7.04
N ILE A 939 -24.37 -18.46 -7.25
CA ILE A 939 -25.53 -17.66 -6.88
C ILE A 939 -26.69 -17.93 -7.82
N ILE A 940 -26.41 -18.23 -9.10
CA ILE A 940 -27.47 -18.61 -10.01
C ILE A 940 -28.10 -19.92 -9.58
N LEU A 941 -27.29 -20.88 -9.12
CA LEU A 941 -27.83 -22.17 -8.68
C LEU A 941 -28.61 -22.04 -7.38
N PHE A 942 -28.20 -21.14 -6.48
CA PHE A 942 -28.89 -21.01 -5.20
C PHE A 942 -30.13 -20.12 -5.32
N GLU A 943 -29.94 -18.85 -5.68
CA GLU A 943 -31.06 -17.91 -5.74
C GLU A 943 -32.05 -18.31 -6.82
N ARG A 944 -31.56 -18.84 -7.94
CA ARG A 944 -32.37 -19.32 -9.04
C ARG A 944 -33.26 -18.24 -9.66
N PRO A 945 -32.69 -17.26 -10.36
CA PRO A 945 -33.54 -16.37 -11.16
C PRO A 945 -33.95 -17.03 -12.46
N VAL A 946 -33.11 -17.94 -12.95
CA VAL A 946 -33.37 -18.72 -14.15
C VAL A 946 -33.13 -20.19 -13.83
N ARG A 947 -33.76 -21.06 -14.60
CA ARG A 947 -33.66 -22.50 -14.38
C ARG A 947 -33.66 -23.22 -15.73
N ILE A 948 -33.80 -24.54 -15.68
CA ILE A 948 -33.81 -25.35 -16.89
C ILE A 948 -35.25 -25.52 -17.35
N GLY A 949 -35.49 -25.18 -18.61
CA GLY A 949 -36.81 -25.37 -19.18
C GLY A 949 -37.75 -24.20 -19.00
N ASP A 950 -37.31 -23.00 -19.36
CA ASP A 950 -38.16 -21.82 -19.32
C ASP A 950 -37.64 -20.81 -20.32
N THR A 951 -38.56 -20.25 -21.12
CA THR A 951 -38.17 -19.24 -22.10
C THR A 951 -37.66 -17.99 -21.40
N VAL A 952 -36.62 -17.39 -21.96
CA VAL A 952 -35.98 -16.22 -21.39
C VAL A 952 -35.30 -15.45 -22.51
N THR A 953 -35.32 -14.12 -22.39
CA THR A 953 -34.68 -13.24 -23.36
C THR A 953 -33.72 -12.31 -22.62
N ILE A 954 -32.49 -12.21 -23.12
CA ILE A 954 -31.49 -11.31 -22.57
C ILE A 954 -30.85 -10.58 -23.73
N GLY A 955 -31.14 -9.28 -23.86
CA GLY A 955 -30.59 -8.50 -24.95
C GLY A 955 -31.05 -8.96 -26.32
N SER A 956 -32.36 -9.17 -26.47
CA SER A 956 -32.99 -9.62 -27.71
C SER A 956 -32.55 -11.01 -28.14
N PHE A 957 -32.13 -11.84 -27.18
CA PHE A 957 -31.76 -13.24 -27.45
C PHE A 957 -32.76 -14.12 -26.72
N SER A 958 -33.80 -14.56 -27.43
CA SER A 958 -34.90 -15.32 -26.84
C SER A 958 -34.66 -16.80 -27.03
N GLY A 959 -34.83 -17.58 -25.97
CA GLY A 959 -34.69 -19.02 -26.09
C GLY A 959 -34.88 -19.70 -24.75
N THR A 960 -34.78 -21.03 -24.78
CA THR A 960 -34.96 -21.86 -23.60
C THR A 960 -33.61 -22.25 -23.01
N VAL A 961 -33.47 -22.10 -21.70
CA VAL A 961 -32.20 -22.42 -21.05
C VAL A 961 -32.04 -23.93 -20.97
N SER A 962 -30.86 -24.42 -21.37
CA SER A 962 -30.63 -25.86 -21.46
C SER A 962 -29.49 -26.36 -20.58
N LYS A 963 -28.64 -25.49 -20.05
CA LYS A 963 -27.54 -25.93 -19.20
C LYS A 963 -27.03 -24.78 -18.37
N ILE A 964 -26.63 -25.06 -17.13
CA ILE A 964 -26.05 -24.07 -16.23
C ILE A 964 -24.76 -24.67 -15.70
N ARG A 965 -23.62 -24.15 -16.16
CA ARG A 965 -22.30 -24.67 -15.82
C ARG A 965 -21.37 -23.51 -15.47
N ILE A 966 -20.07 -23.81 -15.36
CA ILE A 966 -19.09 -22.77 -15.08
C ILE A 966 -19.07 -21.79 -16.23
N ARG A 967 -19.22 -20.50 -15.90
CA ARG A 967 -18.87 -19.44 -16.83
C ARG A 967 -19.77 -19.40 -18.06
N ALA A 968 -20.66 -20.38 -18.21
CA ALA A 968 -21.42 -20.49 -19.43
C ALA A 968 -22.81 -21.02 -19.13
N THR A 969 -23.81 -20.38 -19.73
CA THR A 969 -25.19 -20.86 -19.71
C THR A 969 -25.65 -20.93 -21.16
N THR A 970 -26.21 -22.07 -21.54
CA THR A 970 -26.62 -22.30 -22.92
C THR A 970 -28.10 -21.98 -23.07
N ILE A 971 -28.41 -21.16 -24.06
CA ILE A 971 -29.80 -20.81 -24.38
C ILE A 971 -30.06 -21.27 -25.79
N THR A 972 -30.93 -22.26 -25.95
CA THR A 972 -31.32 -22.73 -27.28
C THR A 972 -32.35 -21.76 -27.84
N ASP A 973 -31.97 -21.04 -28.89
CA ASP A 973 -32.84 -20.06 -29.51
C ASP A 973 -33.87 -20.79 -30.36
N PHE A 974 -34.97 -20.09 -30.66
CA PHE A 974 -36.04 -20.68 -31.47
C PHE A 974 -35.55 -21.11 -32.84
N ASP A 975 -34.45 -20.55 -33.33
CA ASP A 975 -33.86 -20.92 -34.60
C ASP A 975 -32.85 -22.05 -34.45
N ARG A 976 -32.85 -22.75 -33.32
CA ARG A 976 -31.87 -23.79 -33.01
C ARG A 976 -30.44 -23.21 -33.07
N LYS A 977 -30.23 -22.16 -32.28
CA LYS A 977 -28.96 -21.46 -32.26
C LYS A 977 -28.57 -21.29 -30.80
N GLU A 978 -27.54 -22.02 -30.37
CA GLU A 978 -27.14 -22.03 -28.98
C GLU A 978 -26.35 -20.77 -28.64
N VAL A 979 -26.81 -20.05 -27.62
CA VAL A 979 -26.16 -18.84 -27.13
C VAL A 979 -25.42 -19.21 -25.84
N ILE A 980 -24.13 -18.93 -25.80
CA ILE A 980 -23.30 -19.20 -24.64
C ILE A 980 -23.16 -17.88 -23.89
N ILE A 981 -24.06 -17.64 -22.95
CA ILE A 981 -24.04 -16.41 -22.17
C ILE A 981 -23.09 -16.58 -20.99
N PRO A 982 -22.18 -15.64 -20.76
CA PRO A 982 -21.30 -15.73 -19.59
C PRO A 982 -22.10 -15.64 -18.30
N ASN A 983 -21.52 -16.19 -17.23
CA ASN A 983 -22.24 -16.34 -15.98
C ASN A 983 -22.54 -15.02 -15.31
N LYS A 984 -21.65 -14.04 -15.40
CA LYS A 984 -21.89 -12.76 -14.75
C LYS A 984 -23.04 -12.00 -15.39
N ALA A 985 -23.31 -12.25 -16.66
CA ALA A 985 -24.35 -11.50 -17.37
C ALA A 985 -25.73 -11.76 -16.77
N PHE A 986 -26.01 -12.99 -16.36
CA PHE A 986 -27.30 -13.29 -15.76
C PHE A 986 -27.53 -12.51 -14.47
N VAL A 987 -26.50 -12.43 -13.62
CA VAL A 987 -26.64 -11.70 -12.36
C VAL A 987 -26.71 -10.20 -12.60
N THR A 988 -25.88 -9.69 -13.51
CA THR A 988 -25.74 -8.25 -13.69
C THR A 988 -26.82 -7.64 -14.58
N GLU A 989 -27.17 -8.30 -15.69
CA GLU A 989 -28.10 -7.72 -16.65
C GLU A 989 -29.54 -7.97 -16.20
N ARG A 990 -30.50 -7.64 -17.06
CA ARG A 990 -31.92 -7.78 -16.78
C ARG A 990 -32.47 -8.95 -17.56
N LEU A 991 -33.18 -9.84 -16.87
CA LEU A 991 -33.74 -11.03 -17.50
C LEU A 991 -35.23 -10.87 -17.71
N ILE A 992 -35.70 -11.32 -18.87
CA ILE A 992 -37.13 -11.40 -19.16
C ILE A 992 -37.50 -12.86 -19.06
N ASN A 993 -37.93 -13.29 -17.87
CA ASN A 993 -38.26 -14.69 -17.63
C ASN A 993 -39.73 -14.90 -18.00
N TRP A 994 -39.94 -15.52 -19.16
CA TRP A 994 -41.31 -15.72 -19.65
C TRP A 994 -42.10 -16.62 -18.71
N SER A 995 -41.48 -17.69 -18.22
CA SER A 995 -42.15 -18.69 -17.40
C SER A 995 -41.45 -18.75 -16.05
N LEU A 996 -41.97 -18.01 -15.08
CA LEU A 996 -41.46 -18.05 -13.73
C LEU A 996 -42.48 -18.48 -12.69
N THR A 997 -43.72 -18.00 -12.78
CA THR A 997 -44.75 -18.37 -11.83
C THR A 997 -45.93 -19.08 -12.49
N ASP A 998 -46.53 -18.49 -13.52
CA ASP A 998 -47.77 -19.02 -14.08
C ASP A 998 -47.64 -19.49 -15.52
N THR A 999 -46.55 -19.17 -16.20
CA THR A 999 -46.33 -19.54 -17.60
C THR A 999 -47.39 -18.94 -18.51
N THR A 1000 -48.28 -18.14 -17.96
CA THR A 1000 -49.33 -17.50 -18.74
C THR A 1000 -48.74 -16.37 -19.58
N THR A 1001 -49.41 -16.07 -20.69
CA THR A 1001 -49.00 -14.94 -21.52
C THR A 1001 -50.25 -14.37 -22.17
N ARG A 1002 -50.13 -13.17 -22.72
CA ARG A 1002 -51.22 -12.54 -23.45
C ARG A 1002 -50.74 -12.16 -24.84
N LEU A 1003 -51.64 -12.31 -25.81
CA LEU A 1003 -51.33 -11.98 -27.19
C LEU A 1003 -52.38 -11.01 -27.73
N VAL A 1004 -51.94 -10.19 -28.67
CA VAL A 1004 -52.75 -9.14 -29.24
C VAL A 1004 -52.88 -9.35 -30.75
N ILE A 1005 -54.02 -8.95 -31.28
CA ILE A 1005 -54.33 -9.08 -32.70
C ILE A 1005 -54.75 -7.71 -33.22
N ARG A 1006 -54.13 -7.29 -34.32
CA ARG A 1006 -54.46 -6.04 -34.99
C ARG A 1006 -55.56 -6.27 -36.01
N LEU A 1007 -56.30 -5.21 -36.32
CA LEU A 1007 -57.22 -5.26 -37.44
C LEU A 1007 -57.50 -3.83 -37.89
N GLY A 1008 -57.63 -3.64 -39.19
CA GLY A 1008 -57.96 -2.35 -39.77
C GLY A 1008 -59.34 -2.40 -40.39
N VAL A 1009 -60.14 -1.38 -40.11
CA VAL A 1009 -61.54 -1.33 -40.54
C VAL A 1009 -61.78 -0.05 -41.33
N ALA A 1010 -62.55 -0.15 -42.40
CA ALA A 1010 -62.84 1.00 -43.25
C ALA A 1010 -63.67 2.04 -42.50
N TYR A 1011 -63.55 3.28 -42.93
CA TYR A 1011 -64.24 4.40 -42.30
C TYR A 1011 -65.77 4.39 -42.36
N GLY A 1012 -66.31 3.94 -43.48
CA GLY A 1012 -67.76 3.95 -43.63
C GLY A 1012 -68.45 2.69 -43.15
N SER A 1013 -68.05 2.17 -41.99
CA SER A 1013 -68.64 0.98 -41.42
C SER A 1013 -68.86 1.15 -39.92
N ASP A 1014 -69.77 0.33 -39.40
CA ASP A 1014 -70.17 0.33 -37.99
C ASP A 1014 -69.08 -0.14 -37.09
N LEU A 1015 -69.15 0.24 -35.83
CA LEU A 1015 -68.12 -0.16 -34.87
C LEU A 1015 -68.68 -1.08 -33.80
N GLU A 1016 -69.76 -1.78 -34.09
CA GLU A 1016 -70.29 -2.77 -33.15
C GLU A 1016 -70.37 -4.16 -33.74
N LYS A 1017 -70.75 -4.29 -35.02
CA LYS A 1017 -70.65 -5.59 -35.69
C LYS A 1017 -69.20 -6.06 -35.71
N VAL A 1018 -68.26 -5.15 -35.94
CA VAL A 1018 -66.85 -5.51 -35.90
C VAL A 1018 -66.46 -5.99 -34.51
N ARG A 1019 -66.93 -5.31 -33.47
CA ARG A 1019 -66.60 -5.72 -32.11
C ARG A 1019 -67.15 -7.10 -31.80
N LYS A 1020 -68.40 -7.37 -32.19
CA LYS A 1020 -68.98 -8.69 -31.93
C LYS A 1020 -68.27 -9.77 -32.73
N VAL A 1021 -67.86 -9.47 -33.96
CA VAL A 1021 -67.14 -10.44 -34.78
C VAL A 1021 -65.80 -10.77 -34.13
N LEU A 1022 -65.09 -9.74 -33.68
CA LEU A 1022 -63.79 -9.98 -33.04
C LEU A 1022 -63.94 -10.77 -31.75
N LEU A 1023 -64.96 -10.46 -30.95
CA LEU A 1023 -65.14 -11.17 -29.69
C LEU A 1023 -65.64 -12.59 -29.87
N LYS A 1024 -66.35 -12.88 -30.97
CA LYS A 1024 -66.82 -14.23 -31.21
C LYS A 1024 -65.66 -15.22 -31.33
N ALA A 1025 -64.62 -14.83 -32.07
CA ALA A 1025 -63.48 -15.71 -32.25
C ALA A 1025 -62.80 -16.01 -30.92
N ALA A 1026 -62.63 -15.01 -30.07
CA ALA A 1026 -62.01 -15.23 -28.78
C ALA A 1026 -62.87 -16.09 -27.88
N THR A 1027 -64.19 -15.86 -27.88
CA THR A 1027 -65.07 -16.61 -26.99
C THR A 1027 -65.16 -18.08 -27.39
N GLU A 1028 -65.29 -18.35 -28.70
CA GLU A 1028 -65.47 -19.71 -29.18
C GLU A 1028 -64.16 -20.41 -29.55
N HIS A 1029 -63.07 -20.08 -28.89
CA HIS A 1029 -61.79 -20.74 -29.13
C HIS A 1029 -61.41 -21.55 -27.90
N PRO A 1030 -61.23 -22.86 -28.02
CA PRO A 1030 -61.01 -23.69 -26.82
C PRO A 1030 -59.65 -23.49 -26.17
N ARG A 1031 -58.84 -22.56 -26.70
CA ARG A 1031 -57.51 -22.33 -26.16
C ARG A 1031 -57.33 -20.92 -25.59
N VAL A 1032 -58.41 -20.19 -25.37
CA VAL A 1032 -58.35 -18.83 -24.85
C VAL A 1032 -58.93 -18.85 -23.44
N MET A 1033 -58.18 -18.30 -22.48
CA MET A 1033 -58.60 -18.33 -21.10
C MET A 1033 -59.87 -17.51 -20.90
N HIS A 1034 -60.44 -17.63 -19.70
CA HIS A 1034 -61.67 -16.92 -19.37
C HIS A 1034 -61.58 -16.06 -18.13
N GLU A 1035 -60.72 -16.39 -17.16
CA GLU A 1035 -60.59 -15.54 -15.99
C GLU A 1035 -60.07 -14.15 -16.35
N PRO A 1036 -59.00 -13.99 -17.14
CA PRO A 1036 -58.76 -12.69 -17.78
C PRO A 1036 -59.51 -12.62 -19.10
N MET A 1037 -60.80 -12.29 -19.03
CA MET A 1037 -61.66 -12.40 -20.19
C MET A 1037 -61.13 -11.53 -21.33
N PRO A 1038 -61.14 -12.02 -22.56
CA PRO A 1038 -60.68 -11.22 -23.69
C PRO A 1038 -61.54 -9.99 -23.89
N GLU A 1039 -60.89 -8.90 -24.32
CA GLU A 1039 -61.55 -7.63 -24.57
C GLU A 1039 -61.19 -7.11 -25.94
N VAL A 1040 -62.02 -6.25 -26.48
CA VAL A 1040 -61.80 -5.63 -27.78
C VAL A 1040 -61.66 -4.12 -27.59
N PHE A 1041 -60.66 -3.54 -28.24
CA PHE A 1041 -60.37 -2.12 -28.10
C PHE A 1041 -60.36 -1.44 -29.46
N PHE A 1042 -60.76 -0.18 -29.46
CA PHE A 1042 -60.66 0.72 -30.62
C PHE A 1042 -59.76 1.85 -30.19
N THR A 1043 -58.47 1.77 -30.53
CA THR A 1043 -57.45 2.59 -29.90
C THR A 1043 -56.77 3.58 -30.84
N ALA A 1044 -57.08 3.56 -32.12
CA ALA A 1044 -56.41 4.49 -33.01
C ALA A 1044 -57.19 4.87 -34.25
N PHE A 1045 -57.16 6.16 -34.58
CA PHE A 1045 -57.80 6.63 -35.78
C PHE A 1045 -56.65 6.59 -36.76
N GLY A 1046 -56.69 5.63 -37.67
CA GLY A 1046 -55.62 5.48 -38.63
C GLY A 1046 -55.79 6.38 -39.82
N ALA A 1047 -54.68 6.69 -40.47
CA ALA A 1047 -54.70 7.53 -41.66
C ALA A 1047 -55.71 7.03 -42.69
N SER A 1048 -55.89 5.71 -42.78
CA SER A 1048 -56.87 5.15 -43.71
C SER A 1048 -57.79 4.12 -43.08
N THR A 1049 -57.41 3.47 -41.99
CA THR A 1049 -58.24 2.46 -41.35
C THR A 1049 -58.28 2.70 -39.85
N LEU A 1050 -59.48 2.61 -39.27
CA LEU A 1050 -59.60 2.59 -37.82
C LEU A 1050 -58.95 1.31 -37.30
N ASP A 1051 -58.18 1.44 -36.21
CA ASP A 1051 -57.40 0.33 -35.69
C ASP A 1051 -58.14 -0.32 -34.52
N HIS A 1052 -58.42 -1.61 -34.63
CA HIS A 1052 -58.99 -2.39 -33.55
C HIS A 1052 -57.94 -3.35 -33.02
N GLU A 1053 -57.88 -3.47 -31.70
CA GLU A 1053 -56.89 -4.32 -31.03
C GLU A 1053 -57.60 -5.30 -30.13
N LEU A 1054 -57.24 -6.57 -30.23
CA LEU A 1054 -57.83 -7.64 -29.43
C LEU A 1054 -56.78 -8.22 -28.52
N ARG A 1055 -57.08 -8.32 -27.22
CA ARG A 1055 -56.16 -8.88 -26.24
C ARG A 1055 -56.78 -10.15 -25.67
N LEU A 1056 -56.00 -11.23 -25.64
CA LEU A 1056 -56.51 -12.47 -25.06
C LEU A 1056 -55.36 -13.27 -24.49
N TYR A 1057 -55.66 -14.02 -23.43
CA TYR A 1057 -54.63 -14.71 -22.67
C TYR A 1057 -54.60 -16.20 -23.04
N VAL A 1058 -53.41 -16.79 -22.91
CA VAL A 1058 -53.18 -18.20 -23.19
C VAL A 1058 -52.30 -18.78 -22.08
N ARG A 1059 -52.61 -20.02 -21.68
CA ARG A 1059 -51.90 -20.67 -20.58
C ARG A 1059 -50.55 -21.24 -21.04
N GLU A 1060 -50.60 -22.18 -21.98
CA GLU A 1060 -49.38 -22.83 -22.45
C GLU A 1060 -48.58 -21.88 -23.33
N LEU A 1061 -47.25 -21.90 -23.13
CA LEU A 1061 -46.38 -21.05 -23.93
C LEU A 1061 -46.34 -21.50 -25.38
N ARG A 1062 -46.33 -22.81 -25.62
CA ARG A 1062 -46.23 -23.34 -26.97
C ARG A 1062 -47.49 -23.13 -27.79
N ASP A 1063 -48.58 -22.68 -27.17
CA ASP A 1063 -49.84 -22.49 -27.84
C ASP A 1063 -49.93 -21.12 -28.50
N ARG A 1064 -48.92 -20.26 -28.26
CA ARG A 1064 -48.99 -18.88 -28.72
C ARG A 1064 -49.12 -18.78 -30.23
N SER A 1065 -48.28 -19.51 -30.98
CA SER A 1065 -48.25 -19.34 -32.43
C SER A 1065 -49.48 -19.90 -33.10
N ARG A 1066 -49.92 -21.09 -32.69
CA ARG A 1066 -51.10 -21.70 -33.33
C ARG A 1066 -52.35 -20.86 -33.09
N THR A 1067 -52.51 -20.32 -31.88
CA THR A 1067 -53.72 -19.59 -31.54
C THR A 1067 -53.89 -18.37 -32.43
N VAL A 1068 -52.81 -17.64 -32.69
CA VAL A 1068 -52.89 -16.46 -33.54
C VAL A 1068 -53.34 -16.86 -34.94
N ASP A 1069 -52.80 -17.96 -35.46
CA ASP A 1069 -53.17 -18.41 -36.80
C ASP A 1069 -54.65 -18.77 -36.87
N GLU A 1070 -55.13 -19.59 -35.94
CA GLU A 1070 -56.53 -19.98 -35.96
C GLU A 1070 -57.45 -18.78 -35.79
N LEU A 1071 -57.10 -17.86 -34.87
CA LEU A 1071 -57.92 -16.69 -34.64
C LEU A 1071 -57.96 -15.81 -35.89
N ASN A 1072 -56.83 -15.64 -36.58
CA ASN A 1072 -56.83 -14.82 -37.78
C ASN A 1072 -57.67 -15.47 -38.87
N ARG A 1073 -57.59 -16.79 -39.03
CA ARG A 1073 -58.39 -17.46 -40.04
C ARG A 1073 -59.88 -17.29 -39.77
N THR A 1074 -60.30 -17.54 -38.53
CA THR A 1074 -61.73 -17.41 -38.24
C THR A 1074 -62.19 -15.97 -38.28
N ILE A 1075 -61.30 -15.02 -37.94
CA ILE A 1075 -61.66 -13.61 -38.03
C ILE A 1075 -61.87 -13.21 -39.48
N ASP A 1076 -61.01 -13.68 -40.39
CA ASP A 1076 -61.21 -13.39 -41.80
C ASP A 1076 -62.49 -14.01 -42.33
N GLN A 1077 -62.78 -15.24 -41.89
CA GLN A 1077 -64.01 -15.90 -42.32
C GLN A 1077 -65.22 -15.08 -41.86
N LEU A 1078 -65.26 -14.71 -40.58
CA LEU A 1078 -66.37 -13.90 -40.08
C LEU A 1078 -66.39 -12.52 -40.75
N CYS A 1079 -65.24 -12.02 -41.16
CA CYS A 1079 -65.17 -10.74 -41.87
C CYS A 1079 -65.88 -10.81 -43.20
N ARG A 1080 -65.58 -11.83 -43.99
CA ARG A 1080 -66.29 -11.98 -45.27
C ARG A 1080 -67.72 -12.43 -45.07
N GLU A 1081 -68.06 -12.97 -43.90
CA GLU A 1081 -69.43 -13.39 -43.64
C GLU A 1081 -70.32 -12.20 -43.29
N ASN A 1082 -70.00 -11.50 -42.21
CA ASN A 1082 -70.81 -10.37 -41.75
C ASN A 1082 -70.73 -9.16 -42.68
N ASP A 1083 -69.83 -9.17 -43.65
CA ASP A 1083 -69.67 -8.10 -44.64
C ASP A 1083 -69.33 -6.79 -43.92
N ILE A 1084 -68.15 -6.79 -43.31
CA ILE A 1084 -67.50 -5.59 -42.82
C ILE A 1084 -66.14 -5.49 -43.50
N ASN A 1085 -65.87 -4.36 -44.13
CA ASN A 1085 -64.79 -4.23 -45.08
C ASN A 1085 -63.48 -3.95 -44.36
N ILE A 1086 -62.44 -4.70 -44.71
CA ILE A 1086 -61.07 -4.38 -44.32
C ILE A 1086 -60.43 -3.61 -45.47
N ALA A 1087 -60.13 -2.34 -45.24
CA ALA A 1087 -59.76 -1.43 -46.31
C ALA A 1087 -58.26 -1.31 -46.45
N PHE A 1088 -57.83 -1.04 -47.69
CA PHE A 1088 -56.44 -0.80 -48.02
C PHE A 1088 -56.20 0.70 -47.84
N ASN A 1089 -54.95 1.11 -47.72
CA ASN A 1089 -54.62 2.50 -47.54
C ASN A 1089 -55.16 3.31 -48.73
N GLN A 1090 -55.89 4.37 -48.44
CA GLN A 1090 -56.58 5.16 -49.46
C GLN A 1090 -56.00 6.57 -49.51
N LEU A 1091 -56.33 7.27 -50.60
CA LEU A 1091 -55.90 8.65 -50.79
C LEU A 1091 -56.73 9.27 -51.90
N GLU A 1092 -57.01 10.57 -51.77
CA GLU A 1092 -57.82 11.30 -52.72
C GLU A 1092 -56.95 12.12 -53.65
N VAL A 1093 -57.34 12.21 -54.91
CA VAL A 1093 -56.57 12.90 -55.94
C VAL A 1093 -57.42 14.00 -56.54
N HIS A 1094 -56.85 15.20 -56.63
CA HIS A 1094 -57.50 16.35 -57.25
C HIS A 1094 -56.88 16.55 -58.63
N LEU A 1095 -57.42 15.85 -59.61
CA LEU A 1095 -56.88 15.91 -60.96
C LEU A 1095 -57.21 17.23 -61.64
N HIS A 1096 -56.28 17.70 -62.46
CA HIS A 1096 -56.55 18.78 -63.40
C HIS A 1096 -55.62 18.61 -64.58
N ASN A 1097 -56.16 18.70 -65.79
CA ASN A 1097 -55.37 18.44 -66.99
C ASN A 1097 -55.14 19.72 -67.80
N LEU B 286 79.34 -64.67 0.37
CA LEU B 286 78.18 -64.03 1.01
C LEU B 286 78.57 -62.69 1.63
N VAL B 287 79.60 -62.71 2.48
CA VAL B 287 80.04 -61.48 3.13
C VAL B 287 80.72 -60.53 2.13
N LYS B 288 81.31 -61.07 1.06
CA LYS B 288 81.95 -60.23 0.07
C LYS B 288 80.95 -59.31 -0.62
N GLN B 289 79.76 -59.84 -0.93
CA GLN B 289 78.72 -59.01 -1.55
C GLN B 289 78.29 -57.89 -0.61
N GLU B 290 78.11 -58.20 0.68
CA GLU B 290 77.75 -57.17 1.64
C GLU B 290 78.83 -56.11 1.76
N LEU B 291 80.10 -56.54 1.77
CA LEU B 291 81.20 -55.58 1.84
C LEU B 291 81.23 -54.69 0.61
N GLU B 292 81.01 -55.26 -0.57
CA GLU B 292 80.98 -54.46 -1.80
C GLU B 292 79.82 -53.48 -1.78
N ILE B 293 78.66 -53.91 -1.30
CA ILE B 293 77.52 -53.00 -1.19
C ILE B 293 77.80 -51.88 -0.21
N ASN B 294 78.45 -52.19 0.91
CA ASN B 294 78.81 -51.14 1.88
C ASN B 294 79.79 -50.16 1.28
N GLN B 295 80.77 -50.65 0.52
CA GLN B 295 81.73 -49.77 -0.12
C GLN B 295 81.06 -48.87 -1.15
N GLN B 296 80.12 -49.43 -1.93
CA GLN B 296 79.39 -48.63 -2.91
C GLN B 296 78.55 -47.57 -2.21
N LEU B 297 77.90 -47.93 -1.10
CA LEU B 297 77.11 -46.96 -0.34
C LEU B 297 78.00 -45.85 0.20
N SER B 298 79.18 -46.20 0.71
CA SER B 298 80.09 -45.19 1.23
C SER B 298 80.57 -44.26 0.13
N GLN B 299 80.91 -44.80 -1.03
CA GLN B 299 81.33 -43.97 -2.15
C GLN B 299 80.21 -43.04 -2.60
N ARG B 300 78.99 -43.57 -2.67
CA ARG B 300 77.84 -42.74 -3.06
C ARG B 300 77.61 -41.63 -2.05
N LEU B 301 77.74 -41.95 -0.75
CA LEU B 301 77.56 -40.93 0.29
C LEU B 301 78.64 -39.86 0.19
N ILE B 302 79.88 -40.25 -0.08
CA ILE B 302 80.95 -39.28 -0.21
C ILE B 302 80.71 -38.36 -1.40
N THR B 303 80.33 -38.93 -2.54
CA THR B 303 80.05 -38.12 -3.72
C THR B 303 78.88 -37.18 -3.47
N ALA B 304 77.83 -37.68 -2.82
CA ALA B 304 76.67 -36.85 -2.50
C ALA B 304 77.04 -35.71 -1.56
N THR B 305 77.88 -36.00 -0.56
CA THR B 305 78.32 -34.95 0.36
C THR B 305 79.15 -33.90 -0.35
N GLU B 306 80.03 -34.32 -1.25
CA GLU B 306 80.83 -33.34 -2.01
C GLU B 306 79.93 -32.48 -2.89
N ASN B 307 78.96 -33.09 -3.57
CA ASN B 307 78.02 -32.33 -4.38
C ASN B 307 77.20 -31.37 -3.53
N GLY B 308 76.80 -31.82 -2.34
CA GLY B 308 76.04 -30.98 -1.43
C GLY B 308 76.85 -29.78 -0.97
N ASN B 309 78.14 -29.99 -0.68
CA ASN B 309 78.99 -28.88 -0.27
C ASN B 309 79.17 -27.88 -1.41
N GLN B 310 79.39 -28.37 -2.62
CA GLN B 310 79.51 -27.48 -3.76
C GLN B 310 78.21 -26.70 -3.97
N LEU B 311 77.07 -27.38 -3.87
CA LEU B 311 75.78 -26.72 -4.04
C LEU B 311 75.53 -25.69 -2.95
N MET B 312 75.94 -26.00 -1.71
CA MET B 312 75.78 -25.05 -0.63
C MET B 312 76.64 -23.81 -0.85
N GLN B 313 77.87 -24.00 -1.33
CA GLN B 313 78.72 -22.85 -1.63
C GLN B 313 78.11 -21.99 -2.73
N GLN B 314 77.62 -22.64 -3.80
CA GLN B 314 76.99 -21.90 -4.89
C GLN B 314 75.74 -21.18 -4.40
N ASN B 315 74.95 -21.83 -3.55
CA ASN B 315 73.74 -21.22 -3.02
C ASN B 315 74.07 -20.02 -2.14
N ILE B 316 75.13 -20.12 -1.34
CA ILE B 316 75.54 -18.99 -0.52
C ILE B 316 75.99 -17.82 -1.38
N LYS B 317 76.75 -18.09 -2.43
CA LYS B 317 77.16 -17.03 -3.34
C LYS B 317 75.95 -16.39 -4.00
N VAL B 318 74.99 -17.21 -4.43
CA VAL B 318 73.78 -16.70 -5.06
C VAL B 318 72.98 -15.85 -4.07
N LYS B 319 72.91 -16.29 -2.81
CA LYS B 319 72.17 -15.52 -1.80
C LYS B 319 72.83 -14.18 -1.55
N ASN B 320 74.16 -14.15 -1.48
CA ASN B 320 74.86 -12.88 -1.30
C ASN B 320 74.59 -11.94 -2.47
N TRP B 321 74.71 -12.46 -3.69
CA TRP B 321 74.44 -11.65 -4.87
C TRP B 321 72.98 -11.17 -4.88
N LEU B 322 72.05 -12.02 -4.43
CA LEU B 322 70.64 -11.66 -4.45
C LEU B 322 70.34 -10.59 -3.42
N GLU B 323 70.94 -10.67 -2.24
CA GLU B 323 70.78 -9.62 -1.25
C GLU B 323 71.33 -8.30 -1.78
N ARG B 324 72.51 -8.36 -2.40
CA ARG B 324 73.08 -7.15 -2.98
C ARG B 324 72.15 -6.57 -4.04
N ALA B 325 71.59 -7.43 -4.89
CA ALA B 325 70.68 -6.98 -5.93
C ALA B 325 69.41 -6.38 -5.34
N LEU B 326 68.87 -6.98 -4.30
CA LEU B 326 67.66 -6.45 -3.67
C LEU B 326 67.92 -5.07 -3.09
N GLN B 327 69.06 -4.92 -2.40
CA GLN B 327 69.41 -3.61 -1.86
C GLN B 327 69.59 -2.59 -2.97
N SER B 328 70.28 -2.97 -4.05
CA SER B 328 70.50 -2.06 -5.15
C SER B 328 69.19 -1.67 -5.83
N GLU B 329 68.27 -2.62 -5.99
CA GLU B 329 67.00 -2.32 -6.63
C GLU B 329 66.16 -1.39 -5.77
N ARG B 330 66.13 -1.62 -4.45
CA ARG B 330 65.42 -0.70 -3.57
C ARG B 330 66.04 0.69 -3.65
N ASN B 331 67.37 0.77 -3.67
CA ASN B 331 68.04 2.06 -3.75
C ASN B 331 67.71 2.76 -5.07
N ILE B 332 67.71 2.01 -6.16
CA ILE B 332 67.39 2.60 -7.46
C ILE B 332 65.95 3.09 -7.50
N LYS B 333 65.03 2.33 -6.93
CA LYS B 333 63.64 2.77 -6.89
C LYS B 333 63.50 4.06 -6.08
N GLU B 334 64.16 4.13 -4.93
CA GLU B 334 64.13 5.34 -4.13
C GLU B 334 64.73 6.52 -4.88
N GLN B 335 65.83 6.29 -5.57
CA GLN B 335 66.48 7.36 -6.33
C GLN B 335 65.57 7.86 -7.44
N ILE B 336 65.06 6.94 -8.27
CA ILE B 336 64.18 7.33 -9.35
C ILE B 336 62.91 8.00 -8.83
N ALA B 337 62.53 7.70 -7.58
CA ALA B 337 61.43 8.43 -6.97
C ALA B 337 61.78 9.90 -6.77
N VAL B 338 63.07 10.24 -6.79
CA VAL B 338 63.52 11.61 -6.56
C VAL B 338 64.55 12.10 -7.56
N LEU B 339 65.00 11.28 -8.50
CA LEU B 339 65.99 11.67 -9.49
C LEU B 339 65.36 11.93 -10.86
N LYS B 340 64.17 12.52 -10.87
CA LYS B 340 63.49 12.79 -12.14
C LYS B 340 64.24 13.85 -12.94
N GLY B 341 64.25 13.67 -14.26
CA GLY B 341 64.86 14.61 -15.20
C GLY B 341 66.36 14.81 -14.89
N SER B 342 67.10 13.72 -15.02
CA SER B 342 68.55 13.73 -14.81
C SER B 342 69.22 12.98 -15.94
N LEU B 343 69.92 13.71 -16.81
CA LEU B 343 70.59 13.07 -17.94
C LEU B 343 71.67 12.12 -17.46
N LEU B 344 72.47 12.54 -16.48
CA LEU B 344 73.53 11.69 -15.95
C LEU B 344 72.96 10.45 -15.26
N LEU B 345 71.70 10.49 -14.84
CA LEU B 345 71.08 9.30 -14.24
C LEU B 345 71.04 8.15 -15.23
N SER B 346 71.08 8.44 -16.53
CA SER B 346 71.22 7.38 -17.52
C SER B 346 72.53 6.64 -17.34
N ARG B 347 73.62 7.37 -17.10
CA ARG B 347 74.90 6.74 -16.84
C ARG B 347 74.85 5.90 -15.56
N ILE B 348 74.19 6.42 -14.53
CA ILE B 348 74.06 5.67 -13.29
C ILE B 348 73.28 4.38 -13.50
N LEU B 349 72.19 4.46 -14.28
CA LEU B 349 71.42 3.27 -14.60
C LEU B 349 72.23 2.27 -15.42
N TYR B 350 73.04 2.76 -16.35
CA TYR B 350 73.92 1.89 -17.12
C TYR B 350 74.92 1.18 -16.22
N GLN B 351 75.49 1.92 -15.27
CA GLN B 351 76.40 1.31 -14.31
C GLN B 351 75.69 0.27 -13.46
N GLN B 352 74.47 0.58 -13.00
CA GLN B 352 73.72 -0.36 -12.18
C GLN B 352 73.39 -1.63 -12.96
N GLN B 353 72.98 -1.48 -14.21
CA GLN B 353 72.72 -2.63 -15.06
C GLN B 353 73.98 -3.44 -15.29
N GLN B 354 75.11 -2.77 -15.51
CA GLN B 354 76.38 -3.47 -15.64
C GLN B 354 76.76 -4.21 -14.36
N THR B 355 76.33 -3.70 -13.20
CA THR B 355 76.60 -4.36 -11.93
C THR B 355 75.72 -5.59 -11.73
N LEU B 356 74.56 -5.64 -12.36
CA LEU B 356 73.66 -6.76 -12.19
C LEU B 356 74.32 -8.05 -12.69
N PRO B 357 74.23 -9.11 -11.88
CA PRO B 357 74.78 -10.39 -12.27
C PRO B 357 73.86 -11.08 -13.28
N SER B 358 74.42 -12.02 -14.03
CA SER B 358 73.69 -12.73 -15.07
C SER B 358 72.96 -13.91 -14.46
N ALA B 359 71.63 -13.88 -14.52
CA ALA B 359 70.81 -14.97 -14.00
C ALA B 359 70.64 -16.12 -14.97
N ASP B 360 71.14 -15.98 -16.20
CA ASP B 360 71.03 -17.07 -17.17
C ASP B 360 71.86 -18.28 -16.79
N GLU B 361 72.82 -18.12 -15.88
CA GLU B 361 73.67 -19.21 -15.43
C GLU B 361 72.99 -20.13 -14.43
N LEU B 362 71.72 -19.90 -14.13
CA LEU B 362 70.99 -20.72 -13.17
C LEU B 362 70.79 -22.12 -13.72
N GLU B 363 71.07 -23.13 -12.91
CA GLU B 363 70.91 -24.53 -13.30
C GLU B 363 69.59 -25.03 -12.75
N ASN B 364 68.61 -25.26 -13.63
CA ASN B 364 67.31 -25.75 -13.21
C ASN B 364 67.40 -27.23 -12.81
N MET B 365 67.97 -27.49 -11.65
CA MET B 365 68.20 -28.84 -11.18
C MET B 365 67.00 -29.44 -10.48
N THR B 366 65.79 -28.95 -10.77
CA THR B 366 64.59 -29.52 -10.19
C THR B 366 64.47 -31.01 -10.48
N ASN B 367 64.92 -31.44 -11.66
CA ASN B 367 64.97 -32.86 -11.96
C ASN B 367 65.93 -33.59 -11.03
N ARG B 368 67.09 -32.97 -10.75
CA ARG B 368 68.00 -33.55 -9.76
C ARG B 368 67.37 -33.59 -8.38
N ILE B 369 66.51 -32.62 -8.05
CA ILE B 369 65.81 -32.65 -6.77
C ILE B 369 64.85 -33.83 -6.71
N ALA B 370 64.12 -34.09 -7.78
CA ALA B 370 63.26 -35.28 -7.83
C ALA B 370 64.09 -36.55 -7.74
N ASP B 371 65.25 -36.58 -8.40
CA ASP B 371 66.13 -37.74 -8.31
C ASP B 371 66.60 -37.96 -6.88
N LEU B 372 66.92 -36.88 -6.18
CA LEU B 372 67.33 -37.00 -4.78
C LEU B 372 66.19 -37.49 -3.92
N ARG B 373 64.96 -37.01 -4.17
CA ARG B 373 63.82 -37.48 -3.41
C ARG B 373 63.57 -38.96 -3.64
N LEU B 374 63.68 -39.41 -4.90
CA LEU B 374 63.52 -40.83 -5.20
C LEU B 374 64.62 -41.65 -4.54
N GLU B 375 65.85 -41.17 -4.57
CA GLU B 375 66.95 -41.89 -3.93
C GLU B 375 66.73 -41.99 -2.42
N GLN B 376 66.24 -40.91 -1.80
CA GLN B 376 65.95 -40.94 -0.37
C GLN B 376 64.83 -41.92 -0.05
N PHE B 377 63.79 -41.96 -0.88
CA PHE B 377 62.72 -42.93 -0.68
C PHE B 377 63.25 -44.35 -0.81
N GLU B 378 64.13 -44.59 -1.80
CA GLU B 378 64.71 -45.91 -1.98
C GLU B 378 65.57 -46.29 -0.77
N VAL B 379 66.34 -45.33 -0.24
CA VAL B 379 67.15 -45.61 0.94
C VAL B 379 66.27 -45.91 2.14
N ASN B 380 65.17 -45.20 2.30
CA ASN B 380 64.23 -45.48 3.38
C ASN B 380 63.64 -46.88 3.24
N GLN B 381 63.28 -47.26 2.01
CA GLN B 381 62.76 -48.61 1.78
C GLN B 381 63.80 -49.67 2.11
N GLN B 382 65.05 -49.44 1.71
CA GLN B 382 66.10 -50.39 1.99
C GLN B 382 66.35 -50.51 3.49
N ARG B 383 66.34 -49.38 4.20
CA ARG B 383 66.50 -49.41 5.65
C ARG B 383 65.35 -50.15 6.33
N ASP B 384 64.12 -49.92 5.86
CA ASP B 384 62.98 -50.63 6.41
C ASP B 384 63.10 -52.13 6.17
N ALA B 385 63.58 -52.51 4.98
CA ALA B 385 63.80 -53.93 4.70
C ALA B 385 64.91 -54.50 5.58
N LEU B 386 65.91 -53.68 5.91
CA LEU B 386 67.01 -54.10 6.77
C LEU B 386 66.82 -53.70 8.22
N PHE B 387 65.62 -53.25 8.60
CA PHE B 387 65.37 -52.86 9.98
C PHE B 387 65.52 -54.04 10.94
N GLN B 388 65.01 -55.21 10.55
CA GLN B 388 65.12 -56.42 11.35
C GLN B 388 66.40 -57.15 10.91
N SER B 389 67.49 -56.91 11.64
CA SER B 389 68.77 -57.51 11.28
C SER B 389 68.73 -59.03 11.38
N ASP B 390 68.12 -59.55 12.46
CA ASP B 390 68.04 -61.00 12.62
C ASP B 390 67.20 -61.65 11.53
N ALA B 391 66.05 -61.04 11.20
CA ALA B 391 65.21 -61.60 10.14
C ALA B 391 65.91 -61.55 8.79
N PHE B 392 66.60 -60.44 8.50
CA PHE B 392 67.34 -60.34 7.24
C PHE B 392 68.45 -61.38 7.18
N VAL B 393 69.16 -61.59 8.28
CA VAL B 393 70.22 -62.59 8.30
C VAL B 393 69.66 -63.99 8.11
N ASN B 394 68.52 -64.29 8.74
CA ASN B 394 67.89 -65.59 8.57
C ASN B 394 67.44 -65.80 7.13
N LYS B 395 66.86 -64.76 6.51
CA LYS B 395 66.44 -64.86 5.12
C LYS B 395 67.63 -65.06 4.19
N LEU B 396 68.73 -64.35 4.43
CA LEU B 396 69.91 -64.50 3.59
C LEU B 396 70.57 -65.87 3.78
N GLU B 397 70.53 -66.41 4.99
CA GLU B 397 71.13 -67.71 5.26
C GLU B 397 70.34 -68.87 4.67
N GLU B 398 69.13 -68.62 4.17
CA GLU B 398 68.34 -69.68 3.56
C GLU B 398 69.03 -70.22 2.33
N GLY B 399 68.98 -71.55 2.16
CA GLY B 399 69.62 -72.26 1.06
C GLY B 399 71.12 -72.04 1.02
N HIS B 400 71.72 -71.65 2.15
CA HIS B 400 73.16 -71.43 2.22
C HIS B 400 73.73 -71.97 3.53
N THR B 401 73.11 -73.01 4.09
CA THR B 401 73.59 -73.57 5.34
C THR B 401 74.93 -74.29 5.19
N ASN B 402 75.30 -74.66 3.98
CA ASN B 402 76.57 -75.33 3.75
C ASN B 402 77.77 -74.40 3.89
N GLU B 403 77.54 -73.08 3.82
CA GLU B 403 78.61 -72.10 3.96
C GLU B 403 78.37 -71.15 5.13
N VAL B 404 77.33 -71.38 5.93
CA VAL B 404 77.01 -70.53 7.07
C VAL B 404 77.36 -71.26 8.37
N ASN B 405 78.11 -70.58 9.23
CA ASN B 405 78.50 -71.13 10.52
C ASN B 405 78.13 -70.14 11.62
N SER B 406 78.61 -70.42 12.84
CA SER B 406 78.35 -69.51 13.95
C SER B 406 79.01 -68.16 13.72
N GLU B 407 80.24 -68.15 13.23
CA GLU B 407 80.92 -66.89 12.93
C GLU B 407 80.32 -66.21 11.71
N VAL B 408 79.86 -67.00 10.74
CA VAL B 408 79.29 -66.40 9.52
C VAL B 408 78.02 -65.62 9.83
N HIS B 409 77.16 -66.16 10.70
CA HIS B 409 75.95 -65.44 11.07
C HIS B 409 76.26 -64.12 11.77
N ASP B 410 77.23 -64.14 12.68
CA ASP B 410 77.60 -62.91 13.37
C ASP B 410 78.21 -61.89 12.40
N ALA B 411 79.04 -62.37 11.48
CA ALA B 411 79.62 -61.46 10.48
C ALA B 411 78.54 -60.86 9.59
N LEU B 412 77.56 -61.67 9.18
CA LEU B 412 76.46 -61.16 8.37
C LEU B 412 75.64 -60.14 9.13
N LEU B 413 75.37 -60.40 10.41
CA LEU B 413 74.63 -59.44 11.22
C LEU B 413 75.38 -58.13 11.37
N GLN B 414 76.69 -58.20 11.61
CA GLN B 414 77.50 -57.00 11.73
C GLN B 414 77.53 -56.22 10.42
N VAL B 415 77.65 -56.93 9.30
CA VAL B 415 77.65 -56.28 8.00
C VAL B 415 76.31 -55.61 7.72
N VAL B 416 75.21 -56.28 8.08
CA VAL B 416 73.90 -55.67 7.90
C VAL B 416 73.74 -54.43 8.76
N ASP B 417 74.21 -54.48 10.01
CA ASP B 417 74.13 -53.31 10.88
C ASP B 417 74.95 -52.15 10.33
N MET B 418 76.17 -52.45 9.85
CA MET B 418 77.01 -51.40 9.28
C MET B 418 76.39 -50.81 8.02
N ARG B 419 75.81 -51.65 7.17
CA ARG B 419 75.15 -51.17 5.97
C ARG B 419 73.94 -50.30 6.32
N ARG B 420 73.18 -50.69 7.34
CA ARG B 420 72.05 -49.88 7.78
C ARG B 420 72.51 -48.53 8.30
N GLU B 421 73.59 -48.51 9.09
CA GLU B 421 74.11 -47.25 9.62
C GLU B 421 74.59 -46.34 8.50
N LEU B 422 75.32 -46.91 7.53
CA LEU B 422 75.80 -46.13 6.40
C LEU B 422 74.65 -45.60 5.57
N LEU B 423 73.62 -46.42 5.36
CA LEU B 423 72.45 -45.99 4.63
C LEU B 423 71.73 -44.85 5.35
N ASP B 424 71.62 -44.94 6.67
CA ASP B 424 71.00 -43.87 7.43
C ASP B 424 71.80 -42.58 7.32
N GLN B 425 73.13 -42.67 7.41
CA GLN B 425 73.96 -41.48 7.29
C GLN B 425 73.82 -40.87 5.90
N LEU B 426 73.85 -41.71 4.87
CA LEU B 426 73.70 -41.20 3.50
C LEU B 426 72.32 -40.60 3.29
N ASN B 427 71.28 -41.19 3.88
CA ASN B 427 69.94 -40.65 3.75
C ASN B 427 69.83 -39.29 4.42
N LYS B 428 70.41 -39.14 5.61
CA LYS B 428 70.41 -37.84 6.27
C LYS B 428 71.16 -36.81 5.45
N GLN B 429 72.31 -37.18 4.90
CA GLN B 429 73.07 -36.26 4.06
C GLN B 429 72.29 -35.86 2.82
N LEU B 430 71.62 -36.83 2.20
CA LEU B 430 70.84 -36.55 1.00
C LEU B 430 69.64 -35.67 1.31
N GLY B 431 68.98 -35.90 2.44
CA GLY B 431 67.86 -35.05 2.82
C GLY B 431 68.31 -33.62 3.09
N ASN B 432 69.44 -33.46 3.78
CA ASN B 432 69.99 -32.13 4.01
C ASN B 432 70.35 -31.45 2.69
N GLN B 433 70.96 -32.21 1.78
CA GLN B 433 71.31 -31.67 0.47
C GLN B 433 70.06 -31.27 -0.31
N LEU B 434 68.99 -32.07 -0.21
CA LEU B 434 67.76 -31.76 -0.92
C LEU B 434 67.11 -30.50 -0.35
N MET B 435 67.13 -30.34 0.97
CA MET B 435 66.61 -29.11 1.57
C MET B 435 67.43 -27.91 1.11
N MET B 436 68.75 -28.04 1.10
CA MET B 436 69.61 -26.95 0.64
C MET B 436 69.34 -26.63 -0.82
N ALA B 437 69.15 -27.66 -1.64
CA ALA B 437 68.87 -27.45 -3.05
C ALA B 437 67.51 -26.81 -3.28
N ILE B 438 66.51 -27.18 -2.48
CA ILE B 438 65.19 -26.54 -2.59
C ILE B 438 65.27 -25.08 -2.22
N ASN B 439 66.00 -24.77 -1.14
CA ASN B 439 66.20 -23.37 -0.77
C ASN B 439 66.96 -22.63 -1.87
N LEU B 440 67.98 -23.27 -2.45
CA LEU B 440 68.74 -22.64 -3.52
C LEU B 440 67.89 -22.39 -4.75
N GLN B 441 67.01 -23.33 -5.08
CA GLN B 441 66.13 -23.16 -6.23
C GLN B 441 65.13 -22.04 -6.00
N ILE B 442 64.57 -21.97 -4.79
CA ILE B 442 63.66 -20.87 -4.47
C ILE B 442 64.38 -19.53 -4.56
N ASN B 443 65.60 -19.47 -4.02
CA ASN B 443 66.38 -18.24 -4.07
C ASN B 443 66.74 -17.87 -5.51
N GLN B 444 67.07 -18.86 -6.34
CA GLN B 444 67.43 -18.60 -7.72
C GLN B 444 66.23 -18.09 -8.52
N GLN B 445 65.06 -18.69 -8.29
CA GLN B 445 63.85 -18.19 -8.94
C GLN B 445 63.54 -16.77 -8.51
N GLN B 446 63.67 -16.49 -7.20
CA GLN B 446 63.44 -15.15 -6.71
C GLN B 446 64.42 -14.15 -7.32
N LEU B 447 65.69 -14.56 -7.44
CA LEU B 447 66.71 -13.68 -7.99
C LEU B 447 66.50 -13.45 -9.49
N MET B 448 66.09 -14.47 -10.22
CA MET B 448 65.77 -14.29 -11.63
C MET B 448 64.59 -13.33 -11.79
N SER B 449 63.57 -13.49 -10.96
CA SER B 449 62.44 -12.56 -10.99
C SER B 449 62.88 -11.15 -10.64
N VAL B 450 63.78 -11.02 -9.66
CA VAL B 450 64.28 -9.71 -9.27
C VAL B 450 65.07 -9.07 -10.40
N SER B 451 65.90 -9.86 -11.09
CA SER B 451 66.66 -9.31 -12.22
C SER B 451 65.74 -8.90 -13.35
N LYS B 452 64.70 -9.69 -13.61
CA LYS B 452 63.72 -9.31 -14.63
C LYS B 452 63.01 -8.03 -14.24
N ASN B 453 62.63 -7.90 -12.97
CA ASN B 453 62.00 -6.67 -12.51
C ASN B 453 62.95 -5.49 -12.58
N LEU B 454 64.23 -5.72 -12.33
CA LEU B 454 65.23 -4.66 -12.46
C LEU B 454 65.34 -4.20 -13.90
N LYS B 455 65.34 -5.15 -14.84
CA LYS B 455 65.35 -4.79 -16.25
C LYS B 455 64.09 -4.00 -16.61
N SER B 456 62.94 -4.43 -16.09
CA SER B 456 61.69 -3.72 -16.35
C SER B 456 61.75 -2.30 -15.81
N ILE B 457 62.30 -2.13 -14.61
CA ILE B 457 62.42 -0.81 -14.02
C ILE B 457 63.38 0.07 -14.81
N LEU B 458 64.48 -0.51 -15.27
CA LEU B 458 65.44 0.25 -16.08
C LEU B 458 64.79 0.72 -17.37
N THR B 459 64.01 -0.16 -18.01
CA THR B 459 63.28 0.24 -19.21
C THR B 459 62.26 1.33 -18.90
N GLN B 460 61.55 1.19 -17.79
CA GLN B 460 60.53 2.17 -17.42
C GLN B 460 61.15 3.54 -17.18
N GLN B 461 62.29 3.57 -16.49
CA GLN B 461 63.00 4.82 -16.28
C GLN B 461 63.52 5.39 -17.60
N ILE B 462 63.99 4.51 -18.50
CA ILE B 462 64.52 4.96 -19.77
C ILE B 462 63.42 5.28 -20.79
N PHE B 463 62.16 5.08 -20.43
CA PHE B 463 61.06 5.28 -21.38
C PHE B 463 60.98 6.70 -21.89
N TRP B 464 60.67 7.65 -21.02
CA TRP B 464 60.53 9.04 -21.42
C TRP B 464 61.90 9.71 -21.55
N ASP B 474 82.20 17.72 -32.85
CA ASP B 474 81.47 17.54 -31.61
C ASP B 474 81.09 16.06 -31.41
N TRP B 475 79.81 15.76 -31.57
CA TRP B 475 79.34 14.38 -31.44
C TRP B 475 79.98 13.49 -32.50
N ILE B 476 80.05 13.97 -33.75
CA ILE B 476 80.68 13.20 -34.81
C ILE B 476 82.19 13.10 -34.57
N LYS B 477 82.80 14.18 -34.07
CA LYS B 477 84.23 14.15 -33.79
C LYS B 477 84.56 13.11 -32.74
N ALA B 478 83.75 13.03 -31.68
CA ALA B 478 83.93 11.99 -30.68
C ALA B 478 83.64 10.61 -31.27
N PHE B 479 82.66 10.53 -32.17
CA PHE B 479 82.36 9.25 -32.80
C PHE B 479 83.52 8.70 -33.62
N PRO B 480 84.41 9.52 -34.17
CA PRO B 480 85.57 8.93 -34.88
C PRO B 480 86.42 8.04 -34.00
N GLN B 481 86.61 8.40 -32.73
CA GLN B 481 87.34 7.54 -31.81
C GLN B 481 86.49 6.35 -31.37
N SER B 482 85.19 6.58 -31.15
CA SER B 482 84.31 5.51 -30.72
C SER B 482 84.09 4.46 -31.80
N LEU B 483 84.41 4.78 -33.06
CA LEU B 483 84.27 3.79 -34.13
C LEU B 483 85.19 2.60 -33.89
N LYS B 484 86.44 2.86 -33.47
CA LYS B 484 87.36 1.78 -33.17
C LYS B 484 86.86 0.94 -31.99
N ASP B 485 86.32 1.61 -30.97
CA ASP B 485 85.78 0.88 -29.82
C ASP B 485 84.61 -0.01 -30.23
N GLU B 486 83.72 0.51 -31.08
CA GLU B 486 82.60 -0.28 -31.57
C GLU B 486 83.07 -1.46 -32.41
N PHE B 487 84.08 -1.24 -33.26
CA PHE B 487 84.62 -2.33 -34.06
C PHE B 487 85.24 -3.41 -33.19
N LYS B 488 85.95 -3.00 -32.12
CA LYS B 488 86.51 -3.96 -31.19
C LYS B 488 85.40 -4.71 -30.46
N SER B 489 84.30 -4.02 -30.15
CA SER B 489 83.18 -4.69 -29.48
C SER B 489 82.54 -5.75 -30.37
N MET B 490 82.68 -5.61 -31.68
CA MET B 490 82.15 -6.63 -32.59
C MET B 490 82.84 -7.97 -32.39
N LYS B 491 84.16 -7.94 -32.21
CA LYS B 491 84.93 -9.16 -31.97
C LYS B 491 85.04 -9.44 -30.48
N ILE B 505 66.13 -31.21 -35.81
CA ILE B 505 64.87 -30.51 -36.00
C ILE B 505 65.02 -29.41 -37.05
N ALA B 506 66.10 -28.64 -36.96
CA ALA B 506 66.34 -27.56 -37.92
C ALA B 506 66.53 -28.11 -39.33
N PHE B 507 67.29 -29.21 -39.46
CA PHE B 507 67.50 -29.81 -40.77
C PHE B 507 66.20 -30.37 -41.33
N LEU B 508 65.39 -31.00 -40.49
CA LEU B 508 64.10 -31.53 -40.93
C LEU B 508 63.18 -30.41 -41.38
N ALA B 509 63.16 -29.30 -40.65
CA ALA B 509 62.34 -28.15 -41.06
C ALA B 509 62.84 -27.56 -42.37
N GLY B 510 64.16 -27.47 -42.54
CA GLY B 510 64.70 -26.94 -43.78
C GLY B 510 64.38 -27.81 -44.99
N LEU B 511 64.58 -29.12 -44.85
CA LEU B 511 64.22 -30.04 -45.94
C LEU B 511 62.74 -29.99 -46.25
N PRO B 512 61.83 -30.03 -45.26
CA PRO B 512 60.40 -29.86 -45.59
C PRO B 512 60.11 -28.54 -46.27
N LEU B 513 60.80 -27.47 -45.87
CA LEU B 513 60.63 -26.19 -46.55
C LEU B 513 61.09 -26.26 -48.00
N LEU B 514 62.20 -26.95 -48.26
CA LEU B 514 62.68 -27.10 -49.63
C LEU B 514 61.68 -27.88 -50.47
N LEU B 515 61.13 -28.97 -49.92
CA LEU B 515 60.13 -29.73 -50.66
C LEU B 515 58.86 -28.91 -50.89
N ILE B 516 58.47 -28.11 -49.90
CA ILE B 516 57.30 -27.26 -50.04
C ILE B 516 57.50 -26.25 -51.15
N ALA B 517 58.70 -25.64 -51.20
CA ALA B 517 59.00 -24.69 -52.28
C ALA B 517 59.04 -25.37 -53.64
N GLY B 518 59.60 -26.58 -53.70
CA GLY B 518 59.63 -27.31 -54.96
C GLY B 518 58.24 -27.61 -55.49
N LEU B 519 57.33 -28.04 -54.62
CA LEU B 519 55.95 -28.24 -55.04
C LEU B 519 55.26 -26.91 -55.34
N ILE B 520 55.58 -25.88 -54.57
CA ILE B 520 54.93 -24.59 -54.72
C ILE B 520 55.31 -23.89 -56.00
N HIS B 521 56.45 -24.24 -56.60
CA HIS B 521 56.77 -23.67 -57.92
C HIS B 521 55.69 -24.04 -58.94
N TRP B 522 55.39 -25.33 -59.06
CA TRP B 522 54.33 -25.78 -59.96
C TRP B 522 52.96 -25.34 -59.47
N ARG B 523 52.75 -25.31 -58.15
CA ARG B 523 51.48 -24.85 -57.61
C ARG B 523 51.22 -23.40 -58.01
N LEU B 524 52.25 -22.55 -57.93
CA LEU B 524 52.11 -21.14 -58.29
C LEU B 524 51.99 -20.98 -59.80
N GLY B 525 52.65 -21.83 -60.60
CA GLY B 525 52.40 -21.81 -62.03
C GLY B 525 50.95 -22.09 -62.36
N TRP B 526 50.39 -23.14 -61.74
CA TRP B 526 48.98 -23.47 -61.96
C TRP B 526 48.06 -22.36 -61.45
N LEU B 527 48.40 -21.76 -60.31
CA LEU B 527 47.60 -20.68 -59.76
C LEU B 527 47.63 -19.46 -60.68
N LYS B 528 48.79 -19.14 -61.26
CA LYS B 528 48.88 -18.03 -62.19
C LYS B 528 48.06 -18.32 -63.45
N ALA B 529 48.11 -19.55 -63.94
CA ALA B 529 47.28 -19.92 -65.10
C ALA B 529 45.80 -19.76 -64.77
N TYR B 530 45.38 -20.23 -63.59
CA TYR B 530 43.98 -20.10 -63.20
C TYR B 530 43.57 -18.65 -63.04
N GLN B 531 44.45 -17.83 -62.46
CA GLN B 531 44.15 -16.41 -62.28
C GLN B 531 44.03 -15.71 -63.62
N GLN B 532 44.91 -16.02 -64.56
CA GLN B 532 44.81 -15.44 -65.89
C GLN B 532 43.52 -15.86 -66.57
N LYS B 533 43.14 -17.14 -66.43
CA LYS B 533 41.90 -17.60 -67.03
C LYS B 533 40.69 -16.90 -66.42
N LEU B 534 40.70 -16.69 -65.10
CA LEU B 534 39.57 -16.04 -64.45
C LEU B 534 39.49 -14.57 -64.80
N ALA B 535 40.64 -13.88 -64.86
CA ALA B 535 40.63 -12.45 -65.14
C ALA B 535 40.33 -12.15 -66.60
N SER B 536 40.91 -12.91 -67.52
CA SER B 536 40.69 -12.68 -68.94
C SER B 536 40.84 -13.97 -69.74
N THR B 549 41.30 -6.73 -61.52
CA THR B 549 40.23 -7.65 -61.15
C THR B 549 40.37 -8.09 -59.71
N PRO B 550 39.24 -8.14 -58.98
CA PRO B 550 39.28 -8.60 -57.59
C PRO B 550 39.81 -10.02 -57.45
N LYS B 551 39.42 -10.89 -58.39
CA LYS B 551 39.92 -12.26 -58.37
C LYS B 551 41.42 -12.30 -58.60
N ALA B 552 41.91 -11.50 -59.55
CA ALA B 552 43.35 -11.44 -59.80
C ALA B 552 44.10 -10.91 -58.59
N ILE B 553 43.55 -9.90 -57.92
CA ILE B 553 44.19 -9.35 -56.73
C ILE B 553 44.23 -10.40 -55.62
N LEU B 554 43.13 -11.12 -55.42
CA LEU B 554 43.09 -12.17 -54.41
C LEU B 554 44.10 -13.27 -54.72
N ILE B 555 44.21 -13.64 -56.00
CA ILE B 555 45.16 -14.67 -56.39
C ILE B 555 46.59 -14.20 -56.15
N ASP B 556 46.88 -12.94 -56.47
CA ASP B 556 48.21 -12.39 -56.22
C ASP B 556 48.53 -12.38 -54.74
N LEU B 557 47.55 -11.99 -53.92
CA LEU B 557 47.76 -11.99 -52.47
C LEU B 557 48.00 -13.40 -51.94
N ILE B 558 47.25 -14.38 -52.46
CA ILE B 558 47.45 -15.76 -52.03
C ILE B 558 48.82 -16.26 -52.44
N ARG B 559 49.26 -15.92 -53.65
CA ARG B 559 50.58 -16.33 -54.11
C ARG B 559 51.68 -15.70 -53.27
N ALA B 560 51.53 -14.41 -52.92
CA ALA B 560 52.51 -13.76 -52.05
C ALA B 560 52.52 -14.39 -50.67
N LEU B 561 51.35 -14.76 -50.14
CA LEU B 561 51.28 -15.40 -48.84
C LEU B 561 52.03 -16.72 -48.78
N PRO B 562 51.91 -17.63 -49.75
CA PRO B 562 52.69 -18.88 -49.67
C PRO B 562 54.19 -18.66 -49.69
N VAL B 563 54.67 -17.73 -50.51
CA VAL B 563 56.10 -17.45 -50.55
C VAL B 563 56.56 -16.86 -49.23
N CYS B 564 55.76 -15.96 -48.66
CA CYS B 564 56.10 -15.38 -47.36
C CYS B 564 56.14 -16.45 -46.28
N LEU B 565 55.19 -17.38 -46.30
CA LEU B 565 55.17 -18.45 -45.32
C LEU B 565 56.39 -19.36 -45.48
N ILE B 566 56.77 -19.67 -46.73
CA ILE B 566 57.96 -20.49 -46.96
C ILE B 566 59.21 -19.79 -46.45
N ILE B 567 59.31 -18.48 -46.72
CA ILE B 567 60.48 -17.73 -46.27
C ILE B 567 60.53 -17.67 -44.75
N LEU B 568 59.36 -17.48 -44.11
CA LEU B 568 59.32 -17.46 -42.65
C LEU B 568 59.71 -18.81 -42.06
N ALA B 569 59.25 -19.90 -42.66
CA ALA B 569 59.64 -21.23 -42.19
C ALA B 569 61.14 -21.45 -42.35
N VAL B 570 61.70 -21.01 -43.48
CA VAL B 570 63.14 -21.14 -43.70
C VAL B 570 63.92 -20.34 -42.66
N GLY B 571 63.46 -19.12 -42.37
CA GLY B 571 64.13 -18.30 -41.37
C GLY B 571 64.03 -18.91 -39.98
N LEU B 572 62.87 -19.46 -39.63
CA LEU B 572 62.71 -20.11 -38.33
C LEU B 572 63.61 -21.33 -38.22
N ILE B 573 63.73 -22.10 -39.30
CA ILE B 573 64.65 -23.24 -39.30
C ILE B 573 66.08 -22.77 -39.14
N LEU B 574 66.42 -21.63 -39.77
CA LEU B 574 67.76 -21.07 -39.63
C LEU B 574 67.98 -20.45 -38.26
N LEU B 575 66.92 -20.21 -37.49
CA LEU B 575 67.04 -19.62 -36.16
C LEU B 575 66.78 -20.66 -35.08
N SER B 582 71.30 -16.89 -31.23
CA SER B 582 70.47 -16.54 -32.38
C SER B 582 69.17 -15.90 -31.93
N GLU B 583 69.20 -15.23 -30.78
CA GLU B 583 68.00 -14.58 -30.27
C GLU B 583 67.55 -13.43 -31.17
N LEU B 584 68.49 -12.64 -31.68
CA LEU B 584 68.13 -11.52 -32.54
C LEU B 584 67.58 -12.01 -33.87
N LEU B 585 68.02 -13.18 -34.33
CA LEU B 585 67.55 -13.71 -35.61
C LEU B 585 66.05 -14.03 -35.55
N TRP B 586 65.58 -14.53 -34.41
CA TRP B 586 64.16 -14.87 -34.30
C TRP B 586 63.27 -13.64 -34.42
N SER B 587 63.62 -12.57 -33.70
CA SER B 587 62.85 -11.33 -33.82
C SER B 587 63.01 -10.71 -35.19
N PHE B 588 64.21 -10.83 -35.78
CA PHE B 588 64.41 -10.33 -37.13
C PHE B 588 63.48 -11.03 -38.12
N SER B 589 63.33 -12.35 -37.98
CA SER B 589 62.42 -13.09 -38.86
C SER B 589 60.97 -12.76 -38.54
N LYS B 590 60.64 -12.54 -37.27
CA LYS B 590 59.28 -12.17 -36.91
C LYS B 590 58.87 -10.87 -37.58
N LYS B 591 59.77 -9.89 -37.58
CA LYS B 591 59.50 -8.64 -38.30
C LYS B 591 59.54 -8.85 -39.81
N LEU B 592 60.47 -9.69 -40.28
CA LEU B 592 60.66 -9.92 -41.69
C LEU B 592 59.47 -10.61 -42.33
N ALA B 593 58.65 -11.31 -41.55
CA ALA B 593 57.42 -11.87 -42.11
C ALA B 593 56.55 -10.76 -42.70
N ILE B 594 56.19 -9.78 -41.87
CA ILE B 594 55.40 -8.65 -42.35
C ILE B 594 56.18 -7.83 -43.36
N PHE B 595 57.49 -7.70 -43.17
CA PHE B 595 58.31 -6.91 -44.11
C PHE B 595 58.26 -7.52 -45.50
N TRP B 596 58.39 -8.85 -45.60
CA TRP B 596 58.33 -9.52 -46.88
C TRP B 596 56.92 -9.53 -47.45
N LEU B 597 55.91 -9.59 -46.59
CA LEU B 597 54.54 -9.44 -47.08
C LEU B 597 54.34 -8.09 -47.76
N VAL B 598 54.81 -7.03 -47.12
CA VAL B 598 54.71 -5.69 -47.70
C VAL B 598 55.52 -5.60 -48.98
N PHE B 599 56.73 -6.18 -48.98
CA PHE B 599 57.59 -6.12 -50.16
C PHE B 599 56.96 -6.86 -51.34
N GLY B 600 56.40 -8.04 -51.10
CA GLY B 600 55.77 -8.81 -52.14
C GLY B 600 54.40 -8.33 -52.57
N LEU B 601 53.76 -7.48 -51.76
CA LEU B 601 52.53 -6.86 -52.20
C LEU B 601 52.73 -6.07 -53.49
N CYS B 602 53.87 -5.39 -53.60
CA CYS B 602 54.18 -4.65 -54.83
C CYS B 602 54.63 -5.58 -55.95
N TRP B 603 55.34 -6.66 -55.61
CA TRP B 603 55.80 -7.60 -56.63
C TRP B 603 54.62 -8.31 -57.29
N LYS B 604 53.62 -8.69 -56.52
CA LYS B 604 52.43 -9.34 -57.04
C LYS B 604 51.37 -8.35 -57.50
N VAL B 605 51.61 -7.05 -57.34
CA VAL B 605 50.67 -6.04 -57.78
C VAL B 605 51.39 -4.74 -58.10
N GLN B 622 53.66 4.42 -62.53
CA GLN B 622 53.16 3.21 -63.19
C GLN B 622 53.43 1.97 -62.35
N THR B 623 52.60 0.94 -62.53
CA THR B 623 52.79 -0.30 -61.79
C THR B 623 54.13 -0.95 -62.13
N SER B 624 54.48 -0.97 -63.42
CA SER B 624 55.80 -1.45 -63.82
C SER B 624 56.90 -0.56 -63.24
N HIS B 625 56.70 0.76 -63.27
CA HIS B 625 57.64 1.67 -62.64
C HIS B 625 57.68 1.45 -61.13
N TRP B 626 56.51 1.23 -60.51
CA TRP B 626 56.48 0.93 -59.09
C TRP B 626 57.14 -0.40 -58.79
N ARG B 627 57.00 -1.38 -59.68
CA ARG B 627 57.62 -2.69 -59.47
C ARG B 627 59.14 -2.57 -59.42
N ARG B 628 59.71 -1.54 -60.04
CA ARG B 628 61.15 -1.32 -59.97
C ARG B 628 61.54 -0.32 -58.88
N GLN B 629 60.66 0.61 -58.53
CA GLN B 629 60.95 1.60 -57.50
C GLN B 629 60.71 1.10 -56.09
N ILE B 630 60.00 -0.02 -55.93
CA ILE B 630 59.78 -0.58 -54.59
C ILE B 630 61.02 -1.22 -54.00
N VAL B 631 62.06 -1.44 -54.81
CA VAL B 631 63.30 -2.03 -54.30
C VAL B 631 63.95 -1.10 -53.28
N ARG B 632 63.96 0.20 -53.57
CA ARG B 632 64.54 1.16 -52.63
C ARG B 632 63.76 1.17 -51.32
N ILE B 633 62.43 1.11 -51.39
CA ILE B 633 61.62 1.08 -50.18
C ILE B 633 61.90 -0.18 -49.38
N SER B 634 62.01 -1.32 -50.07
CA SER B 634 62.31 -2.57 -49.38
C SER B 634 63.68 -2.51 -48.71
N LEU B 635 64.68 -1.95 -49.40
CA LEU B 635 66.01 -1.83 -48.81
C LEU B 635 66.00 -0.91 -47.61
N ALA B 636 65.27 0.21 -47.69
CA ALA B 636 65.18 1.13 -46.56
C ALA B 636 64.50 0.47 -45.36
N LEU B 637 63.44 -0.29 -45.61
CA LEU B 637 62.79 -1.02 -44.52
C LEU B 637 63.73 -2.05 -43.91
N LEU B 638 64.50 -2.74 -44.75
CA LEU B 638 65.47 -3.71 -44.24
C LEU B 638 66.52 -3.06 -43.33
N PRO B 639 67.13 -1.93 -43.68
CA PRO B 639 68.02 -1.27 -42.72
C PRO B 639 67.32 -0.86 -41.44
N ILE B 640 66.07 -0.37 -41.56
CA ILE B 640 65.31 -0.01 -40.37
C ILE B 640 65.03 -1.25 -39.53
N HIS B 641 64.68 -2.36 -40.19
CA HIS B 641 64.44 -3.60 -39.47
C HIS B 641 65.69 -4.06 -38.73
N PHE B 642 66.85 -3.99 -39.39
CA PHE B 642 68.09 -4.39 -38.76
C PHE B 642 68.46 -3.48 -37.61
N TRP B 643 68.21 -2.18 -37.73
CA TRP B 643 68.55 -1.24 -36.67
C TRP B 643 67.53 -1.22 -35.54
N SER B 644 66.34 -1.77 -35.74
CA SER B 644 65.30 -1.74 -34.72
C SER B 644 64.90 -3.11 -34.19
N VAL B 645 65.50 -4.19 -34.69
CA VAL B 645 65.14 -5.53 -34.21
C VAL B 645 65.47 -5.67 -32.73
N VAL B 646 66.65 -5.21 -32.31
CA VAL B 646 67.09 -5.37 -30.93
C VAL B 646 66.50 -4.32 -30.00
N ALA B 647 65.63 -3.44 -30.50
CA ALA B 647 65.08 -2.38 -29.66
C ALA B 647 64.07 -2.94 -28.67
N GLU B 648 63.03 -3.61 -29.18
CA GLU B 648 61.95 -4.11 -28.34
C GLU B 648 62.41 -5.21 -27.38
N LEU B 649 63.57 -5.81 -27.60
CA LEU B 649 64.07 -6.87 -26.74
C LEU B 649 65.10 -6.36 -25.75
N VAL B 658 76.17 4.96 -30.40
CA VAL B 658 75.63 5.78 -31.48
C VAL B 658 76.01 5.27 -32.85
N LEU B 659 76.75 4.15 -32.93
CA LEU B 659 77.15 3.61 -34.22
C LEU B 659 75.95 3.15 -35.03
N GLY B 660 74.96 2.54 -34.37
CA GLY B 660 73.80 2.03 -35.06
C GLY B 660 72.95 3.09 -35.71
N GLN B 661 73.09 4.34 -35.28
CA GLN B 661 72.32 5.44 -35.84
C GLN B 661 73.02 6.12 -37.00
N ALA B 662 74.24 5.71 -37.34
CA ALA B 662 74.97 6.34 -38.44
C ALA B 662 74.24 6.13 -39.76
N MET B 663 73.77 4.89 -40.01
CA MET B 663 73.02 4.63 -41.23
C MET B 663 71.64 5.28 -41.18
N ILE B 664 71.02 5.30 -39.99
CA ILE B 664 69.68 5.87 -39.86
C ILE B 664 69.71 7.37 -40.13
N PHE B 665 70.81 8.04 -39.79
CA PHE B 665 70.90 9.48 -40.03
C PHE B 665 70.78 9.79 -41.52
N PHE B 666 71.43 9.00 -42.37
CA PHE B 666 71.30 9.17 -43.80
C PHE B 666 69.98 8.62 -44.34
N ASN B 667 69.46 7.56 -43.71
CA ASN B 667 68.20 6.98 -44.17
C ASN B 667 67.05 7.96 -43.97
N LEU B 668 67.05 8.70 -42.86
CA LEU B 668 66.01 9.69 -42.61
C LEU B 668 66.02 10.78 -43.69
N LEU B 669 67.21 11.28 -44.03
CA LEU B 669 67.32 12.28 -45.07
C LEU B 669 66.89 11.74 -46.43
N LEU B 670 67.26 10.49 -46.73
CA LEU B 670 66.86 9.88 -47.99
C LEU B 670 65.35 9.73 -48.06
N ILE B 671 64.71 9.32 -46.96
CA ILE B 671 63.26 9.17 -46.93
C ILE B 671 62.59 10.53 -47.11
N ALA B 672 63.11 11.57 -46.45
CA ALA B 672 62.56 12.90 -46.60
C ALA B 672 62.68 13.39 -48.05
N PHE B 673 63.84 13.16 -48.68
CA PHE B 673 64.03 13.56 -50.06
C PHE B 673 63.09 12.82 -51.00
N LEU B 674 62.91 11.52 -50.76
CA LEU B 674 61.98 10.74 -51.60
C LEU B 674 60.55 11.21 -51.43
N VAL B 675 60.15 11.54 -50.20
CA VAL B 675 58.80 12.03 -49.96
C VAL B 675 58.61 13.42 -50.57
N TRP B 676 59.67 14.22 -50.62
CA TRP B 676 59.55 15.57 -51.19
C TRP B 676 59.05 15.57 -52.62
N PRO B 677 59.52 14.70 -53.52
CA PRO B 677 58.94 14.67 -54.87
C PRO B 677 57.46 14.32 -54.87
N MET B 678 57.04 13.40 -54.01
CA MET B 678 55.62 13.06 -53.94
C MET B 678 54.79 14.22 -53.41
N CYS B 679 55.31 14.94 -52.41
CA CYS B 679 54.61 16.11 -51.91
C CYS B 679 54.51 17.20 -52.97
N ARG B 680 55.59 17.40 -53.74
CA ARG B 680 55.55 18.38 -54.82
C ARG B 680 54.53 17.99 -55.89
N GLU B 681 54.47 16.69 -56.23
CA GLU B 681 53.45 16.23 -57.16
C GLU B 681 52.06 16.39 -56.58
N SER B 682 51.91 16.08 -55.28
CA SER B 682 50.61 16.25 -54.64
C SER B 682 50.22 17.73 -54.52
N TRP B 683 51.22 18.60 -54.29
CA TRP B 683 50.93 20.03 -54.18
C TRP B 683 50.44 20.62 -55.49
N ARG B 684 50.71 19.97 -56.62
CA ARG B 684 50.23 20.47 -57.90
C ARG B 684 48.71 20.38 -58.02
N ASP B 685 48.07 19.51 -57.24
CA ASP B 685 46.63 19.35 -57.25
C ASP B 685 46.04 19.91 -55.96
N LYS B 686 45.02 20.75 -56.10
CA LYS B 686 44.37 21.39 -54.95
C LYS B 686 42.97 20.85 -54.72
N GLU B 687 42.12 20.86 -55.75
CA GLU B 687 40.75 20.36 -55.59
C GLU B 687 40.70 18.85 -55.39
N SER B 688 41.74 18.13 -55.79
CA SER B 688 41.77 16.69 -55.61
C SER B 688 41.94 16.34 -54.13
N HIS B 689 41.47 15.14 -53.76
CA HIS B 689 41.58 14.68 -52.39
C HIS B 689 43.03 14.38 -52.04
N THR B 690 43.41 14.70 -50.81
CA THR B 690 44.77 14.48 -50.31
C THR B 690 44.72 13.80 -48.94
N MET B 691 43.89 12.75 -48.85
CA MET B 691 43.76 12.02 -47.59
C MET B 691 45.06 11.32 -47.22
N ARG B 692 45.75 10.73 -48.20
CA ARG B 692 46.99 10.00 -47.95
C ARG B 692 48.17 10.91 -47.66
N LEU B 693 48.04 12.21 -47.93
CA LEU B 693 49.15 13.13 -47.68
C LEU B 693 49.43 13.28 -46.19
N VAL B 694 48.39 13.15 -45.36
CA VAL B 694 48.56 13.30 -43.92
C VAL B 694 49.48 12.23 -43.37
N THR B 695 49.28 10.98 -43.80
CA THR B 695 50.16 9.89 -43.36
C THR B 695 51.58 10.10 -43.87
N ILE B 696 51.72 10.54 -45.11
CA ILE B 696 53.04 10.83 -45.66
C ILE B 696 53.71 11.96 -44.89
N THR B 697 52.92 12.99 -44.55
CA THR B 697 53.46 14.11 -43.77
C THR B 697 53.93 13.64 -42.40
N VAL B 698 53.15 12.77 -41.76
CA VAL B 698 53.54 12.24 -40.44
C VAL B 698 54.82 11.43 -40.55
N LEU B 699 54.91 10.58 -41.59
CA LEU B 699 56.11 9.77 -41.77
C LEU B 699 57.33 10.64 -42.03
N SER B 700 57.18 11.70 -42.83
CA SER B 700 58.29 12.60 -43.09
C SER B 700 58.69 13.35 -41.82
N ILE B 701 57.70 13.77 -41.02
CA ILE B 701 58.01 14.44 -39.76
C ILE B 701 58.78 13.52 -38.84
N ILE B 702 58.37 12.25 -38.78
CA ILE B 702 59.13 11.27 -38.01
C ILE B 702 60.55 11.13 -38.54
N PRO B 703 60.78 11.02 -39.85
CA PRO B 703 62.17 10.97 -40.34
C PRO B 703 62.98 12.22 -39.99
N ILE B 704 62.34 13.39 -40.00
CA ILE B 704 63.05 14.61 -39.64
C ILE B 704 63.33 14.64 -38.13
N ALA B 705 62.33 14.28 -37.33
CA ALA B 705 62.49 14.33 -35.88
C ALA B 705 63.54 13.34 -35.40
N LEU B 706 63.56 12.14 -35.98
CA LEU B 706 64.52 11.13 -35.55
C LEU B 706 65.95 11.58 -35.80
N MET B 707 66.20 12.21 -36.95
CA MET B 707 67.54 12.70 -37.25
C MET B 707 67.86 14.04 -36.61
N VAL B 708 66.86 14.75 -36.09
CA VAL B 708 67.09 16.06 -35.48
C VAL B 708 67.33 15.93 -33.98
N LEU B 709 66.40 15.28 -33.27
CA LEU B 709 66.40 15.29 -31.81
C LEU B 709 67.31 14.22 -31.21
N THR B 710 67.98 13.41 -32.02
CA THR B 710 68.81 12.33 -31.50
C THR B 710 70.18 12.80 -31.04
N ALA B 711 70.53 14.07 -31.23
CA ALA B 711 71.82 14.58 -30.82
C ALA B 711 71.96 14.59 -29.30
N PHE B 715 65.62 10.90 -23.47
CA PHE B 715 66.10 11.98 -24.31
C PHE B 715 66.60 11.46 -25.65
N TYR B 716 67.35 10.36 -25.60
CA TYR B 716 67.87 9.72 -26.80
C TYR B 716 66.94 8.64 -27.34
N THR B 717 65.78 8.45 -26.73
CA THR B 717 64.84 7.40 -27.11
C THR B 717 63.94 7.80 -28.29
N THR B 718 64.34 8.80 -29.07
CA THR B 718 63.51 9.23 -30.19
C THR B 718 63.39 8.16 -31.26
N LEU B 719 64.37 7.26 -31.35
CA LEU B 719 64.33 6.22 -32.37
C LEU B 719 63.24 5.20 -32.12
N ARG B 720 62.65 5.18 -30.93
CA ARG B 720 61.62 4.19 -30.63
C ARG B 720 60.37 4.41 -31.45
N LEU B 721 60.08 5.67 -31.81
CA LEU B 721 58.85 5.96 -32.53
C LEU B 721 58.86 5.38 -33.93
N ALA B 722 60.04 5.04 -34.45
CA ALA B 722 60.13 4.51 -35.81
C ALA B 722 59.42 3.16 -35.93
N GLY B 723 59.47 2.34 -34.89
CA GLY B 723 58.78 1.06 -34.94
C GLY B 723 57.28 1.22 -35.10
N ARG B 724 56.69 2.17 -34.38
CA ARG B 724 55.27 2.45 -34.54
C ARG B 724 54.99 3.13 -35.87
N TRP B 725 55.90 3.99 -36.34
CA TRP B 725 55.67 4.70 -37.60
C TRP B 725 55.64 3.73 -38.78
N ILE B 726 56.56 2.76 -38.80
CA ILE B 726 56.58 1.78 -39.89
C ILE B 726 55.30 0.96 -39.89
N GLU B 727 54.86 0.54 -38.71
CA GLU B 727 53.61 -0.23 -38.61
C GLU B 727 52.42 0.60 -39.07
N THR B 728 52.39 1.88 -38.69
CA THR B 728 51.30 2.75 -39.11
C THR B 728 51.30 2.92 -40.63
N VAL B 729 52.48 3.07 -41.23
CA VAL B 729 52.57 3.20 -42.68
C VAL B 729 52.07 1.93 -43.36
N TYR B 730 52.48 0.77 -42.85
CA TYR B 730 52.01 -0.48 -43.42
C TYR B 730 50.50 -0.62 -43.29
N LEU B 731 49.96 -0.24 -42.13
CA LEU B 731 48.51 -0.32 -41.93
C LEU B 731 47.79 0.63 -42.89
N VAL B 732 48.34 1.82 -43.12
CA VAL B 732 47.71 2.77 -44.04
C VAL B 732 47.73 2.22 -45.45
N ILE B 733 48.84 1.62 -45.86
CA ILE B 733 48.92 1.04 -47.21
C ILE B 733 47.91 -0.10 -47.35
N ILE B 734 47.82 -0.96 -46.33
CA ILE B 734 46.86 -2.06 -46.37
C ILE B 734 45.44 -1.53 -46.43
N TRP B 735 45.14 -0.48 -45.67
CA TRP B 735 43.80 0.11 -45.68
C TRP B 735 43.47 0.70 -47.04
N ASN B 736 44.43 1.37 -47.67
CA ASN B 736 44.19 1.92 -49.01
C ASN B 736 43.93 0.81 -50.02
N LEU B 737 44.73 -0.26 -49.98
CA LEU B 737 44.53 -1.37 -50.90
C LEU B 737 43.17 -2.03 -50.67
N LEU B 738 42.81 -2.23 -49.40
CA LEU B 738 41.51 -2.83 -49.10
C LEU B 738 40.37 -1.93 -49.55
N TYR B 739 40.53 -0.61 -49.40
CA TYR B 739 39.50 0.32 -49.86
C TYR B 739 39.34 0.26 -51.36
N GLN B 740 40.45 0.20 -52.10
CA GLN B 740 40.37 0.08 -53.55
C GLN B 740 39.69 -1.22 -53.96
N THR B 741 40.05 -2.33 -53.31
CA THR B 741 39.44 -3.61 -53.63
C THR B 741 37.94 -3.60 -53.31
N VAL B 742 37.56 -2.99 -52.18
CA VAL B 742 36.16 -2.93 -51.80
C VAL B 742 35.38 -2.06 -52.77
N LEU B 743 36.00 -0.96 -53.23
CA LEU B 743 35.34 -0.12 -54.23
C LEU B 743 35.11 -0.88 -55.53
N ARG B 744 36.12 -1.63 -55.98
CA ARG B 744 35.97 -2.43 -57.18
C ARG B 744 34.87 -3.48 -57.03
N GLY B 745 34.86 -4.17 -55.88
CA GLY B 745 33.84 -5.17 -55.64
C GLY B 745 32.45 -4.59 -55.57
N LEU B 746 32.31 -3.43 -54.91
CA LEU B 746 31.01 -2.77 -54.82
C LEU B 746 30.54 -2.30 -56.20
N SER B 747 31.45 -1.79 -57.03
CA SER B 747 31.07 -1.41 -58.38
C SER B 747 30.61 -2.63 -59.19
N VAL B 748 31.32 -3.75 -59.06
CA VAL B 748 30.92 -4.95 -59.77
C VAL B 748 29.56 -5.43 -59.31
N ALA B 749 29.33 -5.43 -57.99
CA ALA B 749 28.04 -5.87 -57.46
C ALA B 749 26.91 -4.94 -57.90
N ALA B 750 27.16 -3.63 -57.91
CA ALA B 750 26.14 -2.68 -58.36
C ALA B 750 25.83 -2.88 -59.83
N ARG B 751 26.85 -3.11 -60.66
CA ARG B 751 26.61 -3.36 -62.08
C ARG B 751 25.80 -4.64 -62.28
N ARG B 752 26.13 -5.69 -61.53
CA ARG B 752 25.38 -6.94 -61.64
C ARG B 752 23.94 -6.75 -61.21
N ILE B 753 23.71 -6.02 -60.11
CA ILE B 753 22.35 -5.77 -59.63
C ILE B 753 21.56 -4.96 -60.64
N ALA B 754 22.18 -3.93 -61.23
CA ALA B 754 21.50 -3.12 -62.24
C ALA B 754 21.15 -3.95 -63.47
N ASN B 787 24.01 0.10 -53.18
CA ASN B 787 25.23 0.25 -53.96
C ASN B 787 26.18 1.26 -53.31
N GLN B 788 25.90 2.55 -53.54
CA GLN B 788 26.75 3.60 -52.97
C GLN B 788 26.69 3.58 -51.46
N GLN B 789 25.49 3.42 -50.88
CA GLN B 789 25.35 3.39 -49.43
C GLN B 789 26.07 2.19 -48.83
N THR B 790 25.93 1.01 -49.45
CA THR B 790 26.61 -0.17 -48.95
C THR B 790 28.13 -0.03 -49.05
N LEU B 791 28.62 0.54 -50.16
CA LEU B 791 30.05 0.77 -50.30
C LEU B 791 30.56 1.75 -49.24
N ARG B 792 29.79 2.82 -48.98
CA ARG B 792 30.18 3.77 -47.96
C ARG B 792 30.21 3.12 -46.57
N ILE B 793 29.22 2.27 -46.27
CA ILE B 793 29.19 1.60 -44.98
C ILE B 793 30.38 0.66 -44.84
N THR B 794 30.69 -0.10 -45.89
CA THR B 794 31.83 -1.00 -45.83
C THR B 794 33.14 -0.25 -45.67
N MET B 795 33.29 0.88 -46.39
CA MET B 795 34.49 1.68 -46.26
C MET B 795 34.61 2.27 -44.85
N LEU B 796 33.48 2.71 -44.28
CA LEU B 796 33.51 3.22 -42.92
C LEU B 796 33.91 2.14 -41.92
N LEU B 797 33.38 0.93 -42.10
CA LEU B 797 33.75 -0.17 -41.22
C LEU B 797 35.24 -0.49 -41.32
N MET B 798 35.76 -0.54 -42.55
CA MET B 798 37.17 -0.82 -42.74
C MET B 798 38.04 0.27 -42.15
N PHE B 799 37.65 1.53 -42.32
CA PHE B 799 38.41 2.64 -41.76
C PHE B 799 38.39 2.61 -40.24
N ALA B 800 37.24 2.27 -39.66
CA ALA B 800 37.16 2.15 -38.20
C ALA B 800 38.05 1.03 -37.68
N LEU B 801 38.05 -0.11 -38.37
CA LEU B 801 38.93 -1.22 -37.97
C LEU B 801 40.39 -0.82 -38.07
N PHE B 802 40.76 -0.15 -39.16
CA PHE B 802 42.16 0.28 -39.34
C PHE B 802 42.55 1.29 -38.27
N GLY B 803 41.65 2.22 -37.94
CA GLY B 803 41.96 3.19 -36.89
C GLY B 803 42.10 2.55 -35.52
N VAL B 804 41.23 1.57 -35.22
CA VAL B 804 41.34 0.86 -33.95
C VAL B 804 42.67 0.12 -33.87
N MET B 805 43.05 -0.55 -34.97
CA MET B 805 44.32 -1.26 -35.00
C MET B 805 45.49 -0.29 -34.82
N PHE B 806 45.44 0.85 -35.49
CA PHE B 806 46.51 1.84 -35.36
C PHE B 806 46.60 2.37 -33.94
N TRP B 807 45.45 2.66 -33.32
CA TRP B 807 45.45 3.15 -31.95
C TRP B 807 46.04 2.10 -31.00
N ALA B 808 45.68 0.84 -31.18
CA ALA B 808 46.22 -0.22 -30.35
C ALA B 808 47.65 -0.61 -30.73
N ILE B 809 48.17 -0.09 -31.83
CA ILE B 809 49.49 -0.47 -32.34
C ILE B 809 50.49 0.68 -32.25
N TRP B 810 50.06 1.91 -32.54
CA TRP B 810 50.98 3.04 -32.51
C TRP B 810 51.50 3.32 -31.11
N SER B 811 50.80 2.86 -30.07
CA SER B 811 51.14 3.01 -28.66
C SER B 811 51.08 4.46 -28.19
N ASP B 812 50.75 5.41 -29.06
CA ASP B 812 50.60 6.80 -28.67
C ASP B 812 49.16 7.20 -28.39
N LEU B 813 48.19 6.49 -28.99
CA LEU B 813 46.79 6.75 -28.67
C LEU B 813 46.46 6.38 -27.22
N ILE B 814 47.22 5.44 -26.65
CA ILE B 814 47.05 5.13 -25.23
C ILE B 814 47.37 6.36 -24.39
N THR B 815 48.46 7.05 -24.73
CA THR B 815 48.75 8.33 -24.10
C THR B 815 47.66 9.36 -24.40
N VAL B 816 47.17 9.35 -25.64
CA VAL B 816 46.05 10.24 -25.99
C VAL B 816 44.80 9.85 -25.21
N PHE B 817 44.60 8.55 -25.00
CA PHE B 817 43.47 8.11 -24.19
C PHE B 817 43.58 8.63 -22.76
N SER B 818 44.78 8.57 -22.18
CA SER B 818 44.98 9.11 -20.84
C SER B 818 44.76 10.62 -20.81
N TYR B 819 45.24 11.33 -21.85
CA TYR B 819 45.05 12.77 -21.90
C TYR B 819 43.57 13.12 -21.97
N LEU B 820 42.81 12.39 -22.79
CA LEU B 820 41.37 12.61 -22.86
C LEU B 820 40.68 12.26 -21.55
N ASP B 821 41.16 11.23 -20.86
CA ASP B 821 40.57 10.79 -19.60
C ASP B 821 41.12 11.55 -18.40
N SER B 822 41.70 12.72 -18.60
CA SER B 822 42.31 13.51 -17.53
C SER B 822 41.73 14.91 -17.51
N ILE B 823 40.40 15.02 -17.55
CA ILE B 823 39.71 16.30 -17.50
C ILE B 823 38.46 16.13 -16.64
N THR B 824 37.72 17.23 -16.48
CA THR B 824 36.51 17.24 -15.66
C THR B 824 35.46 18.09 -16.35
N LEU B 825 34.22 17.62 -16.33
CA LEU B 825 33.12 18.37 -16.93
C LEU B 825 31.96 18.63 -15.98
N TRP B 826 31.59 17.64 -15.16
CA TRP B 826 30.49 17.80 -14.22
C TRP B 826 30.71 16.82 -13.07
N HIS B 827 30.01 17.08 -11.96
CA HIS B 827 30.16 16.27 -10.75
C HIS B 827 29.12 15.15 -10.79
N TYR B 828 29.58 13.91 -10.91
CA TYR B 828 28.73 12.74 -10.87
C TYR B 828 29.02 11.95 -9.60
N ASN B 829 28.06 11.12 -9.21
CA ASN B 829 28.19 10.29 -8.02
C ASN B 829 27.59 8.92 -8.29
N GLY B 830 28.00 7.94 -7.49
CA GLY B 830 27.46 6.60 -7.64
C GLY B 830 28.05 5.68 -6.59
N THR B 831 27.78 4.39 -6.78
CA THR B 831 28.29 3.35 -5.88
C THR B 831 29.13 2.37 -6.69
N GLU B 832 30.39 2.23 -6.32
CA GLU B 832 31.31 1.31 -6.98
C GLU B 832 31.95 0.42 -5.91
N ALA B 833 31.91 -0.89 -6.14
CA ALA B 833 32.49 -1.89 -5.23
C ALA B 833 31.94 -1.74 -3.82
N GLY B 834 30.66 -1.38 -3.70
CA GLY B 834 30.04 -1.20 -2.40
C GLY B 834 30.41 0.07 -1.67
N ALA B 835 31.11 1.00 -2.33
CA ALA B 835 31.52 2.25 -1.71
C ALA B 835 30.99 3.43 -2.51
N ALA B 836 30.52 4.45 -1.80
CA ALA B 836 29.99 5.65 -2.44
C ALA B 836 31.15 6.48 -2.98
N VAL B 837 31.21 6.63 -4.29
CA VAL B 837 32.30 7.35 -4.96
C VAL B 837 31.69 8.47 -5.79
N VAL B 838 32.22 9.67 -5.63
CA VAL B 838 31.82 10.85 -6.41
C VAL B 838 33.02 11.29 -7.23
N LYS B 839 32.83 11.39 -8.54
CA LYS B 839 33.90 11.76 -9.46
C LYS B 839 33.45 12.86 -10.41
N ASN B 840 34.27 13.15 -11.41
CA ASN B 840 33.96 14.16 -12.41
C ASN B 840 33.90 13.51 -13.79
N VAL B 841 33.22 14.19 -14.70
CA VAL B 841 33.00 13.69 -16.06
C VAL B 841 34.26 13.99 -16.86
N THR B 842 35.04 12.95 -17.15
CA THR B 842 36.26 13.12 -17.93
C THR B 842 35.93 13.49 -19.37
N MET B 843 36.83 14.26 -19.98
CA MET B 843 36.65 14.61 -21.39
C MET B 843 36.69 13.36 -22.27
N GLY B 844 37.45 12.35 -21.87
CA GLY B 844 37.42 11.09 -22.59
C GLY B 844 36.03 10.47 -22.57
N SER B 845 35.32 10.58 -21.45
CA SER B 845 33.95 10.08 -21.37
C SER B 845 33.04 10.83 -22.34
N LEU B 846 33.20 12.15 -22.42
CA LEU B 846 32.38 12.94 -23.35
C LEU B 846 32.69 12.55 -24.80
N LEU B 847 33.96 12.37 -25.11
CA LEU B 847 34.33 11.95 -26.48
C LEU B 847 33.75 10.59 -26.80
N PHE B 848 33.83 9.66 -25.85
CA PHE B 848 33.25 8.33 -26.07
C PHE B 848 31.74 8.40 -26.26
N ALA B 849 31.06 9.23 -25.47
CA ALA B 849 29.62 9.38 -25.62
C ALA B 849 29.27 9.96 -26.98
N ILE B 850 30.00 10.98 -27.41
CA ILE B 850 29.74 11.58 -28.72
C ILE B 850 29.97 10.57 -29.83
N ILE B 851 31.06 9.79 -29.71
CA ILE B 851 31.35 8.78 -30.72
C ILE B 851 30.25 7.73 -30.77
N ALA B 852 29.78 7.30 -29.59
CA ALA B 852 28.72 6.30 -29.54
C ALA B 852 27.44 6.83 -30.18
N SER B 853 27.08 8.08 -29.89
CA SER B 853 25.88 8.66 -30.49
C SER B 853 26.03 8.74 -32.01
N MET B 854 27.19 9.18 -32.49
CA MET B 854 27.40 9.32 -33.93
C MET B 854 27.32 7.96 -34.62
N VAL B 855 27.98 6.95 -34.06
CA VAL B 855 27.97 5.64 -34.70
C VAL B 855 26.58 5.02 -34.64
N ALA B 856 25.84 5.25 -33.56
CA ALA B 856 24.47 4.75 -33.50
C ALA B 856 23.60 5.38 -34.57
N TRP B 857 23.71 6.70 -34.73
CA TRP B 857 22.92 7.38 -35.75
C TRP B 857 23.32 6.95 -37.15
N ALA B 858 24.60 6.66 -37.37
CA ALA B 858 25.04 6.19 -38.68
C ALA B 858 24.57 4.78 -38.94
N LEU B 859 24.55 3.93 -37.91
CA LEU B 859 24.29 2.51 -38.13
C LEU B 859 22.80 2.21 -38.17
N ILE B 860 21.97 3.02 -37.50
CA ILE B 860 20.53 2.80 -37.58
C ILE B 860 20.04 2.95 -39.01
N ARG B 861 20.59 3.92 -39.74
CA ARG B 861 20.19 4.12 -41.13
C ARG B 861 20.94 3.17 -42.07
N ASN B 862 22.00 2.53 -41.61
CA ASN B 862 22.71 1.58 -42.46
C ASN B 862 22.17 0.17 -42.29
N LEU B 863 21.30 -0.03 -41.31
CA LEU B 863 20.72 -1.34 -41.07
C LEU B 863 19.86 -1.89 -42.20
N PRO B 864 18.90 -1.14 -42.80
CA PRO B 864 17.87 -1.79 -43.61
C PRO B 864 18.39 -2.36 -44.91
N GLY B 865 19.21 -1.62 -45.64
CA GLY B 865 19.76 -2.15 -46.89
C GLY B 865 20.69 -3.34 -46.65
N LEU B 866 21.56 -3.22 -45.64
CA LEU B 866 22.51 -4.30 -45.36
C LEU B 866 21.78 -5.55 -44.88
N LEU B 867 20.64 -5.39 -44.22
CA LEU B 867 19.82 -6.54 -43.87
C LEU B 867 19.06 -7.09 -45.07
N GLU B 868 18.51 -6.23 -45.92
CA GLU B 868 17.67 -6.68 -47.02
C GLU B 868 18.49 -7.42 -48.07
N VAL B 869 19.73 -6.98 -48.31
CA VAL B 869 20.56 -7.64 -49.31
C VAL B 869 20.81 -9.09 -48.92
N LEU B 870 20.96 -9.36 -47.62
CA LEU B 870 21.09 -10.74 -47.16
C LEU B 870 19.75 -11.45 -47.17
N VAL B 871 18.69 -10.78 -46.73
CA VAL B 871 17.38 -11.42 -46.65
C VAL B 871 16.83 -11.72 -48.03
N LEU B 872 17.06 -10.82 -48.99
CA LEU B 872 16.58 -11.07 -50.36
C LEU B 872 17.20 -12.33 -50.93
N SER B 873 18.41 -12.69 -50.50
CA SER B 873 19.02 -13.94 -50.93
C SER B 873 18.44 -15.14 -50.19
N ARG B 874 17.65 -14.91 -49.13
CA ARG B 874 17.05 -16.00 -48.38
C ARG B 874 15.68 -16.40 -48.90
N LEU B 875 15.22 -15.81 -50.01
CA LEU B 875 13.92 -16.09 -50.62
C LEU B 875 12.76 -15.76 -49.69
N ASN B 876 13.02 -14.93 -48.67
CA ASN B 876 12.01 -14.46 -47.73
C ASN B 876 11.35 -15.59 -46.95
N MET B 877 10.49 -15.23 -45.99
CA MET B 877 9.73 -16.20 -45.22
C MET B 877 8.26 -15.85 -45.06
N ARG B 878 7.84 -14.64 -45.42
CA ARG B 878 6.45 -14.20 -45.27
C ARG B 878 6.27 -12.94 -46.12
N GLN B 879 5.08 -12.35 -46.01
CA GLN B 879 4.78 -11.15 -46.80
C GLN B 879 5.60 -9.96 -46.35
N GLY B 880 5.77 -9.77 -45.04
CA GLY B 880 6.54 -8.65 -44.52
C GLY B 880 7.49 -9.07 -43.40
N ALA B 881 7.94 -10.33 -43.40
CA ALA B 881 8.89 -10.77 -42.39
C ALA B 881 10.20 -10.00 -42.49
N SER B 882 10.63 -9.69 -43.71
CA SER B 882 11.84 -8.89 -43.88
C SER B 882 11.69 -7.51 -43.25
N TYR B 883 10.57 -6.83 -43.55
CA TYR B 883 10.35 -5.51 -42.96
C TYR B 883 10.31 -5.60 -41.44
N ALA B 884 9.64 -6.62 -40.91
CA ALA B 884 9.56 -6.79 -39.46
C ALA B 884 10.94 -6.98 -38.85
N ILE B 885 11.78 -7.80 -39.49
CA ILE B 885 13.08 -8.08 -38.90
C ILE B 885 13.99 -6.86 -38.96
N THR B 886 13.95 -6.11 -40.07
CA THR B 886 14.76 -4.88 -40.12
C THR B 886 14.29 -3.88 -39.08
N THR B 887 12.98 -3.76 -38.89
CA THR B 887 12.50 -2.87 -37.83
C THR B 887 12.97 -3.34 -36.47
N ILE B 888 12.97 -4.65 -36.22
CA ILE B 888 13.38 -5.15 -34.92
C ILE B 888 14.86 -4.86 -34.67
N LEU B 889 15.71 -5.07 -35.68
CA LEU B 889 17.12 -4.73 -35.50
C LEU B 889 17.30 -3.23 -35.30
N ASN B 890 16.53 -2.41 -36.02
CA ASN B 890 16.55 -0.97 -35.78
C ASN B 890 16.27 -0.67 -34.31
N TYR B 891 15.27 -1.33 -33.76
CA TYR B 891 14.80 -1.00 -32.43
C TYR B 891 15.83 -1.44 -31.40
N ILE B 892 16.39 -2.64 -31.57
CA ILE B 892 17.44 -3.12 -30.67
C ILE B 892 18.67 -2.22 -30.75
N ILE B 893 19.01 -1.76 -31.95
CA ILE B 893 20.18 -0.91 -32.11
C ILE B 893 19.97 0.41 -31.38
N ILE B 894 18.79 1.01 -31.50
CA ILE B 894 18.55 2.27 -30.81
C ILE B 894 18.55 2.06 -29.30
N ALA B 895 18.04 0.91 -28.85
CA ALA B 895 18.04 0.63 -27.41
C ALA B 895 19.45 0.50 -26.87
N VAL B 896 20.30 -0.26 -27.57
CA VAL B 896 21.67 -0.45 -27.11
C VAL B 896 22.45 0.86 -27.19
N GLY B 897 22.16 1.69 -28.20
CA GLY B 897 22.83 2.98 -28.28
C GLY B 897 22.46 3.88 -27.12
N ALA B 898 21.17 3.94 -26.79
CA ALA B 898 20.74 4.75 -25.65
C ALA B 898 21.35 4.23 -24.36
N MET B 899 21.40 2.91 -24.19
CA MET B 899 21.97 2.34 -22.97
C MET B 899 23.45 2.70 -22.86
N THR B 900 24.20 2.58 -23.96
CA THR B 900 25.61 2.91 -23.94
C THR B 900 25.82 4.39 -23.65
N VAL B 901 25.03 5.25 -24.29
CA VAL B 901 25.20 6.69 -24.10
C VAL B 901 24.92 7.09 -22.65
N PHE B 902 23.82 6.59 -22.09
CA PHE B 902 23.50 6.90 -20.71
C PHE B 902 24.50 6.29 -19.73
N GLY B 903 25.06 5.13 -20.07
CA GLY B 903 26.14 4.58 -19.25
C GLY B 903 27.39 5.44 -19.31
N SER B 904 27.74 5.92 -20.50
CA SER B 904 28.90 6.81 -20.64
C SER B 904 28.69 8.10 -19.87
N LEU B 905 27.49 8.68 -19.94
CA LEU B 905 27.19 9.86 -19.16
C LEU B 905 27.17 9.56 -17.66
N GLY B 906 26.89 8.32 -17.27
CA GLY B 906 26.88 7.92 -15.88
C GLY B 906 25.65 8.27 -15.10
N VAL B 907 24.74 9.08 -15.66
CA VAL B 907 23.52 9.43 -14.96
C VAL B 907 22.55 8.26 -14.89
N SER B 908 22.78 7.23 -15.70
CA SER B 908 21.88 6.07 -15.71
C SER B 908 21.96 5.28 -14.41
N TRP B 909 23.01 5.50 -13.61
CA TRP B 909 23.12 4.81 -12.33
C TRP B 909 21.98 5.19 -11.39
N ASP B 910 21.64 6.47 -11.31
CA ASP B 910 20.54 6.92 -10.48
C ASP B 910 19.23 7.06 -11.23
N LYS B 911 19.23 6.77 -12.54
CA LYS B 911 18.02 6.91 -13.34
C LYS B 911 16.97 5.87 -13.01
N LEU B 912 17.32 4.84 -12.25
CA LEU B 912 16.35 3.80 -11.86
C LEU B 912 15.42 4.27 -10.76
N GLN B 913 15.34 5.58 -10.50
CA GLN B 913 14.46 6.10 -9.46
C GLN B 913 13.10 6.50 -10.02
N TRP B 914 13.08 7.42 -10.98
CA TRP B 914 11.81 8.00 -11.43
C TRP B 914 11.25 7.26 -12.64
N LEU B 915 11.99 7.24 -13.74
CA LEU B 915 11.50 6.59 -14.96
C LEU B 915 11.37 5.09 -14.82
N ALA B 916 11.96 4.50 -13.78
CA ALA B 916 11.86 3.05 -13.59
C ALA B 916 10.42 2.62 -13.36
N ALA B 917 9.67 3.38 -12.57
CA ALA B 917 8.27 3.03 -12.33
C ALA B 917 7.46 3.11 -13.61
N ALA B 918 7.70 4.14 -14.43
CA ALA B 918 6.99 4.26 -15.69
C ALA B 918 7.32 3.10 -16.62
N LEU B 919 8.60 2.74 -16.71
CA LEU B 919 8.98 1.59 -17.52
C LEU B 919 8.32 0.32 -17.00
N SER B 920 8.27 0.16 -15.68
CA SER B 920 7.66 -1.03 -15.09
C SER B 920 6.19 -1.14 -15.46
N VAL B 921 5.43 -0.05 -15.31
CA VAL B 921 4.01 -0.13 -15.63
C VAL B 921 3.79 -0.30 -17.13
N GLY B 922 4.65 0.34 -17.95
CA GLY B 922 4.51 0.19 -19.39
C GLY B 922 4.71 -1.24 -19.84
N LEU B 923 5.74 -1.90 -19.30
CA LEU B 923 5.95 -3.31 -19.62
C LEU B 923 4.85 -4.18 -19.01
N SER B 924 4.36 -3.80 -17.83
CA SER B 924 3.35 -4.60 -17.14
C SER B 924 2.05 -4.63 -17.93
N PHE B 925 1.65 -3.50 -18.52
CA PHE B 925 0.42 -3.48 -19.31
C PHE B 925 0.49 -4.52 -20.42
N GLY B 926 1.56 -4.49 -21.22
CA GLY B 926 1.66 -5.41 -22.33
C GLY B 926 1.79 -6.86 -21.90
N LEU B 927 2.61 -7.13 -20.89
CA LEU B 927 2.76 -8.51 -20.42
C LEU B 927 1.46 -9.03 -19.83
N GLN B 928 0.70 -8.18 -19.13
CA GLN B 928 -0.60 -8.58 -18.62
C GLN B 928 -1.57 -8.87 -19.76
N GLU B 929 -1.55 -8.05 -20.81
CA GLU B 929 -2.40 -8.32 -21.96
C GLU B 929 -2.07 -9.67 -22.57
N ILE B 930 -0.78 -9.94 -22.78
CA ILE B 930 -0.35 -11.20 -23.39
C ILE B 930 -0.78 -12.37 -22.52
N PHE B 931 -0.57 -12.27 -21.20
CA PHE B 931 -0.86 -13.40 -20.33
C PHE B 931 -2.35 -13.60 -20.13
N GLY B 932 -3.13 -12.51 -20.14
CA GLY B 932 -4.57 -12.66 -20.10
C GLY B 932 -5.10 -13.35 -21.34
N ASN B 933 -4.55 -12.99 -22.51
CA ASN B 933 -4.92 -13.71 -23.72
C ASN B 933 -4.46 -15.16 -23.67
N PHE B 934 -3.32 -15.42 -23.01
CA PHE B 934 -2.88 -16.79 -22.78
C PHE B 934 -3.91 -17.60 -21.99
N VAL B 935 -4.36 -17.07 -20.86
CA VAL B 935 -5.33 -17.81 -20.06
C VAL B 935 -6.66 -17.91 -20.78
N SER B 936 -7.03 -16.90 -21.58
CA SER B 936 -8.26 -17.00 -22.36
C SER B 936 -8.15 -18.13 -23.39
N GLY B 937 -7.01 -18.25 -24.06
CA GLY B 937 -6.82 -19.36 -24.96
C GLY B 937 -6.86 -20.70 -24.25
N LEU B 938 -6.28 -20.76 -23.04
CA LEU B 938 -6.29 -22.01 -22.29
C LEU B 938 -7.72 -22.42 -21.93
N ILE B 939 -8.53 -21.47 -21.47
CA ILE B 939 -9.89 -21.82 -21.07
C ILE B 939 -10.74 -22.13 -22.29
N ILE B 940 -10.47 -21.48 -23.42
CA ILE B 940 -11.17 -21.82 -24.66
C ILE B 940 -10.82 -23.23 -25.09
N LEU B 941 -9.55 -23.61 -24.96
CA LEU B 941 -9.15 -24.96 -25.35
C LEU B 941 -9.70 -26.03 -24.41
N PHE B 942 -9.81 -25.71 -23.12
CA PHE B 942 -10.30 -26.72 -22.17
C PHE B 942 -11.83 -26.79 -22.16
N GLU B 943 -12.49 -25.69 -21.79
CA GLU B 943 -13.95 -25.70 -21.68
C GLU B 943 -14.61 -25.92 -23.03
N ARG B 944 -14.03 -25.37 -24.09
CA ARG B 944 -14.49 -25.54 -25.46
C ARG B 944 -15.91 -25.03 -25.68
N PRO B 945 -16.14 -23.72 -25.65
CA PRO B 945 -17.43 -23.20 -26.10
C PRO B 945 -17.49 -23.15 -27.62
N VAL B 946 -16.32 -22.97 -28.24
CA VAL B 946 -16.19 -22.96 -29.69
C VAL B 946 -15.08 -23.94 -30.07
N ARG B 947 -15.11 -24.42 -31.30
CA ARG B 947 -14.13 -25.38 -31.79
C ARG B 947 -13.85 -25.11 -33.26
N ILE B 948 -13.14 -26.04 -33.90
CA ILE B 948 -12.79 -25.90 -35.31
C ILE B 948 -13.86 -26.56 -36.16
N GLY B 949 -14.40 -25.82 -37.10
CA GLY B 949 -15.38 -26.36 -38.02
C GLY B 949 -16.81 -26.26 -37.54
N ASP B 950 -17.23 -25.06 -37.15
CA ASP B 950 -18.62 -24.82 -36.76
C ASP B 950 -18.95 -23.35 -36.97
N THR B 951 -20.09 -23.09 -37.61
CA THR B 951 -20.51 -21.72 -37.83
C THR B 951 -20.80 -21.02 -36.51
N VAL B 952 -20.40 -19.76 -36.42
CA VAL B 952 -20.55 -18.98 -35.21
C VAL B 952 -20.61 -17.51 -35.60
N THR B 953 -21.42 -16.75 -34.86
CA THR B 953 -21.56 -15.31 -35.07
C THR B 953 -21.30 -14.59 -33.75
N ILE B 954 -20.45 -13.57 -33.80
CA ILE B 954 -20.15 -12.73 -32.65
C ILE B 954 -20.23 -11.28 -33.10
N GLY B 955 -21.26 -10.57 -32.65
CA GLY B 955 -21.42 -9.18 -33.04
C GLY B 955 -21.65 -8.99 -34.52
N SER B 956 -22.56 -9.78 -35.10
CA SER B 956 -22.93 -9.74 -36.51
C SER B 956 -21.78 -10.14 -37.43
N PHE B 957 -20.83 -10.94 -36.93
CA PHE B 957 -19.72 -11.46 -37.73
C PHE B 957 -19.89 -12.97 -37.80
N SER B 958 -20.51 -13.45 -38.88
CA SER B 958 -20.84 -14.86 -39.04
C SER B 958 -19.77 -15.55 -39.87
N GLY B 959 -19.32 -16.72 -39.39
CA GLY B 959 -18.35 -17.47 -40.16
C GLY B 959 -17.93 -18.72 -39.42
N THR B 960 -17.04 -19.48 -40.06
CA THR B 960 -16.55 -20.75 -39.52
C THR B 960 -15.19 -20.55 -38.87
N VAL B 961 -15.03 -21.08 -37.67
CA VAL B 961 -13.77 -20.92 -36.94
C VAL B 961 -12.71 -21.81 -37.57
N SER B 962 -11.52 -21.25 -37.84
CA SER B 962 -10.48 -21.97 -38.54
C SER B 962 -9.18 -22.11 -37.76
N LYS B 963 -8.99 -21.38 -36.66
CA LYS B 963 -7.76 -21.50 -35.89
C LYS B 963 -7.98 -20.93 -34.50
N ILE B 964 -7.36 -21.56 -33.50
CA ILE B 964 -7.41 -21.09 -32.12
C ILE B 964 -5.97 -21.02 -31.63
N ARG B 965 -5.45 -19.80 -31.46
CA ARG B 965 -4.06 -19.57 -31.08
C ARG B 965 -3.99 -18.52 -29.99
N ILE B 966 -2.78 -18.04 -29.71
CA ILE B 966 -2.62 -16.99 -28.71
C ILE B 966 -3.32 -15.74 -29.19
N ARG B 967 -4.19 -15.18 -28.33
CA ARG B 967 -4.66 -13.82 -28.50
C ARG B 967 -5.53 -13.64 -29.75
N ALA B 968 -5.65 -14.68 -30.57
CA ALA B 968 -6.31 -14.52 -31.85
C ALA B 968 -7.05 -15.80 -32.21
N THR B 969 -8.29 -15.63 -32.66
CA THR B 969 -9.07 -16.71 -33.25
C THR B 969 -9.55 -16.24 -34.61
N THR B 970 -9.33 -17.06 -35.63
CA THR B 970 -9.66 -16.69 -36.99
C THR B 970 -11.03 -17.25 -37.35
N ILE B 971 -11.89 -16.38 -37.86
CA ILE B 971 -13.23 -16.76 -38.32
C ILE B 971 -13.31 -16.43 -39.79
N THR B 972 -13.40 -17.46 -40.63
CA THR B 972 -13.57 -17.26 -42.06
C THR B 972 -15.02 -16.93 -42.33
N ASP B 973 -15.28 -15.70 -42.76
CA ASP B 973 -16.63 -15.24 -43.03
C ASP B 973 -17.09 -15.82 -44.36
N PHE B 974 -18.41 -15.83 -44.57
CA PHE B 974 -18.97 -16.37 -45.80
C PHE B 974 -18.48 -15.63 -47.03
N ASP B 975 -18.01 -14.39 -46.88
CA ASP B 975 -17.46 -13.61 -47.97
C ASP B 975 -15.96 -13.82 -48.13
N ARG B 976 -15.41 -14.87 -47.52
CA ARG B 976 -13.97 -15.13 -47.51
C ARG B 976 -13.21 -13.94 -46.92
N LYS B 977 -13.60 -13.60 -45.69
CA LYS B 977 -13.03 -12.44 -45.00
C LYS B 977 -12.67 -12.91 -43.59
N GLU B 978 -11.37 -13.02 -43.33
CA GLU B 978 -10.90 -13.55 -42.05
C GLU B 978 -11.00 -12.50 -40.96
N VAL B 979 -11.70 -12.86 -39.88
CA VAL B 979 -11.87 -12.01 -38.71
C VAL B 979 -10.93 -12.51 -37.63
N ILE B 980 -10.08 -11.62 -37.12
CA ILE B 980 -9.14 -11.96 -36.07
C ILE B 980 -9.75 -11.45 -34.76
N ILE B 981 -10.50 -12.32 -34.09
CA ILE B 981 -11.15 -11.95 -32.84
C ILE B 981 -10.17 -12.16 -31.70
N PRO B 982 -10.01 -11.18 -30.80
CA PRO B 982 -9.14 -11.38 -29.64
C PRO B 982 -9.68 -12.47 -28.73
N ASN B 983 -8.77 -13.06 -27.96
CA ASN B 983 -9.10 -14.24 -27.18
C ASN B 983 -10.08 -13.94 -26.04
N LYS B 984 -9.98 -12.77 -25.42
CA LYS B 984 -10.88 -12.46 -24.31
C LYS B 984 -12.32 -12.28 -24.78
N ALA B 985 -12.51 -11.91 -26.05
CA ALA B 985 -13.86 -11.65 -26.54
C ALA B 985 -14.73 -12.90 -26.52
N PHE B 986 -14.15 -14.06 -26.84
CA PHE B 986 -14.92 -15.30 -26.83
C PHE B 986 -15.43 -15.62 -25.44
N VAL B 987 -14.58 -15.46 -24.42
CA VAL B 987 -15.00 -15.75 -23.05
C VAL B 987 -15.99 -14.72 -22.54
N THR B 988 -15.75 -13.44 -22.83
CA THR B 988 -16.55 -12.37 -22.25
C THR B 988 -17.85 -12.11 -22.99
N GLU B 989 -17.85 -12.12 -24.32
CA GLU B 989 -19.03 -11.77 -25.08
C GLU B 989 -19.96 -12.98 -25.20
N ARG B 990 -21.01 -12.84 -26.01
CA ARG B 990 -22.02 -13.88 -26.21
C ARG B 990 -21.82 -14.50 -27.58
N LEU B 991 -21.75 -15.83 -27.62
CA LEU B 991 -21.54 -16.55 -28.87
C LEU B 991 -22.83 -17.18 -29.36
N ILE B 992 -23.05 -17.10 -30.66
CA ILE B 992 -24.16 -17.79 -31.31
C ILE B 992 -23.53 -18.98 -32.04
N ASN B 993 -23.48 -20.13 -31.36
CA ASN B 993 -22.87 -21.32 -31.92
C ASN B 993 -23.93 -22.07 -32.72
N TRP B 994 -23.84 -21.96 -34.05
CA TRP B 994 -24.85 -22.59 -34.90
C TRP B 994 -24.82 -24.11 -34.77
N SER B 995 -23.63 -24.69 -34.71
CA SER B 995 -23.45 -26.14 -34.69
C SER B 995 -22.72 -26.51 -33.40
N LEU B 996 -23.46 -26.86 -32.37
CA LEU B 996 -22.90 -27.33 -31.13
C LEU B 996 -23.32 -28.74 -30.74
N THR B 997 -24.61 -29.08 -30.90
CA THR B 997 -25.08 -30.41 -30.55
C THR B 997 -25.65 -31.16 -31.76
N ASP B 998 -26.59 -30.57 -32.49
CA ASP B 998 -27.30 -31.29 -33.53
C ASP B 998 -27.07 -30.75 -34.93
N THR B 999 -26.48 -29.56 -35.07
CA THR B 999 -26.24 -28.91 -36.35
C THR B 999 -27.53 -28.64 -37.10
N THR B 1000 -28.66 -28.95 -36.48
CA THR B 1000 -29.96 -28.71 -37.10
C THR B 1000 -30.28 -27.22 -37.10
N THR B 1001 -31.10 -26.80 -38.06
CA THR B 1001 -31.56 -25.43 -38.09
C THR B 1001 -32.96 -25.42 -38.69
N ARG B 1002 -33.65 -24.30 -38.54
CA ARG B 1002 -34.97 -24.13 -39.12
C ARG B 1002 -34.99 -22.87 -39.97
N LEU B 1003 -35.70 -22.94 -41.10
CA LEU B 1003 -35.81 -21.82 -42.01
C LEU B 1003 -37.29 -21.51 -42.26
N VAL B 1004 -37.54 -20.24 -42.54
CA VAL B 1004 -38.89 -19.72 -42.71
C VAL B 1004 -39.03 -19.13 -44.10
N ILE B 1005 -40.22 -19.23 -44.66
CA ILE B 1005 -40.54 -18.72 -45.98
C ILE B 1005 -41.76 -17.82 -45.86
N ARG B 1006 -41.66 -16.60 -46.41
CA ARG B 1006 -42.75 -15.65 -46.45
C ARG B 1006 -43.58 -15.86 -47.71
N LEU B 1007 -44.84 -15.45 -47.64
CA LEU B 1007 -45.66 -15.39 -48.85
C LEU B 1007 -46.80 -14.42 -48.60
N GLY B 1008 -47.15 -13.67 -49.64
CA GLY B 1008 -48.27 -12.73 -49.57
C GLY B 1008 -49.39 -13.20 -50.47
N VAL B 1009 -50.61 -13.16 -49.96
CA VAL B 1009 -51.78 -13.68 -50.66
C VAL B 1009 -52.84 -12.59 -50.75
N ALA B 1010 -53.50 -12.51 -51.89
CA ALA B 1010 -54.52 -11.49 -52.13
C ALA B 1010 -55.72 -11.71 -51.22
N TYR B 1011 -56.44 -10.62 -50.95
CA TYR B 1011 -57.60 -10.64 -50.06
C TYR B 1011 -58.78 -11.48 -50.51
N GLY B 1012 -59.07 -11.48 -51.80
CA GLY B 1012 -60.21 -12.20 -52.30
C GLY B 1012 -59.94 -13.64 -52.69
N SER B 1013 -59.19 -14.37 -51.86
CA SER B 1013 -58.86 -15.76 -52.12
C SER B 1013 -58.98 -16.58 -50.84
N ASP B 1014 -59.14 -17.88 -51.04
CA ASP B 1014 -59.30 -18.87 -49.98
C ASP B 1014 -58.06 -19.04 -49.17
N LEU B 1015 -58.20 -19.52 -47.94
CA LEU B 1015 -57.05 -19.71 -47.07
C LEU B 1015 -56.80 -21.18 -46.76
N GLU B 1016 -57.25 -22.06 -47.63
CA GLU B 1016 -56.97 -23.49 -47.46
C GLU B 1016 -56.25 -24.09 -48.65
N LYS B 1017 -56.59 -23.69 -49.88
CA LYS B 1017 -55.80 -24.09 -51.04
C LYS B 1017 -54.38 -23.57 -50.91
N VAL B 1018 -54.22 -22.34 -50.42
CA VAL B 1018 -52.89 -21.79 -50.19
C VAL B 1018 -52.14 -22.63 -49.17
N ARG B 1019 -52.81 -23.02 -48.08
CA ARG B 1019 -52.16 -23.83 -47.06
C ARG B 1019 -51.71 -25.17 -47.61
N LYS B 1020 -52.57 -25.83 -48.39
CA LYS B 1020 -52.20 -27.12 -48.96
C LYS B 1020 -51.06 -26.97 -49.97
N VAL B 1021 -51.07 -25.89 -50.75
CA VAL B 1021 -49.99 -25.65 -51.71
C VAL B 1021 -48.67 -25.46 -50.98
N LEU B 1022 -48.68 -24.64 -49.92
CA LEU B 1022 -47.46 -24.41 -49.16
C LEU B 1022 -46.95 -25.70 -48.51
N LEU B 1023 -47.86 -26.50 -47.96
CA LEU B 1023 -47.43 -27.73 -47.29
C LEU B 1023 -46.97 -28.80 -48.26
N LYS B 1024 -47.46 -28.79 -49.51
CA LYS B 1024 -47.03 -29.78 -50.49
C LYS B 1024 -45.54 -29.67 -50.77
N ALA B 1025 -45.04 -28.44 -50.93
CA ALA B 1025 -43.63 -28.26 -51.20
C ALA B 1025 -42.76 -28.79 -50.06
N ALA B 1026 -43.16 -28.51 -48.82
CA ALA B 1026 -42.39 -29.00 -47.68
C ALA B 1026 -42.45 -30.51 -47.57
N THR B 1027 -43.62 -31.11 -47.80
CA THR B 1027 -43.75 -32.55 -47.66
C THR B 1027 -42.98 -33.31 -48.73
N GLU B 1028 -43.04 -32.84 -49.98
CA GLU B 1028 -42.41 -33.55 -51.09
C GLU B 1028 -41.01 -33.05 -51.40
N HIS B 1029 -40.28 -32.58 -50.40
CA HIS B 1029 -38.90 -32.15 -50.59
C HIS B 1029 -37.97 -33.11 -49.86
N PRO B 1030 -37.04 -33.76 -50.55
CA PRO B 1030 -36.22 -34.80 -49.89
C PRO B 1030 -35.21 -34.26 -48.90
N ARG B 1031 -35.20 -32.94 -48.68
CA ARG B 1031 -34.24 -32.34 -47.76
C ARG B 1031 -34.90 -31.66 -46.57
N VAL B 1032 -36.17 -31.92 -46.30
CA VAL B 1032 -36.90 -31.33 -45.19
C VAL B 1032 -37.18 -32.42 -44.18
N MET B 1033 -36.82 -32.17 -42.92
CA MET B 1033 -36.99 -33.18 -41.88
C MET B 1033 -38.45 -33.49 -41.66
N HIS B 1034 -38.70 -34.52 -40.86
CA HIS B 1034 -40.06 -34.96 -40.56
C HIS B 1034 -40.38 -35.02 -39.08
N GLU B 1035 -39.40 -35.27 -38.21
CA GLU B 1035 -39.69 -35.30 -36.78
C GLU B 1035 -40.17 -33.93 -36.28
N PRO B 1036 -39.51 -32.81 -36.58
CA PRO B 1036 -40.18 -31.52 -36.43
C PRO B 1036 -40.96 -31.18 -37.69
N MET B 1037 -42.17 -31.74 -37.80
CA MET B 1037 -42.91 -31.67 -39.05
C MET B 1037 -43.15 -30.21 -39.44
N PRO B 1038 -42.98 -29.86 -40.71
CA PRO B 1038 -43.24 -28.48 -41.14
C PRO B 1038 -44.69 -28.09 -40.95
N GLU B 1039 -44.89 -26.82 -40.61
CA GLU B 1039 -46.20 -26.26 -40.39
C GLU B 1039 -46.39 -25.00 -41.21
N VAL B 1040 -47.63 -24.62 -41.42
CA VAL B 1040 -47.97 -23.41 -42.15
C VAL B 1040 -48.76 -22.49 -41.23
N PHE B 1041 -48.40 -21.21 -41.23
CA PHE B 1041 -49.03 -20.23 -40.34
C PHE B 1041 -49.58 -19.07 -41.15
N PHE B 1042 -50.67 -18.49 -40.64
CA PHE B 1042 -51.26 -17.25 -41.16
C PHE B 1042 -51.20 -16.27 -40.00
N THR B 1043 -50.18 -15.42 -40.00
CA THR B 1043 -49.81 -14.66 -38.81
C THR B 1043 -49.97 -13.16 -38.93
N ALA B 1044 -50.37 -12.65 -40.08
CA ALA B 1044 -50.50 -11.20 -40.19
C ALA B 1044 -51.51 -10.72 -41.23
N PHE B 1045 -52.29 -9.72 -40.85
CA PHE B 1045 -53.23 -9.13 -41.77
C PHE B 1045 -52.40 -7.98 -42.32
N GLY B 1046 -51.97 -8.12 -43.57
CA GLY B 1046 -51.14 -7.11 -44.18
C GLY B 1046 -51.93 -5.98 -44.78
N ALA B 1047 -51.29 -4.83 -44.92
CA ALA B 1047 -51.95 -3.68 -45.52
C ALA B 1047 -52.54 -4.00 -46.88
N SER B 1048 -51.89 -4.88 -47.65
CA SER B 1048 -52.42 -5.28 -48.94
C SER B 1048 -52.43 -6.79 -49.16
N THR B 1049 -51.63 -7.57 -48.46
CA THR B 1049 -51.60 -9.01 -48.64
C THR B 1049 -51.61 -9.69 -47.27
N LEU B 1050 -52.43 -10.74 -47.15
CA LEU B 1050 -52.35 -11.60 -45.98
C LEU B 1050 -51.01 -12.32 -45.99
N ASP B 1051 -50.36 -12.39 -44.83
CA ASP B 1051 -49.02 -12.94 -44.73
C ASP B 1051 -49.08 -14.38 -44.25
N HIS B 1052 -48.52 -15.29 -45.04
CA HIS B 1052 -48.37 -16.68 -44.67
C HIS B 1052 -46.90 -16.98 -44.42
N GLU B 1053 -46.63 -17.74 -43.36
CA GLU B 1053 -45.28 -18.06 -42.95
C GLU B 1053 -45.14 -19.57 -42.85
N LEU B 1054 -44.09 -20.11 -43.46
CA LEU B 1054 -43.81 -21.54 -43.46
C LEU B 1054 -42.53 -21.80 -42.71
N ARG B 1055 -42.57 -22.73 -41.75
CA ARG B 1055 -41.40 -23.10 -40.97
C ARG B 1055 -41.04 -24.55 -41.27
N LEU B 1056 -39.77 -24.81 -41.56
CA LEU B 1056 -39.35 -26.18 -41.81
C LEU B 1056 -37.90 -26.35 -41.42
N TYR B 1057 -37.56 -27.55 -40.98
CA TYR B 1057 -36.25 -27.83 -40.41
C TYR B 1057 -35.36 -28.54 -41.43
N VAL B 1058 -34.05 -28.32 -41.30
CA VAL B 1058 -33.04 -28.91 -42.15
C VAL B 1058 -31.87 -29.37 -41.28
N ARG B 1059 -31.31 -30.54 -41.63
CA ARG B 1059 -30.24 -31.14 -40.84
C ARG B 1059 -28.89 -30.50 -41.15
N GLU B 1060 -28.45 -30.61 -42.40
CA GLU B 1060 -27.15 -30.08 -42.79
C GLU B 1060 -27.19 -28.56 -42.86
N LEU B 1061 -26.12 -27.94 -42.36
CA LEU B 1061 -26.05 -26.48 -42.38
C LEU B 1061 -25.90 -25.96 -43.80
N ARG B 1062 -25.11 -26.64 -44.62
CA ARG B 1062 -24.86 -26.19 -45.99
C ARG B 1062 -26.07 -26.33 -46.90
N ASP B 1063 -27.13 -26.99 -46.45
CA ASP B 1063 -28.32 -27.22 -47.24
C ASP B 1063 -29.28 -26.05 -47.15
N ARG B 1064 -28.99 -25.08 -46.28
CA ARG B 1064 -29.94 -24.00 -46.01
C ARG B 1064 -30.27 -23.20 -47.26
N SER B 1065 -29.25 -22.78 -48.01
CA SER B 1065 -29.48 -21.87 -49.13
C SER B 1065 -30.17 -22.55 -50.30
N ARG B 1066 -29.76 -23.77 -50.64
CA ARG B 1066 -30.37 -24.47 -51.77
C ARG B 1066 -31.84 -24.78 -51.50
N THR B 1067 -32.16 -25.18 -50.26
CA THR B 1067 -33.52 -25.58 -49.94
C THR B 1067 -34.50 -24.45 -50.14
N VAL B 1068 -34.13 -23.24 -49.72
CA VAL B 1068 -35.00 -22.08 -49.89
C VAL B 1068 -35.26 -21.83 -51.36
N ASP B 1069 -34.22 -21.94 -52.19
CA ASP B 1069 -34.38 -21.71 -53.63
C ASP B 1069 -35.34 -22.72 -54.24
N GLU B 1070 -35.11 -24.01 -53.98
CA GLU B 1070 -35.98 -25.04 -54.56
C GLU B 1070 -37.41 -24.89 -54.07
N LEU B 1071 -37.58 -24.61 -52.78
CA LEU B 1071 -38.92 -24.45 -52.23
C LEU B 1071 -39.64 -23.26 -52.85
N ASN B 1072 -38.93 -22.15 -53.05
CA ASN B 1072 -39.55 -20.99 -53.66
C ASN B 1072 -39.94 -21.27 -55.10
N ARG B 1073 -39.09 -21.97 -55.85
CA ARG B 1073 -39.41 -22.29 -57.23
C ARG B 1073 -40.65 -23.16 -57.31
N THR B 1074 -40.70 -24.23 -56.51
CA THR B 1074 -41.86 -25.12 -56.58
C THR B 1074 -43.11 -24.44 -56.03
N ILE B 1075 -42.96 -23.54 -55.05
CA ILE B 1075 -44.11 -22.80 -54.54
C ILE B 1075 -44.68 -21.89 -55.61
N ASP B 1076 -43.81 -21.22 -56.37
CA ASP B 1076 -44.30 -20.37 -57.46
C ASP B 1076 -44.98 -21.21 -58.54
N GLN B 1077 -44.41 -22.38 -58.85
CA GLN B 1077 -45.03 -23.26 -59.84
C GLN B 1077 -46.43 -23.68 -59.38
N LEU B 1078 -46.54 -24.14 -58.14
CA LEU B 1078 -47.85 -24.52 -57.62
C LEU B 1078 -48.79 -23.32 -57.52
N CYS B 1079 -48.23 -22.13 -57.31
CA CYS B 1079 -49.04 -20.91 -57.27
C CYS B 1079 -49.70 -20.64 -58.60
N ARG B 1080 -48.92 -20.68 -59.68
CA ARG B 1080 -49.53 -20.48 -60.99
C ARG B 1080 -50.36 -21.68 -61.43
N GLU B 1081 -50.17 -22.84 -60.80
CA GLU B 1081 -50.96 -24.02 -61.14
C GLU B 1081 -52.34 -23.95 -60.51
N ASN B 1082 -52.40 -23.91 -59.18
CA ASN B 1082 -53.67 -23.91 -58.46
C ASN B 1082 -54.45 -22.62 -58.63
N ASP B 1083 -53.84 -21.59 -59.21
CA ASP B 1083 -54.49 -20.29 -59.47
C ASP B 1083 -54.94 -19.67 -58.16
N ILE B 1084 -53.94 -19.34 -57.34
CA ILE B 1084 -54.11 -18.48 -56.18
C ILE B 1084 -53.17 -17.29 -56.35
N ASN B 1085 -53.73 -16.08 -56.24
CA ASN B 1085 -53.05 -14.88 -56.71
C ASN B 1085 -52.12 -14.35 -55.62
N ILE B 1086 -50.88 -14.05 -56.00
CA ILE B 1086 -49.96 -13.30 -55.17
C ILE B 1086 -50.05 -11.84 -55.59
N ALA B 1087 -50.57 -10.99 -54.70
CA ALA B 1087 -50.95 -9.64 -55.06
C ALA B 1087 -49.86 -8.63 -54.73
N PHE B 1088 -49.82 -7.57 -55.52
CA PHE B 1088 -48.91 -6.46 -55.31
C PHE B 1088 -49.62 -5.48 -54.38
N ASN B 1089 -48.88 -4.58 -53.76
CA ASN B 1089 -49.46 -3.62 -52.84
C ASN B 1089 -50.50 -2.77 -53.59
N GLN B 1090 -51.69 -2.68 -53.02
CA GLN B 1090 -52.82 -2.02 -53.67
C GLN B 1090 -53.23 -0.78 -52.88
N LEU B 1091 -54.04 0.06 -53.53
CA LEU B 1091 -54.56 1.27 -52.91
C LEU B 1091 -55.71 1.80 -53.76
N GLU B 1092 -56.70 2.38 -53.09
CA GLU B 1092 -57.90 2.89 -53.74
C GLU B 1092 -57.82 4.40 -53.89
N VAL B 1093 -58.32 4.91 -55.00
CA VAL B 1093 -58.24 6.33 -55.34
C VAL B 1093 -59.64 6.88 -55.52
N HIS B 1094 -59.93 8.00 -54.87
CA HIS B 1094 -61.22 8.68 -54.99
C HIS B 1094 -61.01 9.90 -55.88
N LEU B 1095 -61.11 9.68 -57.19
CA LEU B 1095 -60.86 10.75 -58.15
C LEU B 1095 -62.01 11.76 -58.16
N HIS B 1096 -61.65 13.03 -58.38
CA HIS B 1096 -62.63 14.05 -58.71
C HIS B 1096 -61.92 15.10 -59.54
N ASN B 1097 -62.53 15.52 -60.64
CA ASN B 1097 -61.89 16.44 -61.57
C ASN B 1097 -62.58 17.80 -61.56
N LEU C 286 101.74 3.85 -10.31
CA LEU C 286 100.52 3.26 -9.78
C LEU C 286 100.07 3.97 -8.51
N VAL C 287 100.98 4.09 -7.54
CA VAL C 287 100.65 4.77 -6.29
C VAL C 287 100.50 6.27 -6.49
N LYS C 288 101.17 6.84 -7.49
CA LYS C 288 101.05 8.27 -7.74
C LYS C 288 99.63 8.64 -8.13
N GLN C 289 98.99 7.82 -8.96
CA GLN C 289 97.60 8.09 -9.34
C GLN C 289 96.68 8.03 -8.13
N GLU C 290 96.87 7.05 -7.25
CA GLU C 290 96.06 6.97 -6.04
C GLU C 290 96.28 8.18 -5.15
N LEU C 291 97.54 8.63 -5.02
CA LEU C 291 97.82 9.81 -4.20
C LEU C 291 97.17 11.05 -4.79
N GLU C 292 97.22 11.20 -6.12
CA GLU C 292 96.57 12.34 -6.76
C GLU C 292 95.06 12.29 -6.57
N ILE C 293 94.47 11.11 -6.68
CA ILE C 293 93.03 10.97 -6.45
C ILE C 293 92.67 11.32 -5.01
N ASN C 294 93.49 10.89 -4.06
CA ASN C 294 93.24 11.22 -2.65
C ASN C 294 93.35 12.72 -2.41
N GLN C 295 94.34 13.37 -3.04
CA GLN C 295 94.48 14.81 -2.89
C GLN C 295 93.28 15.54 -3.49
N GLN C 296 92.82 15.09 -4.66
CA GLN C 296 91.64 15.70 -5.27
C GLN C 296 90.41 15.52 -4.40
N LEU C 297 90.24 14.33 -3.82
CA LEU C 297 89.12 14.09 -2.92
C LEU C 297 89.19 14.99 -1.69
N SER C 298 90.39 15.16 -1.13
CA SER C 298 90.54 16.02 0.03
C SER C 298 90.23 17.47 -0.31
N GLN C 299 90.70 17.94 -1.46
CA GLN C 299 90.41 19.32 -1.88
C GLN C 299 88.90 19.51 -2.10
N ARG C 300 88.26 18.52 -2.74
CA ARG C 300 86.82 18.61 -2.96
C ARG C 300 86.07 18.62 -1.63
N LEU C 301 86.51 17.80 -0.67
CA LEU C 301 85.86 17.78 0.64
C LEU C 301 86.04 19.11 1.36
N ILE C 302 87.23 19.70 1.27
CA ILE C 302 87.46 21.00 1.91
C ILE C 302 86.58 22.08 1.30
N THR C 303 86.51 22.12 -0.03
CA THR C 303 85.65 23.10 -0.69
C THR C 303 84.19 22.89 -0.34
N ALA C 304 83.74 21.64 -0.30
CA ALA C 304 82.36 21.35 0.06
C ALA C 304 82.06 21.75 1.49
N THR C 305 83.01 21.52 2.41
CA THR C 305 82.81 21.92 3.80
C THR C 305 82.74 23.43 3.93
N GLU C 306 83.59 24.15 3.20
CA GLU C 306 83.54 25.61 3.25
C GLU C 306 82.21 26.12 2.70
N ASN C 307 81.75 25.56 1.58
CA ASN C 307 80.46 25.95 1.03
C ASN C 307 79.32 25.62 1.98
N GLY C 308 79.42 24.48 2.66
CA GLY C 308 78.39 24.09 3.64
C GLY C 308 78.36 25.05 4.81
N ASN C 309 79.54 25.48 5.28
CA ASN C 309 79.57 26.45 6.38
C ASN C 309 78.97 27.78 5.97
N GLN C 310 79.32 28.25 4.77
CA GLN C 310 78.73 29.49 4.28
C GLN C 310 77.22 29.37 4.15
N LEU C 311 76.75 28.23 3.61
CA LEU C 311 75.31 28.02 3.45
C LEU C 311 74.61 27.94 4.80
N MET C 312 75.25 27.31 5.79
CA MET C 312 74.66 27.23 7.11
C MET C 312 74.56 28.61 7.74
N GLN C 313 75.59 29.44 7.58
CA GLN C 313 75.53 30.80 8.10
C GLN C 313 74.40 31.58 7.44
N GLN C 314 74.29 31.48 6.10
CA GLN C 314 73.23 32.17 5.39
C GLN C 314 71.87 31.67 5.82
N ASN C 315 71.74 30.36 6.00
CA ASN C 315 70.47 29.78 6.43
C ASN C 315 70.09 30.23 7.83
N ILE C 316 71.07 30.34 8.73
CA ILE C 316 70.80 30.83 10.07
C ILE C 316 70.34 32.28 10.04
N LYS C 317 71.00 33.11 9.22
CA LYS C 317 70.57 34.50 9.08
C LYS C 317 69.15 34.58 8.53
N VAL C 318 68.86 33.76 7.52
CA VAL C 318 67.52 33.73 6.94
C VAL C 318 66.49 33.27 7.95
N LYS C 319 66.82 32.29 8.78
CA LYS C 319 65.90 31.80 9.80
C LYS C 319 65.62 32.88 10.83
N ASN C 320 66.65 33.61 11.25
CA ASN C 320 66.45 34.70 12.19
C ASN C 320 65.55 35.77 11.60
N TRP C 321 65.82 36.18 10.36
CA TRP C 321 64.98 37.16 9.70
C TRP C 321 63.55 36.65 9.54
N LEU C 322 63.39 35.36 9.26
CA LEU C 322 62.06 34.79 9.05
C LEU C 322 61.27 34.74 10.36
N GLU C 323 61.93 34.39 11.46
CA GLU C 323 61.26 34.43 12.76
C GLU C 323 60.84 35.85 13.09
N ARG C 324 61.72 36.81 12.86
CA ARG C 324 61.38 38.21 13.10
C ARG C 324 60.18 38.62 12.25
N ALA C 325 60.17 38.22 10.98
CA ALA C 325 59.07 38.55 10.10
C ALA C 325 57.76 37.90 10.55
N LEU C 326 57.82 36.65 10.99
CA LEU C 326 56.61 35.97 11.46
C LEU C 326 56.04 36.67 12.68
N GLN C 327 56.92 37.03 13.63
CA GLN C 327 56.46 37.76 14.80
C GLN C 327 55.85 39.09 14.41
N SER C 328 56.51 39.82 13.50
CA SER C 328 56.00 41.12 13.09
C SER C 328 54.67 41.00 12.37
N GLU C 329 54.51 39.96 11.53
CA GLU C 329 53.26 39.77 10.81
C GLU C 329 52.12 39.42 11.76
N ARG C 330 52.39 38.56 12.74
CA ARG C 330 51.37 38.27 13.74
C ARG C 330 50.99 39.52 14.51
N ASN C 331 51.98 40.33 14.88
CA ASN C 331 51.71 41.56 15.61
C ASN C 331 50.88 42.52 14.76
N ILE C 332 51.22 42.64 13.49
CA ILE C 332 50.47 43.53 12.60
C ILE C 332 49.04 43.06 12.43
N LYS C 333 48.84 41.75 12.30
CA LYS C 333 47.48 41.21 12.19
C LYS C 333 46.68 41.51 13.45
N GLU C 334 47.28 41.30 14.62
CA GLU C 334 46.60 41.61 15.86
C GLU C 334 46.26 43.10 15.96
N GLN C 335 47.21 43.96 15.56
CA GLN C 335 46.97 45.40 15.61
C GLN C 335 45.84 45.80 14.70
N ILE C 336 45.91 45.38 13.42
CA ILE C 336 44.85 45.70 12.48
C ILE C 336 43.52 45.13 12.90
N ALA C 337 43.53 44.06 13.70
CA ALA C 337 42.29 43.57 14.28
C ALA C 337 41.69 44.59 15.26
N VAL C 338 42.49 45.54 15.74
CA VAL C 338 42.04 46.51 16.71
C VAL C 338 42.43 47.96 16.39
N LEU C 339 43.19 48.18 15.31
CA LEU C 339 43.62 49.53 14.93
C LEU C 339 42.81 50.07 13.76
N LYS C 340 41.52 49.78 13.71
CA LYS C 340 40.68 50.25 12.61
C LYS C 340 40.54 51.77 12.65
N GLY C 341 40.51 52.38 11.46
CA GLY C 341 40.32 53.83 11.30
C GLY C 341 41.40 54.61 12.04
N SER C 342 42.64 54.42 11.60
CA SER C 342 43.79 55.12 12.16
C SER C 342 44.65 55.64 11.02
N LEU C 343 44.66 56.96 10.83
CA LEU C 343 45.45 57.54 9.75
C LEU C 343 46.94 57.29 9.98
N LEU C 344 47.42 57.49 11.21
CA LEU C 344 48.82 57.26 11.51
C LEU C 344 49.21 55.79 11.34
N LEU C 345 48.23 54.87 11.38
CA LEU C 345 48.54 53.47 11.15
C LEU C 345 49.11 53.26 9.75
N SER C 346 48.82 54.16 8.82
CA SER C 346 49.46 54.10 7.52
C SER C 346 50.97 54.29 7.65
N ARG C 347 51.40 55.23 8.49
CA ARG C 347 52.82 55.41 8.73
C ARG C 347 53.43 54.17 9.38
N ILE C 348 52.71 53.56 10.32
CA ILE C 348 53.20 52.35 10.96
C ILE C 348 53.35 51.22 9.95
N LEU C 349 52.37 51.08 9.05
CA LEU C 349 52.45 50.06 8.01
C LEU C 349 53.60 50.34 7.05
N TYR C 350 53.84 51.61 6.73
CA TYR C 350 54.98 51.96 5.89
C TYR C 350 56.29 51.60 6.57
N GLN C 351 56.39 51.87 7.86
CA GLN C 351 57.59 51.48 8.61
C GLN C 351 57.76 49.97 8.62
N GLN C 352 56.66 49.24 8.84
CA GLN C 352 56.73 47.78 8.87
C GLN C 352 57.16 47.22 7.53
N GLN C 353 56.61 47.76 6.44
CA GLN C 353 57.02 47.34 5.11
C GLN C 353 58.48 47.66 4.85
N GLN C 354 58.94 48.84 5.28
CA GLN C 354 60.34 49.19 5.17
C GLN C 354 61.23 48.25 5.98
N THR C 355 60.71 47.71 7.09
CA THR C 355 61.45 46.75 7.90
C THR C 355 61.54 45.38 7.24
N LEU C 356 60.59 45.03 6.39
CA LEU C 356 60.59 43.73 5.76
C LEU C 356 61.84 43.56 4.89
N PRO C 357 62.50 42.42 5.03
CA PRO C 357 63.67 42.13 4.22
C PRO C 357 63.26 41.73 2.81
N SER C 358 64.20 41.86 1.87
CA SER C 358 63.94 41.57 0.47
C SER C 358 64.16 40.08 0.21
N ALA C 359 63.09 39.39 -0.17
CA ALA C 359 63.15 37.96 -0.47
C ALA C 359 63.63 37.68 -1.88
N ASP C 360 63.81 38.71 -2.72
CA ASP C 360 64.27 38.49 -4.08
C ASP C 360 65.71 37.99 -4.14
N GLU C 361 66.45 38.13 -3.05
CA GLU C 361 67.85 37.69 -2.99
C GLU C 361 67.98 36.19 -2.76
N LEU C 362 66.86 35.45 -2.73
CA LEU C 362 66.90 34.01 -2.52
C LEU C 362 67.54 33.32 -3.71
N GLU C 363 68.47 32.41 -3.45
CA GLU C 363 69.15 31.65 -4.49
C GLU C 363 68.48 30.29 -4.62
N ASN C 364 67.76 30.07 -5.73
CA ASN C 364 67.08 28.81 -5.95
C ASN C 364 68.10 27.73 -6.31
N MET C 365 68.83 27.25 -5.32
CA MET C 365 69.89 26.27 -5.52
C MET C 365 69.39 24.85 -5.54
N THR C 366 68.10 24.64 -5.86
CA THR C 366 67.57 23.28 -5.96
C THR C 366 68.37 22.45 -6.96
N ASN C 367 68.84 23.06 -8.03
CA ASN C 367 69.72 22.36 -8.96
C ASN C 367 71.01 21.95 -8.28
N ARG C 368 71.58 22.82 -7.45
CA ARG C 368 72.75 22.45 -6.67
C ARG C 368 72.44 21.32 -5.70
N ILE C 369 71.21 21.27 -5.18
CA ILE C 369 70.81 20.17 -4.31
C ILE C 369 70.79 18.85 -5.07
N ALA C 370 70.26 18.86 -6.29
CA ALA C 370 70.30 17.67 -7.12
C ALA C 370 71.74 17.27 -7.45
N ASP C 371 72.59 18.27 -7.71
CA ASP C 371 74.00 17.98 -7.97
C ASP C 371 74.66 17.34 -6.77
N LEU C 372 74.33 17.83 -5.56
CA LEU C 372 74.87 17.23 -4.35
C LEU C 372 74.37 15.80 -4.17
N ARG C 373 73.09 15.57 -4.46
CA ARG C 373 72.55 14.21 -4.36
C ARG C 373 73.25 13.27 -5.33
N LEU C 374 73.47 13.72 -6.57
CA LEU C 374 74.18 12.91 -7.54
C LEU C 374 75.61 12.64 -7.11
N GLU C 375 76.29 13.67 -6.58
CA GLU C 375 77.65 13.49 -6.10
C GLU C 375 77.71 12.48 -4.95
N GLN C 376 76.73 12.55 -4.05
CA GLN C 376 76.68 11.60 -2.93
C GLN C 376 76.43 10.18 -3.44
N PHE C 377 75.54 10.02 -4.42
CA PHE C 377 75.33 8.70 -5.00
C PHE C 377 76.59 8.18 -5.66
N GLU C 378 77.32 9.05 -6.37
CA GLU C 378 78.57 8.65 -7.01
C GLU C 378 79.60 8.25 -5.96
N VAL C 379 79.68 8.99 -4.85
CA VAL C 379 80.61 8.64 -3.79
C VAL C 379 80.24 7.31 -3.16
N ASN C 380 78.95 7.05 -2.97
CA ASN C 380 78.51 5.76 -2.45
C ASN C 380 78.88 4.64 -3.40
N GLN C 381 78.70 4.85 -4.71
CA GLN C 381 79.08 3.84 -5.68
C GLN C 381 80.59 3.58 -5.65
N GLN C 382 81.38 4.65 -5.55
CA GLN C 382 82.83 4.48 -5.50
C GLN C 382 83.26 3.74 -4.24
N ARG C 383 82.63 4.05 -3.10
CA ARG C 383 82.94 3.35 -1.87
C ARG C 383 82.56 1.88 -1.95
N ASP C 384 81.40 1.58 -2.56
CA ASP C 384 80.99 0.20 -2.74
C ASP C 384 81.97 -0.54 -3.64
N ALA C 385 82.46 0.12 -4.69
CA ALA C 385 83.47 -0.49 -5.55
C ALA C 385 84.78 -0.70 -4.80
N LEU C 386 85.10 0.20 -3.87
CA LEU C 386 86.33 0.10 -3.07
C LEU C 386 86.08 -0.54 -1.71
N PHE C 387 84.90 -1.14 -1.49
CA PHE C 387 84.62 -1.79 -0.21
C PHE C 387 85.57 -2.95 0.05
N GLN C 388 85.84 -3.76 -0.97
CA GLN C 388 86.76 -4.89 -0.87
C GLN C 388 88.14 -4.39 -1.25
N SER C 389 88.94 -4.02 -0.24
CA SER C 389 90.28 -3.48 -0.50
C SER C 389 91.17 -4.52 -1.16
N ASP C 390 91.14 -5.77 -0.68
CA ASP C 390 91.98 -6.81 -1.25
C ASP C 390 91.59 -7.10 -2.70
N ALA C 391 90.29 -7.18 -2.99
CA ALA C 391 89.84 -7.44 -4.36
C ALA C 391 90.22 -6.28 -5.28
N PHE C 392 90.06 -5.05 -4.81
CA PHE C 392 90.44 -3.89 -5.61
C PHE C 392 91.94 -3.87 -5.88
N VAL C 393 92.74 -4.20 -4.88
CA VAL C 393 94.19 -4.25 -5.07
C VAL C 393 94.57 -5.34 -6.05
N ASN C 394 93.93 -6.50 -5.96
CA ASN C 394 94.21 -7.59 -6.90
C ASN C 394 93.83 -7.20 -8.32
N LYS C 395 92.68 -6.53 -8.49
CA LYS C 395 92.26 -6.08 -9.81
C LYS C 395 93.22 -5.04 -10.37
N LEU C 396 93.66 -4.11 -9.54
CA LEU C 396 94.59 -3.08 -10.00
C LEU C 396 95.96 -3.67 -10.34
N GLU C 397 96.40 -4.69 -9.60
CA GLU C 397 97.69 -5.31 -9.85
C GLU C 397 97.71 -6.16 -11.11
N GLU C 398 96.55 -6.41 -11.72
CA GLU C 398 96.51 -7.20 -12.94
C GLU C 398 97.25 -6.48 -14.06
N GLY C 399 98.00 -7.25 -14.85
CA GLY C 399 98.82 -6.75 -15.96
C GLY C 399 99.86 -5.74 -15.49
N HIS C 400 100.21 -5.77 -14.20
CA HIS C 400 101.22 -4.87 -13.66
C HIS C 400 102.15 -5.58 -12.68
N THR C 401 102.35 -6.88 -12.87
CA THR C 401 103.20 -7.65 -11.97
C THR C 401 104.67 -7.26 -12.10
N ASN C 402 105.07 -6.64 -13.20
CA ASN C 402 106.45 -6.22 -13.39
C ASN C 402 106.83 -5.04 -12.50
N GLU C 403 105.85 -4.30 -11.98
CA GLU C 403 106.10 -3.16 -11.11
C GLU C 403 105.45 -3.32 -9.74
N VAL C 404 104.87 -4.48 -9.45
CA VAL C 404 104.22 -4.74 -8.17
C VAL C 404 105.08 -5.70 -7.35
N ASN C 405 105.35 -5.32 -6.11
CA ASN C 405 106.14 -6.15 -5.19
C ASN C 405 105.37 -6.32 -3.89
N SER C 406 106.03 -6.89 -2.88
CA SER C 406 105.40 -7.06 -1.58
C SER C 406 105.06 -5.72 -0.95
N GLU C 407 105.98 -4.76 -1.03
CA GLU C 407 105.70 -3.43 -0.49
C GLU C 407 104.70 -2.67 -1.34
N VAL C 408 104.70 -2.90 -2.65
CA VAL C 408 103.77 -2.20 -3.53
C VAL C 408 102.32 -2.59 -3.23
N HIS C 409 102.07 -3.87 -2.97
CA HIS C 409 100.72 -4.31 -2.64
C HIS C 409 100.24 -3.69 -1.34
N ASP C 410 101.10 -3.65 -0.33
CA ASP C 410 100.72 -3.02 0.94
C ASP C 410 100.47 -1.53 0.78
N ALA C 411 101.32 -0.86 -0.01
CA ALA C 411 101.11 0.56 -0.25
C ALA C 411 99.80 0.82 -0.99
N LEU C 412 99.48 -0.03 -1.98
CA LEU C 412 98.22 0.12 -2.69
C LEU C 412 97.03 -0.11 -1.77
N LEU C 413 97.12 -1.12 -0.90
CA LEU C 413 96.04 -1.38 0.05
C LEU C 413 95.84 -0.20 1.00
N GLN C 414 96.95 0.36 1.51
CA GLN C 414 96.85 1.51 2.41
C GLN C 414 96.26 2.71 1.69
N VAL C 415 96.68 2.94 0.44
CA VAL C 415 96.13 4.06 -0.32
C VAL C 415 94.64 3.87 -0.58
N VAL C 416 94.22 2.64 -0.90
CA VAL C 416 92.80 2.37 -1.09
C VAL C 416 92.01 2.60 0.19
N ASP C 417 92.55 2.16 1.33
CA ASP C 417 91.87 2.38 2.60
C ASP C 417 91.75 3.86 2.91
N MET C 418 92.83 4.62 2.69
CA MET C 418 92.79 6.06 2.94
C MET C 418 91.80 6.76 2.01
N ARG C 419 91.78 6.36 0.75
CA ARG C 419 90.83 6.93 -0.19
C ARG C 419 89.39 6.63 0.21
N ARG C 420 89.14 5.40 0.67
CA ARG C 420 87.81 5.04 1.13
C ARG C 420 87.40 5.86 2.34
N GLU C 421 88.33 6.05 3.29
CA GLU C 421 88.02 6.84 4.47
C GLU C 421 87.72 8.29 4.11
N LEU C 422 88.54 8.87 3.21
CA LEU C 422 88.31 10.24 2.78
C LEU C 422 86.99 10.37 2.04
N LEU C 423 86.67 9.38 1.19
CA LEU C 423 85.40 9.40 0.48
C LEU C 423 84.23 9.32 1.45
N ASP C 424 84.34 8.48 2.48
CA ASP C 424 83.27 8.39 3.48
C ASP C 424 83.11 9.72 4.21
N GLN C 425 84.21 10.35 4.60
CA GLN C 425 84.13 11.64 5.28
C GLN C 425 83.50 12.69 4.39
N LEU C 426 83.91 12.74 3.13
CA LEU C 426 83.34 13.70 2.19
C LEU C 426 81.87 13.43 1.95
N ASN C 427 81.48 12.15 1.88
CA ASN C 427 80.07 11.80 1.69
C ASN C 427 79.24 12.22 2.87
N LYS C 428 79.74 12.02 4.09
CA LYS C 428 79.01 12.47 5.28
C LYS C 428 78.88 13.99 5.28
N GLN C 429 79.95 14.70 4.94
CA GLN C 429 79.89 16.15 4.89
C GLN C 429 78.91 16.62 3.84
N LEU C 430 78.90 15.98 2.68
CA LEU C 430 77.99 16.36 1.60
C LEU C 430 76.54 16.07 1.98
N GLY C 431 76.28 14.95 2.64
CA GLY C 431 74.93 14.65 3.08
C GLY C 431 74.44 15.65 4.12
N ASN C 432 75.31 16.01 5.06
CA ASN C 432 74.95 17.04 6.04
C ASN C 432 74.67 18.37 5.36
N GLN C 433 75.52 18.74 4.40
CA GLN C 433 75.32 19.97 3.65
C GLN C 433 74.01 19.94 2.87
N LEU C 434 73.67 18.79 2.29
CA LEU C 434 72.43 18.67 1.52
C LEU C 434 71.22 18.79 2.44
N MET C 435 71.28 18.18 3.63
CA MET C 435 70.19 18.34 4.58
C MET C 435 70.05 19.80 4.99
N MET C 436 71.17 20.47 5.27
CA MET C 436 71.13 21.88 5.64
C MET C 436 70.56 22.72 4.50
N ALA C 437 70.94 22.41 3.27
CA ALA C 437 70.44 23.15 2.12
C ALA C 437 68.96 22.90 1.89
N ILE C 438 68.49 21.67 2.11
CA ILE C 438 67.06 21.40 1.98
C ILE C 438 66.26 22.17 3.03
N ASN C 439 66.77 22.18 4.27
CA ASN C 439 66.12 22.98 5.30
C ASN C 439 66.13 24.46 4.94
N LEU C 440 67.25 24.94 4.42
CA LEU C 440 67.36 26.35 4.02
C LEU C 440 66.41 26.68 2.90
N GLN C 441 66.26 25.78 1.93
CA GLN C 441 65.33 26.01 0.83
C GLN C 441 63.89 26.02 1.30
N ILE C 442 63.53 25.10 2.20
CA ILE C 442 62.19 25.11 2.77
C ILE C 442 61.93 26.41 3.52
N ASN C 443 62.91 26.83 4.32
CA ASN C 443 62.76 28.07 5.08
C ASN C 443 62.66 29.28 4.14
N GLN C 444 63.44 29.28 3.07
CA GLN C 444 63.41 30.40 2.13
C GLN C 444 62.08 30.47 1.39
N GLN C 445 61.53 29.32 1.00
CA GLN C 445 60.22 29.30 0.37
C GLN C 445 59.16 29.79 1.35
N GLN C 446 59.24 29.33 2.61
CA GLN C 446 58.28 29.78 3.61
C GLN C 446 58.38 31.28 3.83
N LEU C 447 59.60 31.81 3.87
CA LEU C 447 59.81 33.23 4.10
C LEU C 447 59.35 34.07 2.91
N MET C 448 59.57 33.58 1.69
CA MET C 448 59.05 34.28 0.52
C MET C 448 57.53 34.30 0.54
N SER C 449 56.90 33.17 0.90
CA SER C 449 55.45 33.14 1.02
C SER C 449 54.98 34.09 2.11
N VAL C 450 55.71 34.15 3.23
CA VAL C 450 55.34 35.04 4.32
C VAL C 450 55.45 36.50 3.89
N SER C 451 56.50 36.84 3.15
CA SER C 451 56.65 38.21 2.67
C SER C 451 55.55 38.57 1.68
N LYS C 452 55.19 37.62 0.81
CA LYS C 452 54.08 37.86 -0.11
C LYS C 452 52.78 38.06 0.65
N ASN C 453 52.54 37.25 1.67
CA ASN C 453 51.35 37.40 2.49
C ASN C 453 51.37 38.72 3.25
N LEU C 454 52.54 39.17 3.68
CA LEU C 454 52.65 40.45 4.35
C LEU C 454 52.31 41.59 3.40
N LYS C 455 52.78 41.50 2.16
CA LYS C 455 52.42 42.49 1.15
C LYS C 455 50.92 42.47 0.90
N SER C 456 50.33 41.27 0.83
CA SER C 456 48.89 41.16 0.63
C SER C 456 48.13 41.79 1.79
N ILE C 457 48.59 41.56 3.01
CA ILE C 457 47.94 42.13 4.18
C ILE C 457 48.07 43.65 4.19
N LEU C 458 49.24 44.16 3.81
CA LEU C 458 49.43 45.61 3.76
C LEU C 458 48.50 46.23 2.73
N THR C 459 48.35 45.59 1.58
CA THR C 459 47.40 46.08 0.58
C THR C 459 45.98 46.03 1.10
N GLN C 460 45.62 44.93 1.77
CA GLN C 460 44.26 44.78 2.29
C GLN C 460 43.95 45.85 3.31
N GLN C 461 44.90 46.14 4.20
CA GLN C 461 44.71 47.22 5.17
C GLN C 461 44.63 48.56 4.47
N ILE C 462 45.43 48.77 3.42
CA ILE C 462 45.44 50.04 2.71
C ILE C 462 44.27 50.17 1.73
N PHE C 463 43.44 49.14 1.61
CA PHE C 463 42.36 49.15 0.62
C PHE C 463 41.37 50.28 0.87
N TRP C 464 40.64 50.22 1.97
CA TRP C 464 39.64 51.24 2.28
C TRP C 464 40.29 52.50 2.84
N ASP C 474 50.10 75.03 2.58
CA ASP C 474 49.77 73.82 3.34
C ASP C 474 50.40 72.59 2.69
N TRP C 475 49.55 71.77 2.08
CA TRP C 475 50.05 70.57 1.39
C TRP C 475 50.98 70.94 0.25
N ILE C 476 50.60 71.96 -0.55
CA ILE C 476 51.46 72.40 -1.64
C ILE C 476 52.73 73.05 -1.10
N LYS C 477 52.60 73.81 0.00
CA LYS C 477 53.78 74.44 0.59
C LYS C 477 54.78 73.40 1.06
N ALA C 478 54.31 72.33 1.70
CA ALA C 478 55.20 71.23 2.07
C ALA C 478 55.74 70.53 0.84
N PHE C 479 54.92 70.41 -0.21
CA PHE C 479 55.40 69.78 -1.44
C PHE C 479 56.55 70.52 -2.08
N PRO C 480 56.70 71.84 -1.92
CA PRO C 480 57.88 72.51 -2.49
C PRO C 480 59.20 71.95 -1.97
N GLN C 481 59.26 71.60 -0.68
CA GLN C 481 60.46 70.97 -0.15
C GLN C 481 60.57 69.52 -0.57
N SER C 482 59.42 68.81 -0.61
CA SER C 482 59.43 67.40 -1.00
C SER C 482 59.79 67.21 -2.47
N LEU C 483 59.71 68.27 -3.28
CA LEU C 483 60.08 68.15 -4.69
C LEU C 483 61.56 67.79 -4.83
N LYS C 484 62.42 68.43 -4.02
CA LYS C 484 63.84 68.10 -4.07
C LYS C 484 64.09 66.67 -3.62
N ASP C 485 63.37 66.22 -2.58
CA ASP C 485 63.52 64.85 -2.11
C ASP C 485 63.10 63.85 -3.19
N GLU C 486 61.99 64.15 -3.88
CA GLU C 486 61.54 63.27 -4.96
C GLU C 486 62.54 63.26 -6.11
N PHE C 487 63.10 64.41 -6.45
CA PHE C 487 64.10 64.47 -7.51
C PHE C 487 65.34 63.68 -7.14
N LYS C 488 65.77 63.76 -5.87
CA LYS C 488 66.89 62.96 -5.41
C LYS C 488 66.57 61.47 -5.46
N SER C 489 65.31 61.12 -5.14
CA SER C 489 64.90 59.71 -5.20
C SER C 489 64.96 59.17 -6.62
N MET C 490 64.84 60.04 -7.62
CA MET C 490 64.94 59.59 -9.01
C MET C 490 66.33 59.04 -9.30
N LYS C 491 67.37 59.70 -8.80
CA LYS C 491 68.74 59.23 -8.99
C LYS C 491 69.16 58.32 -7.85
N ILE C 505 67.02 36.90 -27.78
CA ILE C 505 65.58 36.73 -27.93
C ILE C 505 64.92 38.08 -28.23
N ALA C 506 65.31 39.12 -27.50
CA ALA C 506 64.74 40.44 -27.72
C ALA C 506 65.07 40.97 -29.12
N PHE C 507 66.32 40.79 -29.55
CA PHE C 507 66.70 41.23 -30.89
C PHE C 507 65.96 40.45 -31.97
N LEU C 508 65.80 39.14 -31.77
CA LEU C 508 65.07 38.33 -32.74
C LEU C 508 63.61 38.75 -32.82
N ALA C 509 63.00 39.04 -31.67
CA ALA C 509 61.61 39.52 -31.66
C ALA C 509 61.49 40.88 -32.34
N GLY C 510 62.46 41.77 -32.10
CA GLY C 510 62.42 43.08 -32.74
C GLY C 510 62.57 43.00 -34.25
N LEU C 511 63.55 42.21 -34.72
CA LEU C 511 63.70 42.03 -36.16
C LEU C 511 62.48 41.38 -36.79
N PRO C 512 61.90 40.33 -36.23
CA PRO C 512 60.64 39.80 -36.78
C PRO C 512 59.53 40.84 -36.79
N LEU C 513 59.46 41.68 -35.76
CA LEU C 513 58.47 42.75 -35.74
C LEU C 513 58.72 43.75 -36.87
N LEU C 514 59.98 44.08 -37.13
CA LEU C 514 60.30 44.98 -38.23
C LEU C 514 59.91 44.40 -39.57
N LEU C 515 60.20 43.11 -39.78
CA LEU C 515 59.79 42.46 -41.03
C LEU C 515 58.28 42.40 -41.16
N ILE C 516 57.59 42.14 -40.04
CA ILE C 516 56.13 42.09 -40.05
C ILE C 516 55.55 43.44 -40.43
N ALA C 517 56.12 44.52 -39.88
CA ALA C 517 55.65 45.86 -40.23
C ALA C 517 55.95 46.19 -41.69
N GLY C 518 57.12 45.78 -42.18
CA GLY C 518 57.45 46.02 -43.57
C GLY C 518 56.49 45.34 -44.52
N LEU C 519 56.13 44.09 -44.24
CA LEU C 519 55.13 43.41 -45.05
C LEU C 519 53.75 44.01 -44.84
N ILE C 520 53.45 44.44 -43.62
CA ILE C 520 52.13 44.95 -43.28
C ILE C 520 51.87 46.30 -43.91
N HIS C 521 52.91 47.05 -44.28
CA HIS C 521 52.67 48.29 -45.04
C HIS C 521 51.94 48.00 -46.34
N TRP C 522 52.49 47.08 -47.15
CA TRP C 522 51.82 46.70 -48.39
C TRP C 522 50.53 45.94 -48.13
N ARG C 523 50.50 45.12 -47.07
CA ARG C 523 49.27 44.42 -46.72
C ARG C 523 48.14 45.38 -46.42
N LEU C 524 48.44 46.45 -45.67
CA LEU C 524 47.44 47.45 -45.34
C LEU C 524 47.07 48.30 -46.55
N GLY C 525 48.02 48.57 -47.45
CA GLY C 525 47.65 49.21 -48.70
C GLY C 525 46.66 48.40 -49.49
N TRP C 526 46.92 47.09 -49.62
CA TRP C 526 46.00 46.22 -50.33
C TRP C 526 44.65 46.11 -49.62
N LEU C 527 44.68 46.07 -48.28
CA LEU C 527 43.45 46.00 -47.51
C LEU C 527 42.62 47.27 -47.68
N LYS C 528 43.28 48.44 -47.70
CA LYS C 528 42.57 49.68 -47.92
C LYS C 528 41.97 49.73 -49.33
N ALA C 529 42.70 49.25 -50.32
CA ALA C 529 42.15 49.17 -51.68
C ALA C 529 40.93 48.27 -51.71
N TYR C 530 41.01 47.10 -51.07
CA TYR C 530 39.88 46.18 -51.04
C TYR C 530 38.69 46.77 -50.31
N GLN C 531 38.94 47.46 -49.20
CA GLN C 531 37.86 48.09 -48.44
C GLN C 531 37.19 49.19 -49.25
N GLN C 532 37.97 50.00 -49.96
CA GLN C 532 37.40 51.02 -50.82
C GLN C 532 36.57 50.40 -51.93
N LYS C 533 37.06 49.31 -52.52
CA LYS C 533 36.31 48.63 -53.58
C LYS C 533 34.99 48.08 -53.04
N LEU C 534 35.02 47.50 -51.84
CA LEU C 534 33.81 46.92 -51.28
C LEU C 534 32.80 47.99 -50.87
N ALA C 535 33.28 49.09 -50.29
CA ALA C 535 32.37 50.14 -49.83
C ALA C 535 31.79 50.95 -50.98
N SER C 536 32.61 51.30 -51.97
CA SER C 536 32.15 52.08 -53.10
C SER C 536 32.97 51.78 -54.36
N THR C 549 29.80 52.15 -43.86
CA THR C 549 29.56 50.77 -44.28
C THR C 549 30.10 49.80 -43.25
N PRO C 550 29.32 48.75 -42.96
CA PRO C 550 29.78 47.72 -42.01
C PRO C 550 31.08 47.06 -42.45
N LYS C 551 31.20 46.80 -43.75
CA LYS C 551 32.43 46.21 -44.27
C LYS C 551 33.61 47.16 -44.10
N ALA C 552 33.41 48.45 -44.37
CA ALA C 552 34.47 49.43 -44.18
C ALA C 552 34.87 49.52 -42.71
N ILE C 553 33.89 49.49 -41.81
CA ILE C 553 34.19 49.55 -40.39
C ILE C 553 34.98 48.33 -39.95
N LEU C 554 34.58 47.14 -40.42
CA LEU C 554 35.30 45.93 -40.09
C LEU C 554 36.73 45.96 -40.62
N ILE C 555 36.91 46.47 -41.85
CA ILE C 555 38.24 46.57 -42.43
C ILE C 555 39.10 47.55 -41.62
N ASP C 556 38.51 48.68 -41.20
CA ASP C 556 39.26 49.63 -40.38
C ASP C 556 39.65 49.02 -39.05
N LEU C 557 38.74 48.27 -38.43
CA LEU C 557 39.06 47.60 -37.17
C LEU C 557 40.17 46.59 -37.35
N ILE C 558 40.12 45.82 -38.45
CA ILE C 558 41.16 44.83 -38.71
C ILE C 558 42.51 45.51 -38.94
N ARG C 559 42.52 46.63 -39.67
CA ARG C 559 43.75 47.37 -39.91
C ARG C 559 44.32 47.93 -38.61
N ALA C 560 43.45 48.45 -37.74
CA ALA C 560 43.91 48.94 -36.44
C ALA C 560 44.46 47.80 -35.59
N LEU C 561 43.83 46.64 -35.64
CA LEU C 561 44.30 45.50 -34.86
C LEU C 561 45.70 45.05 -35.27
N PRO C 562 46.06 44.95 -36.55
CA PRO C 562 47.43 44.55 -36.88
C PRO C 562 48.48 45.54 -36.40
N VAL C 563 48.21 46.84 -36.51
CA VAL C 563 49.16 47.85 -36.04
C VAL C 563 49.30 47.75 -34.53
N CYS C 564 48.18 47.56 -33.82
CA CYS C 564 48.24 47.42 -32.37
C CYS C 564 49.04 46.19 -31.97
N LEU C 565 48.86 45.07 -32.69
CA LEU C 565 49.61 43.86 -32.40
C LEU C 565 51.10 44.07 -32.65
N ILE C 566 51.45 44.77 -33.74
CA ILE C 566 52.85 45.03 -34.03
C ILE C 566 53.46 45.91 -32.94
N ILE C 567 52.72 46.93 -32.51
CA ILE C 567 53.22 47.82 -31.45
C ILE C 567 53.39 47.06 -30.14
N LEU C 568 52.44 46.18 -29.82
CA LEU C 568 52.54 45.39 -28.60
C LEU C 568 53.74 44.44 -28.66
N ALA C 569 53.98 43.82 -29.82
CA ALA C 569 55.15 42.95 -29.96
C ALA C 569 56.44 43.74 -29.81
N VAL C 570 56.49 44.95 -30.39
CA VAL C 570 57.67 45.79 -30.27
C VAL C 570 57.90 46.17 -28.81
N GLY C 571 56.84 46.53 -28.10
CA GLY C 571 56.97 46.86 -26.69
C GLY C 571 57.42 45.69 -25.84
N LEU C 572 56.87 44.50 -26.12
CA LEU C 572 57.29 43.30 -25.39
C LEU C 572 58.76 42.99 -25.65
N ILE C 573 59.21 43.15 -26.91
CA ILE C 573 60.62 42.95 -27.22
C ILE C 573 61.47 43.97 -26.48
N LEU C 574 60.97 45.21 -26.37
CA LEU C 574 61.69 46.24 -25.62
C LEU C 574 61.64 46.02 -24.13
N LEU C 575 60.74 45.16 -23.64
CA LEU C 575 60.63 44.89 -22.22
C LEU C 575 61.17 43.50 -21.88
N SER C 582 62.85 46.33 -15.67
CA SER C 582 61.85 46.70 -16.67
C SER C 582 60.49 46.12 -16.33
N GLU C 583 60.23 45.95 -15.03
CA GLU C 583 58.94 45.40 -14.61
C GLU C 583 57.80 46.35 -14.93
N LEU C 584 58.00 47.65 -14.72
CA LEU C 584 56.94 48.62 -14.99
C LEU C 584 56.66 48.72 -16.48
N LEU C 585 57.67 48.48 -17.32
CA LEU C 585 57.48 48.56 -18.76
C LEU C 585 56.51 47.49 -19.26
N TRP C 586 56.57 46.30 -18.68
CA TRP C 586 55.68 45.22 -19.12
C TRP C 586 54.21 45.56 -18.85
N SER C 587 53.91 46.04 -17.64
CA SER C 587 52.54 46.44 -17.34
C SER C 587 52.13 47.67 -18.14
N PHE C 588 53.08 48.58 -18.38
CA PHE C 588 52.79 49.74 -19.21
C PHE C 588 52.38 49.31 -20.62
N SER C 589 53.08 48.33 -21.19
CA SER C 589 52.72 47.83 -22.51
C SER C 589 51.42 47.05 -22.47
N LYS C 590 51.17 46.32 -21.39
CA LYS C 590 49.91 45.58 -21.27
C LYS C 590 48.73 46.54 -21.29
N LYS C 591 48.83 47.66 -20.59
CA LYS C 591 47.77 48.68 -20.65
C LYS C 591 47.78 49.38 -22.00
N LEU C 592 48.97 49.61 -22.56
CA LEU C 592 49.10 50.35 -23.81
C LEU C 592 48.52 49.59 -24.99
N ALA C 593 48.39 48.27 -24.89
CA ALA C 593 47.70 47.53 -25.94
C ALA C 593 46.28 48.06 -26.13
N ILE C 594 45.49 48.02 -25.05
CA ILE C 594 44.12 48.54 -25.12
C ILE C 594 44.13 50.05 -25.35
N PHE C 595 45.10 50.77 -24.78
CA PHE C 595 45.16 52.21 -24.98
C PHE C 595 45.34 52.56 -26.46
N TRP C 596 46.25 51.86 -27.14
CA TRP C 596 46.47 52.09 -28.55
C TRP C 596 45.30 51.60 -29.40
N LEU C 597 44.63 50.52 -28.97
CA LEU C 597 43.42 50.11 -29.67
C LEU C 597 42.37 51.21 -29.64
N VAL C 598 42.15 51.80 -28.45
CA VAL C 598 41.19 52.90 -28.33
C VAL C 598 41.64 54.10 -29.13
N PHE C 599 42.94 54.41 -29.11
CA PHE C 599 43.44 55.57 -29.84
C PHE C 599 43.28 55.40 -31.34
N GLY C 600 43.58 54.21 -31.86
CA GLY C 600 43.45 53.93 -33.27
C GLY C 600 42.04 53.69 -33.75
N LEU C 601 41.11 53.43 -32.84
CA LEU C 601 39.70 53.36 -33.22
C LEU C 601 39.24 54.67 -33.86
N CYS C 602 39.72 55.80 -33.33
CA CYS C 602 39.37 57.10 -33.91
C CYS C 602 40.18 57.36 -35.18
N TRP C 603 41.43 56.91 -35.24
CA TRP C 603 42.25 57.13 -36.42
C TRP C 603 41.68 56.38 -37.62
N LYS C 604 41.21 55.16 -37.43
CA LYS C 604 40.61 54.36 -38.49
C LYS C 604 39.13 54.63 -38.67
N VAL C 605 38.54 55.50 -37.84
CA VAL C 605 37.14 55.84 -37.97
C VAL C 605 36.87 57.24 -37.41
N GLN C 622 32.60 66.64 -36.09
CA GLN C 622 32.85 65.96 -37.35
C GLN C 622 33.91 64.88 -37.17
N THR C 623 33.88 63.86 -38.05
CA THR C 623 34.87 62.79 -37.98
C THR C 623 36.27 63.33 -38.23
N SER C 624 36.42 64.20 -39.22
CA SER C 624 37.71 64.85 -39.45
C SER C 624 38.09 65.72 -38.25
N HIS C 625 37.13 66.45 -37.69
CA HIS C 625 37.37 67.21 -36.47
C HIS C 625 37.70 66.28 -35.31
N TRP C 626 36.99 65.16 -35.20
CA TRP C 626 37.30 64.17 -34.17
C TRP C 626 38.67 63.56 -34.39
N ARG C 627 39.06 63.35 -35.65
CA ARG C 627 40.36 62.76 -35.94
C ARG C 627 41.49 63.66 -35.45
N ARG C 628 41.24 64.96 -35.32
CA ARG C 628 42.24 65.88 -34.78
C ARG C 628 42.06 66.12 -33.28
N GLN C 629 40.85 66.03 -32.77
CA GLN C 629 40.58 66.26 -31.35
C GLN C 629 40.85 65.05 -30.48
N ILE C 630 40.99 63.85 -31.07
CA ILE C 630 41.31 62.67 -30.28
C ILE C 630 42.74 62.65 -29.77
N VAL C 631 43.60 63.53 -30.29
CA VAL C 631 44.98 63.57 -29.83
C VAL C 631 45.05 63.99 -28.36
N ARG C 632 44.22 64.96 -27.97
CA ARG C 632 44.19 65.37 -26.57
C ARG C 632 43.71 64.24 -25.66
N ILE C 633 42.70 63.50 -26.09
CA ILE C 633 42.21 62.37 -25.31
C ILE C 633 43.29 61.31 -25.18
N SER C 634 44.00 61.02 -26.28
CA SER C 634 45.07 60.04 -26.23
C SER C 634 46.18 60.48 -25.28
N LEU C 635 46.55 61.76 -25.34
CA LEU C 635 47.59 62.28 -24.44
C LEU C 635 47.15 62.21 -22.98
N ALA C 636 45.88 62.53 -22.70
CA ALA C 636 45.38 62.45 -21.34
C ALA C 636 45.38 61.01 -20.84
N LEU C 637 44.99 60.06 -21.69
CA LEU C 637 45.04 58.65 -21.31
C LEU C 637 46.47 58.21 -21.05
N LEU C 638 47.40 58.66 -21.88
CA LEU C 638 48.80 58.33 -21.66
C LEU C 638 49.33 58.83 -20.32
N PRO C 639 49.09 60.07 -19.91
CA PRO C 639 49.49 60.47 -18.56
C PRO C 639 48.82 59.65 -17.47
N ILE C 640 47.54 59.31 -17.66
CA ILE C 640 46.85 58.47 -16.69
C ILE C 640 47.47 57.08 -16.66
N HIS C 641 47.80 56.54 -17.84
CA HIS C 641 48.45 55.24 -17.90
C HIS C 641 49.80 55.26 -17.18
N PHE C 642 50.59 56.31 -17.40
CA PHE C 642 51.89 56.41 -16.75
C PHE C 642 51.74 56.57 -15.24
N TRP C 643 50.74 57.31 -14.78
CA TRP C 643 50.54 57.51 -13.35
C TRP C 643 49.85 56.35 -12.66
N SER C 644 49.23 55.45 -13.41
CA SER C 644 48.51 54.33 -12.80
C SER C 644 49.09 52.96 -13.14
N VAL C 645 50.17 52.89 -13.92
CA VAL C 645 50.76 51.60 -14.26
C VAL C 645 51.26 50.88 -13.01
N VAL C 646 51.95 51.62 -12.13
CA VAL C 646 52.54 51.02 -10.94
C VAL C 646 51.54 50.85 -9.81
N ALA C 647 50.26 51.18 -10.02
CA ALA C 647 49.28 51.07 -8.95
C ALA C 647 48.93 49.62 -8.66
N GLU C 648 48.47 48.90 -9.68
CA GLU C 648 48.02 47.52 -9.50
C GLU C 648 49.15 46.57 -9.11
N LEU C 649 50.41 46.97 -9.29
CA LEU C 649 51.54 46.12 -8.95
C LEU C 649 52.15 46.48 -7.60
N VAL C 658 53.43 62.32 -3.12
CA VAL C 658 52.38 63.11 -3.77
C VAL C 658 52.85 63.74 -5.07
N LEU C 659 54.09 63.49 -5.47
CA LEU C 659 54.60 64.09 -6.71
C LEU C 659 53.85 63.55 -7.92
N GLY C 660 53.52 62.26 -7.92
CA GLY C 660 52.85 61.66 -9.06
C GLY C 660 51.46 62.19 -9.30
N GLN C 661 50.85 62.82 -8.30
CA GLN C 661 49.51 63.39 -8.44
C GLN C 661 49.52 64.84 -8.90
N ALA C 662 50.70 65.45 -9.06
CA ALA C 662 50.76 66.84 -9.48
C ALA C 662 50.18 67.01 -10.88
N MET C 663 50.53 66.11 -11.80
CA MET C 663 49.97 66.18 -13.15
C MET C 663 48.50 65.78 -13.15
N ILE C 664 48.13 64.80 -12.32
CA ILE C 664 46.75 64.34 -12.28
C ILE C 664 45.82 65.44 -11.77
N PHE C 665 46.31 66.29 -10.87
CA PHE C 665 45.48 67.38 -10.35
C PHE C 665 45.03 68.31 -11.48
N PHE C 666 45.94 68.63 -12.41
CA PHE C 666 45.57 69.44 -13.55
C PHE C 666 44.81 68.64 -14.60
N ASN C 667 45.12 67.35 -14.74
CA ASN C 667 44.43 66.52 -15.72
C ASN C 667 42.95 66.38 -15.38
N LEU C 668 42.63 66.25 -14.10
CA LEU C 668 41.24 66.15 -13.69
C LEU C 668 40.46 67.41 -14.05
N LEU C 669 41.05 68.57 -13.79
CA LEU C 669 40.41 69.84 -14.13
C LEU C 669 40.26 69.99 -15.64
N LEU C 670 41.28 69.57 -16.41
CA LEU C 670 41.20 69.64 -17.86
C LEU C 670 40.10 68.74 -18.39
N ILE C 671 39.97 67.53 -17.83
CA ILE C 671 38.92 66.61 -18.25
C ILE C 671 37.54 67.19 -17.92
N ALA C 672 37.40 67.77 -16.73
CA ALA C 672 36.13 68.39 -16.36
C ALA C 672 35.77 69.53 -17.30
N PHE C 673 36.76 70.38 -17.64
CA PHE C 673 36.51 71.48 -18.54
C PHE C 673 36.12 70.99 -19.93
N LEU C 674 36.80 69.95 -20.42
CA LEU C 674 36.46 69.39 -21.73
C LEU C 674 35.05 68.79 -21.73
N VAL C 675 34.67 68.11 -20.64
CA VAL C 675 33.34 67.53 -20.56
C VAL C 675 32.28 68.61 -20.45
N TRP C 676 32.62 69.74 -19.82
CA TRP C 676 31.64 70.82 -19.69
C TRP C 676 31.09 71.31 -21.01
N PRO C 677 31.90 71.53 -22.06
CA PRO C 677 31.31 71.90 -23.35
C PRO C 677 30.36 70.86 -23.91
N MET C 678 30.68 69.58 -23.74
CA MET C 678 29.79 68.52 -24.22
C MET C 678 28.49 68.51 -23.43
N CYS C 679 28.57 68.72 -22.11
CA CYS C 679 27.36 68.78 -21.30
C CYS C 679 26.50 69.98 -21.69
N ARG C 680 27.14 71.12 -21.96
CA ARG C 680 26.39 72.30 -22.39
C ARG C 680 25.72 72.05 -23.74
N GLU C 681 26.42 71.40 -24.67
CA GLU C 681 25.80 71.03 -25.94
C GLU C 681 24.67 70.04 -25.73
N SER C 682 24.88 69.06 -24.84
CA SER C 682 23.83 68.09 -24.56
C SER C 682 22.65 68.74 -23.85
N TRP C 683 22.92 69.72 -22.98
CA TRP C 683 21.84 70.39 -22.27
C TRP C 683 20.94 71.19 -23.20
N ARG C 684 21.43 71.54 -24.39
CA ARG C 684 20.61 72.27 -25.35
C ARG C 684 19.45 71.42 -25.88
N ASP C 685 19.57 70.11 -25.82
CA ASP C 685 18.54 69.20 -26.29
C ASP C 685 17.87 68.53 -25.09
N LYS C 686 16.54 68.55 -25.06
CA LYS C 686 15.77 67.97 -23.97
C LYS C 686 15.02 66.72 -24.39
N GLU C 687 14.24 66.80 -25.48
CA GLU C 687 13.48 65.63 -25.94
C GLU C 687 14.39 64.55 -26.51
N SER C 688 15.60 64.90 -26.92
CA SER C 688 16.52 63.90 -27.46
C SER C 688 17.04 62.99 -26.36
N HIS C 689 17.43 61.78 -26.74
CA HIS C 689 17.95 60.82 -25.80
C HIS C 689 19.31 61.26 -25.27
N THR C 690 19.55 61.01 -23.99
CA THR C 690 20.79 61.36 -23.32
C THR C 690 21.33 60.17 -22.53
N MET C 691 21.32 59.00 -23.17
CA MET C 691 21.81 57.79 -22.51
C MET C 691 23.30 57.88 -22.20
N ARG C 692 24.09 58.42 -23.13
CA ARG C 692 25.53 58.52 -22.94
C ARG C 692 25.94 59.61 -21.96
N LEU C 693 25.01 60.50 -21.58
CA LEU C 693 25.35 61.56 -20.65
C LEU C 693 25.64 61.01 -19.25
N VAL C 694 24.99 59.90 -18.89
CA VAL C 694 25.19 59.30 -17.57
C VAL C 694 26.64 58.85 -17.40
N THR C 695 27.19 58.19 -18.41
CA THR C 695 28.58 57.77 -18.33
C THR C 695 29.52 58.97 -18.29
N ILE C 696 29.23 60.00 -19.09
CA ILE C 696 30.04 61.22 -19.06
C ILE C 696 29.94 61.89 -17.69
N THR C 697 28.74 61.91 -17.12
CA THR C 697 28.57 62.49 -15.79
C THR C 697 29.36 61.72 -14.74
N VAL C 698 29.36 60.38 -14.83
CA VAL C 698 30.12 59.58 -13.88
C VAL C 698 31.61 59.84 -14.04
N LEU C 699 32.09 59.92 -15.29
CA LEU C 699 33.51 60.18 -15.52
C LEU C 699 33.90 61.55 -14.99
N SER C 700 33.05 62.56 -15.20
CA SER C 700 33.34 63.89 -14.68
C SER C 700 33.34 63.91 -13.15
N ILE C 701 32.39 63.18 -12.54
CA ILE C 701 32.36 63.10 -11.08
C ILE C 701 33.63 62.45 -10.56
N ILE C 702 34.09 61.39 -11.23
CA ILE C 702 35.38 60.79 -10.87
C ILE C 702 36.51 61.79 -11.01
N PRO C 703 36.62 62.56 -12.10
CA PRO C 703 37.68 63.58 -12.16
C PRO C 703 37.60 64.61 -11.06
N ILE C 704 36.38 65.01 -10.67
CA ILE C 704 36.23 65.97 -9.58
C ILE C 704 36.60 65.33 -8.24
N ALA C 705 36.12 64.12 -8.00
CA ALA C 705 36.37 63.45 -6.72
C ALA C 705 37.86 63.17 -6.53
N LEU C 706 38.53 62.73 -7.60
CA LEU C 706 39.96 62.40 -7.48
C LEU C 706 40.78 63.64 -7.09
N MET C 707 40.46 64.79 -7.67
CA MET C 707 41.19 66.01 -7.35
C MET C 707 40.68 66.69 -6.08
N VAL C 708 39.52 66.28 -5.56
CA VAL C 708 38.97 66.91 -4.36
C VAL C 708 39.40 66.16 -3.11
N LEU C 709 39.15 64.84 -3.07
CA LEU C 709 39.30 64.06 -1.85
C LEU C 709 40.73 63.58 -1.63
N THR C 710 41.66 63.88 -2.52
CA THR C 710 43.03 63.40 -2.39
C THR C 710 43.87 64.21 -1.42
N ALA C 711 43.34 65.30 -0.87
CA ALA C 711 44.09 66.14 0.05
C ALA C 711 44.36 65.39 1.36
N PHE C 715 42.27 56.37 2.79
CA PHE C 715 41.90 57.77 2.74
C PHE C 715 42.47 58.45 1.50
N TYR C 716 43.73 58.16 1.20
CA TYR C 716 44.39 58.69 0.02
C TYR C 716 44.27 57.78 -1.19
N THR C 717 43.54 56.68 -1.08
CA THR C 717 43.40 55.70 -2.15
C THR C 717 42.33 56.08 -3.18
N THR C 718 41.94 57.36 -3.24
CA THR C 718 40.89 57.76 -4.18
C THR C 718 41.35 57.60 -5.63
N LEU C 719 42.66 57.64 -5.88
CA LEU C 719 43.15 57.52 -7.25
C LEU C 719 42.94 56.12 -7.82
N ARG C 720 42.62 55.14 -6.98
CA ARG C 720 42.45 53.78 -7.48
C ARG C 720 41.25 53.65 -8.39
N LEU C 721 40.21 54.47 -8.16
CA LEU C 721 38.99 54.35 -8.93
C LEU C 721 39.20 54.76 -10.38
N ALA C 722 40.28 55.48 -10.67
CA ALA C 722 40.53 55.92 -12.05
C ALA C 722 40.77 54.75 -12.98
N GLY C 723 41.43 53.70 -12.49
CA GLY C 723 41.66 52.54 -13.33
C GLY C 723 40.36 51.89 -13.78
N ARG C 724 39.41 51.76 -12.87
CA ARG C 724 38.10 51.22 -13.24
C ARG C 724 37.32 52.21 -14.10
N TRP C 725 37.46 53.51 -13.84
CA TRP C 725 36.72 54.50 -14.61
C TRP C 725 37.15 54.52 -16.07
N ILE C 726 38.46 54.43 -16.31
CA ILE C 726 38.95 54.42 -17.69
C ILE C 726 38.45 53.19 -18.43
N GLU C 727 38.49 52.03 -17.76
CA GLU C 727 37.99 50.80 -18.38
C GLU C 727 36.50 50.90 -18.66
N THR C 728 35.74 51.48 -17.74
CA THR C 728 34.31 51.64 -17.96
C THR C 728 34.04 52.57 -19.14
N VAL C 729 34.81 53.64 -19.26
CA VAL C 729 34.63 54.56 -20.38
C VAL C 729 34.94 53.85 -21.69
N TYR C 730 36.02 53.07 -21.73
CA TYR C 730 36.37 52.34 -22.94
C TYR C 730 35.28 51.33 -23.28
N LEU C 731 34.75 50.64 -22.27
CA LEU C 731 33.68 49.67 -22.52
C LEU C 731 32.43 50.37 -23.05
N VAL C 732 32.11 51.55 -22.52
CA VAL C 732 30.94 52.29 -22.99
C VAL C 732 31.14 52.71 -24.44
N ILE C 733 32.33 53.19 -24.78
CA ILE C 733 32.60 53.59 -26.16
C ILE C 733 32.48 52.39 -27.10
N ILE C 734 33.05 51.25 -26.68
CA ILE C 734 32.96 50.04 -27.50
C ILE C 734 31.51 49.61 -27.67
N TRP C 735 30.73 49.69 -26.60
CA TRP C 735 29.32 49.31 -26.67
C TRP C 735 28.55 50.22 -27.61
N ASN C 736 28.82 51.53 -27.56
CA ASN C 736 28.15 52.45 -28.47
C ASN C 736 28.52 52.17 -29.92
N LEU C 737 29.80 51.92 -30.19
CA LEU C 737 30.22 51.61 -31.56
C LEU C 737 29.58 50.31 -32.04
N LEU C 738 29.55 49.29 -31.17
CA LEU C 738 28.94 48.02 -31.55
C LEU C 738 27.45 48.18 -31.78
N TYR C 739 26.78 49.03 -30.98
CA TYR C 739 25.36 49.27 -31.18
C TYR C 739 25.10 49.96 -32.51
N GLN C 740 25.93 50.94 -32.86
CA GLN C 740 25.78 51.61 -34.16
C GLN C 740 26.00 50.62 -35.30
N THR C 741 27.03 49.79 -35.20
CA THR C 741 27.30 48.81 -36.25
C THR C 741 26.15 47.80 -36.37
N VAL C 742 25.61 47.36 -35.23
CA VAL C 742 24.51 46.41 -35.25
C VAL C 742 23.26 47.04 -35.83
N LEU C 743 23.03 48.32 -35.53
CA LEU C 743 21.88 49.01 -36.13
C LEU C 743 22.03 49.11 -37.65
N ARG C 744 23.23 49.45 -38.12
CA ARG C 744 23.47 49.51 -39.55
C ARG C 744 23.26 48.15 -40.22
N GLY C 745 23.80 47.10 -39.60
CA GLY C 745 23.64 45.76 -40.15
C GLY C 745 22.19 45.31 -40.16
N LEU C 746 21.45 45.60 -39.09
CA LEU C 746 20.04 45.25 -39.03
C LEU C 746 19.23 46.01 -40.08
N SER C 747 19.55 47.29 -40.29
CA SER C 747 18.87 48.05 -41.33
C SER C 747 19.16 47.47 -42.71
N VAL C 748 20.42 47.08 -42.97
CA VAL C 748 20.77 46.49 -44.25
C VAL C 748 20.03 45.17 -44.45
N ALA C 749 20.00 44.34 -43.41
CA ALA C 749 19.31 43.05 -43.51
C ALA C 749 17.81 43.23 -43.73
N ALA C 750 17.21 44.20 -43.03
CA ALA C 750 15.78 44.47 -43.22
C ALA C 750 15.49 44.96 -44.62
N ARG C 751 16.34 45.84 -45.16
CA ARG C 751 16.16 46.30 -46.53
C ARG C 751 16.27 45.16 -47.52
N ARG C 752 17.26 44.28 -47.32
CA ARG C 752 17.43 43.14 -48.21
C ARG C 752 16.22 42.20 -48.13
N ILE C 753 15.72 41.95 -46.93
CA ILE C 753 14.56 41.08 -46.76
C ILE C 753 13.32 41.69 -47.42
N ALA C 754 13.13 43.00 -47.25
CA ALA C 754 11.99 43.67 -47.88
C ALA C 754 12.09 43.61 -49.40
N ASN C 787 12.97 42.22 -38.10
CA ASN C 787 13.76 43.43 -38.36
C ASN C 787 13.95 44.23 -37.08
N GLN C 788 12.93 45.01 -36.72
CA GLN C 788 13.02 45.83 -35.52
C GLN C 788 13.14 44.97 -34.27
N GLN C 789 12.36 43.89 -34.19
CA GLN C 789 12.43 43.02 -33.02
C GLN C 789 13.79 42.35 -32.92
N THR C 790 14.33 41.86 -34.04
CA THR C 790 15.64 41.23 -34.02
C THR C 790 16.73 42.22 -33.63
N LEU C 791 16.65 43.45 -34.16
CA LEU C 791 17.61 44.47 -33.79
C LEU C 791 17.54 44.80 -32.30
N ARG C 792 16.31 44.91 -31.77
CA ARG C 792 16.14 45.18 -30.35
C ARG C 792 16.71 44.04 -29.50
N ILE C 793 16.49 42.80 -29.92
CA ILE C 793 17.02 41.65 -29.18
C ILE C 793 18.54 41.65 -29.20
N THR C 794 19.13 41.92 -30.36
CA THR C 794 20.59 41.96 -30.45
C THR C 794 21.16 43.08 -29.61
N MET C 795 20.52 44.26 -29.63
CA MET C 795 20.99 45.37 -28.82
C MET C 795 20.88 45.05 -27.33
N LEU C 796 19.79 44.38 -26.94
CA LEU C 796 19.64 43.99 -25.54
C LEU C 796 20.72 42.99 -25.13
N LEU C 797 21.03 42.04 -26.00
CA LEU C 797 22.08 41.07 -25.70
C LEU C 797 23.44 41.77 -25.55
N MET C 798 23.74 42.69 -26.47
CA MET C 798 25.01 43.41 -26.40
C MET C 798 25.08 44.27 -25.14
N PHE C 799 23.99 44.93 -24.78
CA PHE C 799 23.97 45.75 -23.58
C PHE C 799 24.14 44.90 -22.33
N ALA C 800 23.50 43.72 -22.30
CA ALA C 800 23.67 42.82 -21.16
C ALA C 800 25.11 42.34 -21.05
N LEU C 801 25.74 41.99 -22.17
CA LEU C 801 27.14 41.58 -22.14
C LEU C 801 28.04 42.71 -21.66
N PHE C 802 27.81 43.93 -22.15
CA PHE C 802 28.61 45.07 -21.71
C PHE C 802 28.42 45.35 -20.23
N GLY C 803 27.18 45.25 -19.74
CA GLY C 803 26.94 45.46 -18.32
C GLY C 803 27.59 44.40 -17.45
N VAL C 804 27.55 43.15 -17.90
CA VAL C 804 28.21 42.08 -17.15
C VAL C 804 29.71 42.32 -17.10
N MET C 805 30.29 42.69 -18.24
CA MET C 805 31.72 42.98 -18.28
C MET C 805 32.07 44.16 -17.36
N PHE C 806 31.25 45.20 -17.37
CA PHE C 806 31.51 46.36 -16.51
C PHE C 806 31.41 45.97 -15.04
N TRP C 807 30.41 45.17 -14.68
CA TRP C 807 30.25 44.74 -13.30
C TRP C 807 31.46 43.91 -12.86
N ALA C 808 31.93 43.01 -13.72
CA ALA C 808 33.09 42.20 -13.39
C ALA C 808 34.40 42.96 -13.53
N ILE C 809 34.38 44.19 -14.06
CA ILE C 809 35.58 44.95 -14.32
C ILE C 809 35.68 46.19 -13.43
N TRP C 810 34.56 46.87 -13.20
CA TRP C 810 34.60 48.08 -12.38
C TRP C 810 34.99 47.79 -10.94
N SER C 811 34.82 46.55 -10.48
CA SER C 811 35.15 46.08 -9.13
C SER C 811 34.28 46.70 -8.06
N ASP C 812 33.35 47.58 -8.42
CA ASP C 812 32.42 48.16 -7.45
C ASP C 812 31.08 47.44 -7.41
N LEU C 813 30.69 46.78 -8.49
CA LEU C 813 29.46 45.98 -8.47
C LEU C 813 29.59 44.80 -7.53
N ILE C 814 30.81 44.31 -7.31
CA ILE C 814 31.04 43.26 -6.32
C ILE C 814 30.63 43.76 -4.94
N THR C 815 31.02 44.99 -4.60
CA THR C 815 30.53 45.61 -3.37
C THR C 815 29.02 45.80 -3.42
N VAL C 816 28.49 46.19 -4.57
CA VAL C 816 27.05 46.31 -4.74
C VAL C 816 26.39 44.95 -4.61
N PHE C 817 27.05 43.90 -5.10
CA PHE C 817 26.52 42.55 -4.94
C PHE C 817 26.44 42.17 -3.47
N SER C 818 27.49 42.51 -2.69
CA SER C 818 27.45 42.23 -1.26
C SER C 818 26.36 43.04 -0.56
N TYR C 819 26.20 44.30 -0.96
CA TYR C 819 25.16 45.14 -0.35
C TYR C 819 23.78 44.56 -0.63
N LEU C 820 23.54 44.11 -1.87
CA LEU C 820 22.26 43.48 -2.20
C LEU C 820 22.08 42.16 -1.45
N ASP C 821 23.16 41.41 -1.25
CA ASP C 821 23.10 40.13 -0.56
C ASP C 821 23.21 40.26 0.95
N SER C 822 22.92 41.44 1.50
CA SER C 822 23.04 41.69 2.94
C SER C 822 21.73 42.24 3.48
N ILE C 823 20.62 41.58 3.16
CA ILE C 823 19.30 41.96 3.64
C ILE C 823 18.51 40.69 3.95
N THR C 824 17.27 40.88 4.42
CA THR C 824 16.41 39.77 4.79
C THR C 824 14.98 40.08 4.36
N LEU C 825 14.30 39.08 3.82
CA LEU C 825 12.92 39.25 3.40
C LEU C 825 11.96 38.25 4.02
N TRP C 826 12.36 36.99 4.13
CA TRP C 826 11.50 35.96 4.70
C TRP C 826 12.40 34.85 5.25
N HIS C 827 11.82 34.02 6.11
CA HIS C 827 12.55 32.94 6.77
C HIS C 827 12.42 31.68 5.92
N TYR C 828 13.53 31.23 5.34
CA TYR C 828 13.57 29.98 4.60
C TYR C 828 14.42 28.97 5.35
N ASN C 829 14.21 27.70 5.02
CA ASN C 829 14.95 26.61 5.64
C ASN C 829 15.29 25.56 4.60
N GLY C 830 16.29 24.75 4.90
CA GLY C 830 16.67 23.69 3.99
C GLY C 830 17.82 22.87 4.57
N THR C 831 18.37 22.01 3.72
CA THR C 831 19.50 21.17 4.09
C THR C 831 20.67 21.46 3.16
N GLU C 832 21.79 21.88 3.73
CA GLU C 832 23.00 22.17 2.98
C GLU C 832 24.16 21.40 3.61
N ALA C 833 24.91 20.68 2.76
CA ALA C 833 26.06 19.89 3.20
C ALA C 833 25.69 18.91 4.30
N GLY C 834 24.48 18.36 4.25
CA GLY C 834 24.04 17.42 5.25
C GLY C 834 23.63 18.03 6.58
N ALA C 835 23.53 19.36 6.66
CA ALA C 835 23.16 20.05 7.88
C ALA C 835 21.94 20.91 7.65
N ALA C 836 21.03 20.91 8.62
CA ALA C 836 19.81 21.71 8.52
C ALA C 836 20.15 23.17 8.78
N VAL C 837 19.97 24.01 7.77
CA VAL C 837 20.30 25.43 7.85
C VAL C 837 19.05 26.24 7.54
N VAL C 838 18.76 27.21 8.39
CA VAL C 838 17.64 28.13 8.20
C VAL C 838 18.23 29.54 8.05
N LYS C 839 17.87 30.19 6.94
CA LYS C 839 18.38 31.52 6.65
C LYS C 839 17.25 32.47 6.26
N ASN C 840 17.61 33.65 5.78
CA ASN C 840 16.65 34.65 5.35
C ASN C 840 16.84 34.96 3.87
N VAL C 841 15.79 35.48 3.26
CA VAL C 841 15.78 35.79 1.83
C VAL C 841 16.50 37.12 1.64
N THR C 842 17.71 37.05 1.09
CA THR C 842 18.48 38.26 0.84
C THR C 842 17.84 39.09 -0.26
N MET C 843 18.00 40.41 -0.17
CA MET C 843 17.50 41.29 -1.23
C MET C 843 18.19 41.00 -2.55
N GLY C 844 19.46 40.58 -2.51
CA GLY C 844 20.12 40.15 -3.73
C GLY C 844 19.41 38.97 -4.38
N SER C 845 18.91 38.04 -3.57
CA SER C 845 18.15 36.93 -4.11
C SER C 845 16.87 37.41 -4.78
N LEU C 846 16.18 38.37 -4.18
CA LEU C 846 14.96 38.90 -4.79
C LEU C 846 15.27 39.60 -6.10
N LEU C 847 16.36 40.38 -6.13
CA LEU C 847 16.75 41.05 -7.36
C LEU C 847 17.10 40.05 -8.45
N PHE C 848 17.82 38.99 -8.09
CA PHE C 848 18.16 37.96 -9.06
C PHE C 848 16.91 37.26 -9.58
N ALA C 849 15.96 36.97 -8.70
CA ALA C 849 14.72 36.33 -9.12
C ALA C 849 13.93 37.22 -10.07
N ILE C 850 13.85 38.51 -9.75
CA ILE C 850 13.13 39.45 -10.62
C ILE C 850 13.81 39.54 -11.97
N ILE C 851 15.15 39.60 -11.97
CA ILE C 851 15.89 39.68 -13.22
C ILE C 851 15.66 38.42 -14.06
N ALA C 852 15.68 37.26 -13.40
CA ALA C 852 15.46 36.01 -14.12
C ALA C 852 14.07 35.97 -14.74
N SER C 853 13.05 36.39 -13.98
CA SER C 853 11.69 36.41 -14.52
C SER C 853 11.59 37.35 -15.71
N MET C 854 12.19 38.54 -15.59
CA MET C 854 12.11 39.52 -16.68
C MET C 854 12.80 39.00 -17.93
N VAL C 855 13.99 38.43 -17.78
CA VAL C 855 14.72 37.95 -18.95
C VAL C 855 14.00 36.75 -19.55
N ALA C 856 13.40 35.89 -18.74
CA ALA C 856 12.64 34.78 -19.29
C ALA C 856 11.46 35.27 -20.10
N TRP C 857 10.72 36.24 -19.57
CA TRP C 857 9.57 36.78 -20.30
C TRP C 857 10.00 37.48 -21.58
N ALA C 858 11.16 38.14 -21.56
CA ALA C 858 11.64 38.80 -22.76
C ALA C 858 12.11 37.78 -23.80
N LEU C 859 12.73 36.69 -23.36
CA LEU C 859 13.37 35.77 -24.28
C LEU C 859 12.37 34.76 -24.86
N ILE C 860 11.30 34.45 -24.12
CA ILE C 860 10.29 33.54 -24.66
C ILE C 860 9.66 34.14 -25.92
N ARG C 861 9.42 35.44 -25.92
CA ARG C 861 8.84 36.09 -27.09
C ARG C 861 9.89 36.42 -28.13
N ASN C 862 11.18 36.38 -27.78
CA ASN C 862 12.22 36.64 -28.76
C ASN C 862 12.68 35.36 -29.45
N LEU C 863 12.22 34.21 -28.95
CA LEU C 863 12.59 32.92 -29.54
C LEU C 863 12.12 32.71 -30.97
N PRO C 864 10.85 32.98 -31.36
CA PRO C 864 10.35 32.42 -32.62
C PRO C 864 10.97 33.06 -33.86
N GLY C 865 11.08 34.39 -33.88
CA GLY C 865 11.70 35.02 -35.04
C GLY C 865 13.17 34.68 -35.17
N LEU C 866 13.90 34.70 -34.05
CA LEU C 866 15.33 34.40 -34.09
C LEU C 866 15.57 32.95 -34.49
N LEU C 867 14.65 32.05 -34.14
CA LEU C 867 14.74 30.68 -34.63
C LEU C 867 14.36 30.55 -36.10
N GLU C 868 13.31 31.25 -36.53
CA GLU C 868 12.81 31.09 -37.89
C GLU C 868 13.79 31.64 -38.92
N VAL C 869 14.46 32.75 -38.57
CA VAL C 869 15.41 33.33 -39.52
C VAL C 869 16.53 32.35 -39.83
N LEU C 870 16.95 31.57 -38.83
CA LEU C 870 17.95 30.53 -39.07
C LEU C 870 17.34 29.34 -39.79
N VAL C 871 16.14 28.92 -39.36
CA VAL C 871 15.50 27.74 -39.94
C VAL C 871 15.11 27.99 -41.39
N LEU C 872 14.63 29.20 -41.70
CA LEU C 872 14.26 29.52 -43.08
C LEU C 872 15.46 29.38 -44.01
N SER C 873 16.67 29.60 -43.51
CA SER C 873 17.87 29.39 -44.31
C SER C 873 18.23 27.91 -44.43
N ARG C 874 17.59 27.05 -43.65
CA ARG C 874 17.86 25.62 -43.70
C ARG C 874 16.97 24.87 -44.68
N LEU C 875 16.13 25.59 -45.45
CA LEU C 875 15.21 25.01 -46.43
C LEU C 875 14.21 24.07 -45.79
N ASN C 876 14.01 24.18 -44.47
CA ASN C 876 13.03 23.40 -43.72
C ASN C 876 13.29 21.90 -43.79
N MET C 877 12.50 21.13 -43.04
CA MET C 877 12.57 19.68 -43.07
C MET C 877 11.23 18.98 -43.14
N ARG C 878 10.12 19.70 -42.96
CA ARG C 878 8.78 19.12 -42.99
C ARG C 878 7.78 20.25 -43.14
N GLN C 879 6.49 19.90 -43.08
CA GLN C 879 5.44 20.90 -43.23
C GLN C 879 5.41 21.88 -42.06
N GLY C 880 5.57 21.38 -40.83
CA GLY C 880 5.54 22.23 -39.65
C GLY C 880 6.67 21.91 -38.68
N ALA C 881 7.79 21.37 -39.16
CA ALA C 881 8.92 21.08 -38.29
C ALA C 881 9.46 22.35 -37.66
N SER C 882 9.47 23.46 -38.41
CA SER C 882 9.92 24.73 -37.86
C SER C 882 9.03 25.16 -36.70
N TYR C 883 7.71 25.12 -36.91
CA TYR C 883 6.79 25.51 -35.84
C TYR C 883 6.98 24.61 -34.63
N ALA C 884 7.13 23.31 -34.85
CA ALA C 884 7.33 22.38 -33.74
C ALA C 884 8.60 22.70 -32.97
N ILE C 885 9.69 23.01 -33.68
CA ILE C 885 10.95 23.25 -32.99
C ILE C 885 10.91 24.56 -32.20
N THR C 886 10.30 25.61 -32.78
CA THR C 886 10.17 26.85 -32.01
C THR C 886 9.31 26.66 -30.78
N THR C 887 8.22 25.89 -30.90
CA THR C 887 7.42 25.61 -29.72
C THR C 887 8.22 24.84 -28.68
N ILE C 888 9.05 23.88 -29.11
CA ILE C 888 9.82 23.10 -28.16
C ILE C 888 10.83 23.97 -27.43
N LEU C 889 11.52 24.87 -28.15
CA LEU C 889 12.44 25.78 -27.46
C LEU C 889 11.69 26.72 -26.53
N ASN C 890 10.51 27.19 -26.93
CA ASN C 890 9.67 27.97 -26.03
C ASN C 890 9.43 27.21 -24.73
N TYR C 891 9.10 25.94 -24.85
CA TYR C 891 8.68 25.15 -23.70
C TYR C 891 9.86 24.91 -22.78
N ILE C 892 11.02 24.57 -23.35
CA ILE C 892 12.24 24.37 -22.58
C ILE C 892 12.64 25.66 -21.88
N ILE C 893 12.50 26.79 -22.57
CA ILE C 893 12.88 28.07 -21.99
C ILE C 893 11.99 28.39 -20.79
N ILE C 894 10.68 28.17 -20.92
CA ILE C 894 9.80 28.45 -19.79
C ILE C 894 10.09 27.50 -18.63
N ALA C 895 10.44 26.25 -18.94
CA ALA C 895 10.77 25.30 -17.88
C ALA C 895 12.02 25.72 -17.12
N VAL C 896 13.07 26.10 -17.85
CA VAL C 896 14.31 26.50 -17.20
C VAL C 896 14.12 27.81 -16.42
N GLY C 897 13.27 28.71 -16.94
CA GLY C 897 13.00 29.93 -16.22
C GLY C 897 12.29 29.67 -14.90
N ALA C 898 11.28 28.80 -14.94
CA ALA C 898 10.57 28.45 -13.71
C ALA C 898 11.50 27.77 -12.72
N MET C 899 12.37 26.88 -13.20
CA MET C 899 13.30 26.19 -12.32
C MET C 899 14.26 27.18 -11.66
N THR C 900 14.79 28.12 -12.45
CA THR C 900 15.70 29.12 -11.90
C THR C 900 14.99 30.01 -10.89
N VAL C 901 13.77 30.44 -11.20
CA VAL C 901 13.05 31.35 -10.31
C VAL C 901 12.76 30.65 -8.99
N PHE C 902 12.25 29.41 -9.04
CA PHE C 902 11.97 28.69 -7.82
C PHE C 902 13.22 28.34 -7.04
N GLY C 903 14.34 28.11 -7.74
CA GLY C 903 15.60 27.93 -7.03
C GLY C 903 16.06 29.21 -6.35
N SER C 904 15.90 30.35 -7.01
CA SER C 904 16.26 31.63 -6.40
C SER C 904 15.40 31.91 -5.18
N LEU C 905 14.10 31.63 -5.28
CA LEU C 905 13.22 31.78 -4.12
C LEU C 905 13.55 30.78 -3.03
N GLY C 906 14.13 29.63 -3.38
CA GLY C 906 14.52 28.64 -2.41
C GLY C 906 13.42 27.74 -1.90
N VAL C 907 12.15 28.03 -2.22
CA VAL C 907 11.05 27.18 -1.78
C VAL C 907 11.03 25.87 -2.55
N SER C 908 11.75 25.79 -3.66
CA SER C 908 11.74 24.57 -4.47
C SER C 908 12.43 23.41 -3.74
N TRP C 909 13.19 23.71 -2.69
CA TRP C 909 13.85 22.64 -1.94
C TRP C 909 12.84 21.73 -1.26
N ASP C 910 11.79 22.31 -0.66
CA ASP C 910 10.74 21.52 -0.03
C ASP C 910 9.54 21.27 -0.94
N LYS C 911 9.57 21.80 -2.16
CA LYS C 911 8.45 21.65 -3.09
C LYS C 911 8.30 20.22 -3.59
N LEU C 912 9.29 19.35 -3.36
CA LEU C 912 9.20 17.96 -3.79
C LEU C 912 8.30 17.13 -2.89
N GLN C 913 7.48 17.77 -2.06
CA GLN C 913 6.58 17.04 -1.17
C GLN C 913 5.21 16.82 -1.80
N TRP C 914 4.53 17.91 -2.16
CA TRP C 914 3.13 17.81 -2.58
C TRP C 914 3.00 17.67 -4.10
N LEU C 915 3.48 18.68 -4.84
CA LEU C 915 3.36 18.65 -6.30
C LEU C 915 4.19 17.55 -6.94
N ALA C 916 5.13 16.95 -6.21
CA ALA C 916 5.95 15.90 -6.77
C ALA C 916 5.11 14.69 -7.16
N ALA C 917 4.14 14.32 -6.33
CA ALA C 917 3.28 13.18 -6.65
C ALA C 917 2.46 13.46 -7.91
N ALA C 918 1.93 14.69 -8.03
CA ALA C 918 1.16 15.04 -9.20
C ALA C 918 2.03 15.01 -10.46
N LEU C 919 3.24 15.54 -10.37
CA LEU C 919 4.15 15.47 -11.51
C LEU C 919 4.47 14.03 -11.87
N SER C 920 4.67 13.18 -10.86
CA SER C 920 4.98 11.77 -11.09
C SER C 920 3.85 11.09 -11.84
N VAL C 921 2.61 11.26 -11.38
CA VAL C 921 1.50 10.58 -12.06
C VAL C 921 1.27 11.17 -13.45
N GLY C 922 1.47 12.48 -13.61
CA GLY C 922 1.30 13.08 -14.91
C GLY C 922 2.28 12.55 -15.94
N LEU C 923 3.55 12.43 -15.54
CA LEU C 923 4.54 11.82 -16.42
C LEU C 923 4.27 10.33 -16.63
N SER C 924 3.78 9.66 -15.58
CA SER C 924 3.54 8.23 -15.65
C SER C 924 2.47 7.90 -16.67
N PHE C 925 1.40 8.70 -16.72
CA PHE C 925 0.34 8.45 -17.69
C PHE C 925 0.90 8.43 -19.11
N GLY C 926 1.63 9.48 -19.48
CA GLY C 926 2.16 9.56 -20.83
C GLY C 926 3.19 8.50 -21.13
N LEU C 927 4.11 8.25 -20.21
CA LEU C 927 5.11 7.22 -20.44
C LEU C 927 4.47 5.84 -20.54
N GLN C 928 3.44 5.57 -19.75
CA GLN C 928 2.72 4.31 -19.85
C GLN C 928 2.01 4.19 -21.19
N GLU C 929 1.41 5.29 -21.67
CA GLU C 929 0.78 5.25 -22.99
C GLU C 929 1.80 4.92 -24.07
N ILE C 930 2.96 5.60 -24.03
CA ILE C 930 3.99 5.37 -25.04
C ILE C 930 4.48 3.93 -25.00
N PHE C 931 4.71 3.40 -23.79
CA PHE C 931 5.28 2.06 -23.68
C PHE C 931 4.25 0.99 -24.00
N GLY C 932 2.97 1.23 -23.68
CA GLY C 932 1.93 0.32 -24.10
C GLY C 932 1.81 0.26 -25.61
N ASN C 933 1.89 1.41 -26.27
CA ASN C 933 1.91 1.40 -27.72
C ASN C 933 3.16 0.73 -28.26
N PHE C 934 4.28 0.85 -27.54
CA PHE C 934 5.49 0.11 -27.89
C PHE C 934 5.26 -1.39 -27.90
N VAL C 935 4.71 -1.93 -26.81
CA VAL C 935 4.48 -3.37 -26.76
C VAL C 935 3.42 -3.79 -27.75
N SER C 936 2.43 -2.94 -28.03
CA SER C 936 1.44 -3.26 -29.05
C SER C 936 2.09 -3.36 -30.42
N GLY C 937 3.00 -2.43 -30.74
CA GLY C 937 3.72 -2.53 -31.99
C GLY C 937 4.59 -3.78 -32.05
N LEU C 938 5.22 -4.14 -30.93
CA LEU C 938 6.05 -5.34 -30.90
C LEU C 938 5.22 -6.59 -31.18
N ILE C 939 4.05 -6.70 -30.53
CA ILE C 939 3.24 -7.91 -30.73
C ILE C 939 2.64 -7.92 -32.12
N ILE C 940 2.32 -6.74 -32.68
CA ILE C 940 1.84 -6.69 -34.06
C ILE C 940 2.93 -7.15 -35.02
N LEU C 941 4.18 -6.74 -34.76
CA LEU C 941 5.28 -7.14 -35.64
C LEU C 941 5.59 -8.63 -35.50
N PHE C 942 5.46 -9.20 -34.31
CA PHE C 942 5.78 -10.61 -34.13
C PHE C 942 4.63 -11.52 -34.55
N GLU C 943 3.48 -11.40 -33.89
CA GLU C 943 2.35 -12.29 -34.17
C GLU C 943 1.83 -12.07 -35.59
N ARG C 944 1.83 -10.83 -36.05
CA ARG C 944 1.43 -10.45 -37.40
C ARG C 944 -0.02 -10.81 -37.71
N PRO C 945 -1.00 -10.14 -37.11
CA PRO C 945 -2.38 -10.29 -37.57
C PRO C 945 -2.63 -9.47 -38.83
N VAL C 946 -1.88 -8.38 -38.97
CA VAL C 946 -1.94 -7.51 -40.13
C VAL C 946 -0.52 -7.30 -40.63
N ARG C 947 -0.38 -6.96 -41.90
CA ARG C 947 0.92 -6.75 -42.52
C ARG C 947 0.82 -5.61 -43.55
N ILE C 948 1.86 -5.46 -44.33
CA ILE C 948 1.90 -4.41 -45.35
C ILE C 948 1.38 -4.97 -46.66
N GLY C 949 0.39 -4.30 -47.23
CA GLY C 949 -0.14 -4.70 -48.51
C GLY C 949 -1.28 -5.70 -48.44
N ASP C 950 -2.30 -5.39 -47.64
CA ASP C 950 -3.48 -6.23 -47.57
C ASP C 950 -4.66 -5.39 -47.11
N THR C 951 -5.78 -5.51 -47.82
CA THR C 951 -6.98 -4.77 -47.45
C THR C 951 -7.49 -5.21 -46.09
N VAL C 952 -7.93 -4.23 -45.29
CA VAL C 952 -8.40 -4.50 -43.95
C VAL C 952 -9.38 -3.40 -43.57
N THR C 953 -10.40 -3.76 -42.80
CA THR C 953 -11.42 -2.84 -42.31
C THR C 953 -11.50 -2.94 -40.80
N ILE C 954 -11.47 -1.80 -40.12
CA ILE C 954 -11.62 -1.73 -38.67
C ILE C 954 -12.61 -0.62 -38.37
N GLY C 955 -13.81 -1.00 -37.92
CA GLY C 955 -14.82 -0.01 -37.61
C GLY C 955 -15.28 0.78 -38.81
N SER C 956 -15.57 0.08 -39.92
CA SER C 956 -16.04 0.67 -41.17
C SER C 956 -14.99 1.56 -41.84
N PHE C 957 -13.71 1.32 -41.56
CA PHE C 957 -12.61 2.04 -42.19
C PHE C 957 -11.82 1.05 -43.04
N SER C 958 -12.14 0.97 -44.32
CA SER C 958 -11.56 0.00 -45.22
C SER C 958 -10.38 0.60 -45.97
N GLY C 959 -9.27 -0.13 -46.02
CA GLY C 959 -8.12 0.36 -46.77
C GLY C 959 -6.96 -0.59 -46.65
N THR C 960 -5.87 -0.22 -47.32
CA THR C 960 -4.65 -1.03 -47.36
C THR C 960 -3.63 -0.49 -46.36
N VAL C 961 -3.05 -1.38 -45.57
CA VAL C 961 -2.08 -0.96 -44.57
C VAL C 961 -0.77 -0.59 -45.25
N SER C 962 -0.22 0.57 -44.89
CA SER C 962 0.97 1.10 -45.55
C SER C 962 2.16 1.31 -44.63
N LYS C 963 1.98 1.29 -43.31
CA LYS C 963 3.11 1.50 -42.40
C LYS C 963 2.73 0.97 -41.02
N ILE C 964 3.71 0.39 -40.32
CA ILE C 964 3.54 -0.09 -38.96
C ILE C 964 4.68 0.50 -38.14
N ARG C 965 4.37 1.47 -37.28
CA ARG C 965 5.36 2.19 -36.49
C ARG C 965 4.88 2.29 -35.05
N ILE C 966 5.58 3.12 -34.26
CA ILE C 966 5.18 3.34 -32.88
C ILE C 966 3.80 3.98 -32.85
N ARG C 967 2.88 3.38 -32.10
CA ARG C 967 1.65 4.06 -31.70
C ARG C 967 0.73 4.36 -32.88
N ALA C 968 1.18 4.09 -34.10
CA ALA C 968 0.43 4.50 -35.27
C ALA C 968 0.58 3.48 -36.38
N THR C 969 -0.54 3.13 -37.00
CA THR C 969 -0.56 2.32 -38.21
C THR C 969 -1.37 3.08 -39.25
N THR C 970 -0.80 3.25 -40.44
CA THR C 970 -1.44 4.02 -41.49
C THR C 970 -2.21 3.10 -42.42
N ILE C 971 -3.47 3.43 -42.65
CA ILE C 971 -4.34 2.69 -43.56
C ILE C 971 -4.77 3.65 -44.65
N THR C 972 -4.31 3.40 -45.87
CA THR C 972 -4.71 4.21 -47.02
C THR C 972 -6.09 3.75 -47.46
N ASP C 973 -7.08 4.61 -47.29
CA ASP C 973 -8.46 4.27 -47.64
C ASP C 973 -8.61 4.36 -49.15
N PHE C 974 -9.66 3.73 -49.68
CA PHE C 974 -9.90 3.74 -51.12
C PHE C 974 -10.10 5.16 -51.66
N ASP C 975 -10.48 6.11 -50.80
CA ASP C 975 -10.63 7.50 -51.19
C ASP C 975 -9.35 8.29 -51.04
N ARG C 976 -8.21 7.61 -50.89
CA ARG C 976 -6.92 8.24 -50.64
C ARG C 976 -6.99 9.10 -49.37
N LYS C 977 -7.37 8.44 -48.28
CA LYS C 977 -7.55 9.12 -46.99
C LYS C 977 -6.82 8.26 -45.95
N GLU C 978 -5.72 8.78 -45.44
CA GLU C 978 -4.88 8.03 -44.51
C GLU C 978 -5.48 8.04 -43.12
N VAL C 979 -5.70 6.84 -42.57
CA VAL C 979 -6.22 6.65 -41.23
C VAL C 979 -5.06 6.28 -40.32
N ILE C 980 -4.88 7.03 -39.24
CA ILE C 980 -3.82 6.79 -38.28
C ILE C 980 -4.46 6.06 -37.11
N ILE C 981 -4.45 4.73 -37.17
CA ILE C 981 -5.05 3.92 -36.11
C ILE C 981 -4.03 3.72 -35.00
N PRO C 982 -4.40 3.95 -33.74
CA PRO C 982 -3.47 3.69 -32.64
C PRO C 982 -3.13 2.21 -32.54
N ASN C 983 -1.98 1.93 -31.94
CA ASN C 983 -1.43 0.58 -31.96
C ASN C 983 -2.26 -0.38 -31.12
N LYS C 984 -2.83 0.07 -30.00
CA LYS C 984 -3.60 -0.83 -29.16
C LYS C 984 -4.89 -1.29 -29.85
N ALA C 985 -5.40 -0.48 -30.77
CA ALA C 985 -6.68 -0.81 -31.41
C ALA C 985 -6.59 -2.08 -32.23
N PHE C 986 -5.47 -2.32 -32.90
CA PHE C 986 -5.31 -3.53 -33.69
C PHE C 986 -5.36 -4.77 -32.82
N VAL C 987 -4.69 -4.74 -31.67
CA VAL C 987 -4.68 -5.91 -30.78
C VAL C 987 -6.04 -6.08 -30.11
N THR C 988 -6.66 -4.99 -29.67
CA THR C 988 -7.88 -5.09 -28.87
C THR C 988 -9.14 -5.26 -29.70
N GLU C 989 -9.28 -4.55 -30.83
CA GLU C 989 -10.50 -4.58 -31.60
C GLU C 989 -10.51 -5.80 -32.52
N ARG C 990 -11.51 -5.86 -33.41
CA ARG C 990 -11.68 -6.97 -34.34
C ARG C 990 -11.29 -6.51 -35.74
N LEU C 991 -10.43 -7.28 -36.40
CA LEU C 991 -9.96 -6.95 -37.73
C LEU C 991 -10.64 -7.80 -38.77
N ILE C 992 -11.01 -7.17 -39.88
CA ILE C 992 -11.52 -7.87 -41.06
C ILE C 992 -10.39 -7.88 -42.07
N ASN C 993 -9.58 -8.94 -42.05
CA ASN C 993 -8.42 -9.04 -42.94
C ASN C 993 -8.89 -9.67 -44.24
N TRP C 994 -9.03 -8.84 -45.27
CA TRP C 994 -9.54 -9.34 -46.56
C TRP C 994 -8.57 -10.35 -47.17
N SER C 995 -7.27 -10.07 -47.09
CA SER C 995 -6.25 -10.90 -47.73
C SER C 995 -5.30 -11.41 -46.65
N LEU C 996 -5.57 -12.61 -46.15
CA LEU C 996 -4.70 -13.25 -45.19
C LEU C 996 -4.14 -14.58 -45.65
N THR C 997 -4.95 -15.43 -46.29
CA THR C 997 -4.47 -16.72 -46.77
C THR C 997 -4.59 -16.85 -48.29
N ASP C 998 -5.76 -16.63 -48.86
CA ASP C 998 -5.99 -16.92 -50.27
C ASP C 998 -6.30 -15.69 -51.11
N THR C 999 -6.58 -14.54 -50.49
CA THR C 999 -6.93 -13.31 -51.19
C THR C 999 -8.18 -13.45 -52.02
N THR C 1000 -8.82 -14.62 -51.94
CA THR C 1000 -10.05 -14.86 -52.69
C THR C 1000 -11.21 -14.11 -52.05
N THR C 1001 -12.22 -13.80 -52.86
CA THR C 1001 -13.42 -13.17 -52.34
C THR C 1001 -14.59 -13.63 -53.20
N ARG C 1002 -15.80 -13.40 -52.71
CA ARG C 1002 -17.00 -13.73 -53.46
C ARG C 1002 -17.87 -12.48 -53.57
N LEU C 1003 -18.52 -12.32 -54.72
CA LEU C 1003 -19.39 -11.19 -54.97
C LEU C 1003 -20.75 -11.69 -55.42
N VAL C 1004 -21.76 -10.89 -55.10
CA VAL C 1004 -23.15 -11.23 -55.35
C VAL C 1004 -23.78 -10.17 -56.25
N ILE C 1005 -24.71 -10.62 -57.08
CA ILE C 1005 -25.42 -9.77 -58.02
C ILE C 1005 -26.91 -9.95 -57.81
N ARG C 1006 -27.63 -8.84 -57.65
CA ARG C 1006 -29.07 -8.83 -57.51
C ARG C 1006 -29.73 -8.75 -58.87
N LEU C 1007 -30.97 -9.24 -58.95
CA LEU C 1007 -31.78 -9.01 -60.13
C LEU C 1007 -33.24 -9.18 -59.76
N GLY C 1008 -34.09 -8.34 -60.35
CA GLY C 1008 -35.52 -8.42 -60.14
C GLY C 1008 -36.22 -8.86 -61.41
N VAL C 1009 -37.14 -9.80 -61.27
CA VAL C 1009 -37.82 -10.40 -62.42
C VAL C 1009 -39.33 -10.26 -62.24
N ALA C 1010 -40.02 -9.97 -63.33
CA ALA C 1010 -41.46 -9.78 -63.30
C ALA C 1010 -42.17 -11.09 -62.96
N TYR C 1011 -43.37 -10.95 -62.40
CA TYR C 1011 -44.17 -12.10 -61.96
C TYR C 1011 -44.63 -13.05 -63.05
N GLY C 1012 -45.00 -12.50 -64.21
CA GLY C 1012 -45.52 -13.34 -65.28
C GLY C 1012 -44.47 -13.88 -66.23
N SER C 1013 -43.35 -14.35 -65.69
CA SER C 1013 -42.27 -14.90 -66.49
C SER C 1013 -41.72 -16.16 -65.85
N ASP C 1014 -41.05 -16.96 -66.69
CA ASP C 1014 -40.45 -18.25 -66.34
C ASP C 1014 -39.30 -18.09 -65.40
N LEU C 1015 -39.00 -19.14 -64.65
CA LEU C 1015 -37.89 -19.08 -63.71
C LEU C 1015 -36.77 -20.03 -64.10
N GLU C 1016 -36.67 -20.37 -65.38
CA GLU C 1016 -35.56 -21.20 -65.85
C GLU C 1016 -34.75 -20.52 -66.95
N LYS C 1017 -35.41 -19.81 -67.87
CA LYS C 1017 -34.67 -18.99 -68.82
C LYS C 1017 -33.85 -17.93 -68.09
N VAL C 1018 -34.43 -17.34 -67.05
CA VAL C 1018 -33.69 -16.36 -66.24
C VAL C 1018 -32.48 -17.02 -65.59
N ARG C 1019 -32.65 -18.23 -65.06
CA ARG C 1019 -31.53 -18.92 -64.43
C ARG C 1019 -30.43 -19.21 -65.42
N LYS C 1020 -30.78 -19.69 -66.61
CA LYS C 1020 -29.76 -19.97 -67.62
C LYS C 1020 -29.07 -18.71 -68.10
N VAL C 1021 -29.82 -17.60 -68.22
CA VAL C 1021 -29.23 -16.33 -68.63
C VAL C 1021 -28.23 -15.86 -67.58
N LEU C 1022 -28.62 -15.94 -66.31
CA LEU C 1022 -27.71 -15.51 -65.24
C LEU C 1022 -26.47 -16.38 -65.19
N LEU C 1023 -26.62 -17.69 -65.36
CA LEU C 1023 -25.47 -18.58 -65.28
C LEU C 1023 -24.56 -18.47 -66.49
N LYS C 1024 -25.09 -18.07 -67.65
CA LYS C 1024 -24.26 -17.92 -68.84
C LYS C 1024 -23.18 -16.87 -68.63
N ALA C 1025 -23.55 -15.73 -68.03
CA ALA C 1025 -22.59 -14.67 -67.81
C ALA C 1025 -21.46 -15.13 -66.89
N ALA C 1026 -21.80 -15.85 -65.82
CA ALA C 1026 -20.78 -16.33 -64.91
C ALA C 1026 -19.89 -17.38 -65.56
N THR C 1027 -20.47 -18.28 -66.35
CA THR C 1027 -19.68 -19.34 -66.96
C THR C 1027 -18.73 -18.80 -68.02
N GLU C 1028 -19.20 -17.87 -68.86
CA GLU C 1028 -18.39 -17.36 -69.96
C GLU C 1028 -17.63 -16.09 -69.61
N HIS C 1029 -17.24 -15.92 -68.36
CA HIS C 1029 -16.44 -14.77 -67.95
C HIS C 1029 -15.04 -15.25 -67.56
N PRO C 1030 -13.99 -14.76 -68.20
CA PRO C 1030 -12.65 -15.31 -67.95
C PRO C 1030 -12.08 -14.94 -66.59
N ARG C 1031 -12.85 -14.23 -65.77
CA ARG C 1031 -12.36 -13.80 -64.46
C ARG C 1031 -13.16 -14.39 -63.31
N VAL C 1032 -13.96 -15.42 -63.55
CA VAL C 1032 -14.77 -16.05 -62.52
C VAL C 1032 -14.22 -17.43 -62.28
N MET C 1033 -13.96 -17.76 -61.01
CA MET C 1033 -13.36 -19.04 -60.67
C MET C 1033 -14.30 -20.18 -61.02
N HIS C 1034 -13.77 -21.40 -60.91
CA HIS C 1034 -14.54 -22.59 -61.24
C HIS C 1034 -14.60 -23.61 -60.11
N GLU C 1035 -13.58 -23.69 -59.25
CA GLU C 1035 -13.64 -24.64 -58.14
C GLU C 1035 -14.79 -24.33 -57.20
N PRO C 1036 -14.99 -23.08 -56.72
CA PRO C 1036 -16.29 -22.74 -56.14
C PRO C 1036 -17.24 -22.29 -57.24
N MET C 1037 -17.86 -23.25 -57.92
CA MET C 1037 -18.62 -22.95 -59.12
C MET C 1037 -19.74 -21.96 -58.81
N PRO C 1038 -19.96 -20.96 -59.66
CA PRO C 1038 -21.05 -20.00 -59.41
C PRO C 1038 -22.41 -20.69 -59.43
N GLU C 1039 -23.29 -20.16 -58.58
CA GLU C 1039 -24.64 -20.65 -58.40
C GLU C 1039 -25.68 -19.55 -58.49
N VAL C 1040 -26.88 -19.91 -58.93
CA VAL C 1040 -27.97 -18.94 -59.03
C VAL C 1040 -29.05 -19.31 -58.02
N PHE C 1041 -29.55 -18.31 -57.31
CA PHE C 1041 -30.54 -18.52 -56.26
C PHE C 1041 -31.77 -17.66 -56.51
N PHE C 1042 -32.92 -18.20 -56.10
CA PHE C 1042 -34.19 -17.48 -56.08
C PHE C 1042 -34.63 -17.45 -54.62
N THR C 1043 -34.34 -16.34 -53.94
CA THR C 1043 -34.38 -16.30 -52.48
C THR C 1043 -35.44 -15.38 -51.90
N ALA C 1044 -36.19 -14.65 -52.72
CA ALA C 1044 -37.17 -13.75 -52.14
C ALA C 1044 -38.37 -13.45 -53.02
N PHE C 1045 -39.55 -13.47 -52.44
CA PHE C 1045 -40.74 -13.12 -53.16
C PHE C 1045 -40.85 -11.64 -52.86
N GLY C 1046 -40.55 -10.81 -53.85
CA GLY C 1046 -40.59 -9.38 -53.68
C GLY C 1046 -41.98 -8.81 -53.85
N ALA C 1047 -42.21 -7.66 -53.21
CA ALA C 1047 -43.50 -7.00 -53.33
C ALA C 1047 -43.91 -6.80 -54.78
N SER C 1048 -42.95 -6.57 -55.67
CA SER C 1048 -43.26 -6.42 -57.09
C SER C 1048 -42.38 -7.25 -58.00
N THR C 1049 -41.19 -7.67 -57.59
CA THR C 1049 -40.30 -8.47 -58.42
C THR C 1049 -39.75 -9.64 -57.62
N LEU C 1050 -39.74 -10.81 -58.23
CA LEU C 1050 -39.03 -11.94 -57.65
C LEU C 1050 -37.54 -11.64 -57.66
N ASP C 1051 -36.86 -11.94 -56.56
CA ASP C 1051 -35.46 -11.58 -56.39
C ASP C 1051 -34.58 -12.78 -56.70
N HIS C 1052 -33.67 -12.61 -57.66
CA HIS C 1052 -32.67 -13.60 -57.98
C HIS C 1052 -31.30 -13.10 -57.54
N GLU C 1053 -30.51 -13.99 -56.95
CA GLU C 1053 -29.20 -13.65 -56.41
C GLU C 1053 -28.16 -14.57 -57.02
N LEU C 1054 -27.08 -13.98 -57.52
CA LEU C 1054 -25.99 -14.73 -58.14
C LEU C 1054 -24.74 -14.58 -57.30
N ARG C 1055 -24.10 -15.70 -56.97
CA ARG C 1055 -22.87 -15.70 -56.18
C ARG C 1055 -21.73 -16.24 -57.05
N LEU C 1056 -20.61 -15.53 -57.08
CA LEU C 1056 -19.48 -16.03 -57.84
C LEU C 1056 -18.19 -15.53 -57.22
N TYR C 1057 -17.14 -16.33 -57.34
CA TYR C 1057 -15.88 -16.06 -56.67
C TYR C 1057 -14.86 -15.46 -57.62
N VAL C 1058 -13.96 -14.66 -57.07
CA VAL C 1058 -12.89 -14.01 -57.80
C VAL C 1058 -11.60 -14.11 -57.00
N ARG C 1059 -10.49 -14.33 -57.70
CA ARG C 1059 -9.20 -14.53 -57.06
C ARG C 1059 -8.56 -13.20 -56.66
N GLU C 1060 -8.28 -12.35 -57.64
CA GLU C 1060 -7.63 -11.08 -57.37
C GLU C 1060 -8.59 -10.10 -56.70
N LEU C 1061 -8.08 -9.39 -55.70
CA LEU C 1061 -8.91 -8.42 -54.99
C LEU C 1061 -9.27 -7.25 -55.89
N ARG C 1062 -8.32 -6.78 -56.71
CA ARG C 1062 -8.55 -5.63 -57.56
C ARG C 1062 -9.51 -5.91 -58.71
N ASP C 1063 -9.89 -7.16 -58.92
CA ASP C 1063 -10.77 -7.55 -60.01
C ASP C 1063 -12.24 -7.40 -59.62
N ARG C 1064 -12.51 -7.10 -58.34
CA ARG C 1064 -13.88 -7.10 -57.84
C ARG C 1064 -14.76 -6.10 -58.58
N SER C 1065 -14.29 -4.87 -58.75
CA SER C 1065 -15.16 -3.82 -59.30
C SER C 1065 -15.41 -4.02 -60.79
N ARG C 1066 -14.38 -4.36 -61.55
CA ARG C 1066 -14.56 -4.53 -63.00
C ARG C 1066 -15.49 -5.70 -63.30
N THR C 1067 -15.36 -6.79 -62.55
CA THR C 1067 -16.15 -7.98 -62.83
C THR C 1067 -17.63 -7.71 -62.70
N VAL C 1068 -18.03 -6.98 -61.66
CA VAL C 1068 -19.44 -6.65 -61.47
C VAL C 1068 -19.96 -5.84 -62.65
N ASP C 1069 -19.17 -4.88 -63.12
CA ASP C 1069 -19.59 -4.06 -64.25
C ASP C 1069 -19.79 -4.89 -65.50
N GLU C 1070 -18.80 -5.72 -65.85
CA GLU C 1070 -18.91 -6.53 -67.05
C GLU C 1070 -20.08 -7.51 -66.95
N LEU C 1071 -20.24 -8.13 -65.78
CA LEU C 1071 -21.33 -9.08 -65.60
C LEU C 1071 -22.68 -8.40 -65.73
N ASN C 1072 -22.83 -7.20 -65.17
CA ASN C 1072 -24.09 -6.49 -65.28
C ASN C 1072 -24.39 -6.11 -66.72
N ARG C 1073 -23.36 -5.67 -67.46
CA ARG C 1073 -23.58 -5.30 -68.85
C ARG C 1073 -24.03 -6.51 -69.67
N THR C 1074 -23.33 -7.64 -69.52
CA THR C 1074 -23.70 -8.81 -70.32
C THR C 1074 -25.03 -9.39 -69.86
N ILE C 1075 -25.37 -9.25 -68.56
CA ILE C 1075 -26.65 -9.73 -68.08
C ILE C 1075 -27.78 -8.89 -68.67
N ASP C 1076 -27.59 -7.57 -68.76
CA ASP C 1076 -28.61 -6.73 -69.39
C ASP C 1076 -28.74 -7.05 -70.88
N GLN C 1077 -27.62 -7.30 -71.56
CA GLN C 1077 -27.68 -7.66 -72.96
C GLN C 1077 -28.47 -8.95 -73.15
N LEU C 1078 -28.14 -9.99 -72.37
CA LEU C 1078 -28.88 -11.24 -72.46
C LEU C 1078 -30.33 -11.07 -72.04
N CYS C 1079 -30.60 -10.11 -71.15
CA CYS C 1079 -31.97 -9.83 -70.73
C CYS C 1079 -32.81 -9.31 -71.88
N ARG C 1080 -32.29 -8.32 -72.60
CA ARG C 1080 -33.03 -7.82 -73.76
C ARG C 1080 -32.99 -8.81 -74.92
N GLU C 1081 -32.07 -9.77 -74.90
CA GLU C 1081 -32.01 -10.76 -75.96
C GLU C 1081 -33.06 -11.85 -75.77
N ASN C 1082 -33.00 -12.58 -74.65
CA ASN C 1082 -33.91 -13.68 -74.38
C ASN C 1082 -35.33 -13.21 -74.10
N ASP C 1083 -35.55 -11.91 -73.93
CA ASP C 1083 -36.86 -11.32 -73.69
C ASP C 1083 -37.46 -11.89 -72.40
N ILE C 1084 -36.79 -11.55 -71.30
CA ILE C 1084 -37.32 -11.75 -69.96
C ILE C 1084 -37.33 -10.39 -69.28
N ASN C 1085 -38.49 -10.00 -68.75
CA ASN C 1085 -38.74 -8.62 -68.38
C ASN C 1085 -38.22 -8.35 -66.98
N ILE C 1086 -37.47 -7.25 -66.83
CA ILE C 1086 -37.12 -6.71 -65.52
C ILE C 1086 -38.13 -5.62 -65.20
N ALA C 1087 -38.95 -5.85 -64.18
CA ALA C 1087 -40.12 -5.04 -63.91
C ALA C 1087 -39.83 -3.97 -62.88
N PHE C 1088 -40.55 -2.85 -63.02
CA PHE C 1088 -40.49 -1.76 -62.06
C PHE C 1088 -41.54 -2.04 -60.99
N ASN C 1089 -41.43 -1.39 -59.84
CA ASN C 1089 -42.38 -1.61 -58.77
C ASN C 1089 -43.79 -1.27 -59.25
N GLN C 1090 -44.72 -2.18 -59.03
CA GLN C 1090 -46.08 -2.06 -59.55
C GLN C 1090 -47.07 -1.94 -58.41
N LEU C 1091 -48.29 -1.50 -58.75
CA LEU C 1091 -49.36 -1.38 -57.79
C LEU C 1091 -50.68 -1.24 -58.54
N GLU C 1092 -51.75 -1.79 -57.96
CA GLU C 1092 -53.07 -1.79 -58.57
C GLU C 1092 -53.94 -0.72 -57.93
N VAL C 1093 -54.77 -0.08 -58.74
CA VAL C 1093 -55.61 1.03 -58.32
C VAL C 1093 -57.06 0.68 -58.58
N HIS C 1094 -57.90 0.87 -57.56
CA HIS C 1094 -59.34 0.65 -57.67
C HIS C 1094 -60.02 2.00 -57.77
N LEU C 1095 -60.11 2.52 -58.99
CA LEU C 1095 -60.67 3.85 -59.20
C LEU C 1095 -62.19 3.84 -59.03
N HIS C 1096 -62.70 4.95 -58.50
CA HIS C 1096 -64.13 5.22 -58.54
C HIS C 1096 -64.31 6.73 -58.54
N ASN C 1097 -65.16 7.24 -59.42
CA ASN C 1097 -65.32 8.68 -59.57
C ASN C 1097 -66.69 9.14 -59.09
N LEU D 286 76.35 65.17 19.78
CA LEU D 286 75.82 63.82 19.61
C LEU D 286 75.17 63.34 20.91
N VAL D 287 75.91 63.40 22.01
CA VAL D 287 75.38 62.97 23.30
C VAL D 287 74.31 63.92 23.82
N LYS D 288 74.40 65.20 23.44
CA LYS D 288 73.40 66.17 23.89
C LYS D 288 72.01 65.81 23.37
N GLN D 289 71.92 65.37 22.11
CA GLN D 289 70.62 64.97 21.56
C GLN D 289 70.07 63.77 22.31
N GLU D 290 70.91 62.79 22.62
CA GLU D 290 70.46 61.63 23.38
C GLU D 290 69.99 62.03 24.76
N LEU D 291 70.72 62.94 25.42
CA LEU D 291 70.31 63.41 26.75
C LEU D 291 68.97 64.14 26.68
N GLU D 292 68.78 64.98 25.67
CA GLU D 292 67.50 65.67 25.51
C GLU D 292 66.36 64.69 25.26
N ILE D 293 66.61 63.68 24.43
CA ILE D 293 65.59 62.66 24.19
C ILE D 293 65.25 61.90 25.47
N ASN D 294 66.26 61.57 26.26
CA ASN D 294 66.02 60.88 27.53
C ASN D 294 65.21 61.75 28.48
N GLN D 295 65.53 63.05 28.53
CA GLN D 295 64.77 63.96 29.39
C GLN D 295 63.33 64.07 28.93
N GLN D 296 63.11 64.15 27.62
CA GLN D 296 61.75 64.21 27.09
C GLN D 296 60.99 62.93 27.41
N LEU D 297 61.64 61.78 27.28
CA LEU D 297 61.00 60.51 27.62
C LEU D 297 60.65 60.45 29.10
N SER D 298 61.55 60.93 29.96
CA SER D 298 61.26 60.93 31.40
C SER D 298 60.10 61.85 31.73
N GLN D 299 60.06 63.03 31.12
CA GLN D 299 58.94 63.95 31.36
C GLN D 299 57.62 63.34 30.87
N ARG D 300 57.65 62.71 29.70
CA ARG D 300 56.44 62.07 29.18
C ARG D 300 55.99 60.94 30.10
N LEU D 301 56.93 60.15 30.62
CA LEU D 301 56.58 59.07 31.53
C LEU D 301 55.99 59.61 32.83
N ILE D 302 56.55 60.71 33.35
CA ILE D 302 56.02 61.30 34.57
C ILE D 302 54.60 61.81 34.36
N THR D 303 54.37 62.51 33.24
CA THR D 303 53.03 63.01 32.94
C THR D 303 52.05 61.86 32.76
N ALA D 304 52.46 60.81 32.06
CA ALA D 304 51.60 59.65 31.86
C ALA D 304 51.27 58.97 33.18
N THR D 305 52.27 58.85 34.07
CA THR D 305 52.01 58.25 35.38
C THR D 305 51.05 59.08 36.20
N GLU D 306 51.20 60.41 36.17
CA GLU D 306 50.28 61.27 36.90
C GLU D 306 48.86 61.13 36.35
N ASN D 307 48.72 61.12 35.01
CA ASN D 307 47.41 60.95 34.41
C ASN D 307 46.81 59.59 34.75
N GLY D 308 47.66 58.55 34.79
CA GLY D 308 47.20 57.21 35.15
C GLY D 308 46.71 57.17 36.59
N ASN D 309 47.43 57.84 37.50
CA ASN D 309 46.99 57.87 38.89
C ASN D 309 45.66 58.60 39.03
N GLN D 310 45.51 59.74 38.35
CA GLN D 310 44.24 60.45 38.39
C GLN D 310 43.12 59.58 37.82
N LEU D 311 43.38 58.90 36.70
CA LEU D 311 42.37 58.05 36.09
C LEU D 311 42.01 56.88 36.99
N MET D 312 43.01 56.31 37.68
CA MET D 312 42.74 55.21 38.60
C MET D 312 41.88 55.68 39.77
N GLN D 313 42.17 56.87 40.30
CA GLN D 313 41.34 57.40 41.38
C GLN D 313 39.92 57.63 40.91
N GLN D 314 39.74 58.22 39.72
CA GLN D 314 38.41 58.44 39.18
C GLN D 314 37.70 57.11 38.94
N ASN D 315 38.41 56.11 38.42
CA ASN D 315 37.82 54.82 38.17
C ASN D 315 37.40 54.13 39.47
N ILE D 316 38.20 54.27 40.52
CA ILE D 316 37.83 53.70 41.81
C ILE D 316 36.58 54.37 42.36
N LYS D 317 36.50 55.70 42.25
CA LYS D 317 35.29 56.40 42.70
C LYS D 317 34.09 55.95 41.90
N VAL D 318 34.24 55.82 40.58
CA VAL D 318 33.15 55.37 39.73
C VAL D 318 32.73 53.95 40.09
N LYS D 319 33.69 53.08 40.39
CA LYS D 319 33.36 51.71 40.77
C LYS D 319 32.59 51.66 42.09
N ASN D 320 33.01 52.47 43.05
CA ASN D 320 32.29 52.54 44.32
C ASN D 320 30.86 53.02 44.11
N TRP D 321 30.70 54.09 43.34
CA TRP D 321 29.36 54.59 43.05
C TRP D 321 28.53 53.55 42.29
N LEU D 322 29.16 52.80 41.39
CA LEU D 322 28.44 51.81 40.60
C LEU D 322 28.00 50.64 41.45
N GLU D 323 28.85 50.20 42.38
CA GLU D 323 28.44 49.15 43.30
C GLU D 323 27.28 49.61 44.17
N ARG D 324 27.36 50.85 44.67
CA ARG D 324 26.26 51.39 45.46
C ARG D 324 24.98 51.43 44.64
N ALA D 325 25.08 51.86 43.38
CA ALA D 325 23.92 51.93 42.51
C ALA D 325 23.34 50.55 42.23
N LEU D 326 24.20 49.56 42.00
CA LEU D 326 23.72 48.20 41.75
C LEU D 326 22.97 47.66 42.96
N GLN D 327 23.54 47.86 44.16
CA GLN D 327 22.87 47.43 45.37
C GLN D 327 21.53 48.14 45.54
N SER D 328 21.51 49.45 45.30
CA SER D 328 20.27 50.21 45.45
C SER D 328 19.22 49.77 44.44
N GLU D 329 19.63 49.47 43.21
CA GLU D 329 18.69 49.05 42.19
C GLU D 329 18.12 47.68 42.51
N ARG D 330 18.96 46.75 42.97
CA ARG D 330 18.45 45.46 43.40
C ARG D 330 17.47 45.62 44.55
N ASN D 331 17.80 46.48 45.51
CA ASN D 331 16.91 46.71 46.65
C ASN D 331 15.58 47.31 46.20
N ILE D 332 15.63 48.26 45.28
CA ILE D 332 14.41 48.87 44.77
C ILE D 332 13.55 47.86 44.02
N LYS D 333 14.18 46.99 43.23
CA LYS D 333 13.42 45.95 42.53
C LYS D 333 12.75 45.01 43.51
N GLU D 334 13.48 44.60 44.55
CA GLU D 334 12.90 43.73 45.56
C GLU D 334 11.74 44.42 46.27
N GLN D 335 11.90 45.70 46.60
CA GLN D 335 10.85 46.45 47.28
C GLN D 335 9.61 46.56 46.41
N ILE D 336 9.78 47.02 45.17
CA ILE D 336 8.66 47.15 44.26
C ILE D 336 8.00 45.79 43.99
N ALA D 337 8.75 44.70 44.14
CA ALA D 337 8.14 43.39 44.06
C ALA D 337 7.15 43.16 45.21
N VAL D 338 7.27 43.94 46.28
CA VAL D 338 6.41 43.78 47.45
C VAL D 338 5.81 45.08 47.98
N LEU D 339 6.15 46.23 47.39
CA LEU D 339 5.62 47.52 47.84
C LEU D 339 4.53 48.05 46.91
N LYS D 340 3.68 47.15 46.40
CA LYS D 340 2.62 47.57 45.48
C LYS D 340 1.59 48.42 46.21
N GLY D 341 1.07 49.43 45.51
CA GLY D 341 0.01 50.31 46.02
C GLY D 341 0.46 51.01 47.31
N SER D 342 1.51 51.83 47.17
CA SER D 342 2.04 52.62 48.27
C SER D 342 2.28 54.04 47.80
N LEU D 343 1.46 54.98 48.28
CA LEU D 343 1.61 56.37 47.87
C LEU D 343 2.95 56.93 48.32
N LEU D 344 3.34 56.66 49.57
CA LEU D 344 4.61 57.13 50.08
C LEU D 344 5.79 56.52 49.33
N LEU D 345 5.59 55.38 48.67
CA LEU D 345 6.67 54.80 47.86
C LEU D 345 7.09 55.73 46.75
N SER D 346 6.20 56.64 46.33
CA SER D 346 6.61 57.67 45.38
C SER D 346 7.70 58.56 45.97
N ARG D 347 7.55 58.94 47.25
CA ARG D 347 8.58 59.72 47.90
C ARG D 347 9.89 58.94 48.00
N ILE D 348 9.79 57.65 48.30
CA ILE D 348 10.99 56.81 48.38
C ILE D 348 11.68 56.74 47.03
N LEU D 349 10.90 56.57 45.96
CA LEU D 349 11.47 56.55 44.62
C LEU D 349 12.10 57.89 44.25
N TYR D 350 11.48 59.00 44.66
CA TYR D 350 12.06 60.31 44.43
C TYR D 350 13.39 60.45 45.15
N GLN D 351 13.44 59.98 46.39
CA GLN D 351 14.70 60.01 47.14
C GLN D 351 15.76 59.14 46.47
N GLN D 352 15.37 57.95 46.01
CA GLN D 352 16.32 57.06 45.35
C GLN D 352 16.85 57.68 44.07
N GLN D 353 15.97 58.29 43.28
CA GLN D 353 16.40 58.97 42.07
C GLN D 353 17.32 60.14 42.39
N GLN D 354 17.01 60.91 43.44
CA GLN D 354 17.89 61.97 43.88
C GLN D 354 19.24 61.44 44.33
N THR D 355 19.28 60.22 44.86
CA THR D 355 20.55 59.61 45.27
C THR D 355 21.38 59.15 44.08
N LEU D 356 20.75 58.85 42.95
CA LEU D 356 21.48 58.37 41.78
C LEU D 356 22.46 59.44 41.31
N PRO D 357 23.70 59.03 41.04
CA PRO D 357 24.70 59.94 40.53
C PRO D 357 24.47 60.21 39.05
N SER D 358 25.02 61.32 38.58
CA SER D 358 24.85 61.76 37.20
C SER D 358 25.90 61.08 36.32
N ALA D 359 25.44 60.24 35.39
CA ALA D 359 26.33 59.56 34.47
C ALA D 359 26.73 60.41 33.27
N ASP D 360 26.15 61.60 33.11
CA ASP D 360 26.49 62.46 31.99
C ASP D 360 27.92 62.98 32.08
N GLU D 361 28.53 62.90 33.25
CA GLU D 361 29.90 63.38 33.45
C GLU D 361 30.95 62.39 32.94
N LEU D 362 30.53 61.28 32.33
CA LEU D 362 31.46 60.29 31.82
C LEU D 362 32.25 60.86 30.65
N GLU D 363 33.56 60.67 30.67
CA GLU D 363 34.45 61.14 29.61
C GLU D 363 34.75 59.97 28.67
N ASN D 364 34.18 60.04 27.46
CA ASN D 364 34.40 58.97 26.48
C ASN D 364 35.81 59.07 25.92
N MET D 365 36.79 58.65 26.71
CA MET D 365 38.20 58.74 26.34
C MET D 365 38.67 57.56 25.50
N THR D 366 37.76 56.89 24.80
CA THR D 366 38.16 55.79 23.92
C THR D 366 39.18 56.26 22.89
N ASN D 367 39.07 57.50 22.42
CA ASN D 367 40.08 58.04 21.52
C ASN D 367 41.42 58.15 22.23
N ARG D 368 41.42 58.56 23.50
CA ARG D 368 42.65 58.57 24.28
C ARG D 368 43.20 57.16 24.46
N ILE D 369 42.32 56.16 24.55
CA ILE D 369 42.78 54.77 24.64
C ILE D 369 43.48 54.35 23.35
N ALA D 370 42.93 54.71 22.20
CA ALA D 370 43.60 54.43 20.94
C ALA D 370 44.93 55.18 20.85
N ASP D 371 44.97 56.42 21.33
CA ASP D 371 46.22 57.17 21.35
C ASP D 371 47.26 56.48 22.22
N LEU D 372 46.84 55.97 23.37
CA LEU D 372 47.75 55.24 24.24
C LEU D 372 48.26 53.96 23.57
N ARG D 373 47.36 53.25 22.87
CA ARG D 373 47.78 52.04 22.16
C ARG D 373 48.79 52.37 21.08
N LEU D 374 48.55 53.45 20.32
CA LEU D 374 49.50 53.86 19.29
C LEU D 374 50.83 54.27 19.90
N GLU D 375 50.80 55.00 21.01
CA GLU D 375 52.03 55.39 21.68
C GLU D 375 52.81 54.18 22.18
N GLN D 376 52.10 53.18 22.71
CA GLN D 376 52.76 51.95 23.16
C GLN D 376 53.38 51.20 21.99
N PHE D 377 52.67 51.14 20.86
CA PHE D 377 53.24 50.49 19.68
C PHE D 377 54.48 51.24 19.21
N GLU D 378 54.44 52.58 19.23
CA GLU D 378 55.59 53.37 18.83
C GLU D 378 56.77 53.13 19.77
N VAL D 379 56.50 53.04 21.08
CA VAL D 379 57.56 52.78 22.04
C VAL D 379 58.16 51.40 21.82
N ASN D 380 57.31 50.41 21.52
CA ASN D 380 57.82 49.07 21.21
C ASN D 380 58.69 49.08 19.98
N GLN D 381 58.27 49.82 18.94
CA GLN D 381 59.09 49.92 17.74
C GLN D 381 60.43 50.59 18.03
N GLN D 382 60.41 51.65 18.83
CA GLN D 382 61.65 52.35 19.17
C GLN D 382 62.58 51.44 19.98
N ARG D 383 62.01 50.67 20.92
CA ARG D 383 62.82 49.74 21.69
C ARG D 383 63.41 48.64 20.81
N ASP D 384 62.62 48.13 19.86
CA ASP D 384 63.13 47.13 18.93
C ASP D 384 64.25 47.70 18.07
N ALA D 385 64.11 48.96 17.65
CA ALA D 385 65.18 49.60 16.90
C ALA D 385 66.42 49.81 17.76
N LEU D 386 66.23 50.05 19.05
CA LEU D 386 67.34 50.23 19.99
C LEU D 386 67.68 48.97 20.75
N PHE D 387 67.15 47.82 20.33
CA PHE D 387 67.46 46.56 21.02
C PHE D 387 68.94 46.22 20.93
N GLN D 388 69.54 46.41 19.75
CA GLN D 388 70.96 46.17 19.53
C GLN D 388 71.70 47.47 19.81
N SER D 389 72.21 47.60 21.04
CA SER D 389 72.90 48.84 21.44
C SER D 389 74.16 49.05 20.62
N ASP D 390 74.95 47.98 20.41
CA ASP D 390 76.18 48.11 19.64
C ASP D 390 75.90 48.50 18.19
N ALA D 391 74.90 47.87 17.57
CA ALA D 391 74.56 48.20 16.19
C ALA D 391 74.04 49.62 16.07
N PHE D 392 73.21 50.05 17.03
CA PHE D 392 72.72 51.43 17.01
C PHE D 392 73.86 52.43 17.19
N VAL D 393 74.80 52.14 18.07
CA VAL D 393 75.94 53.02 18.27
C VAL D 393 76.80 53.09 17.02
N ASN D 394 77.02 51.93 16.36
CA ASN D 394 77.80 51.93 15.12
C ASN D 394 77.10 52.72 14.03
N LYS D 395 75.78 52.58 13.91
CA LYS D 395 75.03 53.34 12.92
C LYS D 395 75.08 54.83 13.20
N LEU D 396 74.95 55.22 14.47
CA LEU D 396 75.01 56.64 14.82
C LEU D 396 76.40 57.22 14.61
N GLU D 397 77.45 56.43 14.85
CA GLU D 397 78.82 56.90 14.68
C GLU D 397 79.21 57.05 13.22
N GLU D 398 78.39 56.57 12.28
CA GLU D 398 78.71 56.72 10.87
C GLU D 398 78.73 58.19 10.48
N GLY D 399 79.70 58.55 9.63
CA GLY D 399 79.92 59.92 9.17
C GLY D 399 80.17 60.89 10.32
N HIS D 400 80.60 60.38 11.47
CA HIS D 400 80.90 61.22 12.63
C HIS D 400 82.17 60.76 13.35
N THR D 401 83.10 60.17 12.60
CA THR D 401 84.34 59.68 13.20
C THR D 401 85.24 60.81 13.67
N ASN D 402 85.04 62.03 13.16
CA ASN D 402 85.86 63.16 13.57
C ASN D 402 85.54 63.64 14.98
N GLU D 403 84.37 63.27 15.51
CA GLU D 403 83.96 63.66 16.86
C GLU D 403 83.71 62.45 17.75
N VAL D 404 83.99 61.24 17.29
CA VAL D 404 83.78 60.02 18.05
C VAL D 404 85.13 59.46 18.50
N ASN D 405 85.24 59.18 19.79
CA ASN D 405 86.46 58.62 20.37
C ASN D 405 86.10 57.37 21.16
N SER D 406 87.09 56.85 21.90
CA SER D 406 86.84 55.68 22.75
C SER D 406 85.82 55.99 23.83
N GLU D 407 85.94 57.16 24.47
CA GLU D 407 84.98 57.55 25.49
C GLU D 407 83.63 57.91 24.88
N VAL D 408 83.63 58.47 23.68
CA VAL D 408 82.37 58.86 23.04
C VAL D 408 81.51 57.65 22.73
N HIS D 409 82.12 56.56 22.25
CA HIS D 409 81.37 55.35 21.97
C HIS D 409 80.75 54.77 23.24
N ASP D 410 81.51 54.73 24.33
CA ASP D 410 80.97 54.23 25.58
C ASP D 410 79.85 55.11 26.11
N ALA D 411 80.01 56.43 26.00
CA ALA D 411 78.95 57.33 26.43
C ALA D 411 77.69 57.15 25.60
N LEU D 412 77.85 56.97 24.28
CA LEU D 412 76.70 56.74 23.42
C LEU D 412 76.00 55.43 23.77
N LEU D 413 76.78 54.38 24.03
CA LEU D 413 76.20 53.11 24.42
C LEU D 413 75.43 53.21 25.73
N GLN D 414 76.01 53.91 26.71
CA GLN D 414 75.34 54.09 27.99
C GLN D 414 74.06 54.90 27.83
N VAL D 415 74.10 55.95 27.00
CA VAL D 415 72.91 56.76 26.76
C VAL D 415 71.83 55.94 26.07
N VAL D 416 72.22 55.11 25.10
CA VAL D 416 71.25 54.25 24.43
C VAL D 416 70.62 53.26 25.41
N ASP D 417 71.44 52.67 26.29
CA ASP D 417 70.91 51.74 27.28
C ASP D 417 69.95 52.44 28.23
N MET D 418 70.31 53.63 28.69
CA MET D 418 69.42 54.37 29.59
C MET D 418 68.13 54.76 28.89
N ARG D 419 68.21 55.19 27.63
CA ARG D 419 67.01 55.52 26.88
C ARG D 419 66.11 54.29 26.69
N ARG D 420 66.72 53.14 26.41
CA ARG D 420 65.94 51.91 26.28
C ARG D 420 65.25 51.54 27.58
N GLU D 421 65.97 51.67 28.70
CA GLU D 421 65.37 51.35 30.00
C GLU D 421 64.21 52.30 30.32
N LEU D 422 64.41 53.60 30.06
CA LEU D 422 63.35 54.57 30.30
C LEU D 422 62.15 54.31 29.41
N LEU D 423 62.40 53.96 28.14
CA LEU D 423 61.32 53.64 27.22
C LEU D 423 60.56 52.41 27.69
N ASP D 424 61.27 51.39 28.17
CA ASP D 424 60.59 50.20 28.69
C ASP D 424 59.73 50.54 29.90
N GLN D 425 60.25 51.36 30.81
CA GLN D 425 59.48 51.74 31.99
C GLN D 425 58.24 52.53 31.59
N LEU D 426 58.41 53.48 30.66
CA LEU D 426 57.26 54.26 30.20
C LEU D 426 56.25 53.39 29.48
N ASN D 427 56.71 52.41 28.70
CA ASN D 427 55.81 51.51 28.01
C ASN D 427 55.01 50.66 28.99
N LYS D 428 55.68 50.15 30.03
CA LYS D 428 54.95 49.39 31.05
C LYS D 428 53.93 50.26 31.75
N GLN D 429 54.30 51.49 32.09
CA GLN D 429 53.36 52.41 32.74
C GLN D 429 52.18 52.71 31.83
N LEU D 430 52.45 52.92 30.55
CA LEU D 430 51.38 53.23 29.60
C LEU D 430 50.46 52.04 29.40
N GLY D 431 51.01 50.83 29.34
CA GLY D 431 50.19 49.65 29.20
C GLY D 431 49.30 49.44 30.43
N ASN D 432 49.86 49.65 31.62
CA ASN D 432 49.07 49.56 32.84
C ASN D 432 47.96 50.61 32.85
N GLN D 433 48.30 51.84 32.44
CA GLN D 433 47.30 52.89 32.37
C GLN D 433 46.22 52.56 31.35
N LEU D 434 46.58 51.96 30.22
CA LEU D 434 45.60 51.60 29.20
C LEU D 434 44.67 50.50 29.71
N MET D 435 45.22 49.52 30.42
CA MET D 435 44.38 48.49 31.02
C MET D 435 43.41 49.09 32.03
N MET D 436 43.92 50.00 32.88
CA MET D 436 43.07 50.66 33.86
C MET D 436 41.98 51.48 33.16
N ALA D 437 42.34 52.17 32.08
CA ALA D 437 41.37 52.98 31.36
C ALA D 437 40.33 52.11 30.66
N ILE D 438 40.73 50.95 30.13
CA ILE D 438 39.76 50.05 29.51
C ILE D 438 38.79 49.52 30.55
N ASN D 439 39.31 49.14 31.72
CA ASN D 439 38.43 48.72 32.80
C ASN D 439 37.50 49.85 33.22
N LEU D 440 38.03 51.06 33.30
CA LEU D 440 37.21 52.21 33.68
C LEU D 440 36.14 52.49 32.66
N GLN D 441 36.46 52.36 31.37
CA GLN D 441 35.48 52.59 30.33
C GLN D 441 34.39 51.53 30.36
N ILE D 442 34.77 50.26 30.56
CA ILE D 442 33.77 49.21 30.68
C ILE D 442 32.86 49.47 31.88
N ASN D 443 33.45 49.85 33.01
CA ASN D 443 32.66 50.14 34.20
C ASN D 443 31.75 51.35 33.98
N GLN D 444 32.23 52.37 33.29
CA GLN D 444 31.43 53.56 33.04
C GLN D 444 30.26 53.24 32.11
N GLN D 445 30.50 52.43 31.08
CA GLN D 445 29.40 52.02 30.21
C GLN D 445 28.38 51.20 30.98
N GLN D 446 28.86 50.29 31.83
CA GLN D 446 27.94 49.48 32.64
C GLN D 446 27.13 50.36 33.57
N LEU D 447 27.78 51.36 34.18
CA LEU D 447 27.09 52.25 35.12
C LEU D 447 26.09 53.15 34.41
N MET D 448 26.43 53.63 33.21
CA MET D 448 25.46 54.41 32.43
C MET D 448 24.26 53.56 32.07
N SER D 449 24.50 52.31 31.66
CA SER D 449 23.40 51.40 31.37
C SER D 449 22.56 51.14 32.61
N VAL D 450 23.22 50.98 33.76
CA VAL D 450 22.50 50.74 35.01
C VAL D 450 21.65 51.96 35.39
N SER D 451 22.19 53.16 35.21
CA SER D 451 21.41 54.36 35.51
C SER D 451 20.23 54.50 34.57
N LYS D 452 20.42 54.18 33.29
CA LYS D 452 19.31 54.19 32.35
C LYS D 452 18.25 53.18 32.74
N ASN D 453 18.67 51.99 33.14
CA ASN D 453 17.73 50.97 33.59
C ASN D 453 17.02 51.40 34.87
N LEU D 454 17.72 52.10 35.75
CA LEU D 454 17.09 52.62 36.96
C LEU D 454 16.03 53.65 36.62
N LYS D 455 16.33 54.53 35.66
CA LYS D 455 15.32 55.48 35.21
C LYS D 455 14.12 54.76 34.60
N SER D 456 14.38 53.72 33.81
CA SER D 456 13.31 52.94 33.21
C SER D 456 12.45 52.29 34.29
N ILE D 457 13.09 51.74 35.32
CA ILE D 457 12.34 51.11 36.40
C ILE D 457 11.53 52.12 37.18
N LEU D 458 12.09 53.31 37.41
CA LEU D 458 11.36 54.35 38.12
C LEU D 458 10.13 54.77 37.33
N THR D 459 10.29 54.92 36.01
CA THR D 459 9.14 55.22 35.16
C THR D 459 8.10 54.10 35.20
N GLN D 460 8.56 52.86 35.14
CA GLN D 460 7.64 51.72 35.14
C GLN D 460 6.85 51.66 36.44
N GLN D 461 7.52 51.90 37.57
CA GLN D 461 6.83 51.95 38.85
C GLN D 461 5.86 53.12 38.90
N ILE D 462 6.25 54.27 38.33
CA ILE D 462 5.40 55.44 38.35
C ILE D 462 4.31 55.40 37.29
N PHE D 463 4.26 54.36 36.48
CA PHE D 463 3.30 54.29 35.37
C PHE D 463 1.86 54.31 35.87
N TRP D 464 1.45 53.27 36.58
CA TRP D 464 0.07 53.18 37.06
C TRP D 464 -0.12 54.02 38.31
N ASP D 474 -6.19 73.81 51.56
CA ASP D 474 -5.63 72.46 51.52
C ASP D 474 -4.47 72.39 50.55
N TRP D 475 -4.69 71.73 49.42
CA TRP D 475 -3.64 71.63 48.39
C TRP D 475 -3.27 73.00 47.86
N ILE D 476 -4.27 73.85 47.59
CA ILE D 476 -3.99 75.20 47.12
C ILE D 476 -3.33 76.03 48.21
N LYS D 477 -3.77 75.84 49.47
CA LYS D 477 -3.17 76.58 50.57
C LYS D 477 -1.69 76.25 50.72
N ALA D 478 -1.35 74.96 50.61
CA ALA D 478 0.06 74.57 50.63
C ALA D 478 0.78 75.10 49.40
N PHE D 479 0.10 75.13 48.25
CA PHE D 479 0.72 75.66 47.04
C PHE D 479 1.11 77.13 47.16
N PRO D 480 0.43 77.96 47.98
CA PRO D 480 0.90 79.35 48.13
C PRO D 480 2.33 79.45 48.64
N GLN D 481 2.73 78.57 49.56
CA GLN D 481 4.11 78.56 50.02
C GLN D 481 5.04 77.94 48.98
N SER D 482 4.57 76.88 48.31
CA SER D 482 5.39 76.21 47.31
C SER D 482 5.63 77.08 46.08
N LEU D 483 4.83 78.14 45.89
CA LEU D 483 5.04 79.03 44.77
C LEU D 483 6.40 79.71 44.85
N LYS D 484 6.79 80.17 46.05
CA LYS D 484 8.09 80.78 46.23
C LYS D 484 9.21 79.78 45.98
N ASP D 485 9.03 78.53 46.44
CA ASP D 485 10.04 77.51 46.20
C ASP D 485 10.19 77.23 44.72
N GLU D 486 9.07 77.16 43.99
CA GLU D 486 9.13 76.94 42.55
C GLU D 486 9.80 78.11 41.84
N PHE D 487 9.49 79.33 42.26
CA PHE D 487 10.13 80.51 41.67
C PHE D 487 11.63 80.50 41.92
N LYS D 488 12.05 80.11 43.13
CA LYS D 488 13.48 79.99 43.42
C LYS D 488 14.12 78.90 42.57
N SER D 489 13.39 77.81 42.33
CA SER D 489 13.92 76.73 41.51
C SER D 489 14.14 77.18 40.06
N MET D 490 13.40 78.21 39.62
CA MET D 490 13.61 78.72 38.27
C MET D 490 15.01 79.32 38.12
N LYS D 491 15.46 80.05 39.13
CA LYS D 491 16.81 80.63 39.10
C LYS D 491 17.83 79.68 39.72
N ILE D 505 27.04 75.79 12.15
CA ILE D 505 25.99 74.96 11.57
C ILE D 505 24.62 75.58 11.80
N ALA D 506 24.37 76.07 13.01
CA ALA D 506 23.09 76.69 13.32
C ALA D 506 22.87 77.96 12.50
N PHE D 507 23.92 78.78 12.37
CA PHE D 507 23.81 80.00 11.57
C PHE D 507 23.59 79.67 10.09
N LEU D 508 24.29 78.66 9.58
CA LEU D 508 24.09 78.26 8.19
C LEU D 508 22.68 77.74 7.95
N ALA D 509 22.15 76.96 8.89
CA ALA D 509 20.77 76.48 8.76
C ALA D 509 19.78 77.64 8.82
N GLY D 510 20.02 78.61 9.71
CA GLY D 510 19.12 79.75 9.80
C GLY D 510 19.12 80.60 8.54
N LEU D 511 20.31 80.90 8.02
CA LEU D 511 20.39 81.66 6.77
C LEU D 511 19.75 80.90 5.61
N PRO D 512 20.01 79.60 5.42
CA PRO D 512 19.29 78.87 4.37
C PRO D 512 17.78 78.89 4.58
N LEU D 513 17.32 78.83 5.83
CA LEU D 513 15.89 78.94 6.10
C LEU D 513 15.36 80.31 5.70
N LEU D 514 16.11 81.37 5.98
CA LEU D 514 15.69 82.71 5.59
C LEU D 514 15.60 82.84 4.08
N LEU D 515 16.59 82.31 3.35
CA LEU D 515 16.53 82.35 1.89
C LEU D 515 15.36 81.52 1.36
N ILE D 516 15.10 80.37 1.99
CA ILE D 516 13.99 79.53 1.58
C ILE D 516 12.67 80.26 1.76
N ALA D 517 12.52 80.95 2.89
CA ALA D 517 11.30 81.72 3.12
C ALA D 517 11.17 82.88 2.15
N GLY D 518 12.29 83.55 1.84
CA GLY D 518 12.25 84.64 0.88
C GLY D 518 11.80 84.19 -0.49
N LEU D 519 12.31 83.05 -0.95
CA LEU D 519 11.85 82.49 -2.23
C LEU D 519 10.43 81.98 -2.11
N ILE D 520 10.06 81.42 -0.96
CA ILE D 520 8.76 80.82 -0.78
C ILE D 520 7.65 81.86 -0.72
N HIS D 521 7.97 83.11 -0.40
CA HIS D 521 6.95 84.15 -0.49
C HIS D 521 6.42 84.27 -1.92
N TRP D 522 7.31 84.44 -2.89
CA TRP D 522 6.88 84.50 -4.28
C TRP D 522 6.37 83.15 -4.77
N ARG D 523 6.95 82.04 -4.29
CA ARG D 523 6.47 80.72 -4.66
C ARG D 523 5.01 80.53 -4.23
N LEU D 524 4.67 80.97 -3.01
CA LEU D 524 3.32 80.86 -2.51
C LEU D 524 2.38 81.83 -3.21
N GLY D 525 2.87 83.02 -3.58
CA GLY D 525 2.05 83.89 -4.41
C GLY D 525 1.68 83.25 -5.73
N TRP D 526 2.67 82.65 -6.40
CA TRP D 526 2.40 81.96 -7.65
C TRP D 526 1.49 80.76 -7.46
N LEU D 527 1.68 80.02 -6.36
CA LEU D 527 0.83 78.87 -6.06
C LEU D 527 -0.61 79.30 -5.81
N LYS D 528 -0.80 80.41 -5.09
CA LYS D 528 -2.15 80.92 -4.85
C LYS D 528 -2.80 81.35 -6.16
N ALA D 529 -2.03 82.00 -7.04
CA ALA D 529 -2.57 82.37 -8.35
C ALA D 529 -2.99 81.14 -9.13
N TYR D 530 -2.14 80.11 -9.14
CA TYR D 530 -2.45 78.89 -9.86
C TYR D 530 -3.67 78.19 -9.27
N GLN D 531 -3.78 78.16 -7.94
CA GLN D 531 -4.93 77.54 -7.29
C GLN D 531 -6.21 78.29 -7.61
N GLN D 532 -6.16 79.62 -7.61
CA GLN D 532 -7.34 80.40 -7.98
C GLN D 532 -7.72 80.14 -9.42
N LYS D 533 -6.74 80.06 -10.31
CA LYS D 533 -7.03 79.78 -11.72
C LYS D 533 -7.67 78.41 -11.88
N LEU D 534 -7.17 77.40 -11.15
CA LEU D 534 -7.69 76.05 -11.28
C LEU D 534 -9.09 75.95 -10.69
N ALA D 535 -9.33 76.60 -9.54
CA ALA D 535 -10.63 76.49 -8.89
C ALA D 535 -11.70 77.29 -9.61
N SER D 536 -11.38 78.51 -10.05
CA SER D 536 -12.35 79.35 -10.74
C SER D 536 -11.65 80.29 -11.72
N THR D 549 -13.22 73.10 -3.60
CA THR D 549 -12.62 72.32 -4.67
C THR D 549 -11.49 71.45 -4.15
N PRO D 550 -11.43 70.20 -4.62
CA PRO D 550 -10.34 69.30 -4.20
C PRO D 550 -8.96 69.85 -4.55
N LYS D 551 -8.85 70.47 -5.73
CA LYS D 551 -7.58 71.06 -6.13
C LYS D 551 -7.21 72.23 -5.22
N ALA D 552 -8.19 73.07 -4.87
CA ALA D 552 -7.93 74.18 -3.97
C ALA D 552 -7.52 73.67 -2.59
N ILE D 553 -8.17 72.62 -2.11
CA ILE D 553 -7.82 72.05 -0.81
C ILE D 553 -6.40 71.49 -0.84
N LEU D 554 -6.05 70.78 -1.91
CA LEU D 554 -4.70 70.24 -2.03
C LEU D 554 -3.66 71.36 -2.09
N ILE D 555 -3.97 72.43 -2.81
CA ILE D 555 -3.04 73.57 -2.90
C ILE D 555 -2.88 74.22 -1.53
N ASP D 556 -3.98 74.37 -0.79
CA ASP D 556 -3.89 74.95 0.55
C ASP D 556 -3.06 74.07 1.47
N LEU D 557 -3.25 72.75 1.39
CA LEU D 557 -2.46 71.84 2.21
C LEU D 557 -0.98 71.91 1.85
N ILE D 558 -0.67 72.01 0.55
CA ILE D 558 0.72 72.11 0.12
C ILE D 558 1.33 73.42 0.61
N ARG D 559 0.58 74.51 0.54
CA ARG D 559 1.07 75.80 1.02
C ARG D 559 1.32 75.77 2.53
N ALA D 560 0.41 75.13 3.28
CA ALA D 560 0.62 75.01 4.72
C ALA D 560 1.84 74.15 5.03
N LEU D 561 2.04 73.08 4.26
CA LEU D 561 3.20 72.22 4.47
C LEU D 561 4.52 72.95 4.29
N PRO D 562 4.73 73.76 3.25
CA PRO D 562 6.01 74.48 3.15
C PRO D 562 6.29 75.42 4.29
N VAL D 563 5.26 76.14 4.76
CA VAL D 563 5.45 77.06 5.89
C VAL D 563 5.77 76.27 7.15
N CYS D 564 5.09 75.13 7.35
CA CYS D 564 5.38 74.30 8.51
C CYS D 564 6.80 73.76 8.46
N LEU D 565 7.26 73.34 7.27
CA LEU D 565 8.62 72.85 7.12
C LEU D 565 9.64 73.95 7.40
N ILE D 566 9.37 75.17 6.92
CA ILE D 566 10.28 76.29 7.18
C ILE D 566 10.34 76.59 8.67
N ILE D 567 9.18 76.59 9.33
CA ILE D 567 9.15 76.85 10.77
C ILE D 567 9.89 75.77 11.54
N LEU D 568 9.71 74.51 11.14
CA LEU D 568 10.41 73.41 11.80
C LEU D 568 11.92 73.52 11.60
N ALA D 569 12.36 73.89 10.40
CA ALA D 569 13.79 74.08 10.16
C ALA D 569 14.34 75.22 11.00
N VAL D 570 13.58 76.32 11.12
CA VAL D 570 14.01 77.45 11.93
C VAL D 570 14.12 77.03 13.40
N GLY D 571 13.14 76.27 13.89
CA GLY D 571 13.19 75.80 15.27
C GLY D 571 14.36 74.85 15.51
N LEU D 572 14.62 73.95 14.56
CA LEU D 572 15.76 73.05 14.71
C LEU D 572 17.07 73.81 14.71
N ILE D 573 17.19 74.83 13.87
CA ILE D 573 18.39 75.68 13.88
C ILE D 573 18.51 76.40 15.21
N LEU D 574 17.38 76.84 15.78
CA LEU D 574 17.40 77.49 17.08
C LEU D 574 17.66 76.51 18.21
N LEU D 575 17.53 75.20 17.97
CA LEU D 575 17.76 74.20 19.00
C LEU D 575 19.06 73.45 18.74
N SER D 582 19.32 72.82 25.75
CA SER D 582 18.22 73.04 24.82
C SER D 582 17.53 71.72 24.47
N GLU D 583 17.58 70.77 25.41
CA GLU D 583 16.95 69.47 25.16
C GLU D 583 15.43 69.60 25.06
N LEU D 584 14.82 70.41 25.91
CA LEU D 584 13.37 70.57 25.88
C LEU D 584 12.92 71.27 24.61
N LEU D 585 13.77 72.14 24.06
CA LEU D 585 13.41 72.87 22.84
C LEU D 585 13.25 71.93 21.66
N TRP D 586 14.09 70.88 21.58
CA TRP D 586 14.00 69.96 20.46
C TRP D 586 12.68 69.20 20.46
N SER D 587 12.27 68.68 21.63
CA SER D 587 10.99 67.99 21.71
C SER D 587 9.83 68.97 21.53
N PHE D 588 9.99 70.21 22.03
CA PHE D 588 8.97 71.22 21.81
C PHE D 588 8.76 71.48 20.32
N SER D 589 9.85 71.56 19.56
CA SER D 589 9.72 71.76 18.12
C SER D 589 9.18 70.51 17.43
N LYS D 590 9.55 69.32 17.91
CA LYS D 590 9.02 68.10 17.34
C LYS D 590 7.51 68.04 17.46
N LYS D 591 6.98 68.43 18.63
CA LYS D 591 5.53 68.51 18.78
C LYS D 591 4.95 69.68 18.00
N LEU D 592 5.68 70.80 17.96
CA LEU D 592 5.20 72.00 17.31
C LEU D 592 5.08 71.84 15.80
N ALA D 593 5.80 70.89 15.21
CA ALA D 593 5.60 70.60 13.79
C ALA D 593 4.14 70.22 13.52
N ILE D 594 3.65 69.18 14.20
CA ILE D 594 2.26 68.77 14.04
C ILE D 594 1.32 69.84 14.58
N PHE D 595 1.70 70.53 15.65
CA PHE D 595 0.85 71.58 16.20
C PHE D 595 0.61 72.69 15.19
N TRP D 596 1.68 73.13 14.52
CA TRP D 596 1.56 74.17 13.50
C TRP D 596 0.85 73.66 12.26
N LEU D 597 1.03 72.38 11.91
CA LEU D 597 0.25 71.81 10.81
C LEU D 597 -1.24 71.91 11.10
N VAL D 598 -1.64 71.51 12.32
CA VAL D 598 -3.05 71.59 12.71
C VAL D 598 -3.52 73.03 12.73
N PHE D 599 -2.69 73.94 13.25
CA PHE D 599 -3.08 75.34 13.33
C PHE D 599 -3.27 75.96 11.94
N GLY D 600 -2.36 75.66 11.02
CA GLY D 600 -2.44 76.17 9.66
C GLY D 600 -3.46 75.49 8.78
N LEU D 601 -3.94 74.30 9.18
CA LEU D 601 -5.04 73.68 8.46
C LEU D 601 -6.27 74.58 8.44
N CYS D 602 -6.53 75.27 9.55
CA CYS D 602 -7.65 76.20 9.60
C CYS D 602 -7.32 77.52 8.88
N TRP D 603 -6.07 77.96 8.94
CA TRP D 603 -5.68 79.19 8.27
C TRP D 603 -5.81 79.06 6.76
N LYS D 604 -5.41 77.92 6.21
CA LYS D 604 -5.51 77.66 4.78
C LYS D 604 -6.85 77.10 4.38
N VAL D 605 -7.75 76.86 5.33
CA VAL D 605 -9.08 76.34 5.02
C VAL D 605 -10.07 76.78 6.09
N GLN D 622 -19.02 79.55 10.64
CA GLN D 622 -18.54 79.95 9.32
C GLN D 622 -17.03 79.78 9.22
N THR D 623 -16.54 79.58 7.99
CA THR D 623 -15.10 79.44 7.78
C THR D 623 -14.35 80.70 8.20
N SER D 624 -14.88 81.87 7.84
CA SER D 624 -14.29 83.12 8.30
C SER D 624 -14.39 83.23 9.83
N HIS D 625 -15.54 82.84 10.39
CA HIS D 625 -15.67 82.80 11.83
C HIS D 625 -14.72 81.78 12.45
N TRP D 626 -14.58 80.62 11.80
CA TRP D 626 -13.62 79.62 12.28
C TRP D 626 -12.20 80.12 12.15
N ARG D 627 -11.90 80.88 11.10
CA ARG D 627 -10.55 81.42 10.91
C ARG D 627 -10.16 82.35 12.05
N ARG D 628 -11.14 82.94 12.73
CA ARG D 628 -10.85 83.79 13.88
C ARG D 628 -10.98 83.04 15.20
N GLN D 629 -11.82 82.02 15.27
CA GLN D 629 -12.02 81.26 16.49
C GLN D 629 -10.97 80.18 16.70
N ILE D 630 -10.19 79.83 15.67
CA ILE D 630 -9.14 78.83 15.83
C ILE D 630 -7.95 79.34 16.63
N VAL D 631 -7.86 80.66 16.84
CA VAL D 631 -6.76 81.23 17.62
C VAL D 631 -6.80 80.72 19.05
N ARG D 632 -7.99 80.66 19.64
CA ARG D 632 -8.12 80.15 21.00
C ARG D 632 -7.70 78.68 21.09
N ILE D 633 -8.09 77.88 20.09
CA ILE D 633 -7.70 76.47 20.08
C ILE D 633 -6.18 76.34 19.95
N SER D 634 -5.58 77.15 19.07
CA SER D 634 -4.13 77.12 18.93
C SER D 634 -3.43 77.51 20.22
N LEU D 635 -3.93 78.55 20.90
CA LEU D 635 -3.33 78.97 22.17
C LEU D 635 -3.47 77.89 23.23
N ALA D 636 -4.64 77.24 23.29
CA ALA D 636 -4.84 76.16 24.26
C ALA D 636 -3.90 74.99 23.98
N LEU D 637 -3.73 74.63 22.71
CA LEU D 637 -2.79 73.58 22.36
C LEU D 637 -1.36 73.96 22.73
N LEU D 638 -0.99 75.22 22.50
CA LEU D 638 0.34 75.68 22.88
C LEU D 638 0.59 75.57 24.38
N PRO D 639 -0.31 75.99 25.27
CA PRO D 639 -0.10 75.74 26.70
C PRO D 639 0.00 74.26 27.03
N ILE D 640 -0.82 73.43 26.38
CA ILE D 640 -0.74 71.99 26.60
C ILE D 640 0.60 71.45 26.11
N HIS D 641 1.05 71.94 24.96
CA HIS D 641 2.35 71.51 24.44
C HIS D 641 3.47 71.90 25.40
N PHE D 642 3.43 73.12 25.94
CA PHE D 642 4.46 73.57 26.87
C PHE D 642 4.41 72.77 28.17
N TRP D 643 3.23 72.42 28.65
CA TRP D 643 3.10 71.67 29.88
C TRP D 643 3.34 70.17 29.72
N SER D 644 3.33 69.66 28.49
CA SER D 644 3.51 68.23 28.27
C SER D 644 4.76 67.87 27.48
N VAL D 645 5.57 68.86 27.08
CA VAL D 645 6.78 68.56 26.31
C VAL D 645 7.75 67.73 27.15
N VAL D 646 7.93 68.10 28.42
CA VAL D 646 8.90 67.42 29.28
C VAL D 646 8.34 66.13 29.88
N ALA D 647 7.11 65.74 29.53
CA ALA D 647 6.52 64.54 30.12
C ALA D 647 7.16 63.29 29.56
N GLU D 648 7.13 63.12 28.24
CA GLU D 648 7.64 61.91 27.61
C GLU D 648 9.15 61.74 27.77
N LEU D 649 9.87 62.79 28.13
CA LEU D 649 11.32 62.71 28.30
C LEU D 649 11.72 62.56 29.76
N VAL D 658 3.54 70.79 41.51
CA VAL D 658 2.17 71.04 41.08
C VAL D 658 2.02 72.40 40.42
N LEU D 659 3.10 73.17 40.29
CA LEU D 659 3.00 74.48 39.68
C LEU D 659 2.61 74.39 38.21
N GLY D 660 3.13 73.39 37.49
CA GLY D 660 2.85 73.24 36.08
C GLY D 660 1.41 72.93 35.77
N GLN D 661 0.65 72.44 36.75
CA GLN D 661 -0.75 72.12 36.56
C GLN D 661 -1.68 73.29 36.89
N ALA D 662 -1.15 74.42 37.35
CA ALA D 662 -1.99 75.56 37.69
C ALA D 662 -2.71 76.08 36.45
N MET D 663 -1.99 76.22 35.34
CA MET D 663 -2.61 76.67 34.10
C MET D 663 -3.52 75.59 33.52
N ILE D 664 -3.13 74.33 33.65
CA ILE D 664 -3.92 73.23 33.10
C ILE D 664 -5.27 73.13 33.82
N PHE D 665 -5.30 73.46 35.11
CA PHE D 665 -6.56 73.39 35.85
C PHE D 665 -7.61 74.33 35.24
N PHE D 666 -7.19 75.54 34.86
CA PHE D 666 -8.10 76.46 34.20
C PHE D 666 -8.33 76.10 32.74
N ASN D 667 -7.30 75.53 32.08
CA ASN D 667 -7.45 75.16 30.68
C ASN D 667 -8.49 74.05 30.51
N LEU D 668 -8.53 73.10 31.43
CA LEU D 668 -9.51 72.03 31.36
C LEU D 668 -10.92 72.58 31.47
N LEU D 669 -11.14 73.50 32.41
CA LEU D 669 -12.45 74.12 32.57
C LEU D 669 -12.82 74.94 31.33
N LEU D 670 -11.86 75.67 30.76
CA LEU D 670 -12.12 76.44 29.56
C LEU D 670 -12.49 75.54 28.40
N ILE D 671 -11.80 74.42 28.24
CA ILE D 671 -12.10 73.47 27.17
C ILE D 671 -13.50 72.89 27.37
N ALA D 672 -13.84 72.53 28.60
CA ALA D 672 -15.16 72.00 28.88
C ALA D 672 -16.25 73.03 28.56
N PHE D 673 -16.03 74.29 28.94
CA PHE D 673 -17.00 75.33 28.66
C PHE D 673 -17.16 75.56 27.16
N LEU D 674 -16.04 75.54 26.42
CA LEU D 674 -16.11 75.70 24.97
C LEU D 674 -16.85 74.54 24.32
N VAL D 675 -16.61 73.32 24.79
CA VAL D 675 -17.29 72.16 24.24
C VAL D 675 -18.77 72.18 24.57
N TRP D 676 -19.13 72.74 25.73
CA TRP D 676 -20.54 72.80 26.12
C TRP D 676 -21.42 73.50 25.10
N PRO D 677 -21.03 74.66 24.54
CA PRO D 677 -21.86 75.26 23.49
C PRO D 677 -22.03 74.37 22.27
N MET D 678 -20.98 73.67 21.87
CA MET D 678 -21.08 72.76 20.73
C MET D 678 -22.01 71.59 21.04
N CYS D 679 -21.93 71.05 22.26
CA CYS D 679 -22.84 69.97 22.66
C CYS D 679 -24.28 70.46 22.69
N ARG D 680 -24.50 71.68 23.19
CA ARG D 680 -25.86 72.23 23.20
C ARG D 680 -26.39 72.43 21.78
N GLU D 681 -25.53 72.91 20.87
CA GLU D 681 -25.93 73.02 19.48
C GLU D 681 -26.19 71.65 18.86
N SER D 682 -25.33 70.67 19.19
CA SER D 682 -25.54 69.32 18.69
C SER D 682 -26.78 68.68 19.28
N TRP D 683 -27.07 68.97 20.56
CA TRP D 683 -28.26 68.41 21.20
C TRP D 683 -29.55 68.90 20.57
N ARG D 684 -29.51 70.05 19.88
CA ARG D 684 -30.70 70.55 19.21
C ARG D 684 -31.15 69.67 18.06
N ASP D 685 -30.24 68.87 17.50
CA ASP D 685 -30.55 67.96 16.40
C ASP D 685 -30.54 66.53 16.90
N LYS D 686 -31.59 65.78 16.59
CA LYS D 686 -31.72 64.39 17.02
C LYS D 686 -31.59 63.41 15.86
N GLU D 687 -32.37 63.61 14.80
CA GLU D 687 -32.31 62.71 13.65
C GLU D 687 -31.00 62.84 12.88
N SER D 688 -30.30 63.96 13.02
CA SER D 688 -29.04 64.15 12.33
C SER D 688 -27.95 63.27 12.94
N HIS D 689 -26.95 62.94 12.13
CA HIS D 689 -25.85 62.12 12.60
C HIS D 689 -24.99 62.87 13.61
N THR D 690 -24.51 62.17 14.62
CA THR D 690 -23.67 62.72 15.66
C THR D 690 -22.44 61.85 15.89
N MET D 691 -21.80 61.46 14.78
CA MET D 691 -20.61 60.62 14.88
C MET D 691 -19.47 61.35 15.58
N ARG D 692 -19.27 62.64 15.27
CA ARG D 692 -18.19 63.41 15.84
C ARG D 692 -18.42 63.78 17.30
N LEU D 693 -19.65 63.62 17.80
CA LEU D 693 -19.93 63.97 19.19
C LEU D 693 -19.21 63.03 20.16
N VAL D 694 -19.01 61.77 19.75
CA VAL D 694 -18.34 60.81 20.62
C VAL D 694 -16.92 61.25 20.93
N THR D 695 -16.18 61.68 19.90
CA THR D 695 -14.83 62.17 20.13
C THR D 695 -14.82 63.42 20.99
N ILE D 696 -15.76 64.33 20.74
CA ILE D 696 -15.87 65.53 21.57
C ILE D 696 -16.20 65.16 23.01
N THR D 697 -17.10 64.18 23.19
CA THR D 697 -17.45 63.74 24.54
C THR D 697 -16.24 63.14 25.24
N VAL D 698 -15.44 62.35 24.52
CA VAL D 698 -14.24 61.76 25.12
C VAL D 698 -13.24 62.84 25.50
N LEU D 699 -13.05 63.84 24.62
CA LEU D 699 -12.13 64.93 24.93
C LEU D 699 -12.60 65.72 26.13
N SER D 700 -13.90 65.99 26.23
CA SER D 700 -14.43 66.71 27.39
C SER D 700 -14.28 65.89 28.67
N ILE D 701 -14.51 64.58 28.58
CA ILE D 701 -14.33 63.71 29.75
C ILE D 701 -12.88 63.74 30.20
N ILE D 702 -11.94 63.71 29.25
CA ILE D 702 -10.52 63.85 29.59
C ILE D 702 -10.26 65.20 30.26
N PRO D 703 -10.77 66.32 29.75
CA PRO D 703 -10.56 67.60 30.47
C PRO D 703 -11.15 67.60 31.87
N ILE D 704 -12.29 66.96 32.07
CA ILE D 704 -12.88 66.88 33.40
C ILE D 704 -12.05 65.97 34.31
N ALA D 705 -11.66 64.81 33.79
CA ALA D 705 -10.92 63.85 34.61
C ALA D 705 -9.56 64.40 35.01
N LEU D 706 -8.88 65.09 34.09
CA LEU D 706 -7.55 65.61 34.40
C LEU D 706 -7.62 66.64 35.54
N MET D 707 -8.63 67.50 35.52
CA MET D 707 -8.77 68.50 36.57
C MET D 707 -9.44 67.95 37.83
N VAL D 708 -10.05 66.77 37.77
CA VAL D 708 -10.73 66.21 38.93
C VAL D 708 -9.80 65.29 39.72
N LEU D 709 -9.20 64.31 39.06
CA LEU D 709 -8.47 63.25 39.73
C LEU D 709 -7.02 63.63 40.06
N THR D 710 -6.57 64.82 39.70
CA THR D 710 -5.19 65.22 39.93
C THR D 710 -4.92 65.67 41.35
N ALA D 711 -5.94 65.78 42.20
CA ALA D 711 -5.76 66.22 43.57
C ALA D 711 -4.95 65.20 44.37
N PHE D 715 -0.93 57.60 40.65
CA PHE D 715 -2.09 58.29 41.20
C PHE D 715 -2.19 59.70 40.64
N TYR D 716 -1.05 60.40 40.58
CA TYR D 716 -0.98 61.74 40.02
C TYR D 716 -0.66 61.75 38.54
N THR D 717 -0.55 60.59 37.91
CA THR D 717 -0.18 60.48 36.50
C THR D 717 -1.37 60.66 35.55
N THR D 718 -2.45 61.28 36.02
CA THR D 718 -3.62 61.45 35.15
C THR D 718 -3.33 62.38 33.99
N LEU D 719 -2.35 63.28 34.13
CA LEU D 719 -2.04 64.22 33.06
C LEU D 719 -1.41 63.54 31.85
N ARG D 720 -0.98 62.28 31.99
CA ARG D 720 -0.32 61.61 30.87
C ARG D 720 -1.30 61.34 29.74
N LEU D 721 -2.58 61.15 30.05
CA LEU D 721 -3.55 60.80 29.03
C LEU D 721 -3.80 61.95 28.08
N ALA D 722 -3.42 63.17 28.46
CA ALA D 722 -3.65 64.33 27.60
C ALA D 722 -2.84 64.24 26.31
N GLY D 723 -1.63 63.69 26.38
CA GLY D 723 -0.83 63.54 25.17
C GLY D 723 -1.50 62.65 24.15
N ARG D 724 -2.08 61.54 24.60
CA ARG D 724 -2.82 60.67 23.69
C ARG D 724 -4.12 61.31 23.24
N TRP D 725 -4.77 62.06 24.12
CA TRP D 725 -6.05 62.69 23.78
C TRP D 725 -5.88 63.72 22.68
N ILE D 726 -4.82 64.54 22.77
CA ILE D 726 -4.58 65.55 21.75
C ILE D 726 -4.30 64.88 20.40
N GLU D 727 -3.49 63.83 20.41
CA GLU D 727 -3.20 63.11 19.17
C GLU D 727 -4.46 62.48 18.59
N THR D 728 -5.31 61.92 19.44
CA THR D 728 -6.56 61.34 18.96
C THR D 728 -7.46 62.40 18.36
N VAL D 729 -7.53 63.58 18.98
CA VAL D 729 -8.35 64.66 18.43
C VAL D 729 -7.82 65.09 17.08
N TYR D 730 -6.50 65.23 16.96
CA TYR D 730 -5.91 65.62 15.68
C TYR D 730 -6.18 64.56 14.62
N LEU D 731 -6.06 63.29 14.98
CA LEU D 731 -6.35 62.21 14.04
C LEU D 731 -7.80 62.23 13.60
N VAL D 732 -8.73 62.50 14.54
CA VAL D 732 -10.14 62.57 14.20
C VAL D 732 -10.41 63.73 13.25
N ILE D 733 -9.80 64.88 13.50
CA ILE D 733 -9.98 66.02 12.61
C ILE D 733 -9.44 65.71 11.22
N ILE D 734 -8.26 65.09 11.16
CA ILE D 734 -7.67 64.72 9.87
C ILE D 734 -8.56 63.73 9.14
N TRP D 735 -9.12 62.76 9.87
CA TRP D 735 -10.00 61.77 9.26
C TRP D 735 -11.26 62.41 8.71
N ASN D 736 -11.83 63.37 9.45
CA ASN D 736 -13.03 64.05 8.98
C ASN D 736 -12.73 64.86 7.72
N LEU D 737 -11.60 65.57 7.71
CA LEU D 737 -11.23 66.35 6.53
C LEU D 737 -10.98 65.43 5.32
N LEU D 738 -10.29 64.32 5.55
CA LEU D 738 -10.04 63.38 4.46
C LEU D 738 -11.34 62.76 3.96
N TYR D 739 -12.28 62.48 4.86
CA TYR D 739 -13.57 61.94 4.44
C TYR D 739 -14.34 62.95 3.60
N GLN D 740 -14.33 64.22 4.00
CA GLN D 740 -14.99 65.25 3.20
C GLN D 740 -14.34 65.38 1.82
N THR D 741 -13.02 65.38 1.77
CA THR D 741 -12.32 65.47 0.48
C THR D 741 -12.62 64.26 -0.40
N VAL D 742 -12.65 63.07 0.20
CA VAL D 742 -12.94 61.86 -0.57
C VAL D 742 -14.37 61.88 -1.08
N LEU D 743 -15.30 62.38 -0.26
CA LEU D 743 -16.68 62.50 -0.72
C LEU D 743 -16.80 63.46 -1.90
N ARG D 744 -16.10 64.60 -1.82
CA ARG D 744 -16.12 65.55 -2.93
C ARG D 744 -15.52 64.93 -4.19
N GLY D 745 -14.39 64.24 -4.05
CA GLY D 745 -13.76 63.61 -5.20
C GLY D 745 -14.62 62.52 -5.80
N LEU D 746 -15.26 61.71 -4.96
CA LEU D 746 -16.15 60.67 -5.45
C LEU D 746 -17.36 61.26 -6.17
N SER D 747 -17.91 62.35 -5.64
CA SER D 747 -19.02 63.01 -6.32
C SER D 747 -18.59 63.55 -7.68
N VAL D 748 -17.40 64.16 -7.75
CA VAL D 748 -16.90 64.67 -9.02
C VAL D 748 -16.70 63.53 -10.01
N ALA D 749 -16.10 62.42 -9.56
CA ALA D 749 -15.87 61.29 -10.45
C ALA D 749 -17.18 60.68 -10.93
N ALA D 750 -18.16 60.57 -10.04
CA ALA D 750 -19.47 60.03 -10.44
C ALA D 750 -20.15 60.95 -11.45
N ARG D 751 -20.08 62.27 -11.25
CA ARG D 751 -20.65 63.19 -12.21
C ARG D 751 -19.97 63.07 -13.57
N ARG D 752 -18.64 62.97 -13.57
CA ARG D 752 -17.91 62.81 -14.83
C ARG D 752 -18.28 61.51 -15.52
N ILE D 753 -18.39 60.42 -14.77
CA ILE D 753 -18.75 59.14 -15.36
C ILE D 753 -20.16 59.18 -15.93
N ALA D 754 -21.10 59.80 -15.21
CA ALA D 754 -22.47 59.91 -15.71
C ALA D 754 -22.52 60.76 -16.97
N ASN D 787 -19.75 54.29 -7.98
CA ASN D 787 -19.89 55.62 -7.41
C ASN D 787 -20.09 55.56 -5.90
N GLN D 788 -21.34 55.28 -5.49
CA GLN D 788 -21.64 55.19 -4.06
C GLN D 788 -20.88 54.04 -3.41
N GLN D 789 -20.82 52.89 -4.06
CA GLN D 789 -20.11 51.75 -3.50
C GLN D 789 -18.61 52.03 -3.38
N THR D 790 -18.01 52.64 -4.41
CA THR D 790 -16.60 52.98 -4.36
C THR D 790 -16.31 54.00 -3.27
N LEU D 791 -17.18 55.00 -3.13
CA LEU D 791 -17.01 56.00 -2.08
C LEU D 791 -17.11 55.35 -0.70
N ARG D 792 -18.08 54.44 -0.52
CA ARG D 792 -18.21 53.75 0.75
C ARG D 792 -16.98 52.90 1.06
N ILE D 793 -16.44 52.21 0.04
CA ILE D 793 -15.25 51.39 0.25
C ILE D 793 -14.06 52.27 0.62
N THR D 794 -13.88 53.40 -0.06
CA THR D 794 -12.78 54.29 0.26
C THR D 794 -12.92 54.87 1.66
N MET D 795 -14.14 55.25 2.04
CA MET D 795 -14.37 55.76 3.39
C MET D 795 -14.10 54.71 4.44
N LEU D 796 -14.50 53.46 4.17
CA LEU D 796 -14.22 52.38 5.10
C LEU D 796 -12.72 52.14 5.24
N LEU D 797 -11.99 52.18 4.13
CA LEU D 797 -10.54 52.01 4.19
C LEU D 797 -9.88 53.13 5.00
N MET D 798 -10.32 54.37 4.77
CA MET D 798 -9.75 55.50 5.50
C MET D 798 -10.08 55.40 6.99
N PHE D 799 -11.31 55.00 7.33
CA PHE D 799 -11.69 54.86 8.72
C PHE D 799 -10.90 53.75 9.39
N ALA D 800 -10.67 52.64 8.68
CA ALA D 800 -9.87 51.55 9.24
C ALA D 800 -8.43 52.01 9.49
N LEU D 801 -7.85 52.74 8.54
CA LEU D 801 -6.50 53.25 8.73
C LEU D 801 -6.43 54.21 9.92
N PHE D 802 -7.41 55.10 10.03
CA PHE D 802 -7.43 56.03 11.15
C PHE D 802 -7.58 55.31 12.48
N GLY D 803 -8.44 54.29 12.52
CA GLY D 803 -8.60 53.53 13.75
C GLY D 803 -7.36 52.75 14.14
N VAL D 804 -6.67 52.17 13.14
CA VAL D 804 -5.42 51.47 13.42
C VAL D 804 -4.38 52.44 13.97
N MET D 805 -4.28 53.63 13.35
CA MET D 805 -3.34 54.62 13.83
C MET D 805 -3.68 55.07 15.26
N PHE D 806 -4.96 55.27 15.54
CA PHE D 806 -5.37 55.67 16.88
C PHE D 806 -5.05 54.59 17.90
N TRP D 807 -5.31 53.32 17.55
CA TRP D 807 -5.02 52.22 18.45
C TRP D 807 -3.52 52.14 18.74
N ALA D 808 -2.69 52.30 17.70
CA ALA D 808 -1.26 52.27 17.89
C ALA D 808 -0.71 53.56 18.48
N ILE D 809 -1.52 54.60 18.62
CA ILE D 809 -1.08 55.90 19.09
C ILE D 809 -1.66 56.24 20.46
N TRP D 810 -2.93 55.92 20.70
CA TRP D 810 -3.55 56.26 21.98
C TRP D 810 -2.92 55.52 23.14
N SER D 811 -2.24 54.40 22.88
CA SER D 811 -1.53 53.57 23.85
C SER D 811 -2.49 52.89 24.83
N ASP D 812 -3.80 53.10 24.72
CA ASP D 812 -4.77 52.43 25.56
C ASP D 812 -5.38 51.20 24.90
N LEU D 813 -5.40 51.14 23.57
CA LEU D 813 -5.88 49.95 22.89
C LEU D 813 -4.94 48.77 23.13
N ILE D 814 -3.67 49.04 23.40
CA ILE D 814 -2.75 47.97 23.78
C ILE D 814 -3.22 47.31 25.06
N THR D 815 -3.63 48.12 26.04
CA THR D 815 -4.25 47.57 27.24
C THR D 815 -5.56 46.87 26.90
N VAL D 816 -6.33 47.44 25.99
CA VAL D 816 -7.56 46.79 25.53
C VAL D 816 -7.23 45.49 24.81
N PHE D 817 -6.13 45.47 24.06
CA PHE D 817 -5.70 44.24 23.40
C PHE D 817 -5.37 43.16 24.43
N SER D 818 -4.67 43.54 25.51
CA SER D 818 -4.37 42.58 26.57
C SER D 818 -5.64 42.10 27.25
N TYR D 819 -6.60 43.01 27.49
CA TYR D 819 -7.85 42.62 28.14
C TYR D 819 -8.62 41.63 27.26
N LEU D 820 -8.66 41.89 25.95
CA LEU D 820 -9.31 40.95 25.03
C LEU D 820 -8.57 39.63 24.98
N ASP D 821 -7.24 39.65 25.06
CA ASP D 821 -6.43 38.44 25.00
C ASP D 821 -6.27 37.76 26.36
N SER D 822 -7.15 38.04 27.31
CA SER D 822 -7.05 37.49 28.66
C SER D 822 -8.36 36.81 29.04
N ILE D 823 -8.87 35.95 28.16
CA ILE D 823 -10.08 35.19 28.40
C ILE D 823 -9.89 33.78 27.84
N THR D 824 -10.92 32.95 28.01
CA THR D 824 -10.88 31.57 27.55
C THR D 824 -12.24 31.19 26.97
N LEU D 825 -12.22 30.46 25.86
CA LEU D 825 -13.46 30.03 25.23
C LEU D 825 -13.53 28.53 25.01
N TRP D 826 -12.44 27.90 24.60
CA TRP D 826 -12.42 26.47 24.35
C TRP D 826 -10.98 25.97 24.50
N HIS D 827 -10.84 24.66 24.68
CA HIS D 827 -9.52 24.05 24.89
C HIS D 827 -8.96 23.63 23.54
N TYR D 828 -7.88 24.29 23.12
CA TYR D 828 -7.16 23.95 21.90
C TYR D 828 -5.79 23.38 22.26
N ASN D 829 -5.21 22.64 21.32
CA ASN D 829 -3.91 22.04 21.51
C ASN D 829 -3.11 22.13 20.22
N GLY D 830 -1.80 22.02 20.34
CA GLY D 830 -0.95 22.07 19.16
C GLY D 830 0.50 21.88 19.55
N THR D 831 1.38 22.12 18.56
CA THR D 831 2.82 22.02 18.76
C THR D 831 3.45 23.35 18.43
N GLU D 832 4.14 23.94 19.41
CA GLU D 832 4.83 25.21 19.23
C GLU D 832 6.28 25.05 19.68
N ALA D 833 7.21 25.46 18.83
CA ALA D 833 8.65 25.39 19.11
C ALA D 833 9.08 23.97 19.46
N GLY D 834 8.46 22.98 18.83
CA GLY D 834 8.79 21.59 19.10
C GLY D 834 8.25 21.03 20.39
N ALA D 835 7.37 21.76 21.08
CA ALA D 835 6.79 21.33 22.34
C ALA D 835 5.28 21.30 22.25
N ALA D 836 4.67 20.26 22.82
CA ALA D 836 3.21 20.13 22.80
C ALA D 836 2.62 21.11 23.82
N VAL D 837 1.85 22.08 23.33
CA VAL D 837 1.25 23.11 24.18
C VAL D 837 -0.25 23.08 23.98
N VAL D 838 -0.99 23.07 25.09
CA VAL D 838 -2.44 23.13 25.08
C VAL D 838 -2.85 24.41 25.78
N LYS D 839 -3.65 25.22 25.09
CA LYS D 839 -4.10 26.50 25.62
C LYS D 839 -5.61 26.67 25.46
N ASN D 840 -6.10 27.87 25.73
CA ASN D 840 -7.51 28.19 25.60
C ASN D 840 -7.70 29.29 24.56
N VAL D 841 -8.92 29.36 24.04
CA VAL D 841 -9.27 30.31 22.99
C VAL D 841 -9.53 31.65 23.65
N THR D 842 -8.60 32.60 23.48
CA THR D 842 -8.76 33.92 24.06
C THR D 842 -9.89 34.67 23.37
N MET D 843 -10.56 35.54 24.13
CA MET D 843 -11.60 36.38 23.54
C MET D 843 -11.03 37.30 22.47
N GLY D 844 -9.77 37.73 22.64
CA GLY D 844 -9.13 38.48 21.58
C GLY D 844 -9.04 37.70 20.28
N SER D 845 -8.78 36.40 20.38
CA SER D 845 -8.75 35.56 19.20
C SER D 845 -10.11 35.51 18.52
N LEU D 846 -11.18 35.39 19.32
CA LEU D 846 -12.52 35.37 18.74
C LEU D 846 -12.86 36.70 18.08
N LEU D 847 -12.48 37.81 18.71
CA LEU D 847 -12.72 39.11 18.11
C LEU D 847 -11.96 39.26 16.80
N PHE D 848 -10.70 38.81 16.78
CA PHE D 848 -9.92 38.88 15.56
C PHE D 848 -10.53 38.02 14.46
N ALA D 849 -11.00 36.83 14.81
CA ALA D 849 -11.62 35.96 13.82
C ALA D 849 -12.89 36.59 13.26
N ILE D 850 -13.71 37.17 14.13
CA ILE D 850 -14.94 37.82 13.67
C ILE D 850 -14.61 38.99 12.76
N ILE D 851 -13.60 39.78 13.14
CA ILE D 851 -13.20 40.93 12.33
C ILE D 851 -12.71 40.46 10.96
N ALA D 852 -11.90 39.39 10.95
CA ALA D 852 -11.39 38.87 9.69
C ALA D 852 -12.53 38.39 8.79
N SER D 853 -13.50 37.68 9.36
CA SER D 853 -14.64 37.22 8.57
C SER D 853 -15.42 38.39 8.00
N MET D 854 -15.67 39.41 8.83
CA MET D 854 -16.44 40.56 8.38
C MET D 854 -15.72 41.30 7.26
N VAL D 855 -14.42 41.54 7.42
CA VAL D 855 -13.70 42.27 6.40
C VAL D 855 -13.58 41.45 5.12
N ALA D 856 -13.44 40.12 5.24
CA ALA D 856 -13.42 39.29 4.04
C ALA D 856 -14.73 39.38 3.29
N TRP D 857 -15.85 39.29 4.02
CA TRP D 857 -17.15 39.37 3.36
C TRP D 857 -17.39 40.75 2.75
N ALA D 858 -16.88 41.80 3.38
CA ALA D 858 -17.03 43.14 2.82
C ALA D 858 -16.16 43.32 1.59
N LEU D 859 -14.96 42.74 1.59
CA LEU D 859 -14.00 43.02 0.54
C LEU D 859 -14.22 42.14 -0.69
N ILE D 860 -14.80 40.95 -0.50
CA ILE D 860 -15.09 40.10 -1.67
C ILE D 860 -16.09 40.79 -2.59
N ARG D 861 -17.07 41.48 -2.01
CA ARG D 861 -18.05 42.19 -2.82
C ARG D 861 -17.54 43.55 -3.26
N ASN D 862 -16.47 44.05 -2.66
CA ASN D 862 -15.91 45.33 -3.09
C ASN D 862 -14.85 45.16 -4.15
N LEU D 863 -14.45 43.92 -4.42
CA LEU D 863 -13.44 43.63 -5.43
C LEU D 863 -13.84 44.02 -6.85
N PRO D 864 -15.04 43.66 -7.38
CA PRO D 864 -15.22 43.72 -8.84
C PRO D 864 -15.27 45.13 -9.39
N GLY D 865 -15.99 46.04 -8.75
CA GLY D 865 -16.02 47.41 -9.24
C GLY D 865 -14.66 48.09 -9.14
N LEU D 866 -13.99 47.91 -8.00
CA LEU D 866 -12.69 48.54 -7.80
C LEU D 866 -11.65 47.99 -8.78
N LEU D 867 -11.79 46.73 -9.16
CA LEU D 867 -10.94 46.18 -10.21
C LEU D 867 -11.32 46.68 -11.60
N GLU D 868 -12.61 46.75 -11.90
CA GLU D 868 -13.05 47.10 -13.24
C GLU D 868 -12.74 48.56 -13.57
N VAL D 869 -12.84 49.45 -12.58
CA VAL D 869 -12.57 50.86 -12.83
C VAL D 869 -11.12 51.03 -13.27
N LEU D 870 -10.20 50.25 -12.71
CA LEU D 870 -8.81 50.29 -13.16
C LEU D 870 -8.65 49.57 -14.49
N VAL D 871 -9.29 48.42 -14.65
CA VAL D 871 -9.12 47.64 -15.87
C VAL D 871 -9.75 48.34 -17.06
N LEU D 872 -10.89 49.00 -16.86
CA LEU D 872 -11.53 49.74 -17.96
C LEU D 872 -10.60 50.83 -18.49
N SER D 873 -9.73 51.38 -17.64
CA SER D 873 -8.76 52.35 -18.10
C SER D 873 -7.59 51.69 -18.82
N ARG D 874 -7.47 50.37 -18.76
CA ARG D 874 -6.39 49.65 -19.42
C ARG D 874 -6.75 49.20 -20.84
N LEU D 875 -7.92 49.60 -21.35
CA LEU D 875 -8.40 49.25 -22.69
C LEU D 875 -8.54 47.75 -22.88
N ASN D 876 -8.62 47.00 -21.77
CA ASN D 876 -8.83 45.55 -21.78
C ASN D 876 -7.72 44.80 -22.49
N MET D 877 -7.79 43.46 -22.44
CA MET D 877 -6.84 42.61 -23.16
C MET D 877 -7.48 41.45 -23.90
N ARG D 878 -8.77 41.19 -23.70
CA ARG D 878 -9.47 40.09 -24.35
C ARG D 878 -10.97 40.32 -24.19
N GLN D 879 -11.76 39.34 -24.63
CA GLN D 879 -13.21 39.46 -24.56
C GLN D 879 -13.70 39.42 -23.12
N GLY D 880 -13.13 38.53 -22.28
CA GLY D 880 -13.55 38.42 -20.89
C GLY D 880 -12.37 38.32 -19.94
N ALA D 881 -11.21 38.89 -20.32
CA ALA D 881 -10.06 38.86 -19.43
C ALA D 881 -10.33 39.62 -18.15
N SER D 882 -11.08 40.73 -18.24
CA SER D 882 -11.44 41.47 -17.05
C SER D 882 -12.28 40.62 -16.10
N TYR D 883 -13.32 39.97 -16.64
CA TYR D 883 -14.15 39.11 -15.80
C TYR D 883 -13.33 38.01 -15.17
N ALA D 884 -12.43 37.40 -15.95
CA ALA D 884 -11.59 36.33 -15.42
C ALA D 884 -10.71 36.82 -14.29
N ILE D 885 -10.12 38.01 -14.44
CA ILE D 885 -9.20 38.50 -13.43
C ILE D 885 -9.95 38.87 -12.15
N THR D 886 -11.13 39.50 -12.28
CA THR D 886 -11.90 39.80 -11.08
C THR D 886 -12.32 38.52 -10.36
N THR D 887 -12.73 37.50 -11.12
CA THR D 887 -13.05 36.23 -10.48
C THR D 887 -11.85 35.64 -9.77
N ILE D 888 -10.66 35.74 -10.38
CA ILE D 888 -9.46 35.17 -9.76
C ILE D 888 -9.13 35.90 -8.46
N LEU D 889 -9.21 37.23 -8.46
CA LEU D 889 -8.97 37.95 -7.20
C LEU D 889 -10.04 37.61 -6.16
N ASN D 890 -11.29 37.45 -6.57
CA ASN D 890 -12.33 36.99 -5.66
C ASN D 890 -11.91 35.69 -5.01
N TYR D 891 -11.40 34.76 -5.81
CA TYR D 891 -11.13 33.42 -5.34
C TYR D 891 -9.95 33.43 -4.38
N ILE D 892 -8.90 34.17 -4.73
CA ILE D 892 -7.75 34.32 -3.85
C ILE D 892 -8.14 34.98 -2.54
N ILE D 893 -9.01 35.98 -2.61
CA ILE D 893 -9.43 36.68 -1.40
C ILE D 893 -10.19 35.73 -0.48
N ILE D 894 -11.10 34.93 -1.03
CA ILE D 894 -11.84 34.00 -0.18
C ILE D 894 -10.90 32.95 0.40
N ALA D 895 -9.90 32.53 -0.37
CA ALA D 895 -8.95 31.55 0.14
C ALA D 895 -8.14 32.10 1.31
N VAL D 896 -7.63 33.32 1.15
CA VAL D 896 -6.83 33.93 2.21
C VAL D 896 -7.69 34.21 3.44
N GLY D 897 -8.96 34.58 3.22
CA GLY D 897 -9.84 34.81 4.35
C GLY D 897 -10.10 33.53 5.13
N ALA D 898 -10.37 32.43 4.42
CA ALA D 898 -10.57 31.16 5.09
C ALA D 898 -9.32 30.73 5.84
N MET D 899 -8.15 30.91 5.22
CA MET D 899 -6.90 30.52 5.88
C MET D 899 -6.69 31.33 7.15
N THR D 900 -6.92 32.65 7.09
CA THR D 900 -6.75 33.48 8.26
C THR D 900 -7.74 33.11 9.36
N VAL D 901 -9.01 32.86 8.99
CA VAL D 901 -10.02 32.54 9.98
C VAL D 901 -9.69 31.22 10.68
N PHE D 902 -9.34 30.20 9.90
CA PHE D 902 -8.99 28.92 10.50
C PHE D 902 -7.70 28.99 11.31
N GLY D 903 -6.76 29.84 10.90
CA GLY D 903 -5.59 30.07 11.74
C GLY D 903 -5.92 30.75 13.04
N SER D 904 -6.81 31.74 13.00
CA SER D 904 -7.24 32.41 14.22
C SER D 904 -7.97 31.45 15.15
N LEU D 905 -8.83 30.59 14.60
CA LEU D 905 -9.48 29.57 15.40
C LEU D 905 -8.49 28.53 15.93
N GLY D 906 -7.38 28.32 15.22
CA GLY D 906 -6.36 27.41 15.65
C GLY D 906 -6.62 25.94 15.35
N VAL D 907 -7.82 25.59 14.89
CA VAL D 907 -8.13 24.21 14.57
C VAL D 907 -7.43 23.78 13.29
N SER D 908 -6.93 24.74 12.50
CA SER D 908 -6.28 24.40 11.24
C SER D 908 -4.96 23.67 11.47
N TRP D 909 -4.42 23.73 12.68
CA TRP D 909 -3.17 23.02 12.97
C TRP D 909 -3.34 21.51 12.83
N ASP D 910 -4.44 20.96 13.33
CA ASP D 910 -4.72 19.53 13.20
C ASP D 910 -5.61 19.20 12.02
N LYS D 911 -6.04 20.20 11.26
CA LYS D 911 -6.93 19.97 10.12
C LYS D 911 -6.23 19.26 8.97
N LEU D 912 -4.90 19.15 8.99
CA LEU D 912 -4.17 18.46 7.94
C LEU D 912 -4.27 16.95 8.06
N GLN D 913 -5.21 16.44 8.84
CA GLN D 913 -5.37 15.00 9.00
C GLN D 913 -6.39 14.44 8.01
N TRP D 914 -7.63 14.92 8.06
CA TRP D 914 -8.71 14.31 7.30
C TRP D 914 -8.90 14.96 5.94
N LEU D 915 -9.20 16.26 5.92
CA LEU D 915 -9.45 16.96 4.66
C LEU D 915 -8.19 17.09 3.81
N ALA D 916 -7.01 16.84 4.37
CA ALA D 916 -5.78 16.94 3.61
C ALA D 916 -5.75 15.93 2.47
N ALA D 917 -6.19 14.70 2.74
CA ALA D 917 -6.22 13.68 1.70
C ALA D 917 -7.16 14.07 0.57
N ALA D 918 -8.34 14.60 0.92
CA ALA D 918 -9.29 15.03 -0.09
C ALA D 918 -8.72 16.18 -0.93
N LEU D 919 -8.08 17.15 -0.28
CA LEU D 919 -7.45 18.23 -1.03
C LEU D 919 -6.36 17.69 -1.94
N SER D 920 -5.58 16.73 -1.46
CA SER D 920 -4.51 16.15 -2.25
C SER D 920 -5.05 15.48 -3.50
N VAL D 921 -6.08 14.65 -3.36
CA VAL D 921 -6.60 13.96 -4.55
C VAL D 921 -7.30 14.96 -5.48
N GLY D 922 -7.97 15.96 -4.92
CA GLY D 922 -8.60 16.96 -5.77
C GLY D 922 -7.62 17.72 -6.63
N LEU D 923 -6.50 18.14 -6.02
CA LEU D 923 -5.46 18.80 -6.80
C LEU D 923 -4.78 17.83 -7.76
N SER D 924 -4.64 16.57 -7.34
CA SER D 924 -3.96 15.57 -8.15
C SER D 924 -4.71 15.31 -9.45
N PHE D 925 -6.05 15.25 -9.37
CA PHE D 925 -6.83 15.01 -10.59
C PHE D 925 -6.54 16.08 -11.62
N GLY D 926 -6.64 17.35 -11.24
CA GLY D 926 -6.43 18.42 -12.19
C GLY D 926 -5.00 18.50 -12.69
N LEU D 927 -4.03 18.35 -11.80
CA LEU D 927 -2.63 18.40 -12.24
C LEU D 927 -2.30 17.23 -13.16
N GLN D 928 -2.86 16.05 -12.89
CA GLN D 928 -2.67 14.91 -13.78
C GLN D 928 -3.30 15.16 -15.14
N GLU D 929 -4.49 15.77 -15.16
CA GLU D 929 -5.11 16.11 -16.44
C GLU D 929 -4.23 17.06 -17.23
N ILE D 930 -3.73 18.11 -16.57
CA ILE D 930 -2.89 19.10 -17.26
C ILE D 930 -1.63 18.44 -17.79
N PHE D 931 -0.99 17.59 -16.98
CA PHE D 931 0.29 17.01 -17.40
C PHE D 931 0.10 15.93 -18.45
N GLY D 932 -1.01 15.20 -18.40
CA GLY D 932 -1.31 14.27 -19.46
C GLY D 932 -1.54 14.97 -20.78
N ASN D 933 -2.25 16.09 -20.75
CA ASN D 933 -2.39 16.88 -21.96
C ASN D 933 -1.05 17.46 -22.42
N PHE D 934 -0.17 17.77 -21.47
CA PHE D 934 1.19 18.18 -21.80
C PHE D 934 1.92 17.11 -22.59
N VAL D 935 1.93 15.88 -22.08
CA VAL D 935 2.64 14.82 -22.80
C VAL D 935 1.96 14.50 -24.11
N SER D 936 0.63 14.61 -24.19
CA SER D 936 -0.06 14.41 -25.46
C SER D 936 0.37 15.45 -26.48
N GLY D 937 0.48 16.71 -26.06
CA GLY D 937 0.97 17.74 -26.97
C GLY D 937 2.40 17.47 -27.39
N LEU D 938 3.24 17.00 -26.46
CA LEU D 938 4.62 16.70 -26.80
C LEU D 938 4.71 15.59 -27.86
N ILE D 939 3.93 14.52 -27.68
CA ILE D 939 4.00 13.42 -28.63
C ILE D 939 3.39 13.82 -29.96
N ILE D 940 2.36 14.68 -29.94
CA ILE D 940 1.80 15.18 -31.19
C ILE D 940 2.83 16.03 -31.93
N LEU D 941 3.59 16.84 -31.20
CA LEU D 941 4.60 17.68 -31.83
C LEU D 941 5.78 16.86 -32.36
N PHE D 942 6.14 15.78 -31.67
CA PHE D 942 7.28 14.98 -32.12
C PHE D 942 6.89 13.99 -33.21
N GLU D 943 5.99 13.05 -32.91
CA GLU D 943 5.60 12.02 -33.87
C GLU D 943 4.91 12.63 -35.08
N ARG D 944 4.10 13.67 -34.87
CA ARG D 944 3.41 14.39 -35.92
C ARG D 944 2.46 13.51 -36.73
N PRO D 945 1.34 13.07 -36.15
CA PRO D 945 0.31 12.44 -36.98
C PRO D 945 -0.52 13.49 -37.69
N VAL D 946 -0.62 14.67 -37.08
CA VAL D 946 -1.32 15.82 -37.65
C VAL D 946 -0.39 17.02 -37.59
N ARG D 947 -0.64 18.00 -38.45
CA ARG D 947 0.19 19.19 -38.52
C ARG D 947 -0.69 20.39 -38.87
N ILE D 948 -0.05 21.51 -39.17
CA ILE D 948 -0.77 22.73 -39.51
C ILE D 948 -0.98 22.79 -41.01
N GLY D 949 -2.23 22.98 -41.42
CA GLY D 949 -2.54 23.12 -42.82
C GLY D 949 -2.82 21.80 -43.54
N ASP D 950 -3.72 21.00 -42.99
CA ASP D 950 -4.13 19.76 -43.64
C ASP D 950 -5.51 19.38 -43.16
N THR D 951 -6.40 19.04 -44.10
CA THR D 951 -7.75 18.65 -43.75
C THR D 951 -7.74 17.36 -42.95
N VAL D 952 -8.59 17.29 -41.94
CA VAL D 952 -8.65 16.12 -41.06
C VAL D 952 -10.05 16.06 -40.47
N THR D 953 -10.54 14.84 -40.27
CA THR D 953 -11.85 14.60 -39.68
C THR D 953 -11.69 13.66 -38.48
N ILE D 954 -12.29 14.03 -37.36
CA ILE D 954 -12.29 13.21 -36.15
C ILE D 954 -13.71 13.19 -35.62
N GLY D 955 -14.37 12.04 -35.74
CA GLY D 955 -15.74 11.92 -35.27
C GLY D 955 -16.71 12.81 -36.01
N SER D 956 -16.63 12.80 -37.35
CA SER D 956 -17.49 13.58 -38.23
C SER D 956 -17.29 15.08 -38.08
N PHE D 957 -16.10 15.50 -37.64
CA PHE D 957 -15.75 16.92 -37.52
C PHE D 957 -14.61 17.19 -38.50
N SER D 958 -14.96 17.66 -39.70
CA SER D 958 -14.01 17.86 -40.77
C SER D 958 -13.53 19.30 -40.80
N GLY D 959 -12.22 19.50 -40.90
CA GLY D 959 -11.71 20.85 -40.99
C GLY D 959 -10.19 20.85 -41.05
N THR D 960 -9.64 22.06 -41.15
CA THR D 960 -8.19 22.26 -41.25
C THR D 960 -7.61 22.63 -39.89
N VAL D 961 -6.53 21.97 -39.51
CA VAL D 961 -5.92 22.23 -38.21
C VAL D 961 -5.19 23.58 -38.26
N SER D 962 -5.42 24.42 -37.25
CA SER D 962 -4.89 25.76 -37.24
C SER D 962 -3.97 26.08 -36.07
N LYS D 963 -3.96 25.26 -35.02
CA LYS D 963 -3.10 25.51 -33.87
C LYS D 963 -2.93 24.25 -33.06
N ILE D 964 -1.73 24.06 -32.51
CA ILE D 964 -1.42 22.92 -31.65
C ILE D 964 -0.80 23.49 -30.38
N ARG D 965 -1.54 23.45 -29.28
CA ARG D 965 -1.12 24.04 -28.01
C ARG D 965 -1.40 23.06 -26.87
N ILE D 966 -1.27 23.55 -25.64
CA ILE D 966 -1.58 22.72 -24.48
C ILE D 966 -3.04 22.33 -24.51
N ARG D 967 -3.32 21.03 -24.41
CA ARG D 967 -4.65 20.55 -24.07
C ARG D 967 -5.69 20.86 -25.15
N ALA D 968 -5.29 21.59 -26.18
CA ALA D 968 -6.27 22.06 -27.16
C ALA D 968 -5.64 22.11 -28.53
N THR D 969 -6.38 21.59 -29.51
CA THR D 969 -6.03 21.73 -30.92
C THR D 969 -7.25 22.30 -31.63
N THR D 970 -7.03 23.37 -32.40
CA THR D 970 -8.12 24.06 -33.07
C THR D 970 -8.27 23.54 -34.49
N ILE D 971 -9.48 23.18 -34.85
CA ILE D 971 -9.81 22.71 -36.20
C ILE D 971 -10.85 23.67 -36.75
N THR D 972 -10.47 24.42 -37.77
CA THR D 972 -11.40 25.32 -38.45
C THR D 972 -12.24 24.49 -39.40
N ASP D 973 -13.54 24.38 -39.10
CA ASP D 973 -14.44 23.59 -39.92
C ASP D 973 -14.79 24.38 -41.17
N PHE D 974 -15.28 23.67 -42.19
CA PHE D 974 -15.64 24.31 -43.45
C PHE D 974 -16.71 25.38 -43.27
N ASP D 975 -17.49 25.30 -42.19
CA ASP D 975 -18.51 26.29 -41.89
C ASP D 975 -17.97 27.44 -41.04
N ARG D 976 -16.65 27.58 -40.95
CA ARG D 976 -15.99 28.56 -40.10
C ARG D 976 -16.43 28.38 -38.63
N LYS D 977 -16.21 27.16 -38.14
CA LYS D 977 -16.62 26.78 -36.79
C LYS D 977 -15.42 26.10 -36.14
N GLU D 978 -14.81 26.77 -35.18
CA GLU D 978 -13.59 26.28 -34.55
C GLU D 978 -13.92 25.18 -33.54
N VAL D 979 -13.30 24.02 -33.71
CA VAL D 979 -13.45 22.89 -32.82
C VAL D 979 -12.20 22.81 -31.94
N ILE D 980 -12.41 22.80 -30.63
CA ILE D 980 -11.32 22.73 -29.67
C ILE D 980 -11.26 21.28 -29.21
N ILE D 981 -10.45 20.48 -29.90
CA ILE D 981 -10.30 19.08 -29.57
C ILE D 981 -9.26 18.92 -28.47
N PRO D 982 -9.55 18.18 -27.40
CA PRO D 982 -8.55 17.94 -26.36
C PRO D 982 -7.37 17.15 -26.91
N ASN D 983 -6.22 17.31 -26.25
CA ASN D 983 -4.98 16.77 -26.76
C ASN D 983 -4.94 15.25 -26.75
N LYS D 984 -5.54 14.61 -25.75
CA LYS D 984 -5.51 13.16 -25.69
C LYS D 984 -6.32 12.52 -26.81
N ALA D 985 -7.31 13.23 -27.33
CA ALA D 985 -8.19 12.65 -28.35
C ALA D 985 -7.42 12.34 -29.63
N PHE D 986 -6.48 13.19 -30.01
CA PHE D 986 -5.70 12.94 -31.22
C PHE D 986 -4.88 11.66 -31.11
N VAL D 987 -4.25 11.44 -29.95
CA VAL D 987 -3.44 10.24 -29.77
C VAL D 987 -4.32 9.01 -29.66
N THR D 988 -5.43 9.10 -28.93
CA THR D 988 -6.24 7.93 -28.62
C THR D 988 -7.21 7.56 -29.73
N GLU D 989 -7.88 8.53 -30.35
CA GLU D 989 -8.90 8.24 -31.34
C GLU D 989 -8.27 7.97 -32.70
N ARG D 990 -9.11 7.85 -33.73
CA ARG D 990 -8.66 7.56 -35.09
C ARG D 990 -8.79 8.81 -35.93
N LEU D 991 -7.72 9.17 -36.63
CA LEU D 991 -7.70 10.37 -37.46
C LEU D 991 -7.83 10.01 -38.92
N ILE D 992 -8.62 10.80 -39.64
CA ILE D 992 -8.72 10.70 -41.10
C ILE D 992 -7.94 11.87 -41.65
N ASN D 993 -6.66 11.66 -41.93
CA ASN D 993 -5.79 12.72 -42.42
C ASN D 993 -5.91 12.78 -43.94
N TRP D 994 -6.64 13.77 -44.44
CA TRP D 994 -6.87 13.87 -45.88
C TRP D 994 -5.57 14.11 -46.63
N SER D 995 -4.71 14.97 -46.09
CA SER D 995 -3.47 15.36 -46.76
C SER D 995 -2.30 15.00 -45.86
N LEU D 996 -1.71 13.83 -46.09
CA LEU D 996 -0.54 13.40 -45.37
C LEU D 996 0.66 13.12 -46.26
N THR D 997 0.47 12.48 -47.41
CA THR D 997 1.58 12.21 -48.31
C THR D 997 1.41 12.86 -49.68
N ASP D 998 0.28 12.65 -50.35
CA ASP D 998 0.13 13.11 -51.73
C ASP D 998 -0.96 14.16 -51.91
N THR D 999 -1.81 14.38 -50.91
CA THR D 999 -2.91 15.35 -50.99
C THR D 999 -3.90 14.99 -52.08
N THR D 1000 -3.67 13.86 -52.75
CA THR D 1000 -4.57 13.42 -53.81
C THR D 1000 -5.86 12.89 -53.22
N THR D 1001 -6.94 12.96 -54.00
CA THR D 1001 -8.21 12.40 -53.58
C THR D 1001 -8.93 11.91 -54.83
N ARG D 1002 -9.98 11.11 -54.62
CA ARG D 1002 -10.80 10.64 -55.72
C ARG D 1002 -12.26 10.99 -55.43
N LEU D 1003 -12.98 11.35 -56.49
CA LEU D 1003 -14.39 11.70 -56.37
C LEU D 1003 -15.20 10.86 -57.35
N VAL D 1004 -16.45 10.62 -56.96
CA VAL D 1004 -17.36 9.76 -57.69
C VAL D 1004 -18.59 10.56 -58.09
N ILE D 1005 -19.15 10.19 -59.24
CA ILE D 1005 -20.32 10.84 -59.80
C ILE D 1005 -21.36 9.78 -60.10
N ARG D 1006 -22.58 9.99 -59.62
CA ARG D 1006 -23.71 9.10 -59.87
C ARG D 1006 -24.42 9.52 -61.14
N LEU D 1007 -25.11 8.56 -61.76
CA LEU D 1007 -26.00 8.88 -62.86
C LEU D 1007 -27.01 7.75 -63.00
N GLY D 1008 -28.25 8.12 -63.32
CA GLY D 1008 -29.31 7.14 -63.55
C GLY D 1008 -29.72 7.17 -65.01
N VAL D 1009 -29.85 5.99 -65.59
CA VAL D 1009 -30.14 5.84 -67.01
C VAL D 1009 -31.40 4.99 -67.19
N ALA D 1010 -32.24 5.36 -68.14
CA ALA D 1010 -33.48 4.66 -68.40
C ALA D 1010 -33.20 3.26 -68.93
N TYR D 1011 -34.17 2.37 -68.71
CA TYR D 1011 -34.03 0.97 -69.11
C TYR D 1011 -33.95 0.69 -70.60
N GLY D 1012 -34.70 1.45 -71.39
CA GLY D 1012 -34.71 1.21 -72.83
C GLY D 1012 -33.66 1.97 -73.61
N SER D 1013 -32.43 2.02 -73.10
CA SER D 1013 -31.34 2.72 -73.75
C SER D 1013 -30.06 1.89 -73.69
N ASP D 1014 -29.18 2.13 -74.66
CA ASP D 1014 -27.95 1.36 -74.75
C ASP D 1014 -26.97 1.77 -73.64
N LEU D 1015 -25.98 0.90 -73.42
CA LEU D 1015 -25.05 1.06 -72.31
C LEU D 1015 -23.63 1.30 -72.81
N GLU D 1016 -23.48 1.84 -74.01
CA GLU D 1016 -22.16 2.20 -74.52
C GLU D 1016 -22.06 3.67 -74.90
N LYS D 1017 -23.11 4.24 -75.49
CA LYS D 1017 -23.13 5.68 -75.70
C LYS D 1017 -23.06 6.41 -74.36
N VAL D 1018 -23.76 5.89 -73.35
CA VAL D 1018 -23.68 6.48 -72.02
C VAL D 1018 -22.26 6.41 -71.48
N ARG D 1019 -21.60 5.26 -71.66
CA ARG D 1019 -20.24 5.12 -71.18
C ARG D 1019 -19.30 6.10 -71.86
N LYS D 1020 -19.41 6.24 -73.18
CA LYS D 1020 -18.54 7.18 -73.90
C LYS D 1020 -18.84 8.62 -73.50
N VAL D 1021 -20.11 8.95 -73.26
CA VAL D 1021 -20.46 10.30 -72.83
C VAL D 1021 -19.86 10.59 -71.47
N LEU D 1022 -19.97 9.64 -70.54
CA LEU D 1022 -19.41 9.84 -69.21
C LEU D 1022 -17.90 9.97 -69.26
N LEU D 1023 -17.23 9.15 -70.08
CA LEU D 1023 -15.78 9.20 -70.14
C LEU D 1023 -15.26 10.44 -70.86
N LYS D 1024 -16.04 11.01 -71.78
CA LYS D 1024 -15.61 12.22 -72.48
C LYS D 1024 -15.39 13.37 -71.51
N ALA D 1025 -16.31 13.56 -70.56
CA ALA D 1025 -16.18 14.64 -69.61
C ALA D 1025 -14.91 14.49 -68.77
N ALA D 1026 -14.62 13.26 -68.32
CA ALA D 1026 -13.43 13.05 -67.52
C ALA D 1026 -12.16 13.25 -68.35
N THR D 1027 -12.15 12.78 -69.59
CA THR D 1027 -10.95 12.89 -70.41
C THR D 1027 -10.65 14.33 -70.78
N GLU D 1028 -11.68 15.10 -71.16
CA GLU D 1028 -11.48 16.47 -71.62
C GLU D 1028 -11.62 17.51 -70.51
N HIS D 1029 -11.27 17.16 -69.28
CA HIS D 1029 -11.29 18.11 -68.18
C HIS D 1029 -9.87 18.38 -67.72
N PRO D 1030 -9.41 19.63 -67.74
CA PRO D 1030 -8.00 19.91 -67.45
C PRO D 1030 -7.62 19.72 -65.99
N ARG D 1031 -8.58 19.30 -65.16
CA ARG D 1031 -8.31 19.13 -63.73
C ARG D 1031 -8.46 17.69 -63.26
N VAL D 1032 -8.49 16.73 -64.17
CA VAL D 1032 -8.63 15.31 -63.83
C VAL D 1032 -7.32 14.62 -64.15
N MET D 1033 -6.78 13.89 -63.18
CA MET D 1033 -5.50 13.25 -63.36
C MET D 1033 -5.56 12.18 -64.45
N HIS D 1034 -4.40 11.66 -64.82
CA HIS D 1034 -4.31 10.65 -65.87
C HIS D 1034 -3.61 9.37 -65.43
N GLU D 1035 -2.66 9.44 -64.49
CA GLU D 1035 -2.02 8.21 -64.04
C GLU D 1035 -3.00 7.25 -63.39
N PRO D 1036 -3.87 7.66 -62.45
CA PRO D 1036 -5.04 6.83 -62.14
C PRO D 1036 -6.18 7.17 -63.09
N MET D 1037 -6.15 6.59 -64.28
CA MET D 1037 -7.07 6.99 -65.33
C MET D 1037 -8.51 6.81 -64.89
N PRO D 1038 -9.39 7.77 -65.17
CA PRO D 1038 -10.80 7.63 -64.79
C PRO D 1038 -11.45 6.45 -65.49
N GLU D 1039 -12.39 5.85 -64.77
CA GLU D 1039 -13.12 4.71 -65.25
C GLU D 1039 -14.60 4.94 -65.13
N VAL D 1040 -15.38 4.15 -65.85
CA VAL D 1040 -16.84 4.20 -65.75
C VAL D 1040 -17.35 2.81 -65.37
N PHE D 1041 -18.27 2.78 -64.42
CA PHE D 1041 -18.80 1.52 -63.91
C PHE D 1041 -20.33 1.50 -64.02
N PHE D 1042 -20.86 0.30 -64.23
CA PHE D 1042 -22.29 0.03 -64.20
C PHE D 1042 -22.49 -0.98 -63.08
N THR D 1043 -22.87 -0.49 -61.90
CA THR D 1043 -22.77 -1.28 -60.68
C THR D 1043 -24.10 -1.62 -60.02
N ALA D 1044 -25.21 -1.14 -60.55
CA ALA D 1044 -26.48 -1.46 -59.91
C ALA D 1044 -27.69 -1.44 -60.83
N PHE D 1045 -28.55 -2.45 -60.66
CA PHE D 1045 -29.78 -2.49 -61.42
C PHE D 1045 -30.74 -1.80 -60.47
N GLY D 1046 -31.11 -0.58 -60.80
CA GLY D 1046 -31.99 0.19 -59.94
C GLY D 1046 -33.44 -0.14 -60.16
N ALA D 1047 -34.26 0.13 -59.15
CA ALA D 1047 -35.69 -0.12 -59.25
C ALA D 1047 -36.29 0.56 -60.48
N SER D 1048 -35.77 1.73 -60.86
CA SER D 1048 -36.26 2.41 -62.05
C SER D 1048 -35.16 2.87 -62.99
N THR D 1049 -33.93 3.05 -62.53
CA THR D 1049 -32.84 3.50 -63.39
C THR D 1049 -31.61 2.65 -63.13
N LEU D 1050 -30.94 2.25 -64.22
CA LEU D 1050 -29.63 1.63 -64.10
C LEU D 1050 -28.66 2.67 -63.56
N ASP D 1051 -27.82 2.26 -62.61
CA ASP D 1051 -26.92 3.18 -61.93
C ASP D 1051 -25.53 3.09 -62.54
N HIS D 1052 -25.03 4.23 -63.02
CA HIS D 1052 -23.66 4.34 -63.52
C HIS D 1052 -22.85 5.19 -62.54
N GLU D 1053 -21.62 4.76 -62.28
CA GLU D 1053 -20.75 5.41 -61.32
C GLU D 1053 -19.43 5.75 -62.01
N LEU D 1054 -19.00 6.99 -61.86
CA LEU D 1054 -17.76 7.47 -62.45
C LEU D 1054 -16.77 7.83 -61.36
N ARG D 1055 -15.55 7.30 -61.45
CA ARG D 1055 -14.50 7.57 -60.48
C ARG D 1055 -13.37 8.32 -61.17
N LEU D 1056 -12.93 9.42 -60.56
CA LEU D 1056 -11.82 10.17 -61.13
C LEU D 1056 -11.05 10.87 -60.04
N TYR D 1057 -9.75 11.02 -60.26
CA TYR D 1057 -8.84 11.53 -59.24
C TYR D 1057 -8.52 13.00 -59.48
N VAL D 1058 -8.24 13.70 -58.39
CA VAL D 1058 -7.89 15.12 -58.41
C VAL D 1058 -6.72 15.35 -57.45
N ARG D 1059 -5.79 16.20 -57.86
CA ARG D 1059 -4.58 16.46 -57.08
C ARG D 1059 -4.85 17.43 -55.93
N GLU D 1060 -5.26 18.66 -56.27
CA GLU D 1060 -5.49 19.68 -55.26
C GLU D 1060 -6.77 19.38 -54.48
N LEU D 1061 -6.69 19.58 -53.17
CA LEU D 1061 -7.86 19.34 -52.32
C LEU D 1061 -8.96 20.36 -52.59
N ARG D 1062 -8.59 21.61 -52.80
CA ARG D 1062 -9.57 22.67 -53.02
C ARG D 1062 -10.27 22.57 -54.36
N ASP D 1063 -9.83 21.69 -55.25
CA ASP D 1063 -10.40 21.55 -56.57
C ASP D 1063 -11.59 20.60 -56.55
N ARG D 1064 -11.85 19.95 -55.41
CA ARG D 1064 -12.87 18.91 -55.35
C ARG D 1064 -14.26 19.43 -55.72
N SER D 1065 -14.66 20.57 -55.13
CA SER D 1065 -16.04 21.03 -55.32
C SER D 1065 -16.28 21.56 -56.72
N ARG D 1066 -15.34 22.35 -57.26
CA ARG D 1066 -15.54 22.91 -58.59
C ARG D 1066 -15.60 21.82 -59.65
N THR D 1067 -14.74 20.80 -59.52
CA THR D 1067 -14.66 19.76 -60.54
C THR D 1067 -15.97 19.03 -60.68
N VAL D 1068 -16.63 18.71 -59.57
CA VAL D 1068 -17.91 18.02 -59.62
C VAL D 1068 -18.94 18.86 -60.35
N ASP D 1069 -18.96 20.17 -60.07
CA ASP D 1069 -19.91 21.06 -60.72
C ASP D 1069 -19.69 21.10 -62.22
N GLU D 1070 -18.45 21.33 -62.65
CA GLU D 1070 -18.17 21.40 -64.08
C GLU D 1070 -18.48 20.07 -64.78
N LEU D 1071 -18.10 18.95 -64.14
CA LEU D 1071 -18.36 17.65 -64.73
C LEU D 1071 -19.84 17.40 -64.86
N ASN D 1072 -20.63 17.77 -63.85
CA ASN D 1072 -22.07 17.56 -63.93
C ASN D 1072 -22.69 18.40 -65.03
N ARG D 1073 -22.24 19.65 -65.16
CA ARG D 1073 -22.78 20.52 -66.21
C ARG D 1073 -22.48 19.94 -67.59
N THR D 1074 -21.23 19.56 -67.83
CA THR D 1074 -20.90 19.04 -69.16
C THR D 1074 -21.55 17.68 -69.40
N ILE D 1075 -21.74 16.88 -68.35
CA ILE D 1075 -22.42 15.60 -68.50
C ILE D 1075 -23.87 15.81 -68.89
N ASP D 1076 -24.54 16.79 -68.27
CA ASP D 1076 -25.91 17.09 -68.66
C ASP D 1076 -25.99 17.60 -70.09
N GLN D 1077 -25.03 18.44 -70.49
CA GLN D 1077 -25.01 18.95 -71.85
C GLN D 1077 -24.87 17.79 -72.83
N LEU D 1078 -23.89 16.91 -72.60
CA LEU D 1078 -23.71 15.76 -73.48
C LEU D 1078 -24.91 14.82 -73.42
N CYS D 1079 -25.61 14.79 -72.28
CA CYS D 1079 -26.81 13.96 -72.15
C CYS D 1079 -27.91 14.44 -73.08
N ARG D 1080 -28.19 15.75 -73.07
CA ARG D 1080 -29.19 16.26 -73.99
C ARG D 1080 -28.69 16.29 -75.43
N GLU D 1081 -27.37 16.20 -75.64
CA GLU D 1081 -26.84 16.18 -76.99
C GLU D 1081 -26.99 14.80 -77.62
N ASN D 1082 -26.37 13.79 -77.03
CA ASN D 1082 -26.38 12.43 -77.58
C ASN D 1082 -27.75 11.77 -77.48
N ASP D 1083 -28.70 12.39 -76.76
CA ASP D 1083 -30.06 11.88 -76.62
C ASP D 1083 -30.04 10.49 -75.98
N ILE D 1084 -29.60 10.49 -74.73
CA ILE D 1084 -29.76 9.34 -73.83
C ILE D 1084 -30.52 9.83 -72.61
N ASN D 1085 -31.61 9.14 -72.28
CA ASN D 1085 -32.61 9.66 -71.37
C ASN D 1085 -32.21 9.37 -69.93
N ILE D 1086 -32.28 10.39 -69.08
CA ILE D 1086 -32.19 10.22 -67.64
C ILE D 1086 -33.61 10.16 -67.10
N ALA D 1087 -34.00 9.01 -66.57
CA ALA D 1087 -35.39 8.72 -66.26
C ALA D 1087 -35.71 9.00 -64.80
N PHE D 1088 -36.95 9.36 -64.56
CA PHE D 1088 -37.48 9.58 -63.22
C PHE D 1088 -38.01 8.23 -62.75
N ASN D 1089 -38.20 8.08 -61.44
CA ASN D 1089 -38.69 6.82 -60.89
C ASN D 1089 -40.06 6.51 -61.50
N GLN D 1090 -40.21 5.30 -62.00
CA GLN D 1090 -41.41 4.88 -62.73
C GLN D 1090 -42.14 3.78 -61.97
N LEU D 1091 -43.39 3.57 -62.37
CA LEU D 1091 -44.20 2.51 -61.79
C LEU D 1091 -45.41 2.26 -62.69
N GLU D 1092 -45.84 1.01 -62.75
CA GLU D 1092 -46.95 0.59 -63.60
C GLU D 1092 -48.21 0.43 -62.78
N VAL D 1093 -49.34 0.81 -63.36
CA VAL D 1093 -50.64 0.80 -62.68
C VAL D 1093 -51.60 -0.10 -63.45
N HIS D 1094 -52.26 -0.99 -62.73
CA HIS D 1094 -53.26 -1.89 -63.31
C HIS D 1094 -54.64 -1.37 -62.91
N LEU D 1095 -55.15 -0.43 -63.69
CA LEU D 1095 -56.42 0.19 -63.38
C LEU D 1095 -57.59 -0.75 -63.64
N HIS D 1096 -58.61 -0.64 -62.79
CA HIS D 1096 -59.91 -1.25 -63.06
C HIS D 1096 -60.97 -0.40 -62.38
N ASN D 1097 -62.04 -0.09 -63.09
CA ASN D 1097 -63.06 0.81 -62.57
C ASN D 1097 -64.37 0.07 -62.29
N LEU E 286 22.30 73.12 67.99
CA LEU E 286 22.68 72.07 67.06
C LEU E 286 22.61 70.70 67.74
N VAL E 287 23.27 70.57 68.89
CA VAL E 287 23.26 69.30 69.61
C VAL E 287 21.90 69.02 70.23
N LYS E 288 21.14 70.07 70.55
CA LYS E 288 19.81 69.87 71.13
C LYS E 288 18.89 69.15 70.17
N GLN E 289 18.94 69.50 68.89
CA GLN E 289 18.12 68.82 67.89
C GLN E 289 18.49 67.35 67.79
N GLU E 290 19.79 67.05 67.79
CA GLU E 290 20.22 65.65 67.75
C GLU E 290 19.76 64.88 68.97
N LEU E 291 19.84 65.51 70.16
CA LEU E 291 19.39 64.86 71.38
C LEU E 291 17.88 64.60 71.33
N GLU E 292 17.11 65.56 70.84
CA GLU E 292 15.67 65.37 70.71
C GLU E 292 15.34 64.25 69.73
N ILE E 293 16.07 64.19 68.61
CA ILE E 293 15.86 63.11 67.65
C ILE E 293 16.20 61.76 68.26
N ASN E 294 17.29 61.69 69.03
CA ASN E 294 17.65 60.45 69.70
C ASN E 294 16.58 60.02 70.70
N GLN E 295 16.05 60.99 71.46
CA GLN E 295 14.99 60.68 72.42
C GLN E 295 13.74 60.17 71.71
N GLN E 296 13.38 60.82 70.59
CA GLN E 296 12.22 60.37 69.83
C GLN E 296 12.43 58.96 69.28
N LEU E 297 13.64 58.68 68.78
CA LEU E 297 13.94 57.34 68.29
C LEU E 297 13.86 56.30 69.40
N SER E 298 14.37 56.64 70.58
CA SER E 298 14.31 55.72 71.71
C SER E 298 12.87 55.45 72.13
N GLN E 299 12.05 56.50 72.18
CA GLN E 299 10.64 56.32 72.53
C GLN E 299 9.92 55.46 71.49
N ARG E 300 10.20 55.71 70.21
CA ARG E 300 9.59 54.92 69.15
C ARG E 300 10.01 53.45 69.25
N LEU E 301 11.30 53.21 69.55
CA LEU E 301 11.78 51.85 69.70
C LEU E 301 11.13 51.15 70.89
N ILE E 302 10.96 51.88 72.00
CA ILE E 302 10.31 51.29 73.17
C ILE E 302 8.86 50.93 72.87
N THR E 303 8.13 51.83 72.22
CA THR E 303 6.74 51.56 71.86
C THR E 303 6.65 50.38 70.90
N ALA E 304 7.55 50.33 69.91
CA ALA E 304 7.55 49.22 68.96
C ALA E 304 7.85 47.91 69.65
N THR E 305 8.79 47.90 70.60
CA THR E 305 9.12 46.68 71.32
C THR E 305 7.94 46.22 72.17
N GLU E 306 7.24 47.15 72.82
CA GLU E 306 6.07 46.78 73.61
C GLU E 306 4.98 46.19 72.71
N ASN E 307 4.73 46.83 71.55
CA ASN E 307 3.75 46.31 70.63
C ASN E 307 4.15 44.94 70.10
N GLY E 308 5.45 44.75 69.84
CA GLY E 308 5.95 43.46 69.38
C GLY E 308 5.75 42.38 70.42
N ASN E 309 6.00 42.71 71.70
CA ASN E 309 5.78 41.73 72.76
C ASN E 309 4.32 41.36 72.89
N GLN E 310 3.43 42.35 72.83
CA GLN E 310 2.00 42.07 72.88
C GLN E 310 1.58 41.20 71.69
N LEU E 311 2.08 41.53 70.50
CA LEU E 311 1.74 40.76 69.31
C LEU E 311 2.28 39.33 69.40
N MET E 312 3.48 39.16 69.96
CA MET E 312 4.04 37.83 70.12
C MET E 312 3.21 37.01 71.10
N GLN E 313 2.77 37.64 72.20
CA GLN E 313 1.91 36.93 73.15
C GLN E 313 0.60 36.51 72.49
N GLN E 314 -0.02 37.43 71.74
CA GLN E 314 -1.27 37.10 71.05
C GLN E 314 -1.04 36.00 70.02
N ASN E 315 0.08 36.06 69.29
CA ASN E 315 0.38 35.05 68.29
C ASN E 315 0.60 33.68 68.94
N ILE E 316 1.26 33.65 70.09
CA ILE E 316 1.46 32.39 70.79
C ILE E 316 0.13 31.81 71.26
N LYS E 317 -0.76 32.66 71.79
CA LYS E 317 -2.08 32.18 72.19
C LYS E 317 -2.84 31.65 70.99
N VAL E 318 -2.78 32.36 69.86
CA VAL E 318 -3.46 31.92 68.65
C VAL E 318 -2.89 30.60 68.15
N LYS E 319 -1.56 30.43 68.23
CA LYS E 319 -0.95 29.19 67.80
C LYS E 319 -1.38 28.02 68.68
N ASN E 320 -1.44 28.24 69.99
CA ASN E 320 -1.91 27.19 70.89
C ASN E 320 -3.34 26.80 70.56
N TRP E 321 -4.21 27.80 70.40
CA TRP E 321 -5.59 27.52 70.05
C TRP E 321 -5.70 26.81 68.70
N LEU E 322 -4.84 27.18 67.75
CA LEU E 322 -4.90 26.58 66.43
C LEU E 322 -4.43 25.14 66.46
N GLU E 323 -3.39 24.84 67.24
CA GLU E 323 -2.96 23.45 67.39
C GLU E 323 -4.07 22.63 68.04
N ARG E 324 -4.70 23.18 69.07
CA ARG E 324 -5.81 22.48 69.71
C ARG E 324 -6.93 22.22 68.71
N ALA E 325 -7.25 23.23 67.89
CA ALA E 325 -8.30 23.07 66.89
C ALA E 325 -7.94 22.04 65.84
N LEU E 326 -6.68 22.02 65.40
CA LEU E 326 -6.26 21.03 64.41
C LEU E 326 -6.39 19.63 64.96
N GLN E 327 -5.94 19.43 66.21
CA GLN E 327 -6.07 18.13 66.84
C GLN E 327 -7.53 17.73 66.96
N SER E 328 -8.38 18.66 67.40
CA SER E 328 -9.79 18.36 67.57
C SER E 328 -10.46 18.04 66.24
N GLU E 329 -10.10 18.75 65.18
CA GLU E 329 -10.68 18.51 63.87
C GLU E 329 -10.26 17.14 63.33
N ARG E 330 -8.99 16.80 63.49
CA ARG E 330 -8.55 15.46 63.08
C ARG E 330 -9.29 14.39 63.87
N ASN E 331 -9.46 14.60 65.18
CA ASN E 331 -10.16 13.64 66.00
C ASN E 331 -11.62 13.50 65.56
N ILE E 332 -12.26 14.63 65.27
CA ILE E 332 -13.65 14.59 64.82
C ILE E 332 -13.79 13.88 63.49
N LYS E 333 -12.85 14.12 62.57
CA LYS E 333 -12.89 13.43 61.29
C LYS E 333 -12.74 11.92 61.48
N GLU E 334 -11.79 11.51 62.32
CA GLU E 334 -11.62 10.09 62.60
C GLU E 334 -12.87 9.50 63.23
N GLN E 335 -13.49 10.22 64.17
CA GLN E 335 -14.69 9.73 64.82
C GLN E 335 -15.82 9.56 63.83
N ILE E 336 -16.11 10.61 63.05
CA ILE E 336 -17.17 10.55 62.06
C ILE E 336 -16.89 9.49 61.01
N ALA E 337 -15.62 9.14 60.81
CA ALA E 337 -15.30 8.01 59.94
C ALA E 337 -15.81 6.69 60.53
N VAL E 338 -16.09 6.67 61.84
CA VAL E 338 -16.53 5.47 62.52
C VAL E 338 -17.74 5.66 63.43
N LEU E 339 -18.24 6.88 63.58
CA LEU E 339 -19.39 7.15 64.44
C LEU E 339 -20.67 7.37 63.64
N LYS E 340 -20.84 6.61 62.56
CA LYS E 340 -22.03 6.77 61.72
C LYS E 340 -23.28 6.33 62.47
N GLY E 341 -24.38 7.04 62.23
CA GLY E 341 -25.69 6.73 62.81
C GLY E 341 -25.63 6.73 64.35
N SER E 342 -25.32 7.90 64.90
CA SER E 342 -25.26 8.10 66.34
C SER E 342 -25.99 9.38 66.69
N LEU E 343 -27.15 9.25 67.34
CA LEU E 343 -27.94 10.43 67.71
C LEU E 343 -27.17 11.29 68.71
N LEU E 344 -26.56 10.66 69.71
CA LEU E 344 -25.80 11.41 70.70
C LEU E 344 -24.58 12.09 70.09
N LEU E 345 -24.12 11.62 68.93
CA LEU E 345 -23.01 12.29 68.27
C LEU E 345 -23.36 13.71 67.89
N SER E 346 -24.67 14.02 67.76
CA SER E 346 -25.08 15.40 67.56
C SER E 346 -24.70 16.24 68.77
N ARG E 347 -24.91 15.71 69.98
CA ARG E 347 -24.51 16.44 71.18
C ARG E 347 -22.99 16.62 71.22
N ILE E 348 -22.24 15.60 70.82
CA ILE E 348 -20.79 15.71 70.80
C ILE E 348 -20.34 16.78 69.81
N LEU E 349 -20.97 16.82 68.63
CA LEU E 349 -20.65 17.84 67.65
C LEU E 349 -21.01 19.23 68.15
N TYR E 350 -22.14 19.35 68.87
CA TYR E 350 -22.51 20.63 69.47
C TYR E 350 -21.47 21.08 70.49
N GLN E 351 -21.01 20.14 71.31
CA GLN E 351 -19.96 20.47 72.28
C GLN E 351 -18.68 20.88 71.57
N GLN E 352 -18.30 20.17 70.51
CA GLN E 352 -17.09 20.49 69.77
C GLN E 352 -17.18 21.88 69.14
N GLN E 353 -18.34 22.18 68.55
CA GLN E 353 -18.54 23.52 67.98
C GLN E 353 -18.50 24.58 69.06
N GLN E 354 -19.10 24.32 70.22
CA GLN E 354 -19.01 25.24 71.33
C GLN E 354 -17.58 25.44 71.81
N THR E 355 -16.74 24.41 71.66
CA THR E 355 -15.33 24.50 72.04
C THR E 355 -14.53 25.33 71.04
N LEU E 356 -14.96 25.40 69.79
CA LEU E 356 -14.23 26.15 68.78
C LEU E 356 -14.16 27.62 69.15
N PRO E 357 -12.97 28.19 69.05
CA PRO E 357 -12.78 29.60 69.33
C PRO E 357 -13.30 30.44 68.16
N SER E 358 -13.59 31.71 68.45
CA SER E 358 -14.14 32.62 67.46
C SER E 358 -13.01 33.27 66.68
N ALA E 359 -12.96 32.99 65.37
CA ALA E 359 -11.94 33.56 64.50
C ALA E 359 -12.27 34.96 64.01
N ASP E 360 -13.47 35.46 64.31
CA ASP E 360 -13.85 36.80 63.88
C ASP E 360 -13.04 37.88 64.58
N GLU E 361 -12.38 37.55 65.68
CA GLU E 361 -11.57 38.51 66.43
C GLU E 361 -10.20 38.75 65.80
N LEU E 362 -9.93 38.16 64.65
CA LEU E 362 -8.65 38.33 63.98
C LEU E 362 -8.50 39.76 63.49
N GLU E 363 -7.35 40.37 63.76
CA GLU E 363 -7.06 41.73 63.33
C GLU E 363 -6.23 41.67 62.06
N ASN E 364 -6.83 42.05 60.93
CA ASN E 364 -6.12 42.04 59.65
C ASN E 364 -5.13 43.19 59.60
N MET E 365 -4.01 43.06 60.31
CA MET E 365 -3.00 44.10 60.41
C MET E 365 -2.01 44.08 59.27
N THR E 366 -2.40 43.52 58.12
CA THR E 366 -1.51 43.53 56.96
C THR E 366 -1.10 44.95 56.58
N ASN E 367 -2.00 45.92 56.76
CA ASN E 367 -1.64 47.32 56.54
C ASN E 367 -0.57 47.75 57.53
N ARG E 368 -0.68 47.33 58.79
CA ARG E 368 0.37 47.61 59.76
C ARG E 368 1.67 46.93 59.38
N ILE E 369 1.60 45.76 58.74
CA ILE E 369 2.82 45.11 58.26
C ILE E 369 3.49 45.92 57.17
N ALA E 370 2.71 46.46 56.24
CA ALA E 370 3.27 47.35 55.22
C ALA E 370 3.85 48.61 55.86
N ASP E 371 3.18 49.15 56.87
CA ASP E 371 3.70 50.31 57.57
C ASP E 371 5.02 50.00 58.24
N LEU E 372 5.13 48.82 58.84
CA LEU E 372 6.40 48.41 59.45
C LEU E 372 7.49 48.25 58.41
N ARG E 373 7.15 47.68 57.24
CA ARG E 373 8.15 47.54 56.18
C ARG E 373 8.62 48.90 55.69
N LEU E 374 7.69 49.85 55.52
CA LEU E 374 8.07 51.19 55.11
C LEU E 374 8.93 51.88 56.17
N GLU E 375 8.58 51.70 57.44
CA GLU E 375 9.38 52.30 58.51
C GLU E 375 10.78 51.70 58.54
N GLN E 376 10.90 50.39 58.31
CA GLN E 376 12.21 49.74 58.27
C GLN E 376 13.03 50.26 57.09
N PHE E 377 12.39 50.42 55.93
CA PHE E 377 13.10 50.97 54.78
C PHE E 377 13.57 52.40 55.06
N GLU E 378 12.72 53.20 55.72
CA GLU E 378 13.11 54.56 56.07
C GLU E 378 14.27 54.56 57.05
N VAL E 379 14.25 53.65 58.03
CA VAL E 379 15.35 53.56 58.98
C VAL E 379 16.64 53.15 58.28
N ASN E 380 16.55 52.22 57.33
CA ASN E 380 17.73 51.83 56.56
C ASN E 380 18.27 52.99 55.76
N GLN E 381 17.38 53.78 55.15
CA GLN E 381 17.82 54.96 54.40
C GLN E 381 18.50 55.96 55.32
N GLN E 382 17.92 56.19 56.50
CA GLN E 382 18.52 57.14 57.44
C GLN E 382 19.89 56.66 57.92
N ARG E 383 20.02 55.36 58.18
CA ARG E 383 21.30 54.80 58.59
C ARG E 383 22.33 54.92 57.48
N ASP E 384 21.92 54.68 56.23
CA ASP E 384 22.83 54.83 55.10
C ASP E 384 23.27 56.29 54.96
N ALA E 385 22.35 57.22 55.16
CA ALA E 385 22.71 58.64 55.14
C ALA E 385 23.65 58.99 56.28
N LEU E 386 23.50 58.35 57.42
CA LEU E 386 24.35 58.58 58.59
C LEU E 386 25.48 57.57 58.70
N PHE E 387 25.72 56.77 57.65
CA PHE E 387 26.80 55.78 57.70
C PHE E 387 28.16 56.46 57.85
N GLN E 388 28.39 57.55 57.11
CA GLN E 388 29.63 58.31 57.18
C GLN E 388 29.45 59.39 58.23
N SER E 389 29.90 59.10 59.46
CA SER E 389 29.73 60.05 60.56
C SER E 389 30.50 61.33 60.31
N ASP E 390 31.74 61.21 59.83
CA ASP E 390 32.55 62.41 59.57
C ASP E 390 31.94 63.27 58.47
N ALA E 391 31.47 62.64 57.39
CA ALA E 391 30.85 63.40 56.30
C ALA E 391 29.56 64.07 56.77
N PHE E 392 28.76 63.36 57.55
CA PHE E 392 27.53 63.95 58.07
C PHE E 392 27.83 65.12 59.00
N VAL E 393 28.84 64.98 59.85
CA VAL E 393 29.22 66.08 60.74
C VAL E 393 29.72 67.29 59.95
N ASN E 394 30.51 67.04 58.91
CA ASN E 394 31.00 68.14 58.07
C ASN E 394 29.85 68.84 57.36
N LYS E 395 28.88 68.06 56.85
CA LYS E 395 27.73 68.65 56.19
C LYS E 395 26.89 69.47 57.16
N LEU E 396 26.69 68.96 58.37
CA LEU E 396 25.91 69.69 59.36
C LEU E 396 26.62 70.96 59.83
N GLU E 397 27.95 70.91 59.93
CA GLU E 397 28.71 72.07 60.37
C GLU E 397 28.77 73.18 59.33
N GLU E 398 28.32 72.92 58.10
CA GLU E 398 28.33 73.95 57.07
C GLU E 398 27.41 75.10 57.46
N GLY E 399 27.86 76.32 57.19
CA GLY E 399 27.13 77.55 57.52
C GLY E 399 26.87 77.69 59.01
N HIS E 400 27.65 76.99 59.84
CA HIS E 400 27.49 77.06 61.29
C HIS E 400 28.85 77.10 61.99
N THR E 401 29.86 77.65 61.33
CA THR E 401 31.19 77.71 61.92
C THR E 401 31.26 78.68 63.09
N ASN E 402 30.31 79.62 63.20
CA ASN E 402 30.31 80.55 64.30
C ASN E 402 29.91 79.91 65.64
N GLU E 403 29.27 78.74 65.60
CA GLU E 403 28.87 78.03 66.80
C GLU E 403 29.50 76.64 66.90
N VAL E 404 30.41 76.30 65.99
CA VAL E 404 31.07 75.00 66.00
C VAL E 404 32.52 75.16 66.45
N ASN E 405 32.93 74.36 67.41
CA ASN E 405 34.28 74.38 67.94
C ASN E 405 34.85 72.97 67.91
N SER E 406 36.03 72.79 68.53
CA SER E 406 36.64 71.47 68.61
C SER E 406 35.76 70.50 69.40
N GLU E 407 35.22 70.96 70.52
CA GLU E 407 34.33 70.11 71.32
C GLU E 407 32.99 69.91 70.64
N VAL E 408 32.51 70.91 69.91
CA VAL E 408 31.22 70.79 69.23
C VAL E 408 31.26 69.72 68.15
N HIS E 409 32.35 69.63 67.39
CA HIS E 409 32.47 68.61 66.37
C HIS E 409 32.47 67.20 66.98
N ASP E 410 33.21 67.03 68.08
CA ASP E 410 33.24 65.73 68.74
C ASP E 410 31.87 65.37 69.31
N ALA E 411 31.18 66.34 69.90
CA ALA E 411 29.84 66.09 70.43
C ALA E 411 28.87 65.71 69.32
N LEU E 412 28.96 66.40 68.17
CA LEU E 412 28.10 66.07 67.05
C LEU E 412 28.40 64.67 66.52
N LEU E 413 29.68 64.30 66.43
CA LEU E 413 30.04 62.97 65.98
C LEU E 413 29.51 61.90 66.93
N GLN E 414 29.65 62.13 68.24
CA GLN E 414 29.15 61.18 69.22
C GLN E 414 27.64 61.06 69.14
N VAL E 415 26.94 62.18 68.97
CA VAL E 415 25.49 62.15 68.85
C VAL E 415 25.06 61.41 67.59
N VAL E 416 25.77 61.62 66.48
CA VAL E 416 25.46 60.89 65.26
C VAL E 416 25.68 59.40 65.43
N ASP E 417 26.77 59.02 66.09
CA ASP E 417 27.04 57.60 66.33
C ASP E 417 25.96 56.98 67.21
N MET E 418 25.56 57.68 68.27
CA MET E 418 24.51 57.17 69.15
C MET E 418 23.18 57.06 68.42
N ARG E 419 22.85 58.04 67.59
CA ARG E 419 21.62 57.99 66.82
C ARG E 419 21.65 56.82 65.83
N ARG E 420 22.79 56.59 65.20
CA ARG E 420 22.93 55.45 64.28
C ARG E 420 22.75 54.13 65.02
N GLU E 421 23.35 54.00 66.20
CA GLU E 421 23.22 52.78 66.98
C GLU E 421 21.77 52.54 67.40
N LEU E 422 21.10 53.60 67.86
CA LEU E 422 19.70 53.49 68.26
C LEU E 422 18.82 53.14 67.07
N LEU E 423 19.10 53.75 65.91
CA LEU E 423 18.34 53.43 64.70
C LEU E 423 18.54 51.98 64.30
N ASP E 424 19.78 51.48 64.40
CA ASP E 424 20.03 50.08 64.07
C ASP E 424 19.28 49.14 65.02
N GLN E 425 19.30 49.46 66.32
CA GLN E 425 18.58 48.64 67.29
C GLN E 425 17.08 48.65 67.01
N LEU E 426 16.53 49.83 66.74
CA LEU E 426 15.10 49.93 66.44
C LEU E 426 14.76 49.20 65.14
N ASN E 427 15.64 49.27 64.15
CA ASN E 427 15.40 48.56 62.89
C ASN E 427 15.41 47.06 63.09
N LYS E 428 16.35 46.55 63.89
CA LYS E 428 16.36 45.12 64.18
C LYS E 428 15.09 44.70 64.93
N GLN E 429 14.67 45.51 65.91
CA GLN E 429 13.45 45.21 66.64
C GLN E 429 12.24 45.22 65.73
N LEU E 430 12.18 46.19 64.83
CA LEU E 430 11.04 46.29 63.91
C LEU E 430 11.03 45.14 62.92
N GLY E 431 12.20 44.73 62.43
CA GLY E 431 12.26 43.59 61.52
C GLY E 431 11.82 42.31 62.22
N ASN E 432 12.26 42.11 63.46
CA ASN E 432 11.83 40.94 64.23
C ASN E 432 10.32 40.98 64.45
N GLN E 433 9.80 42.15 64.79
CA GLN E 433 8.36 42.30 64.99
C GLN E 433 7.59 42.02 63.70
N LEU E 434 8.13 42.47 62.55
CA LEU E 434 7.47 42.24 61.28
C LEU E 434 7.47 40.76 60.92
N MET E 435 8.58 40.07 61.19
CA MET E 435 8.61 38.62 60.96
C MET E 435 7.59 37.92 61.85
N MET E 436 7.52 38.31 63.13
CA MET E 436 6.56 37.72 64.05
C MET E 436 5.13 37.99 63.58
N ALA E 437 4.88 39.21 63.11
CA ALA E 437 3.54 39.56 62.64
C ALA E 437 3.18 38.82 61.36
N ILE E 438 4.14 38.60 60.47
CA ILE E 438 3.87 37.82 59.26
C ILE E 438 3.54 36.38 59.61
N ASN E 439 4.31 35.80 60.54
CA ASN E 439 3.99 34.46 61.01
C ASN E 439 2.61 34.42 61.67
N LEU E 440 2.30 35.44 62.47
CA LEU E 440 1.00 35.49 63.13
C LEU E 440 -0.13 35.61 62.13
N GLN E 441 0.06 36.41 61.08
CA GLN E 441 -0.96 36.56 60.05
C GLN E 441 -1.16 35.27 59.28
N ILE E 442 -0.07 34.58 58.94
CA ILE E 442 -0.19 33.29 58.27
C ILE E 442 -0.94 32.29 59.16
N ASN E 443 -0.59 32.26 60.44
CA ASN E 443 -1.25 31.35 61.37
C ASN E 443 -2.73 31.71 61.54
N GLN E 444 -3.05 33.00 61.58
CA GLN E 444 -4.44 33.43 61.74
C GLN E 444 -5.26 33.07 60.50
N GLN E 445 -4.69 33.25 59.31
CA GLN E 445 -5.39 32.86 58.09
C GLN E 445 -5.62 31.35 58.08
N GLN E 446 -4.58 30.58 58.47
CA GLN E 446 -4.73 29.13 58.51
C GLN E 446 -5.80 28.72 59.51
N LEU E 447 -5.83 29.39 60.67
CA LEU E 447 -6.81 29.05 61.71
C LEU E 447 -8.23 29.44 61.29
N MET E 448 -8.38 30.57 60.61
CA MET E 448 -9.70 30.93 60.09
C MET E 448 -10.16 29.91 59.05
N SER E 449 -9.26 29.49 58.17
CA SER E 449 -9.60 28.46 57.20
C SER E 449 -9.96 27.15 57.89
N VAL E 450 -9.22 26.80 58.95
CA VAL E 450 -9.51 25.59 59.70
C VAL E 450 -10.87 25.66 60.37
N SER E 451 -11.20 26.81 60.94
CA SER E 451 -12.51 26.98 61.58
C SER E 451 -13.63 26.89 60.55
N LYS E 452 -13.42 27.49 59.38
CA LYS E 452 -14.41 27.39 58.31
C LYS E 452 -14.57 25.95 57.87
N ASN E 453 -13.47 25.21 57.73
CA ASN E 453 -13.54 23.81 57.37
C ASN E 453 -14.22 22.99 58.46
N LEU E 454 -14.01 23.35 59.72
CA LEU E 454 -14.68 22.67 60.82
C LEU E 454 -16.18 22.90 60.76
N LYS E 455 -16.59 24.13 60.46
CA LYS E 455 -18.01 24.41 60.28
C LYS E 455 -18.57 23.61 59.11
N SER E 456 -17.82 23.53 58.02
CA SER E 456 -18.26 22.76 56.86
C SER E 456 -18.42 21.29 57.22
N ILE E 457 -17.47 20.75 57.97
CA ILE E 457 -17.54 19.35 58.38
C ILE E 457 -18.72 19.11 59.31
N LEU E 458 -18.98 20.04 60.23
CA LEU E 458 -20.11 19.90 61.13
C LEU E 458 -21.42 19.90 60.35
N THR E 459 -21.53 20.79 59.36
CA THR E 459 -22.72 20.79 58.51
C THR E 459 -22.84 19.49 57.72
N GLN E 460 -21.72 19.00 57.19
CA GLN E 460 -21.75 17.77 56.40
C GLN E 460 -22.19 16.59 57.25
N GLN E 461 -21.69 16.50 58.48
CA GLN E 461 -22.13 15.45 59.39
C GLN E 461 -23.60 15.62 59.75
N ILE E 462 -24.05 16.86 59.94
CA ILE E 462 -25.43 17.12 60.31
C ILE E 462 -26.38 17.05 59.12
N PHE E 463 -25.87 16.80 57.91
CA PHE E 463 -26.69 16.81 56.70
C PHE E 463 -27.78 15.75 56.75
N TRP E 464 -27.40 14.48 56.73
CA TRP E 464 -28.37 13.39 56.73
C TRP E 464 -28.90 13.14 58.14
N ASP E 474 -44.29 14.99 77.20
CA ASP E 474 -43.04 14.48 76.67
C ASP E 474 -42.18 15.62 76.12
N TRP E 475 -42.08 15.69 74.80
CA TRP E 475 -41.31 16.76 74.17
C TRP E 475 -41.91 18.12 74.49
N ILE E 476 -43.24 18.23 74.41
CA ILE E 476 -43.89 19.50 74.74
C ILE E 476 -43.77 19.79 76.23
N LYS E 477 -43.86 18.76 77.07
CA LYS E 477 -43.72 18.95 78.51
C LYS E 477 -42.35 19.50 78.86
N ALA E 478 -41.30 18.95 78.24
CA ALA E 478 -39.96 19.49 78.42
C ALA E 478 -39.85 20.89 77.85
N PHE E 479 -40.52 21.14 76.72
CA PHE E 479 -40.49 22.47 76.13
C PHE E 479 -41.07 23.54 77.05
N PRO E 480 -42.01 23.25 77.95
CA PRO E 480 -42.49 24.30 78.87
C PRO E 480 -41.37 24.89 79.72
N GLN E 481 -40.42 24.07 80.17
CA GLN E 481 -39.28 24.59 80.91
C GLN E 481 -38.29 25.28 79.98
N SER E 482 -38.08 24.71 78.79
CA SER E 482 -37.13 25.30 77.83
C SER E 482 -37.61 26.64 77.29
N LEU E 483 -38.90 26.95 77.44
CA LEU E 483 -39.41 28.25 76.99
C LEU E 483 -38.74 29.38 77.75
N LYS E 484 -38.59 29.23 79.07
CA LYS E 484 -37.92 30.27 79.86
C LYS E 484 -36.46 30.39 79.45
N ASP E 485 -35.79 29.28 79.19
CA ASP E 485 -34.39 29.32 78.75
C ASP E 485 -34.27 30.04 77.42
N GLU E 486 -35.18 29.75 76.48
CA GLU E 486 -35.16 30.42 75.19
C GLU E 486 -35.43 31.92 75.34
N PHE E 487 -36.37 32.29 76.20
CA PHE E 487 -36.64 33.70 76.44
C PHE E 487 -35.44 34.40 77.04
N LYS E 488 -34.74 33.75 77.97
CA LYS E 488 -33.52 34.32 78.53
C LYS E 488 -32.44 34.45 77.46
N SER E 489 -32.37 33.48 76.53
CA SER E 489 -31.39 33.55 75.46
C SER E 489 -31.65 34.73 74.53
N MET E 490 -32.90 35.20 74.47
CA MET E 490 -33.21 36.37 73.65
C MET E 490 -32.49 37.61 74.18
N LYS E 491 -32.45 37.78 75.48
CA LYS E 491 -31.76 38.91 76.09
C LYS E 491 -30.32 38.56 76.42
N ILE E 505 -23.71 56.16 53.91
CA ILE E 505 -24.09 55.36 52.75
C ILE E 505 -25.52 54.87 52.88
N ALA E 506 -25.89 54.37 54.07
CA ALA E 506 -27.24 53.88 54.30
C ALA E 506 -28.27 54.99 54.16
N PHE E 507 -27.97 56.17 54.73
CA PHE E 507 -28.88 57.29 54.62
C PHE E 507 -29.02 57.77 53.18
N LEU E 508 -27.90 57.79 52.43
CA LEU E 508 -27.97 58.19 51.03
C LEU E 508 -28.78 57.20 50.21
N ALA E 509 -28.62 55.90 50.48
CA ALA E 509 -29.42 54.90 49.78
C ALA E 509 -30.90 55.04 50.13
N GLY E 510 -31.21 55.29 51.40
CA GLY E 510 -32.60 55.46 51.80
C GLY E 510 -33.26 56.67 51.16
N LEU E 511 -32.57 57.81 51.18
CA LEU E 511 -33.10 59.01 50.52
C LEU E 511 -33.26 58.80 49.02
N PRO E 512 -32.29 58.23 48.30
CA PRO E 512 -32.53 57.93 46.89
C PRO E 512 -33.70 56.98 46.68
N LEU E 513 -33.89 56.01 47.57
CA LEU E 513 -35.04 55.13 47.48
C LEU E 513 -36.35 55.90 47.68
N LEU E 514 -36.36 56.85 48.61
CA LEU E 514 -37.56 57.66 48.83
C LEU E 514 -37.87 58.51 47.60
N LEU E 515 -36.85 59.12 47.00
CA LEU E 515 -37.08 59.90 45.78
C LEU E 515 -37.55 59.01 44.63
N ILE E 516 -36.98 57.81 44.53
CA ILE E 516 -37.38 56.87 43.49
C ILE E 516 -38.85 56.49 43.65
N ALA E 517 -39.27 56.22 44.89
CA ALA E 517 -40.67 55.89 45.14
C ALA E 517 -41.58 57.08 44.85
N GLY E 518 -41.15 58.29 45.21
CA GLY E 518 -41.95 59.47 44.93
C GLY E 518 -42.17 59.68 43.45
N LEU E 519 -41.12 59.50 42.64
CA LEU E 519 -41.29 59.58 41.19
C LEU E 519 -42.08 58.39 40.67
N ILE E 520 -41.90 57.21 41.26
CA ILE E 520 -42.54 56.01 40.78
C ILE E 520 -44.03 56.01 41.04
N HIS E 521 -44.51 56.79 42.01
CA HIS E 521 -45.96 56.92 42.17
C HIS E 521 -46.61 57.46 40.90
N TRP E 522 -46.11 58.59 40.39
CA TRP E 522 -46.63 59.15 39.15
C TRP E 522 -46.27 58.27 37.95
N ARG E 523 -45.09 57.65 37.98
CA ARG E 523 -44.70 56.74 36.90
C ARG E 523 -45.68 55.58 36.79
N LEU E 524 -46.08 55.01 37.93
CA LEU E 524 -47.02 53.91 37.94
C LEU E 524 -48.43 54.36 37.59
N GLY E 525 -48.81 55.58 37.97
CA GLY E 525 -50.08 56.11 37.49
C GLY E 525 -50.12 56.21 35.98
N TRP E 526 -49.05 56.76 35.39
CA TRP E 526 -48.97 56.86 33.93
C TRP E 526 -48.93 55.47 33.28
N LEU E 527 -48.22 54.54 33.89
CA LEU E 527 -48.14 53.18 33.36
C LEU E 527 -49.51 52.49 33.41
N LYS E 528 -50.26 52.70 34.49
CA LYS E 528 -51.60 52.13 34.59
C LYS E 528 -52.52 52.75 33.53
N ALA E 529 -52.41 54.05 33.32
CA ALA E 529 -53.21 54.69 32.27
C ALA E 529 -52.86 54.11 30.90
N TYR E 530 -51.56 53.95 30.62
CA TYR E 530 -51.14 53.38 29.34
C TYR E 530 -51.62 51.94 29.17
N GLN E 531 -51.54 51.16 30.25
CA GLN E 531 -51.98 49.77 30.19
C GLN E 531 -53.48 49.69 29.95
N GLN E 532 -54.27 50.54 30.61
CA GLN E 532 -55.70 50.57 30.37
C GLN E 532 -56.01 50.97 28.95
N LYS E 533 -55.28 51.95 28.41
CA LYS E 533 -55.49 52.37 27.03
C LYS E 533 -55.16 51.25 26.06
N LEU E 534 -54.09 50.50 26.32
CA LEU E 534 -53.69 49.42 25.42
C LEU E 534 -54.66 48.25 25.50
N ALA E 535 -55.12 47.91 26.71
CA ALA E 535 -56.00 46.76 26.86
C ALA E 535 -57.41 47.05 26.37
N SER E 536 -57.94 48.23 26.66
CA SER E 536 -59.28 48.58 26.24
C SER E 536 -59.43 50.09 26.07
N THR E 549 -55.38 40.31 28.96
CA THR E 549 -54.56 40.76 27.84
C THR E 549 -53.08 40.56 28.15
N PRO E 550 -52.31 40.06 27.17
CA PRO E 550 -50.87 39.89 27.37
C PRO E 550 -50.17 41.20 27.71
N LYS E 551 -50.57 42.28 27.04
CA LYS E 551 -49.99 43.59 27.33
C LYS E 551 -50.32 44.04 28.75
N ALA E 552 -51.55 43.82 29.19
CA ALA E 552 -51.93 44.18 30.55
C ALA E 552 -51.15 43.35 31.57
N ILE E 553 -50.97 42.05 31.29
CA ILE E 553 -50.20 41.20 32.19
C ILE E 553 -48.75 41.66 32.27
N LEU E 554 -48.15 41.99 31.12
CA LEU E 554 -46.78 42.49 31.11
C LEU E 554 -46.65 43.79 31.87
N ILE E 555 -47.64 44.69 31.71
CA ILE E 555 -47.61 45.96 32.42
C ILE E 555 -47.73 45.73 33.93
N ASP E 556 -48.61 44.81 34.33
CA ASP E 556 -48.74 44.49 35.76
C ASP E 556 -47.46 43.91 36.32
N LEU E 557 -46.81 43.02 35.56
CA LEU E 557 -45.53 42.46 36.00
C LEU E 557 -44.46 43.53 36.13
N ILE E 558 -44.41 44.47 35.17
CA ILE E 558 -43.44 45.54 35.23
C ILE E 558 -43.70 46.44 36.42
N ARG E 559 -44.96 46.73 36.70
CA ARG E 559 -45.31 47.56 37.86
C ARG E 559 -44.93 46.87 39.16
N ALA E 560 -45.18 45.56 39.25
CA ALA E 560 -44.78 44.82 40.44
C ALA E 560 -43.27 44.80 40.60
N LEU E 561 -42.54 44.66 39.49
CA LEU E 561 -41.09 44.65 39.55
C LEU E 561 -40.51 45.95 40.10
N PRO E 562 -40.96 47.14 39.69
CA PRO E 562 -40.39 48.37 40.27
C PRO E 562 -40.64 48.49 41.76
N VAL E 563 -41.83 48.12 42.24
CA VAL E 563 -42.12 48.18 43.67
C VAL E 563 -41.24 47.20 44.42
N CYS E 564 -41.06 46.00 43.86
CA CYS E 564 -40.20 45.01 44.50
C CYS E 564 -38.76 45.50 44.57
N LEU E 565 -38.28 46.14 43.49
CA LEU E 565 -36.93 46.67 43.49
C LEU E 565 -36.77 47.79 44.52
N ILE E 566 -37.77 48.66 44.63
CA ILE E 566 -37.72 49.72 45.63
C ILE E 566 -37.69 49.15 47.04
N ILE E 567 -38.52 48.14 47.29
CA ILE E 567 -38.56 47.51 48.61
C ILE E 567 -37.22 46.83 48.92
N LEU E 568 -36.64 46.15 47.92
CA LEU E 568 -35.35 45.51 48.13
C LEU E 568 -34.26 46.53 48.41
N ALA E 569 -34.27 47.66 47.70
CA ALA E 569 -33.29 48.71 47.97
C ALA E 569 -33.46 49.28 49.37
N VAL E 570 -34.72 49.48 49.79
CA VAL E 570 -34.97 49.99 51.14
C VAL E 570 -34.47 49.00 52.19
N GLY E 571 -34.73 47.70 51.97
CA GLY E 571 -34.25 46.70 52.91
C GLY E 571 -32.74 46.63 52.97
N LEU E 572 -32.08 46.72 51.80
CA LEU E 572 -30.62 46.72 51.78
C LEU E 572 -30.05 47.94 52.50
N ILE E 573 -30.68 49.10 52.32
CA ILE E 573 -30.25 50.29 53.04
C ILE E 573 -30.45 50.10 54.54
N LEU E 574 -31.54 49.43 54.92
CA LEU E 574 -31.78 49.15 56.33
C LEU E 574 -30.86 48.07 56.87
N LEU E 575 -30.19 47.31 56.01
CA LEU E 575 -29.28 46.25 56.43
C LEU E 575 -27.83 46.66 56.21
N SER E 582 -26.48 42.64 61.81
CA SER E 582 -27.58 42.64 60.86
C SER E 582 -27.35 41.62 59.75
N GLU E 583 -26.64 40.55 60.08
CA GLU E 583 -26.36 39.51 59.09
C GLU E 583 -27.64 38.79 58.66
N LEU E 584 -28.53 38.49 59.62
CA LEU E 584 -29.77 37.80 59.29
C LEU E 584 -30.68 38.68 58.45
N LEU E 585 -30.61 40.00 58.64
CA LEU E 585 -31.47 40.90 57.88
C LEU E 585 -31.14 40.85 56.38
N TRP E 586 -29.86 40.73 56.03
CA TRP E 586 -29.49 40.69 54.63
C TRP E 586 -30.07 39.47 53.92
N SER E 587 -29.94 38.29 54.54
CA SER E 587 -30.52 37.09 53.94
C SER E 587 -32.04 37.16 53.96
N PHE E 588 -32.61 37.75 55.01
CA PHE E 588 -34.06 37.92 55.06
C PHE E 588 -34.54 38.77 53.88
N SER E 589 -33.82 39.84 53.57
CA SER E 589 -34.19 40.68 52.43
C SER E 589 -33.93 39.97 51.11
N LYS E 590 -32.87 39.17 51.04
CA LYS E 590 -32.60 38.41 49.82
C LYS E 590 -33.74 37.46 49.51
N LYS E 591 -34.26 36.77 50.53
CA LYS E 591 -35.43 35.92 50.32
C LYS E 591 -36.68 36.76 50.08
N LEU E 592 -36.80 37.89 50.78
CA LEU E 592 -37.98 38.72 50.69
C LEU E 592 -38.14 39.36 49.32
N ALA E 593 -37.06 39.48 48.56
CA ALA E 593 -37.19 39.96 47.18
C ALA E 593 -38.14 39.06 46.39
N ILE E 594 -37.82 37.76 46.33
CA ILE E 594 -38.67 36.81 45.63
C ILE E 594 -40.01 36.66 46.35
N PHE E 595 -40.01 36.73 47.69
CA PHE E 595 -41.27 36.61 48.43
C PHE E 595 -42.23 37.72 48.06
N TRP E 596 -41.74 38.96 47.99
CA TRP E 596 -42.58 40.09 47.62
C TRP E 596 -42.96 40.05 46.14
N LEU E 597 -42.07 39.52 45.28
CA LEU E 597 -42.46 39.33 43.89
C LEU E 597 -43.66 38.38 43.78
N VAL E 598 -43.59 37.26 44.50
CA VAL E 598 -44.70 36.31 44.49
C VAL E 598 -45.95 36.94 45.10
N PHE E 599 -45.80 37.69 46.18
CA PHE E 599 -46.95 38.31 46.82
C PHE E 599 -47.62 39.34 45.92
N GLY E 600 -46.83 40.16 45.24
CA GLY E 600 -47.36 41.16 44.33
C GLY E 600 -47.84 40.64 43.00
N LEU E 601 -47.45 39.41 42.64
CA LEU E 601 -48.00 38.80 41.44
C LEU E 601 -49.52 38.67 41.54
N CYS E 602 -50.03 38.37 42.74
CA CYS E 602 -51.47 38.29 42.94
C CYS E 602 -52.09 39.68 43.06
N TRP E 603 -51.37 40.63 43.65
CA TRP E 603 -51.90 41.99 43.79
C TRP E 603 -52.07 42.65 42.43
N LYS E 604 -51.12 42.46 41.52
CA LYS E 604 -51.20 43.01 40.17
C LYS E 604 -51.96 42.11 39.22
N VAL E 605 -52.41 40.95 39.66
CA VAL E 605 -53.18 40.04 38.81
C VAL E 605 -54.11 39.18 39.66
N GLN E 622 -62.32 33.43 42.46
CA GLN E 622 -62.34 34.67 41.69
C GLN E 622 -61.06 35.46 41.91
N THR E 623 -60.68 36.28 40.92
CA THR E 623 -59.49 37.10 41.05
C THR E 623 -59.62 38.10 42.20
N SER E 624 -60.79 38.73 42.33
CA SER E 624 -61.04 39.59 43.47
C SER E 624 -61.02 38.79 44.77
N HIS E 625 -61.62 37.60 44.76
CA HIS E 625 -61.55 36.71 45.92
C HIS E 625 -60.11 36.28 46.18
N TRP E 626 -59.36 35.97 45.11
CA TRP E 626 -57.95 35.62 45.27
C TRP E 626 -57.15 36.82 45.78
N ARG E 627 -57.49 38.03 45.35
CA ARG E 627 -56.79 39.22 45.80
C ARG E 627 -56.92 39.41 47.30
N ARG E 628 -57.97 38.88 47.90
CA ARG E 628 -58.14 38.94 49.35
C ARG E 628 -57.64 37.69 50.06
N GLN E 629 -57.67 36.54 49.40
CA GLN E 629 -57.22 35.28 50.00
C GLN E 629 -55.73 35.08 49.93
N ILE E 630 -55.02 35.85 49.11
CA ILE E 630 -53.56 35.74 49.03
C ILE E 630 -52.86 36.31 50.25
N VAL E 631 -53.57 37.06 51.09
CA VAL E 631 -52.95 37.62 52.29
C VAL E 631 -52.53 36.51 53.25
N ARG E 632 -53.36 35.47 53.39
CA ARG E 632 -53.00 34.35 54.25
C ARG E 632 -51.77 33.63 53.72
N ILE E 633 -51.69 33.43 52.40
CA ILE E 633 -50.53 32.78 51.81
C ILE E 633 -49.28 33.62 52.04
N SER E 634 -49.39 34.94 51.85
CA SER E 634 -48.25 35.82 52.09
C SER E 634 -47.80 35.76 53.54
N LEU E 635 -48.75 35.76 54.48
CA LEU E 635 -48.40 35.68 55.90
C LEU E 635 -47.74 34.35 56.23
N ALA E 636 -48.24 33.25 55.66
CA ALA E 636 -47.64 31.95 55.90
C ALA E 636 -46.22 31.89 55.34
N LEU E 637 -46.01 32.44 54.15
CA LEU E 637 -44.65 32.50 53.59
C LEU E 637 -43.74 33.34 54.46
N LEU E 638 -44.24 34.46 54.97
CA LEU E 638 -43.43 35.29 55.86
C LEU E 638 -43.00 34.56 57.12
N PRO E 639 -43.88 33.83 57.83
CA PRO E 639 -43.39 33.03 58.96
C PRO E 639 -42.38 31.97 58.55
N ILE E 640 -42.59 31.35 57.39
CA ILE E 640 -41.62 30.37 56.90
C ILE E 640 -40.30 31.05 56.58
N HIS E 641 -40.36 32.23 55.97
CA HIS E 641 -39.14 32.98 55.67
C HIS E 641 -38.39 33.32 56.95
N PHE E 642 -39.12 33.77 57.98
CA PHE E 642 -38.48 34.13 59.24
C PHE E 642 -37.89 32.91 59.93
N TRP E 643 -38.55 31.76 59.85
CA TRP E 643 -38.06 30.56 60.49
C TRP E 643 -36.97 29.85 59.69
N SER E 644 -36.80 30.17 58.41
CA SER E 644 -35.81 29.51 57.58
C SER E 644 -34.70 30.41 57.08
N VAL E 645 -34.71 31.70 57.43
CA VAL E 645 -33.66 32.60 56.96
C VAL E 645 -32.31 32.17 57.51
N VAL E 646 -32.25 31.82 58.79
CA VAL E 646 -30.98 31.47 59.44
C VAL E 646 -30.57 30.04 59.17
N ALA E 647 -31.34 29.29 58.37
CA ALA E 647 -31.01 27.89 58.12
C ALA E 647 -29.79 27.76 57.22
N GLU E 648 -29.86 28.36 56.03
CA GLU E 648 -28.78 28.21 55.04
C GLU E 648 -27.49 28.87 55.49
N LEU E 649 -27.51 29.75 56.49
CA LEU E 649 -26.31 30.41 56.97
C LEU E 649 -25.75 29.75 58.21
N VAL E 658 -35.90 23.99 69.88
CA VAL E 658 -37.18 23.61 69.29
C VAL E 658 -38.21 24.72 69.36
N LEU E 659 -37.84 25.88 69.90
CA LEU E 659 -38.79 26.99 70.00
C LEU E 659 -39.20 27.50 68.63
N GLY E 660 -38.25 27.55 67.69
CA GLY E 660 -38.54 28.07 66.37
C GLY E 660 -39.52 27.23 65.57
N GLN E 661 -39.71 25.96 65.96
CA GLN E 661 -40.63 25.06 65.28
C GLN E 661 -42.04 25.11 65.87
N ALA E 662 -42.25 25.86 66.94
CA ALA E 662 -43.58 25.92 67.56
C ALA E 662 -44.60 26.52 66.60
N MET E 663 -44.23 27.61 65.92
CA MET E 663 -45.13 28.20 64.94
C MET E 663 -45.25 27.34 63.70
N ILE E 664 -44.15 26.69 63.30
CA ILE E 664 -44.18 25.85 62.10
C ILE E 664 -45.08 24.65 62.30
N PHE E 665 -45.17 24.14 63.52
CA PHE E 665 -46.04 22.99 63.79
C PHE E 665 -47.50 23.32 63.46
N PHE E 666 -47.95 24.51 63.84
CA PHE E 666 -49.30 24.94 63.50
C PHE E 666 -49.41 25.37 62.03
N ASN E 667 -48.34 25.95 61.48
CA ASN E 667 -48.38 26.39 60.09
C ASN E 667 -48.53 25.21 59.14
N LEU E 668 -47.88 24.09 59.44
CA LEU E 668 -48.01 22.89 58.61
C LEU E 668 -49.45 22.38 58.60
N LEU E 669 -50.08 22.33 59.77
CA LEU E 669 -51.47 21.90 59.86
C LEU E 669 -52.40 22.87 59.13
N LEU E 670 -52.14 24.18 59.26
CA LEU E 670 -52.95 25.16 58.56
C LEU E 670 -52.82 25.01 57.05
N ILE E 671 -51.60 24.79 56.56
CA ILE E 671 -51.38 24.60 55.13
C ILE E 671 -52.09 23.35 54.64
N ALA E 672 -52.01 22.26 55.42
CA ALA E 672 -52.71 21.03 55.05
C ALA E 672 -54.21 21.24 54.99
N PHE E 673 -54.76 21.95 55.98
CA PHE E 673 -56.20 22.21 56.00
C PHE E 673 -56.62 23.07 54.81
N LEU E 674 -55.82 24.09 54.48
CA LEU E 674 -56.13 24.93 53.34
C LEU E 674 -56.07 24.15 52.03
N VAL E 675 -55.08 23.26 51.90
CA VAL E 675 -54.97 22.44 50.69
C VAL E 675 -56.11 21.44 50.60
N TRP E 676 -56.61 20.97 51.75
CA TRP E 676 -57.71 20.00 51.73
C TRP E 676 -58.94 20.50 50.99
N PRO E 677 -59.40 21.75 51.18
CA PRO E 677 -60.53 22.22 50.38
C PRO E 677 -60.26 22.23 48.89
N MET E 678 -59.04 22.59 48.49
CA MET E 678 -58.70 22.57 47.07
C MET E 678 -58.68 21.15 46.52
N CYS E 679 -58.15 20.20 47.30
CA CYS E 679 -58.16 18.81 46.87
C CYS E 679 -59.59 18.27 46.75
N ARG E 680 -60.46 18.64 47.71
CA ARG E 680 -61.85 18.23 47.63
C ARG E 680 -62.54 18.82 46.40
N GLU E 681 -62.27 20.09 46.10
CA GLU E 681 -62.80 20.69 44.88
C GLU E 681 -62.22 20.01 43.64
N SER E 682 -60.92 19.71 43.66
CA SER E 682 -60.31 19.02 42.53
C SER E 682 -60.84 17.60 42.39
N TRP E 683 -61.10 16.92 43.52
CA TRP E 683 -61.62 15.56 43.48
C TRP E 683 -63.01 15.48 42.86
N ARG E 684 -63.74 16.60 42.84
CA ARG E 684 -65.07 16.61 42.22
C ARG E 684 -65.00 16.42 40.71
N ASP E 685 -63.87 16.73 40.10
CA ASP E 685 -63.68 16.58 38.66
C ASP E 685 -62.73 15.41 38.39
N LYS E 686 -63.13 14.52 37.49
CA LYS E 686 -62.34 13.35 37.15
C LYS E 686 -61.77 13.43 35.74
N GLU E 687 -62.62 13.68 34.74
CA GLU E 687 -62.15 13.78 33.36
C GLU E 687 -61.28 15.01 33.13
N SER E 688 -61.41 16.04 33.97
CA SER E 688 -60.60 17.23 33.81
C SER E 688 -59.15 16.96 34.18
N HIS E 689 -58.25 17.75 33.61
CA HIS E 689 -56.83 17.61 33.88
C HIS E 689 -56.50 18.02 35.31
N THR E 690 -55.59 17.30 35.94
CA THR E 690 -55.16 17.56 37.30
C THR E 690 -53.64 17.58 37.39
N MET E 691 -53.02 18.29 36.45
CA MET E 691 -51.56 18.37 36.43
C MET E 691 -51.03 19.11 37.66
N ARG E 692 -51.69 20.19 38.07
CA ARG E 692 -51.25 20.97 39.21
C ARG E 692 -51.51 20.29 40.55
N LEU E 693 -52.32 19.23 40.57
CA LEU E 693 -52.60 18.54 41.82
C LEU E 693 -51.36 17.84 42.37
N VAL E 694 -50.47 17.39 41.47
CA VAL E 694 -49.27 16.68 41.91
C VAL E 694 -48.38 17.60 42.74
N THR E 695 -48.18 18.83 42.28
CA THR E 695 -47.39 19.78 43.06
C THR E 695 -48.06 20.10 44.40
N ILE E 696 -49.38 20.27 44.38
CA ILE E 696 -50.11 20.52 45.63
C ILE E 696 -49.99 19.33 46.56
N THR E 697 -50.07 18.12 46.00
CA THR E 697 -49.92 16.91 46.82
C THR E 697 -48.53 16.84 47.44
N VAL E 698 -47.50 17.18 46.67
CA VAL E 698 -46.14 17.17 47.19
C VAL E 698 -45.97 18.20 48.29
N LEU E 699 -46.53 19.40 48.09
CA LEU E 699 -46.43 20.44 49.11
C LEU E 699 -47.16 20.02 50.39
N SER E 700 -48.34 19.40 50.26
CA SER E 700 -49.06 18.94 51.43
C SER E 700 -48.30 17.81 52.14
N ILE E 701 -47.70 16.91 51.38
CA ILE E 701 -46.89 15.85 51.98
C ILE E 701 -45.73 16.44 52.76
N ILE E 702 -45.07 17.44 52.18
CA ILE E 702 -44.01 18.15 52.91
C ILE E 702 -44.55 18.79 54.18
N PRO E 703 -45.70 19.48 54.17
CA PRO E 703 -46.22 20.01 55.44
C PRO E 703 -46.54 18.93 56.46
N ILE E 704 -47.02 17.76 56.01
CA ILE E 704 -47.30 16.68 56.94
C ILE E 704 -45.99 16.08 57.48
N ALA E 705 -45.03 15.85 56.58
CA ALA E 705 -43.77 15.23 56.99
C ALA E 705 -43.00 16.12 57.95
N LEU E 706 -42.98 17.43 57.69
CA LEU E 706 -42.23 18.34 58.55
C LEU E 706 -42.78 18.33 59.98
N MET E 707 -44.10 18.31 60.12
CA MET E 707 -44.71 18.28 61.44
C MET E 707 -44.77 16.89 62.06
N VAL E 708 -44.52 15.84 61.27
CA VAL E 708 -44.59 14.48 61.79
C VAL E 708 -43.22 14.00 62.26
N LEU E 709 -42.22 14.08 61.38
CA LEU E 709 -40.92 13.47 61.62
C LEU E 709 -39.99 14.33 62.45
N THR E 710 -40.41 15.53 62.85
CA THR E 710 -39.54 16.44 63.59
C THR E 710 -39.45 16.10 65.07
N ALA E 711 -40.21 15.14 65.56
CA ALA E 711 -40.20 14.78 66.97
C ALA E 711 -38.86 14.16 67.36
N PHE E 715 -31.46 13.66 61.62
CA PHE E 715 -32.73 13.15 62.10
C PHE E 715 -33.74 14.28 62.30
N TYR E 716 -33.27 15.39 62.87
CA TYR E 716 -34.11 16.57 63.09
C TYR E 716 -34.02 17.56 61.94
N THR E 717 -33.29 17.23 60.87
CA THR E 717 -33.08 18.12 59.74
C THR E 717 -34.23 18.09 58.72
N THR E 718 -35.40 17.61 59.13
CA THR E 718 -36.53 17.54 58.19
C THR E 718 -36.99 18.91 57.74
N LEU E 719 -36.75 19.94 58.55
CA LEU E 719 -37.20 21.29 58.19
C LEU E 719 -36.43 21.87 57.02
N ARG E 720 -35.30 21.25 56.64
CA ARG E 720 -34.50 21.79 55.54
C ARG E 720 -35.23 21.68 54.22
N LEU E 721 -36.08 20.66 54.05
CA LEU E 721 -36.74 20.46 52.78
C LEU E 721 -37.74 21.57 52.47
N ALA E 722 -38.15 22.33 53.49
CA ALA E 722 -39.13 23.39 53.27
C ALA E 722 -38.58 24.48 52.36
N GLY E 723 -37.28 24.79 52.46
CA GLY E 723 -36.69 25.80 51.59
C GLY E 723 -36.79 25.41 50.13
N ARG E 724 -36.51 24.14 49.81
CA ARG E 724 -36.66 23.67 48.45
C ARG E 724 -38.12 23.59 48.04
N TRP E 725 -39.00 23.21 48.98
CA TRP E 725 -40.42 23.07 48.65
C TRP E 725 -41.04 24.41 48.28
N ILE E 726 -40.70 25.47 49.03
CA ILE E 726 -41.24 26.79 48.72
C ILE E 726 -40.77 27.26 47.36
N GLU E 727 -39.48 27.05 47.06
CA GLU E 727 -38.95 27.43 45.75
C GLU E 727 -39.61 26.64 44.63
N THR E 728 -39.85 25.34 44.86
CA THR E 728 -40.52 24.54 43.84
C THR E 728 -41.94 25.02 43.61
N VAL E 729 -42.65 25.39 44.69
CA VAL E 729 -44.01 25.90 44.55
C VAL E 729 -44.01 27.20 43.77
N TYR E 730 -43.07 28.10 44.07
CA TYR E 730 -42.98 29.35 43.35
C TYR E 730 -42.66 29.11 41.88
N LEU E 731 -41.75 28.18 41.59
CA LEU E 731 -41.43 27.86 40.21
C LEU E 731 -42.63 27.28 39.48
N VAL E 732 -43.42 26.43 40.15
CA VAL E 732 -44.61 25.86 39.53
C VAL E 732 -45.62 26.95 39.22
N ILE E 733 -45.82 27.88 40.15
CA ILE E 733 -46.76 28.97 39.91
C ILE E 733 -46.29 29.83 38.74
N ILE E 734 -44.99 30.13 38.70
CA ILE E 734 -44.45 30.93 37.59
C ILE E 734 -44.62 30.20 36.27
N TRP E 735 -44.39 28.88 36.27
CA TRP E 735 -44.54 28.10 35.05
C TRP E 735 -45.99 28.09 34.58
N ASN E 736 -46.94 27.96 35.51
CA ASN E 736 -48.35 27.99 35.13
C ASN E 736 -48.74 29.34 34.56
N LEU E 737 -48.29 30.43 35.18
CA LEU E 737 -48.60 31.75 34.67
C LEU E 737 -47.98 31.96 33.28
N LEU E 738 -46.73 31.53 33.11
CA LEU E 738 -46.08 31.67 31.81
C LEU E 738 -46.78 30.83 30.76
N TYR E 739 -47.25 29.64 31.13
CA TYR E 739 -47.98 28.80 30.18
C TYR E 739 -49.29 29.45 29.77
N GLN E 740 -50.01 30.04 30.72
CA GLN E 740 -51.25 30.75 30.38
C GLN E 740 -50.96 31.93 29.45
N THR E 741 -49.93 32.71 29.76
CA THR E 741 -49.58 33.84 28.91
C THR E 741 -49.18 33.40 27.52
N VAL E 742 -48.41 32.31 27.42
CA VAL E 742 -47.98 31.80 26.13
C VAL E 742 -49.16 31.28 25.34
N LEU E 743 -50.12 30.64 26.02
CA LEU E 743 -51.32 30.18 25.33
C LEU E 743 -52.12 31.36 24.78
N ARG E 744 -52.27 32.42 25.58
CA ARG E 744 -52.98 33.60 25.11
C ARG E 744 -52.27 34.24 23.91
N GLY E 745 -50.94 34.35 23.99
CA GLY E 745 -50.19 34.94 22.89
C GLY E 745 -50.27 34.10 21.64
N LEU E 746 -50.19 32.77 21.78
CA LEU E 746 -50.30 31.88 20.63
C LEU E 746 -51.69 31.96 20.00
N SER E 747 -52.73 32.05 20.83
CA SER E 747 -54.07 32.20 20.28
C SER E 747 -54.22 33.52 19.53
N VAL E 748 -53.66 34.60 20.07
CA VAL E 748 -53.72 35.89 19.39
C VAL E 748 -52.97 35.84 18.06
N ALA E 749 -51.78 35.23 18.06
CA ALA E 749 -51.00 35.12 16.83
C ALA E 749 -51.71 34.27 15.79
N ALA E 750 -52.33 33.16 16.23
CA ALA E 750 -53.07 32.31 15.30
C ALA E 750 -54.26 33.04 14.71
N ARG E 751 -54.98 33.79 15.54
CA ARG E 751 -56.11 34.57 15.03
C ARG E 751 -55.65 35.62 14.02
N ARG E 752 -54.54 36.31 14.31
CA ARG E 752 -54.01 37.29 13.38
C ARG E 752 -53.59 36.64 12.07
N ILE E 753 -52.92 35.49 12.14
CA ILE E 753 -52.49 34.80 10.94
C ILE E 753 -53.68 34.34 10.11
N ALA E 754 -54.72 33.82 10.77
CA ALA E 754 -55.91 33.39 10.05
C ALA E 754 -56.61 34.56 9.38
N ASN E 787 -49.50 27.22 14.49
CA ASN E 787 -50.37 27.66 15.57
C ASN E 787 -50.32 26.69 16.75
N GLN E 788 -51.08 25.61 16.63
CA GLN E 788 -51.12 24.62 17.71
C GLN E 788 -49.75 23.97 17.90
N GLN E 789 -49.07 23.64 16.81
CA GLN E 789 -47.75 23.01 16.91
C GLN E 789 -46.74 23.96 17.54
N THR E 790 -46.76 25.24 17.13
CA THR E 790 -45.84 26.21 17.70
C THR E 790 -46.12 26.43 19.19
N LEU E 791 -47.41 26.50 19.56
CA LEU E 791 -47.76 26.65 20.96
C LEU E 791 -47.30 25.45 21.78
N ARG E 792 -47.47 24.24 21.22
CA ARG E 792 -47.02 23.03 21.92
C ARG E 792 -45.50 23.03 22.09
N ILE E 793 -44.77 23.45 21.05
CA ILE E 793 -43.32 23.49 21.13
C ILE E 793 -42.87 24.51 22.18
N THR E 794 -43.50 25.69 22.20
CA THR E 794 -43.14 26.70 23.19
C THR E 794 -43.45 26.23 24.61
N MET E 795 -44.60 25.57 24.79
CA MET E 795 -44.95 25.05 26.10
C MET E 795 -43.97 23.96 26.54
N LEU E 796 -43.57 23.11 25.61
CA LEU E 796 -42.58 22.08 25.93
C LEU E 796 -41.25 22.70 26.33
N LEU E 797 -40.81 23.73 25.60
CA LEU E 797 -39.56 24.41 25.95
C LEU E 797 -39.64 25.04 27.34
N MET E 798 -40.77 25.71 27.64
CA MET E 798 -40.93 26.33 28.94
C MET E 798 -40.97 25.29 30.05
N PHE E 799 -41.65 24.16 29.82
CA PHE E 799 -41.72 23.11 30.82
C PHE E 799 -40.34 22.49 31.04
N ALA E 800 -39.57 22.30 29.98
CA ALA E 800 -38.22 21.78 30.13
C ALA E 800 -37.33 22.73 30.92
N LEU E 801 -37.43 24.03 30.64
CA LEU E 801 -36.66 25.01 31.40
C LEU E 801 -37.05 25.01 32.86
N PHE E 802 -38.36 24.96 33.15
CA PHE E 802 -38.82 24.93 34.53
C PHE E 802 -38.36 23.67 35.24
N GLY E 803 -38.40 22.53 34.56
CA GLY E 803 -37.93 21.30 35.17
C GLY E 803 -36.43 21.31 35.44
N VAL E 804 -35.65 21.87 34.52
CA VAL E 804 -34.21 21.98 34.73
C VAL E 804 -33.93 22.88 35.93
N MET E 805 -34.64 24.01 36.01
CA MET E 805 -34.46 24.91 37.15
C MET E 805 -34.84 24.22 38.45
N PHE E 806 -35.94 23.48 38.47
CA PHE E 806 -36.35 22.77 39.67
C PHE E 806 -35.34 21.72 40.08
N TRP E 807 -34.81 20.97 39.10
CA TRP E 807 -33.80 19.96 39.40
C TRP E 807 -32.55 20.60 39.99
N ALA E 808 -32.11 21.72 39.42
CA ALA E 808 -30.95 22.40 39.94
C ALA E 808 -31.24 23.21 41.20
N ILE E 809 -32.50 23.32 41.61
CA ILE E 809 -32.89 24.14 42.75
C ILE E 809 -33.41 23.29 43.90
N TRP E 810 -34.18 22.25 43.62
CA TRP E 810 -34.74 21.41 44.69
C TRP E 810 -33.66 20.68 45.47
N SER E 811 -32.47 20.51 44.89
CA SER E 811 -31.31 19.85 45.48
C SER E 811 -31.53 18.36 45.71
N ASP E 812 -32.70 17.83 45.38
CA ASP E 812 -32.97 16.40 45.51
C ASP E 812 -32.76 15.64 44.20
N LEU E 813 -32.89 16.31 43.06
CA LEU E 813 -32.62 15.66 41.78
C LEU E 813 -31.13 15.31 41.66
N ILE E 814 -30.27 16.05 42.35
CA ILE E 814 -28.85 15.70 42.38
C ILE E 814 -28.68 14.33 43.02
N THR E 815 -29.38 14.07 44.12
CA THR E 815 -29.41 12.74 44.69
C THR E 815 -30.05 11.74 43.73
N VAL E 816 -31.11 12.15 43.04
CA VAL E 816 -31.72 11.31 42.02
C VAL E 816 -30.74 11.06 40.87
N PHE E 817 -29.95 12.08 40.53
CA PHE E 817 -28.93 11.90 39.49
C PHE E 817 -27.91 10.86 39.92
N SER E 818 -27.47 10.91 41.19
CA SER E 818 -26.54 9.91 41.68
C SER E 818 -27.16 8.52 41.69
N TYR E 819 -28.44 8.42 42.08
CA TYR E 819 -29.11 7.13 42.10
C TYR E 819 -29.21 6.55 40.70
N LEU E 820 -29.54 7.39 39.71
CA LEU E 820 -29.59 6.93 38.33
C LEU E 820 -28.20 6.55 37.83
N ASP E 821 -27.16 7.27 38.26
CA ASP E 821 -25.79 6.99 37.83
C ASP E 821 -25.10 5.94 38.68
N SER E 822 -25.87 5.10 39.38
CA SER E 822 -25.31 4.08 40.27
C SER E 822 -25.87 2.70 39.91
N ILE E 823 -25.84 2.36 38.63
CA ILE E 823 -26.30 1.07 38.15
C ILE E 823 -25.36 0.60 37.05
N THR E 824 -25.64 -0.60 36.51
CA THR E 824 -24.81 -1.20 35.47
C THR E 824 -25.72 -1.88 34.45
N LEU E 825 -25.38 -1.72 33.18
CA LEU E 825 -26.15 -2.35 32.12
C LEU E 825 -25.32 -3.22 31.18
N TRP E 826 -24.12 -2.77 30.82
CA TRP E 826 -23.26 -3.53 29.93
C TRP E 826 -21.81 -3.11 30.19
N HIS E 827 -20.88 -3.95 29.74
CA HIS E 827 -19.46 -3.71 29.97
C HIS E 827 -18.90 -2.93 28.78
N TYR E 828 -18.50 -1.68 29.04
CA TYR E 828 -17.85 -0.84 28.03
C TYR E 828 -16.40 -0.62 28.42
N ASN E 829 -15.60 -0.24 27.42
CA ASN E 829 -14.18 0.02 27.63
C ASN E 829 -13.76 1.22 26.80
N GLY E 830 -12.65 1.82 27.19
CA GLY E 830 -12.13 2.96 26.45
C GLY E 830 -10.84 3.45 27.07
N THR E 831 -10.40 4.61 26.58
CA THR E 831 -9.19 5.26 27.07
C THR E 831 -9.55 6.64 27.62
N GLU E 832 -9.27 6.87 28.89
CA GLU E 832 -9.51 8.14 29.54
C GLU E 832 -8.23 8.61 30.21
N ALA E 833 -7.85 9.86 29.95
CA ALA E 833 -6.63 10.47 30.52
C ALA E 833 -5.39 9.63 30.23
N GLY E 834 -5.34 9.00 29.06
CA GLY E 834 -4.21 8.17 28.71
C GLY E 834 -4.16 6.82 29.38
N ALA E 835 -5.22 6.41 30.08
CA ALA E 835 -5.27 5.14 30.77
C ALA E 835 -6.45 4.32 30.29
N ALA E 836 -6.23 3.02 30.10
CA ALA E 836 -7.30 2.13 29.65
C ALA E 836 -8.25 1.85 30.81
N VAL E 837 -9.49 2.29 30.67
CA VAL E 837 -10.50 2.15 31.72
C VAL E 837 -11.69 1.39 31.15
N VAL E 838 -12.13 0.38 31.88
CA VAL E 838 -13.31 -0.41 31.52
C VAL E 838 -14.35 -0.22 32.63
N LYS E 839 -15.54 0.22 32.23
CA LYS E 839 -16.61 0.49 33.17
C LYS E 839 -17.92 -0.17 32.73
N ASN E 840 -19.01 0.16 33.41
CA ASN E 840 -20.32 -0.36 33.09
C ASN E 840 -21.25 0.77 32.70
N VAL E 841 -22.31 0.42 31.98
CA VAL E 841 -23.28 1.38 31.47
C VAL E 841 -24.23 1.72 32.61
N THR E 842 -24.10 2.92 33.17
CA THR E 842 -24.97 3.35 34.25
C THR E 842 -26.39 3.57 33.74
N MET E 843 -27.36 3.32 34.63
CA MET E 843 -28.76 3.58 34.26
C MET E 843 -28.98 5.05 33.97
N GLY E 844 -28.24 5.94 34.64
CA GLY E 844 -28.31 7.34 34.30
C GLY E 844 -27.91 7.61 32.86
N SER E 845 -26.89 6.88 32.37
CA SER E 845 -26.49 7.01 30.98
C SER E 845 -27.60 6.57 30.04
N LEU E 846 -28.28 5.47 30.37
CA LEU E 846 -29.39 5.01 29.53
C LEU E 846 -30.52 6.01 29.52
N LEU E 847 -30.83 6.58 30.69
CA LEU E 847 -31.90 7.60 30.76
C LEU E 847 -31.52 8.82 29.95
N PHE E 848 -30.27 9.26 30.04
CA PHE E 848 -29.83 10.40 29.25
C PHE E 848 -29.90 10.12 27.76
N ALA E 849 -29.51 8.91 27.36
CA ALA E 849 -29.58 8.54 25.94
C ALA E 849 -31.01 8.53 25.45
N ILE E 850 -31.92 7.97 26.25
CA ILE E 850 -33.33 7.92 25.86
C ILE E 850 -33.88 9.34 25.75
N ILE E 851 -33.53 10.20 26.71
CA ILE E 851 -34.00 11.58 26.69
C ILE E 851 -33.48 12.29 25.45
N ALA E 852 -32.20 12.08 25.13
CA ALA E 852 -31.62 12.73 23.96
C ALA E 852 -32.32 12.27 22.68
N SER E 853 -32.58 10.97 22.56
CA SER E 853 -33.28 10.47 21.38
C SER E 853 -34.67 11.07 21.27
N MET E 854 -35.40 11.12 22.39
CA MET E 854 -36.76 11.65 22.37
C MET E 854 -36.76 13.12 21.98
N VAL E 855 -35.87 13.92 22.57
CA VAL E 855 -35.86 15.34 22.26
C VAL E 855 -35.40 15.57 20.82
N ALA E 856 -34.48 14.76 20.32
CA ALA E 856 -34.08 14.90 18.92
C ALA E 856 -35.24 14.62 17.99
N TRP E 857 -35.99 13.54 18.26
CA TRP E 857 -37.13 13.22 17.41
C TRP E 857 -38.22 14.28 17.50
N ALA E 858 -38.39 14.88 18.68
CA ALA E 858 -39.39 15.93 18.82
C ALA E 858 -38.95 17.20 18.10
N LEU E 859 -37.66 17.51 18.14
CA LEU E 859 -37.19 18.80 17.65
C LEU E 859 -36.97 18.78 16.14
N ILE E 860 -36.66 17.61 15.56
CA ILE E 860 -36.51 17.54 14.11
C ILE E 860 -37.81 17.91 13.41
N ARG E 861 -38.94 17.48 13.97
CA ARG E 861 -40.23 17.81 13.38
C ARG E 861 -40.71 19.19 13.81
N ASN E 862 -40.10 19.78 14.83
CA ASN E 862 -40.50 21.12 15.25
C ASN E 862 -39.67 22.19 14.54
N LEU E 863 -38.63 21.77 13.82
CA LEU E 863 -37.79 22.72 13.11
C LEU E 863 -38.48 23.50 12.00
N PRO E 864 -39.26 22.88 11.07
CA PRO E 864 -39.60 23.59 9.83
C PRO E 864 -40.55 24.76 10.04
N GLY E 865 -41.61 24.58 10.83
CA GLY E 865 -42.52 25.69 11.07
C GLY E 865 -41.86 26.83 11.85
N LEU E 866 -41.10 26.48 12.88
CA LEU E 866 -40.44 27.50 13.70
C LEU E 866 -39.40 28.25 12.89
N LEU E 867 -38.78 27.59 11.91
CA LEU E 867 -37.89 28.29 11.00
C LEU E 867 -38.64 29.14 9.98
N GLU E 868 -39.74 28.62 9.43
CA GLU E 868 -40.44 29.32 8.36
C GLU E 868 -41.12 30.58 8.88
N VAL E 869 -41.64 30.54 10.11
CA VAL E 869 -42.31 31.72 10.65
C VAL E 869 -41.32 32.89 10.74
N LEU E 870 -40.07 32.60 11.07
CA LEU E 870 -39.05 33.65 11.08
C LEU E 870 -38.63 34.02 9.67
N VAL E 871 -38.45 33.02 8.80
CA VAL E 871 -37.97 33.28 7.45
C VAL E 871 -39.02 34.01 6.63
N LEU E 872 -40.29 33.67 6.82
CA LEU E 872 -41.36 34.38 6.10
C LEU E 872 -41.36 35.86 6.42
N SER E 873 -40.92 36.23 7.62
CA SER E 873 -40.80 37.65 7.96
C SER E 873 -39.56 38.28 7.35
N ARG E 874 -38.65 37.48 6.79
CA ARG E 874 -37.44 37.99 6.17
C ARG E 874 -37.60 38.28 4.68
N LEU E 875 -38.82 38.14 4.14
CA LEU E 875 -39.12 38.37 2.73
C LEU E 875 -38.34 37.45 1.80
N ASN E 876 -37.82 36.35 2.34
CA ASN E 876 -37.11 35.32 1.59
C ASN E 876 -35.85 35.85 0.90
N MET E 877 -35.09 34.96 0.28
CA MET E 877 -33.91 35.34 -0.47
C MET E 877 -33.79 34.65 -1.82
N ARG E 878 -34.61 33.66 -2.12
CA ARG E 878 -34.56 32.92 -3.38
C ARG E 878 -35.86 32.14 -3.52
N GLN E 879 -35.92 31.32 -4.58
CA GLN E 879 -37.13 30.54 -4.83
C GLN E 879 -37.34 29.46 -3.77
N GLY E 880 -36.26 28.77 -3.36
CA GLY E 880 -36.37 27.71 -2.36
C GLY E 880 -35.27 27.81 -1.31
N ALA E 881 -34.75 29.01 -1.05
CA ALA E 881 -33.73 29.17 -0.02
C ALA E 881 -34.28 28.80 1.35
N SER E 882 -35.54 29.13 1.60
CA SER E 882 -36.16 28.75 2.88
C SER E 882 -36.19 27.23 3.03
N TYR E 883 -36.67 26.53 2.00
CA TYR E 883 -36.71 25.07 2.07
C TYR E 883 -35.32 24.50 2.28
N ALA E 884 -34.33 25.03 1.56
CA ALA E 884 -32.96 24.55 1.70
C ALA E 884 -32.44 24.75 3.12
N ILE E 885 -32.73 25.91 3.72
CA ILE E 885 -32.19 26.19 5.04
C ILE E 885 -32.86 25.31 6.10
N THR E 886 -34.19 25.11 5.99
CA THR E 886 -34.85 24.22 6.94
C THR E 886 -34.33 22.80 6.81
N THR E 887 -34.09 22.33 5.57
CA THR E 887 -33.50 21.02 5.41
C THR E 887 -32.12 20.94 6.03
N ILE E 888 -31.31 21.99 5.87
CA ILE E 888 -29.96 21.97 6.43
C ILE E 888 -30.01 21.91 7.95
N LEU E 889 -30.88 22.71 8.58
CA LEU E 889 -31.00 22.62 10.04
C LEU E 889 -31.51 21.25 10.47
N ASN E 890 -32.45 20.67 9.72
CA ASN E 890 -32.88 19.30 9.99
C ASN E 890 -31.69 18.36 10.01
N TYR E 891 -30.81 18.50 9.02
CA TYR E 891 -29.72 17.55 8.83
C TYR E 891 -28.70 17.71 9.95
N ILE E 892 -28.37 18.96 10.30
CA ILE E 892 -27.45 19.22 11.40
C ILE E 892 -28.02 18.70 12.71
N ILE E 893 -29.33 18.89 12.91
CA ILE E 893 -29.95 18.43 14.14
C ILE E 893 -29.87 16.92 14.26
N ILE E 894 -30.15 16.20 13.18
CA ILE E 894 -30.07 14.75 13.24
C ILE E 894 -28.63 14.30 13.46
N ALA E 895 -27.67 15.01 12.87
CA ALA E 895 -26.27 14.66 13.07
C ALA E 895 -25.85 14.84 14.53
N VAL E 896 -26.21 15.97 15.12
CA VAL E 896 -25.83 16.22 16.51
C VAL E 896 -26.55 15.25 17.45
N GLY E 897 -27.80 14.90 17.11
CA GLY E 897 -28.50 13.93 17.94
C GLY E 897 -27.84 12.57 17.91
N ALA E 898 -27.46 12.11 16.72
CA ALA E 898 -26.77 10.83 16.60
C ALA E 898 -25.44 10.86 17.34
N MET E 899 -24.70 11.97 17.22
CA MET E 899 -23.42 12.08 17.91
C MET E 899 -23.61 12.01 19.42
N THR E 900 -24.59 12.74 19.93
CA THR E 900 -24.85 12.72 21.37
C THR E 900 -25.27 11.34 21.84
N VAL E 901 -26.15 10.68 21.08
CA VAL E 901 -26.64 9.36 21.49
C VAL E 901 -25.51 8.36 21.53
N PHE E 902 -24.69 8.33 20.47
CA PHE E 902 -23.57 7.40 20.44
C PHE E 902 -22.51 7.74 21.49
N GLY E 903 -22.34 9.02 21.81
CA GLY E 903 -21.46 9.37 22.92
C GLY E 903 -22.00 8.90 24.25
N SER E 904 -23.32 9.05 24.46
CA SER E 904 -23.92 8.57 25.69
C SER E 904 -23.80 7.05 25.81
N LEU E 905 -24.02 6.33 24.71
CA LEU E 905 -23.82 4.88 24.73
C LEU E 905 -22.35 4.52 24.92
N GLY E 906 -21.43 5.39 24.52
CA GLY E 906 -20.02 5.15 24.70
C GLY E 906 -19.36 4.26 23.67
N VAL E 907 -20.15 3.61 22.81
CA VAL E 907 -19.57 2.74 21.78
C VAL E 907 -18.91 3.56 20.69
N SER E 908 -19.19 4.86 20.62
CA SER E 908 -18.61 5.69 19.58
C SER E 908 -17.10 5.85 19.76
N TRP E 909 -16.58 5.54 20.94
CA TRP E 909 -15.14 5.63 21.17
C TRP E 909 -14.37 4.67 20.27
N ASP E 910 -14.84 3.43 20.14
CA ASP E 910 -14.20 2.46 19.27
C ASP E 910 -14.82 2.39 17.88
N LYS E 911 -15.86 3.19 17.62
CA LYS E 911 -16.53 3.16 16.33
C LYS E 911 -15.68 3.73 15.21
N LEU E 912 -14.57 4.39 15.52
CA LEU E 912 -13.69 4.94 14.50
C LEU E 912 -12.83 3.87 13.84
N GLN E 913 -13.17 2.59 14.00
CA GLN E 913 -12.41 1.52 13.40
C GLN E 913 -12.96 1.12 12.03
N TRP E 914 -14.23 0.71 11.99
CA TRP E 914 -14.78 0.13 10.76
C TRP E 914 -15.48 1.16 9.90
N LEU E 915 -16.51 1.81 10.43
CA LEU E 915 -17.27 2.79 9.66
C LEU E 915 -16.46 4.04 9.33
N ALA E 916 -15.32 4.24 9.99
CA ALA E 916 -14.50 5.42 9.72
C ALA E 916 -13.98 5.41 8.30
N ALA E 917 -13.54 4.24 7.80
CA ALA E 917 -13.06 4.16 6.44
C ALA E 917 -14.15 4.48 5.43
N ALA E 918 -15.37 3.95 5.68
CA ALA E 918 -16.48 4.23 4.79
C ALA E 918 -16.83 5.72 4.80
N LEU E 919 -16.85 6.34 5.97
CA LEU E 919 -17.09 7.78 6.04
C LEU E 919 -16.01 8.55 5.30
N SER E 920 -14.75 8.12 5.44
CA SER E 920 -13.65 8.80 4.78
C SER E 920 -13.80 8.75 3.27
N VAL E 921 -14.09 7.56 2.71
CA VAL E 921 -14.21 7.47 1.26
C VAL E 921 -15.46 8.21 0.77
N GLY E 922 -16.55 8.17 1.56
CA GLY E 922 -17.74 8.89 1.16
C GLY E 922 -17.53 10.38 1.08
N LEU E 923 -16.85 10.95 2.07
CA LEU E 923 -16.51 12.37 2.02
C LEU E 923 -15.49 12.66 0.92
N SER E 924 -14.57 11.72 0.70
CA SER E 924 -13.51 11.92 -0.29
C SER E 924 -14.08 12.03 -1.69
N PHE E 925 -15.08 11.20 -2.01
CA PHE E 925 -15.69 11.26 -3.34
C PHE E 925 -16.22 12.66 -3.62
N GLY E 926 -17.03 13.19 -2.71
CA GLY E 926 -17.62 14.49 -2.93
C GLY E 926 -16.61 15.61 -2.93
N LEU E 927 -15.66 15.58 -2.01
CA LEU E 927 -14.64 16.64 -1.98
C LEU E 927 -13.77 16.59 -3.23
N GLN E 928 -13.46 15.39 -3.72
CA GLN E 928 -12.72 15.26 -4.96
C GLN E 928 -13.51 15.79 -6.15
N GLU E 929 -14.81 15.52 -6.18
CA GLU E 929 -15.64 16.07 -7.25
C GLU E 929 -15.62 17.60 -7.22
N ILE E 930 -15.80 18.18 -6.03
CA ILE E 930 -15.81 19.64 -5.91
C ILE E 930 -14.47 20.22 -6.35
N PHE E 931 -13.37 19.61 -5.91
CA PHE E 931 -12.06 20.19 -6.20
C PHE E 931 -11.66 19.98 -7.66
N GLY E 932 -12.09 18.86 -8.26
CA GLY E 932 -11.87 18.68 -9.67
C GLY E 932 -12.62 19.71 -10.50
N ASN E 933 -13.86 19.99 -10.11
CA ASN E 933 -14.58 21.06 -10.78
C ASN E 933 -13.93 22.42 -10.54
N PHE E 934 -13.33 22.60 -9.35
CA PHE E 934 -12.55 23.80 -9.09
C PHE E 934 -11.41 23.97 -10.07
N VAL E 935 -10.59 22.93 -10.24
CA VAL E 935 -9.46 23.05 -11.17
C VAL E 935 -9.94 23.17 -12.60
N SER E 936 -11.07 22.55 -12.95
CA SER E 936 -11.62 22.71 -14.29
C SER E 936 -12.04 24.16 -14.52
N GLY E 937 -12.69 24.77 -13.53
CA GLY E 937 -13.01 26.18 -13.67
C GLY E 937 -11.78 27.06 -13.78
N LEU E 938 -10.73 26.73 -13.01
CA LEU E 938 -9.49 27.50 -13.09
C LEU E 938 -8.87 27.42 -14.48
N ILE E 939 -8.80 26.22 -15.05
CA ILE E 939 -8.18 26.09 -16.37
C ILE E 939 -9.05 26.71 -17.44
N ILE E 940 -10.38 26.65 -17.27
CA ILE E 940 -11.26 27.34 -18.22
C ILE E 940 -11.05 28.84 -18.16
N LEU E 941 -10.87 29.38 -16.95
CA LEU E 941 -10.66 30.82 -16.81
C LEU E 941 -9.30 31.25 -17.35
N PHE E 942 -8.27 30.41 -17.20
CA PHE E 942 -6.94 30.79 -17.66
C PHE E 942 -6.76 30.54 -19.16
N GLU E 943 -6.87 29.27 -19.59
CA GLU E 943 -6.64 28.94 -20.99
C GLU E 943 -7.69 29.57 -21.89
N ARG E 944 -8.93 29.65 -21.42
CA ARG E 944 -10.03 30.29 -22.12
C ARG E 944 -10.33 29.64 -23.48
N PRO E 945 -10.87 28.42 -23.50
CA PRO E 945 -11.40 27.89 -24.76
C PRO E 945 -12.76 28.47 -25.07
N VAL E 946 -13.50 28.82 -24.01
CA VAL E 946 -14.81 29.45 -24.12
C VAL E 946 -14.80 30.69 -23.24
N ARG E 947 -15.69 31.64 -23.55
CA ARG E 947 -15.77 32.89 -22.82
C ARG E 947 -17.24 33.33 -22.75
N ILE E 948 -17.44 34.57 -22.30
CA ILE E 948 -18.79 35.10 -22.18
C ILE E 948 -19.16 35.83 -23.46
N GLY E 949 -20.29 35.46 -24.03
CA GLY E 949 -20.77 36.13 -25.22
C GLY E 949 -20.27 35.54 -26.52
N ASP E 950 -20.43 34.24 -26.69
CA ASP E 950 -20.06 33.58 -27.95
C ASP E 950 -20.88 32.31 -28.08
N THR E 951 -21.46 32.10 -29.27
CA THR E 951 -22.24 30.90 -29.51
C THR E 951 -21.35 29.67 -29.47
N VAL E 952 -21.87 28.59 -28.88
CA VAL E 952 -21.12 27.36 -28.72
C VAL E 952 -22.12 26.22 -28.63
N THR E 953 -21.73 25.07 -29.18
CA THR E 953 -22.54 23.86 -29.14
C THR E 953 -21.72 22.72 -28.56
N ILE E 954 -22.28 22.02 -27.60
CA ILE E 954 -21.66 20.85 -26.99
C ILE E 954 -22.70 19.74 -26.93
N GLY E 955 -22.53 18.72 -27.75
CA GLY E 955 -23.48 17.62 -27.78
C GLY E 955 -24.87 18.03 -28.22
N SER E 956 -24.94 18.78 -29.32
CA SER E 956 -26.19 19.27 -29.90
C SER E 956 -26.93 20.25 -29.00
N PHE E 957 -26.21 20.93 -28.11
CA PHE E 957 -26.78 21.96 -27.24
C PHE E 957 -26.17 23.30 -27.63
N SER E 958 -26.86 24.05 -28.49
CA SER E 958 -26.34 25.28 -29.05
C SER E 958 -26.86 26.47 -28.24
N GLY E 959 -25.97 27.38 -27.89
CA GLY E 959 -26.39 28.58 -27.18
C GLY E 959 -25.21 29.45 -26.83
N THR E 960 -25.52 30.58 -26.19
CA THR E 960 -24.52 31.56 -25.80
C THR E 960 -24.14 31.40 -24.34
N VAL E 961 -22.85 31.39 -24.05
CA VAL E 961 -22.39 31.20 -22.68
C VAL E 961 -22.64 32.48 -21.88
N SER E 962 -23.23 32.33 -20.69
CA SER E 962 -23.63 33.47 -19.89
C SER E 962 -22.98 33.54 -18.51
N LYS E 963 -22.35 32.47 -18.04
CA LYS E 963 -21.71 32.50 -16.72
C LYS E 963 -20.71 31.36 -16.62
N ILE E 964 -19.59 31.62 -15.94
CA ILE E 964 -18.56 30.62 -15.69
C ILE E 964 -18.29 30.64 -14.19
N ARG E 965 -18.72 29.61 -13.48
CA ARG E 965 -18.61 29.53 -12.03
C ARG E 965 -18.11 28.15 -11.63
N ILE E 966 -18.18 27.85 -10.33
CA ILE E 966 -17.78 26.54 -9.85
C ILE E 966 -18.69 25.48 -10.44
N ARG E 967 -18.11 24.46 -11.05
CA ARG E 967 -18.82 23.23 -11.35
C ARG E 967 -19.94 23.43 -12.37
N ALA E 968 -20.20 24.66 -12.78
CA ALA E 968 -21.35 24.93 -13.62
C ALA E 968 -21.04 26.06 -14.59
N THR E 969 -21.41 25.85 -15.85
CA THR E 969 -21.38 26.89 -16.86
C THR E 969 -22.75 26.95 -17.49
N THR E 970 -23.32 28.14 -17.57
CA THR E 970 -24.67 28.33 -18.07
C THR E 970 -24.63 28.69 -19.54
N ILE E 971 -25.39 27.96 -20.34
CA ILE E 971 -25.51 28.22 -21.78
C ILE E 971 -26.97 28.54 -22.05
N THR E 972 -27.25 29.77 -22.43
CA THR E 972 -28.60 30.17 -22.81
C THR E 972 -28.86 29.69 -24.23
N ASP E 973 -29.77 28.74 -24.37
CA ASP E 973 -30.10 28.17 -25.66
C ASP E 973 -30.98 29.15 -26.42
N PHE E 974 -31.05 28.97 -27.74
CA PHE E 974 -31.86 29.85 -28.58
C PHE E 974 -33.32 29.83 -28.19
N ASP E 975 -33.78 28.75 -27.53
CA ASP E 975 -35.15 28.64 -27.06
C ASP E 975 -35.33 29.21 -25.66
N ARG E 976 -34.36 29.99 -25.17
CA ARG E 976 -34.36 30.52 -23.81
C ARG E 976 -34.43 29.36 -22.79
N LYS E 977 -33.46 28.47 -22.92
CA LYS E 977 -33.41 27.27 -22.07
C LYS E 977 -31.97 27.17 -21.56
N GLU E 978 -31.80 27.41 -20.26
CA GLU E 978 -30.48 27.44 -19.66
C GLU E 978 -29.96 26.03 -19.43
N VAL E 979 -28.78 25.74 -19.98
CA VAL E 979 -28.10 24.46 -19.83
C VAL E 979 -27.00 24.65 -18.79
N ILE E 980 -27.01 23.82 -17.76
CA ILE E 980 -26.00 23.87 -16.71
C ILE E 980 -25.02 22.75 -17.01
N ILE E 981 -23.97 23.07 -17.76
CA ILE E 981 -22.95 22.09 -18.14
C ILE E 981 -21.93 21.99 -17.01
N PRO E 982 -21.59 20.78 -16.56
CA PRO E 982 -20.54 20.64 -15.55
C PRO E 982 -19.19 21.10 -16.08
N ASN E 983 -18.32 21.49 -15.15
CA ASN E 983 -17.07 22.13 -15.52
C ASN E 983 -16.11 21.19 -16.24
N LYS E 984 -16.09 19.91 -15.86
CA LYS E 984 -15.16 18.98 -16.51
C LYS E 984 -15.53 18.73 -17.96
N ALA E 985 -16.80 18.89 -18.32
CA ALA E 985 -17.24 18.59 -19.68
C ALA E 985 -16.60 19.52 -20.70
N PHE E 986 -16.42 20.80 -20.35
CA PHE E 986 -15.78 21.72 -21.28
C PHE E 986 -14.35 21.32 -21.59
N VAL E 987 -13.60 20.91 -20.57
CA VAL E 987 -12.21 20.52 -20.80
C VAL E 987 -12.13 19.19 -21.53
N THR E 988 -12.98 18.23 -21.15
CA THR E 988 -12.87 16.88 -21.68
C THR E 988 -13.52 16.69 -23.04
N GLU E 989 -14.71 17.26 -23.26
CA GLU E 989 -15.45 17.04 -24.49
C GLU E 989 -14.93 17.96 -25.59
N ARG E 990 -15.63 17.97 -26.73
CA ARG E 990 -15.25 18.77 -27.89
C ARG E 990 -16.21 19.93 -28.02
N LEU E 991 -15.67 21.14 -28.15
CA LEU E 991 -16.47 22.35 -28.26
C LEU E 991 -16.51 22.83 -29.69
N ILE E 992 -17.68 23.27 -30.12
CA ILE E 992 -17.87 23.93 -31.41
C ILE E 992 -18.04 25.42 -31.09
N ASN E 993 -16.93 26.15 -31.10
CA ASN E 993 -16.94 27.57 -30.77
C ASN E 993 -17.23 28.36 -32.04
N TRP E 994 -18.47 28.83 -32.17
CA TRP E 994 -18.87 29.55 -33.38
C TRP E 994 -18.07 30.83 -33.55
N SER E 995 -17.86 31.57 -32.46
CA SER E 995 -17.21 32.87 -32.51
C SER E 995 -15.96 32.82 -31.62
N LEU E 996 -14.82 32.54 -32.23
CA LEU E 996 -13.56 32.54 -31.53
C LEU E 996 -12.54 33.53 -32.09
N THR E 997 -12.42 33.64 -33.42
CA THR E 997 -11.48 34.57 -34.01
C THR E 997 -12.17 35.62 -34.88
N ASP E 998 -13.00 35.22 -35.83
CA ASP E 998 -13.54 36.16 -36.81
C ASP E 998 -15.06 36.31 -36.74
N THR E 999 -15.75 35.44 -36.01
CA THR E 999 -17.22 35.45 -35.90
C THR E 999 -17.89 35.27 -37.24
N THR E 1000 -17.10 35.05 -38.29
CA THR E 1000 -17.66 34.83 -39.62
C THR E 1000 -18.28 33.45 -39.72
N THR E 1001 -19.25 33.33 -40.63
CA THR E 1001 -19.85 32.03 -40.88
C THR E 1001 -20.27 31.98 -42.33
N ARG E 1002 -20.57 30.78 -42.83
CA ARG E 1002 -21.06 30.61 -44.18
C ARG E 1002 -22.37 29.86 -44.16
N LEU E 1003 -23.28 30.25 -45.05
CA LEU E 1003 -24.59 29.63 -45.16
C LEU E 1003 -24.82 29.16 -46.58
N VAL E 1004 -25.60 28.10 -46.70
CA VAL E 1004 -25.88 27.44 -47.96
C VAL E 1004 -27.37 27.46 -48.24
N ILE E 1005 -27.71 27.55 -49.52
CA ILE E 1005 -29.10 27.59 -49.98
C ILE E 1005 -29.29 26.50 -51.02
N ARG E 1006 -30.33 25.68 -50.83
CA ARG E 1006 -30.70 24.64 -51.76
C ARG E 1006 -31.65 25.18 -52.81
N LEU E 1007 -31.66 24.53 -53.97
CA LEU E 1007 -32.69 24.81 -54.96
C LEU E 1007 -32.81 23.62 -55.89
N GLY E 1008 -34.03 23.32 -56.30
CA GLY E 1008 -34.30 22.24 -57.24
C GLY E 1008 -34.80 22.80 -58.56
N VAL E 1009 -34.24 22.30 -59.65
CA VAL E 1009 -34.54 22.83 -60.98
C VAL E 1009 -35.01 21.68 -61.87
N ALA E 1010 -36.01 21.95 -62.70
CA ALA E 1010 -36.59 20.94 -63.58
C ALA E 1010 -35.57 20.51 -64.64
N TYR E 1011 -35.75 19.29 -65.13
CA TYR E 1011 -34.83 18.70 -66.11
C TYR E 1011 -34.77 19.39 -67.48
N GLY E 1012 -35.90 19.87 -67.96
CA GLY E 1012 -35.93 20.49 -69.27
C GLY E 1012 -35.65 21.98 -69.28
N SER E 1013 -34.66 22.42 -68.51
CA SER E 1013 -34.30 23.83 -68.43
C SER E 1013 -32.79 23.98 -68.45
N ASP E 1014 -32.37 25.20 -68.80
CA ASP E 1014 -30.99 25.64 -68.92
C ASP E 1014 -30.27 25.67 -67.60
N LEU E 1015 -28.95 25.51 -67.64
CA LEU E 1015 -28.19 25.55 -66.39
C LEU E 1015 -27.28 26.76 -66.32
N GLU E 1016 -27.63 27.82 -67.03
CA GLU E 1016 -26.86 29.07 -66.94
C GLU E 1016 -27.72 30.26 -66.52
N LYS E 1017 -28.96 30.34 -67.01
CA LYS E 1017 -29.88 31.35 -66.49
C LYS E 1017 -30.12 31.13 -65.00
N VAL E 1018 -30.24 29.86 -64.59
CA VAL E 1018 -30.40 29.55 -63.17
C VAL E 1018 -29.18 30.02 -62.39
N ARG E 1019 -27.99 29.77 -62.92
CA ARG E 1019 -26.77 30.18 -62.23
C ARG E 1019 -26.71 31.69 -62.08
N LYS E 1020 -27.03 32.44 -63.14
CA LYS E 1020 -26.99 33.89 -63.06
C LYS E 1020 -28.06 34.41 -62.11
N VAL E 1021 -29.24 33.78 -62.08
CA VAL E 1021 -30.29 34.20 -61.17
C VAL E 1021 -29.84 33.99 -59.73
N LEU E 1022 -29.25 32.83 -59.44
CA LEU E 1022 -28.79 32.55 -58.09
C LEU E 1022 -27.68 33.51 -57.67
N LEU E 1023 -26.75 33.82 -58.58
CA LEU E 1023 -25.66 34.70 -58.22
C LEU E 1023 -26.08 36.16 -58.09
N LYS E 1024 -27.15 36.56 -58.79
CA LYS E 1024 -27.61 37.94 -58.68
C LYS E 1024 -28.04 38.27 -57.26
N ALA E 1025 -28.77 37.35 -56.61
CA ALA E 1025 -29.23 37.59 -55.25
C ALA E 1025 -28.05 37.76 -54.30
N ALA E 1026 -27.03 36.91 -54.43
CA ALA E 1026 -25.87 37.01 -53.56
C ALA E 1026 -25.09 38.30 -53.82
N THR E 1027 -24.93 38.68 -55.08
CA THR E 1027 -24.14 39.86 -55.41
C THR E 1027 -24.82 41.14 -54.94
N GLU E 1028 -26.15 41.24 -55.14
CA GLU E 1028 -26.87 42.46 -54.82
C GLU E 1028 -27.49 42.44 -53.43
N HIS E 1029 -26.88 41.76 -52.48
CA HIS E 1029 -27.36 41.74 -51.10
C HIS E 1029 -26.35 42.46 -50.22
N PRO E 1030 -26.75 43.52 -49.52
CA PRO E 1030 -25.78 44.32 -48.77
C PRO E 1030 -25.22 43.63 -47.53
N ARG E 1031 -25.61 42.39 -47.30
CA ARG E 1031 -25.16 41.66 -46.11
C ARG E 1031 -24.33 40.42 -46.46
N VAL E 1032 -23.87 40.29 -47.69
CA VAL E 1032 -23.08 39.14 -48.13
C VAL E 1032 -21.67 39.62 -48.39
N MET E 1033 -20.69 38.94 -47.80
CA MET E 1033 -19.31 39.36 -47.93
C MET E 1033 -18.84 39.24 -49.37
N HIS E 1034 -17.64 39.76 -49.63
CA HIS E 1034 -17.07 39.74 -50.97
C HIS E 1034 -15.69 39.11 -51.04
N GLU E 1035 -14.89 39.16 -49.97
CA GLU E 1035 -13.58 38.52 -50.02
C GLU E 1035 -13.69 37.01 -50.21
N PRO E 1036 -14.52 36.28 -49.45
CA PRO E 1036 -14.90 34.93 -49.89
C PRO E 1036 -16.11 35.01 -50.82
N MET E 1037 -15.86 35.30 -52.09
CA MET E 1037 -16.95 35.62 -53.01
C MET E 1037 -17.92 34.44 -53.09
N PRO E 1038 -19.23 34.71 -53.09
CA PRO E 1038 -20.20 33.63 -53.21
C PRO E 1038 -20.07 32.89 -54.54
N GLU E 1039 -20.33 31.59 -54.48
CA GLU E 1039 -20.26 30.72 -55.63
C GLU E 1039 -21.54 29.93 -55.79
N VAL E 1040 -21.79 29.43 -56.98
CA VAL E 1040 -22.95 28.59 -57.27
C VAL E 1040 -22.46 27.24 -57.74
N PHE E 1041 -23.07 26.17 -57.21
CA PHE E 1041 -22.66 24.82 -57.52
C PHE E 1041 -23.85 24.01 -58.03
N PHE E 1042 -23.57 23.07 -58.92
CA PHE E 1042 -24.52 22.07 -59.41
C PHE E 1042 -23.94 20.72 -59.01
N THR E 1043 -24.41 20.18 -57.88
CA THR E 1043 -23.71 19.09 -57.22
C THR E 1043 -24.48 17.77 -57.18
N ALA E 1044 -25.71 17.74 -57.68
CA ALA E 1044 -26.44 16.48 -57.60
C ALA E 1044 -27.49 16.29 -58.68
N PHE E 1045 -27.55 15.09 -59.23
CA PHE E 1045 -28.56 14.76 -60.20
C PHE E 1045 -29.63 14.17 -59.32
N GLY E 1046 -30.71 14.91 -59.13
CA GLY E 1046 -31.79 14.45 -58.28
C GLY E 1046 -32.74 13.54 -59.01
N ALA E 1047 -33.42 12.68 -58.26
CA ALA E 1047 -34.40 11.78 -58.83
C ALA E 1047 -35.43 12.52 -59.68
N SER E 1048 -35.77 13.76 -59.31
CA SER E 1048 -36.70 14.55 -60.10
C SER E 1048 -36.22 15.97 -60.37
N THR E 1049 -35.32 16.53 -59.58
CA THR E 1049 -34.83 17.88 -59.79
C THR E 1049 -33.31 17.91 -59.67
N LEU E 1050 -32.67 18.61 -60.60
CA LEU E 1050 -31.25 18.90 -60.45
C LEU E 1050 -31.05 19.80 -59.25
N ASP E 1051 -30.04 19.51 -58.44
CA ASP E 1051 -29.82 20.22 -57.19
C ASP E 1051 -28.75 21.28 -57.38
N HIS E 1052 -29.09 22.53 -57.10
CA HIS E 1052 -28.15 23.64 -57.10
C HIS E 1052 -27.92 24.10 -55.67
N GLU E 1053 -26.67 24.38 -55.34
CA GLU E 1053 -26.28 24.77 -53.99
C GLU E 1053 -25.53 26.09 -54.06
N LEU E 1054 -25.93 27.03 -53.22
CA LEU E 1054 -25.30 28.35 -53.16
C LEU E 1054 -24.63 28.53 -51.82
N ARG E 1055 -23.37 28.94 -51.83
CA ARG E 1055 -22.60 29.18 -50.61
C ARG E 1055 -22.25 30.65 -50.53
N LEU E 1056 -22.51 31.27 -49.37
CA LEU E 1056 -22.16 32.67 -49.20
C LEU E 1056 -21.86 32.95 -47.75
N TYR E 1057 -20.95 33.89 -47.52
CA TYR E 1057 -20.44 34.17 -46.18
C TYR E 1057 -21.11 35.41 -45.59
N VAL E 1058 -21.21 35.42 -44.26
CA VAL E 1058 -21.79 36.51 -43.50
C VAL E 1058 -20.91 36.80 -42.29
N ARG E 1059 -20.74 38.08 -41.97
CA ARG E 1059 -19.87 38.50 -40.88
C ARG E 1059 -20.55 38.34 -39.52
N GLU E 1060 -21.66 39.06 -39.32
CA GLU E 1060 -22.35 39.02 -38.04
C GLU E 1060 -23.08 37.70 -37.87
N LEU E 1061 -23.00 37.15 -36.65
CA LEU E 1061 -23.69 35.89 -36.37
C LEU E 1061 -25.19 36.06 -36.39
N ARG E 1062 -25.69 37.18 -35.86
CA ARG E 1062 -27.13 37.40 -35.78
C ARG E 1062 -27.77 37.66 -37.13
N ASP E 1063 -26.98 37.84 -38.19
CA ASP E 1063 -27.49 38.14 -39.50
C ASP E 1063 -27.84 36.87 -40.27
N ARG E 1064 -27.53 35.70 -39.70
CA ARG E 1064 -27.69 34.44 -40.41
C ARG E 1064 -29.13 34.19 -40.83
N SER E 1065 -30.07 34.36 -39.90
CA SER E 1065 -31.46 33.97 -40.18
C SER E 1065 -32.12 34.93 -41.16
N ARG E 1066 -31.93 36.23 -40.98
CA ARG E 1066 -32.57 37.20 -41.87
C ARG E 1066 -32.07 37.06 -43.31
N THR E 1067 -30.76 36.83 -43.47
CA THR E 1067 -30.17 36.77 -44.80
C THR E 1067 -30.77 35.64 -45.62
N VAL E 1068 -30.97 34.48 -45.01
CA VAL E 1068 -31.56 33.35 -45.72
C VAL E 1068 -32.96 33.70 -46.18
N ASP E 1069 -33.74 34.36 -45.33
CA ASP E 1069 -35.11 34.73 -45.69
C ASP E 1069 -35.12 35.68 -46.87
N GLU E 1070 -34.33 36.76 -46.80
CA GLU E 1070 -34.31 37.73 -47.89
C GLU E 1070 -33.82 37.09 -49.18
N LEU E 1071 -32.78 36.27 -49.10
CA LEU E 1071 -32.24 35.63 -50.29
C LEU E 1071 -33.27 34.69 -50.91
N ASN E 1072 -34.00 33.94 -50.09
CA ASN E 1072 -35.01 33.04 -50.63
C ASN E 1072 -36.14 33.82 -51.29
N ARG E 1073 -36.56 34.93 -50.69
CA ARG E 1073 -37.62 35.73 -51.28
C ARG E 1073 -37.20 36.28 -52.64
N THR E 1074 -35.99 36.87 -52.70
CA THR E 1074 -35.56 37.45 -53.98
C THR E 1074 -35.26 36.37 -55.01
N ILE E 1075 -34.82 35.19 -54.56
CA ILE E 1075 -34.59 34.08 -55.49
C ILE E 1075 -35.90 33.61 -56.09
N ASP E 1076 -36.95 33.52 -55.28
CA ASP E 1076 -38.26 33.14 -55.81
C ASP E 1076 -38.79 34.19 -56.77
N GLN E 1077 -38.59 35.46 -56.45
CA GLN E 1077 -39.03 36.53 -57.34
C GLN E 1077 -38.31 36.42 -58.69
N LEU E 1078 -36.99 36.29 -58.66
CA LEU E 1078 -36.24 36.14 -59.90
C LEU E 1078 -36.61 34.85 -60.62
N CYS E 1079 -37.01 33.82 -59.87
CA CYS E 1079 -37.43 32.56 -60.47
C CYS E 1079 -38.69 32.75 -61.30
N ARG E 1080 -39.70 33.40 -60.73
CA ARG E 1080 -40.91 33.65 -61.52
C ARG E 1080 -40.68 34.73 -62.57
N GLU E 1081 -39.62 35.53 -62.45
CA GLU E 1081 -39.33 36.55 -63.45
C GLU E 1081 -38.68 35.94 -64.68
N ASN E 1082 -37.51 35.32 -64.52
CA ASN E 1082 -36.76 34.76 -65.64
C ASN E 1082 -37.41 33.53 -66.23
N ASP E 1083 -38.45 32.99 -65.58
CA ASP E 1083 -39.20 31.83 -66.06
C ASP E 1083 -38.27 30.63 -66.20
N ILE E 1084 -37.78 30.19 -65.04
CA ILE E 1084 -37.11 28.90 -64.88
C ILE E 1084 -37.87 28.12 -63.83
N ASN E 1085 -38.27 26.90 -64.17
CA ASN E 1085 -39.28 26.17 -63.41
C ASN E 1085 -38.62 25.44 -62.25
N ILE E 1086 -39.21 25.59 -61.06
CA ILE E 1086 -38.88 24.75 -59.92
C ILE E 1086 -39.90 23.62 -59.86
N ALA E 1087 -39.44 22.40 -60.09
CA ALA E 1087 -40.33 21.28 -60.33
C ALA E 1087 -40.58 20.48 -59.06
N PHE E 1088 -41.76 19.88 -59.00
CA PHE E 1088 -42.14 18.99 -57.92
C PHE E 1088 -41.70 17.59 -58.32
N ASN E 1089 -41.61 16.69 -57.35
CA ASN E 1089 -41.18 15.33 -57.62
C ASN E 1089 -42.12 14.69 -58.64
N GLN E 1090 -41.55 14.12 -59.69
CA GLN E 1090 -42.33 13.58 -60.81
C GLN E 1090 -42.14 12.07 -60.90
N LEU E 1091 -43.03 11.44 -61.67
CA LEU E 1091 -42.97 10.00 -61.89
C LEU E 1091 -43.86 9.65 -63.08
N GLU E 1092 -43.44 8.66 -63.86
CA GLU E 1092 -44.14 8.24 -65.06
C GLU E 1092 -44.95 6.98 -64.78
N VAL E 1093 -46.13 6.89 -65.38
CA VAL E 1093 -47.07 5.80 -65.16
C VAL E 1093 -47.35 5.12 -66.48
N HIS E 1094 -47.25 3.79 -66.49
CA HIS E 1094 -47.55 2.97 -67.66
C HIS E 1094 -48.91 2.32 -67.43
N LEU E 1095 -49.96 3.04 -67.77
CA LEU E 1095 -51.31 2.54 -67.54
C LEU E 1095 -51.68 1.43 -68.51
N HIS E 1096 -52.47 0.48 -68.01
CA HIS E 1096 -53.13 -0.49 -68.88
C HIS E 1096 -54.41 -0.93 -68.17
N ASN E 1097 -55.52 -0.94 -68.90
CA ASN E 1097 -56.81 -1.24 -68.28
C ASN E 1097 -57.36 -2.59 -68.76
N LEU F 286 -19.73 21.72 98.02
CA LEU F 286 -18.89 21.77 96.83
C LEU F 286 -18.03 20.51 96.71
N VAL F 287 -17.31 20.18 97.78
CA VAL F 287 -16.46 19.00 97.77
C VAL F 287 -17.29 17.71 97.80
N LYS F 288 -18.50 17.77 98.37
CA LYS F 288 -19.36 16.59 98.43
C LYS F 288 -19.74 16.13 97.02
N GLN F 289 -20.05 17.08 96.14
CA GLN F 289 -20.39 16.73 94.76
C GLN F 289 -19.21 16.07 94.06
N GLU F 290 -18.01 16.60 94.25
CA GLU F 290 -16.83 16.00 93.66
C GLU F 290 -16.59 14.60 94.19
N LEU F 291 -16.77 14.40 95.50
CA LEU F 291 -16.61 13.08 96.09
C LEU F 291 -17.63 12.09 95.54
N GLU F 292 -18.88 12.53 95.39
CA GLU F 292 -19.90 11.67 94.81
C GLU F 292 -19.58 11.31 93.37
N ILE F 293 -19.10 12.29 92.59
CA ILE F 293 -18.71 12.01 91.22
C ILE F 293 -17.56 11.02 91.16
N ASN F 294 -16.58 11.17 92.04
CA ASN F 294 -15.46 10.24 92.09
C ASN F 294 -15.92 8.84 92.45
N GLN F 295 -16.85 8.73 93.41
CA GLN F 295 -17.38 7.41 93.78
C GLN F 295 -18.13 6.79 92.62
N GLN F 296 -18.93 7.59 91.90
CA GLN F 296 -19.66 7.07 90.75
C GLN F 296 -18.69 6.60 89.67
N LEU F 297 -17.62 7.37 89.43
CA LEU F 297 -16.62 6.97 88.45
C LEU F 297 -15.93 5.68 88.85
N SER F 298 -15.62 5.53 90.14
CA SER F 298 -14.98 4.31 90.61
C SER F 298 -15.90 3.11 90.46
N GLN F 299 -17.18 3.27 90.80
CA GLN F 299 -18.13 2.18 90.63
C GLN F 299 -18.29 1.81 89.17
N ARG F 300 -18.36 2.80 88.29
CA ARG F 300 -18.46 2.52 86.85
C ARG F 300 -17.23 1.80 86.34
N LEU F 301 -16.04 2.22 86.81
CA LEU F 301 -14.81 1.55 86.40
C LEU F 301 -14.77 0.10 86.89
N ILE F 302 -15.23 -0.14 88.12
CA ILE F 302 -15.25 -1.50 88.65
C ILE F 302 -16.20 -2.38 87.84
N THR F 303 -17.39 -1.87 87.55
CA THR F 303 -18.35 -2.64 86.76
C THR F 303 -17.82 -2.91 85.36
N ALA F 304 -17.19 -1.90 84.74
CA ALA F 304 -16.61 -2.08 83.41
C ALA F 304 -15.49 -3.11 83.42
N THR F 305 -14.66 -3.09 84.47
CA THR F 305 -13.58 -4.06 84.56
C THR F 305 -14.13 -5.48 84.74
N GLU F 306 -15.17 -5.63 85.55
CA GLU F 306 -15.78 -6.95 85.72
C GLU F 306 -16.38 -7.44 84.41
N ASN F 307 -17.09 -6.56 83.69
CA ASN F 307 -17.64 -6.95 82.40
C ASN F 307 -16.54 -7.28 81.40
N GLY F 308 -15.44 -6.54 81.44
CA GLY F 308 -14.31 -6.82 80.55
C GLY F 308 -13.69 -8.17 80.85
N ASN F 309 -13.56 -8.52 82.14
CA ASN F 309 -13.01 -9.82 82.50
C ASN F 309 -13.92 -10.94 82.04
N GLN F 310 -15.24 -10.79 82.25
CA GLN F 310 -16.17 -11.80 81.77
C GLN F 310 -16.10 -11.94 80.25
N LEU F 311 -16.04 -10.81 79.55
CA LEU F 311 -15.97 -10.84 78.09
C LEU F 311 -14.66 -11.49 77.61
N MET F 312 -13.56 -11.22 78.31
CA MET F 312 -12.29 -11.83 77.95
C MET F 312 -12.33 -13.33 78.15
N GLN F 313 -12.94 -13.79 79.26
CA GLN F 313 -13.08 -15.22 79.48
C GLN F 313 -13.93 -15.86 78.39
N GLN F 314 -15.05 -15.23 78.04
CA GLN F 314 -15.91 -15.76 76.99
C GLN F 314 -15.17 -15.77 75.65
N ASN F 315 -14.41 -14.72 75.36
CA ASN F 315 -13.66 -14.65 74.12
C ASN F 315 -12.59 -15.72 74.06
N ILE F 316 -11.92 -15.99 75.17
CA ILE F 316 -10.92 -17.05 75.20
C ILE F 316 -11.56 -18.41 74.96
N LYS F 317 -12.72 -18.66 75.59
CA LYS F 317 -13.42 -19.92 75.34
C LYS F 317 -13.83 -20.04 73.88
N VAL F 318 -14.34 -18.95 73.31
CA VAL F 318 -14.73 -18.96 71.90
C VAL F 318 -13.53 -19.19 71.00
N LYS F 319 -12.38 -18.60 71.33
CA LYS F 319 -11.18 -18.80 70.52
C LYS F 319 -10.72 -20.24 70.58
N ASN F 320 -10.75 -20.85 71.76
CA ASN F 320 -10.39 -22.25 71.89
C ASN F 320 -11.30 -23.13 71.05
N TRP F 321 -12.62 -22.90 71.18
CA TRP F 321 -13.57 -23.67 70.39
C TRP F 321 -13.36 -23.44 68.89
N LEU F 322 -13.02 -22.22 68.50
CA LEU F 322 -12.84 -21.91 67.09
C LEU F 322 -11.58 -22.57 66.53
N GLU F 323 -10.50 -22.59 67.31
CA GLU F 323 -9.31 -23.31 66.88
C GLU F 323 -9.60 -24.79 66.73
N ARG F 324 -10.32 -25.36 67.70
CA ARG F 324 -10.70 -26.77 67.60
C ARG F 324 -11.53 -27.02 66.34
N ALA F 325 -12.48 -26.12 66.07
CA ALA F 325 -13.32 -26.28 64.89
C ALA F 325 -12.53 -26.15 63.61
N LEU F 326 -11.58 -25.22 63.55
CA LEU F 326 -10.75 -25.07 62.36
C LEU F 326 -9.93 -26.32 62.11
N GLN F 327 -9.32 -26.86 63.17
CA GLN F 327 -8.56 -28.10 63.03
C GLN F 327 -9.45 -29.24 62.56
N SER F 328 -10.63 -29.36 63.15
CA SER F 328 -11.54 -30.43 62.78
C SER F 328 -12.01 -30.29 61.34
N GLU F 329 -12.28 -29.07 60.90
CA GLU F 329 -12.74 -28.84 59.54
C GLU F 329 -11.64 -29.18 58.53
N ARG F 330 -10.40 -28.76 58.83
CA ARG F 330 -9.29 -29.13 57.96
C ARG F 330 -9.13 -30.65 57.90
N ASN F 331 -9.24 -31.31 59.05
CA ASN F 331 -9.13 -32.77 59.09
C ASN F 331 -10.23 -33.43 58.28
N ILE F 332 -11.45 -32.93 58.41
CA ILE F 332 -12.57 -33.49 57.66
C ILE F 332 -12.39 -33.30 56.16
N LYS F 333 -11.90 -32.12 55.76
CA LYS F 333 -11.65 -31.88 54.34
C LYS F 333 -10.59 -32.84 53.81
N GLU F 334 -9.51 -33.03 54.57
CA GLU F 334 -8.47 -33.97 54.15
C GLU F 334 -9.02 -35.38 54.06
N GLN F 335 -9.84 -35.78 55.03
CA GLN F 335 -10.42 -37.13 55.03
C GLN F 335 -11.31 -37.32 53.82
N ILE F 336 -12.27 -36.41 53.61
CA ILE F 336 -13.17 -36.51 52.48
C ILE F 336 -12.41 -36.45 51.16
N ALA F 337 -11.23 -35.85 51.15
CA ALA F 337 -10.38 -35.91 49.97
C ALA F 337 -9.92 -37.34 49.69
N VAL F 338 -9.97 -38.22 50.70
CA VAL F 338 -9.51 -39.59 50.56
C VAL F 338 -10.48 -40.63 51.11
N LEU F 339 -11.60 -40.24 51.70
CA LEU F 339 -12.58 -41.18 52.24
C LEU F 339 -13.80 -41.32 51.34
N LYS F 340 -13.59 -41.31 50.03
CA LYS F 340 -14.71 -41.43 49.10
C LYS F 340 -15.34 -42.81 49.19
N GLY F 341 -16.67 -42.86 49.04
CA GLY F 341 -17.44 -44.11 49.04
C GLY F 341 -17.22 -44.90 50.33
N SER F 342 -17.64 -44.28 51.44
CA SER F 342 -17.56 -44.91 52.76
C SER F 342 -18.88 -44.70 53.48
N LEU F 343 -19.63 -45.79 53.65
CA LEU F 343 -20.92 -45.69 54.33
C LEU F 343 -20.75 -45.25 55.78
N LEU F 344 -19.77 -45.85 56.48
CA LEU F 344 -19.52 -45.49 57.87
C LEU F 344 -19.05 -44.05 58.00
N LEU F 345 -18.53 -43.45 56.93
CA LEU F 345 -18.13 -42.05 56.98
C LEU F 345 -19.32 -41.15 57.27
N SER F 346 -20.54 -41.63 56.96
CA SER F 346 -21.73 -40.89 57.36
C SER F 346 -21.82 -40.80 58.88
N ARG F 347 -21.53 -41.90 59.58
CA ARG F 347 -21.53 -41.86 61.03
C ARG F 347 -20.45 -40.92 61.56
N ILE F 348 -19.27 -40.92 60.92
CA ILE F 348 -18.20 -40.03 61.33
C ILE F 348 -18.62 -38.57 61.14
N LEU F 349 -19.26 -38.27 60.01
CA LEU F 349 -19.75 -36.92 59.77
C LEU F 349 -20.82 -36.52 60.77
N TYR F 350 -21.69 -37.45 61.13
CA TYR F 350 -22.70 -37.18 62.15
C TYR F 350 -22.05 -36.87 63.49
N GLN F 351 -21.03 -37.64 63.85
CA GLN F 351 -20.29 -37.36 65.08
C GLN F 351 -19.62 -36.00 65.03
N GLN F 352 -19.01 -35.68 63.90
CA GLN F 352 -18.33 -34.39 63.75
C GLN F 352 -19.31 -33.23 63.87
N GLN F 353 -20.48 -33.37 63.23
CA GLN F 353 -21.51 -32.35 63.34
C GLN F 353 -22.01 -32.23 64.77
N GLN F 354 -22.19 -33.36 65.46
CA GLN F 354 -22.57 -33.33 66.86
C GLN F 354 -21.50 -32.66 67.72
N THR F 355 -20.24 -32.76 67.33
CA THR F 355 -19.15 -32.11 68.05
C THR F 355 -19.13 -30.60 67.83
N LEU F 356 -19.65 -30.13 66.70
CA LEU F 356 -19.64 -28.70 66.41
C LEU F 356 -20.44 -27.93 67.45
N PRO F 357 -19.87 -26.85 67.95
CA PRO F 357 -20.56 -26.01 68.92
C PRO F 357 -21.60 -25.14 68.22
N SER F 358 -22.57 -24.67 69.00
CA SER F 358 -23.67 -23.88 68.47
C SER F 358 -23.25 -22.41 68.41
N ALA F 359 -23.20 -21.86 67.21
CA ALA F 359 -22.84 -20.45 67.02
C ALA F 359 -24.01 -19.51 67.21
N ASP F 360 -25.23 -20.03 67.39
CA ASP F 360 -26.38 -19.17 67.58
C ASP F 360 -26.33 -18.41 68.90
N GLU F 361 -25.49 -18.84 69.83
CA GLU F 361 -25.36 -18.19 71.13
C GLU F 361 -24.50 -16.93 71.08
N LEU F 362 -24.04 -16.53 69.89
CA LEU F 362 -23.23 -15.34 69.76
C LEU F 362 -24.03 -14.10 70.08
N GLU F 363 -23.47 -13.20 70.89
CA GLU F 363 -24.12 -11.96 71.27
C GLU F 363 -23.56 -10.84 70.40
N ASN F 364 -24.40 -10.33 69.48
CA ASN F 364 -23.97 -9.26 68.59
C ASN F 364 -23.90 -7.94 69.37
N MET F 365 -22.87 -7.79 70.18
CA MET F 365 -22.70 -6.63 71.04
C MET F 365 -22.04 -5.45 70.34
N THR F 366 -22.12 -5.39 69.00
CA THR F 366 -21.56 -4.27 68.27
C THR F 366 -22.14 -2.94 68.75
N ASN F 367 -23.42 -2.95 69.13
CA ASN F 367 -24.01 -1.74 69.72
C ASN F 367 -23.33 -1.40 71.04
N ARG F 368 -23.02 -2.42 71.85
CA ARG F 368 -22.27 -2.18 73.08
C ARG F 368 -20.87 -1.65 72.76
N ILE F 369 -20.28 -2.09 71.65
CA ILE F 369 -18.98 -1.56 71.25
C ILE F 369 -19.07 -0.07 70.91
N ALA F 370 -20.11 0.32 70.19
CA ALA F 370 -20.32 1.74 69.92
C ALA F 370 -20.57 2.52 71.21
N ASP F 371 -21.32 1.92 72.14
CA ASP F 371 -21.54 2.58 73.42
C ASP F 371 -20.24 2.77 74.18
N LEU F 372 -19.36 1.76 74.13
CA LEU F 372 -18.06 1.89 74.77
C LEU F 372 -17.21 2.97 74.11
N ARG F 373 -17.26 3.05 72.77
CA ARG F 373 -16.52 4.08 72.07
C ARG F 373 -17.02 5.48 72.45
N LEU F 374 -18.35 5.63 72.52
CA LEU F 374 -18.91 6.92 72.93
C LEU F 374 -18.54 7.25 74.36
N GLU F 375 -18.58 6.27 75.26
CA GLU F 375 -18.19 6.51 76.64
C GLU F 375 -16.72 6.91 76.75
N GLN F 376 -15.86 6.28 75.95
CA GLN F 376 -14.44 6.63 75.95
C GLN F 376 -14.23 8.05 75.42
N PHE F 377 -14.96 8.42 74.37
CA PHE F 377 -14.87 9.79 73.87
C PHE F 377 -15.34 10.78 74.91
N GLU F 378 -16.42 10.46 75.63
CA GLU F 378 -16.91 11.34 76.67
C GLU F 378 -15.89 11.47 77.81
N VAL F 379 -15.25 10.36 78.18
CA VAL F 379 -14.22 10.41 79.21
C VAL F 379 -13.04 11.25 78.77
N ASN F 380 -12.65 11.13 77.50
CA ASN F 380 -11.57 11.96 76.97
C ASN F 380 -11.94 13.43 77.01
N GLN F 381 -13.19 13.75 76.64
CA GLN F 381 -13.64 15.14 76.71
C GLN F 381 -13.63 15.67 78.14
N GLN F 382 -14.09 14.84 79.09
CA GLN F 382 -14.09 15.25 80.48
C GLN F 382 -12.67 15.46 81.00
N ARG F 383 -11.75 14.58 80.63
CA ARG F 383 -10.36 14.74 81.04
C ARG F 383 -9.74 16.00 80.43
N ASP F 384 -10.04 16.29 79.16
CA ASP F 384 -9.55 17.50 78.53
C ASP F 384 -10.11 18.74 79.23
N ALA F 385 -11.38 18.69 79.62
CA ALA F 385 -11.97 19.79 80.38
C ALA F 385 -11.32 19.94 81.75
N LEU F 386 -10.92 18.82 82.35
CA LEU F 386 -10.27 18.82 83.66
C LEU F 386 -8.75 18.76 83.56
N PHE F 387 -8.19 18.97 82.36
CA PHE F 387 -6.74 18.93 82.21
C PHE F 387 -6.06 20.04 83.00
N GLN F 388 -6.63 21.24 82.97
CA GLN F 388 -6.11 22.38 83.72
C GLN F 388 -6.80 22.38 85.09
N SER F 389 -6.14 21.80 86.08
CA SER F 389 -6.72 21.70 87.42
C SER F 389 -6.93 23.08 88.03
N ASP F 390 -5.94 23.97 87.90
CA ASP F 390 -6.06 25.30 88.47
C ASP F 390 -7.19 26.10 87.81
N ALA F 391 -7.29 26.03 86.47
CA ALA F 391 -8.36 26.73 85.78
C ALA F 391 -9.72 26.18 86.15
N PHE F 392 -9.84 24.86 86.26
CA PHE F 392 -11.11 24.25 86.66
C PHE F 392 -11.49 24.66 88.08
N VAL F 393 -10.52 24.69 88.99
CA VAL F 393 -10.79 25.11 90.36
C VAL F 393 -11.22 26.57 90.41
N ASN F 394 -10.56 27.42 89.63
CA ASN F 394 -10.95 28.83 89.59
C ASN F 394 -12.34 29.02 89.03
N LYS F 395 -12.69 28.26 87.98
CA LYS F 395 -14.03 28.35 87.41
C LYS F 395 -15.08 27.85 88.40
N LEU F 396 -14.79 26.76 89.12
CA LEU F 396 -15.74 26.25 90.09
C LEU F 396 -15.90 27.18 91.29
N GLU F 397 -14.82 27.87 91.69
CA GLU F 397 -14.89 28.78 92.82
C GLU F 397 -15.63 30.07 92.50
N GLU F 398 -15.96 30.32 91.23
CA GLU F 398 -16.70 31.52 90.88
C GLU F 398 -18.08 31.51 91.52
N GLY F 399 -18.50 32.68 92.00
CA GLY F 399 -19.77 32.87 92.68
C GLY F 399 -19.90 31.99 93.92
N HIS F 400 -18.78 31.55 94.48
CA HIS F 400 -18.78 30.71 95.68
C HIS F 400 -17.67 31.13 96.65
N THR F 401 -17.28 32.41 96.62
CA THR F 401 -16.21 32.87 97.49
C THR F 401 -16.62 32.88 98.96
N ASN F 402 -17.92 32.88 99.25
CA ASN F 402 -18.38 32.87 100.63
C ASN F 402 -18.16 31.52 101.33
N GLU F 403 -17.94 30.46 100.56
CA GLU F 403 -17.69 29.14 101.12
C GLU F 403 -16.34 28.57 100.69
N VAL F 404 -15.52 29.35 100.01
CA VAL F 404 -14.20 28.91 99.55
C VAL F 404 -13.12 29.59 100.38
N ASN F 405 -12.20 28.79 100.91
CA ASN F 405 -11.09 29.28 101.71
C ASN F 405 -9.79 28.73 101.15
N SER F 406 -8.69 28.94 101.89
CA SER F 406 -7.40 28.42 101.47
C SER F 406 -7.41 26.89 101.44
N GLU F 407 -7.99 26.26 102.46
CA GLU F 407 -8.08 24.81 102.48
C GLU F 407 -9.08 24.29 101.46
N VAL F 408 -10.15 25.05 101.21
CA VAL F 408 -11.17 24.61 100.25
C VAL F 408 -10.60 24.53 98.84
N HIS F 409 -9.78 25.51 98.45
CA HIS F 409 -9.17 25.48 97.13
C HIS F 409 -8.24 24.27 96.96
N ASP F 410 -7.44 23.99 97.98
CA ASP F 410 -6.55 22.83 97.91
C ASP F 410 -7.34 21.53 97.86
N ALA F 411 -8.41 21.43 98.65
CA ALA F 411 -9.26 20.24 98.62
C ALA F 411 -9.90 20.06 97.25
N LEU F 412 -10.38 21.16 96.65
CA LEU F 412 -10.97 21.07 95.33
C LEU F 412 -9.95 20.65 94.29
N LEU F 413 -8.73 21.19 94.37
CA LEU F 413 -7.67 20.79 93.44
C LEU F 413 -7.34 19.31 93.58
N GLN F 414 -7.23 18.83 94.82
CA GLN F 414 -6.93 17.42 95.05
C GLN F 414 -8.05 16.54 94.53
N VAL F 415 -9.31 16.95 94.76
CA VAL F 415 -10.44 16.17 94.26
C VAL F 415 -10.46 16.14 92.73
N VAL F 416 -10.15 17.27 92.09
CA VAL F 416 -10.08 17.30 90.64
C VAL F 416 -8.98 16.39 90.12
N ASP F 417 -7.81 16.41 90.77
CA ASP F 417 -6.71 15.55 90.35
C ASP F 417 -7.09 14.08 90.50
N MET F 418 -7.71 13.72 91.63
CA MET F 418 -8.13 12.34 91.84
C MET F 418 -9.19 11.91 90.82
N ARG F 419 -10.14 12.79 90.53
CA ARG F 419 -11.15 12.49 89.53
C ARG F 419 -10.53 12.30 88.15
N ARG F 420 -9.55 13.14 87.81
CA ARG F 420 -8.86 13.00 86.53
C ARG F 420 -8.11 11.67 86.45
N GLU F 421 -7.43 11.29 87.54
CA GLU F 421 -6.70 10.03 87.56
C GLU F 421 -7.65 8.84 87.42
N LEU F 422 -8.78 8.88 88.15
CA LEU F 422 -9.75 7.81 88.06
C LEU F 422 -10.36 7.73 86.67
N LEU F 423 -10.64 8.89 86.06
CA LEU F 423 -11.17 8.92 84.70
C LEU F 423 -10.17 8.35 83.72
N ASP F 424 -8.89 8.66 83.88
CA ASP F 424 -7.87 8.10 83.00
C ASP F 424 -7.79 6.60 83.14
N GLN F 425 -7.83 6.10 84.38
CA GLN F 425 -7.78 4.65 84.60
C GLN F 425 -9.00 3.97 83.99
N LEU F 426 -10.18 4.54 84.19
CA LEU F 426 -11.39 3.97 83.62
C LEU F 426 -11.36 4.01 82.10
N ASN F 427 -10.82 5.09 81.52
CA ASN F 427 -10.71 5.19 80.07
C ASN F 427 -9.77 4.15 79.51
N LYS F 428 -8.63 3.93 80.17
CA LYS F 428 -7.72 2.87 79.73
C LYS F 428 -8.38 1.51 79.82
N GLN F 429 -9.09 1.25 80.92
CA GLN F 429 -9.78 -0.03 81.06
C GLN F 429 -10.84 -0.21 79.99
N LEU F 430 -11.59 0.85 79.70
CA LEU F 430 -12.63 0.78 78.68
C LEU F 430 -12.05 0.57 77.29
N GLY F 431 -10.93 1.24 76.99
CA GLY F 431 -10.29 1.04 75.70
C GLY F 431 -9.78 -0.38 75.54
N ASN F 432 -9.17 -0.92 76.60
CA ASN F 432 -8.72 -2.32 76.56
C ASN F 432 -9.90 -3.26 76.37
N GLN F 433 -11.00 -3.00 77.10
CA GLN F 433 -12.19 -3.82 76.96
C GLN F 433 -12.76 -3.73 75.55
N LEU F 434 -12.74 -2.54 74.94
CA LEU F 434 -13.25 -2.37 73.59
C LEU F 434 -12.39 -3.10 72.58
N MET F 435 -11.07 -3.06 72.75
CA MET F 435 -10.19 -3.83 71.88
C MET F 435 -10.46 -5.32 72.01
N MET F 436 -10.61 -5.79 73.25
CA MET F 436 -10.91 -7.20 73.48
C MET F 436 -12.25 -7.58 72.85
N ALA F 437 -13.24 -6.71 72.98
CA ALA F 437 -14.56 -6.98 72.41
C ALA F 437 -14.52 -6.97 70.88
N ILE F 438 -13.73 -6.08 70.29
CA ILE F 438 -13.60 -6.06 68.82
C ILE F 438 -12.94 -7.34 68.34
N ASN F 439 -11.88 -7.78 69.04
CA ASN F 439 -11.26 -9.06 68.69
C ASN F 439 -12.24 -10.21 68.87
N LEU F 440 -13.03 -10.18 69.94
CA LEU F 440 -14.01 -11.23 70.18
C LEU F 440 -15.08 -11.25 69.11
N GLN F 441 -15.52 -10.07 68.67
CA GLN F 441 -16.53 -10.01 67.62
C GLN F 441 -15.99 -10.51 66.30
N ILE F 442 -14.75 -10.14 65.96
CA ILE F 442 -14.14 -10.67 64.75
C ILE F 442 -14.02 -12.18 64.81
N ASN F 443 -13.58 -12.71 65.96
CA ASN F 443 -13.45 -14.15 66.12
C ASN F 443 -14.80 -14.84 66.05
N GLN F 444 -15.84 -14.23 66.63
CA GLN F 444 -17.17 -14.83 66.61
C GLN F 444 -17.73 -14.85 65.19
N GLN F 445 -17.53 -13.77 64.43
CA GLN F 445 -17.96 -13.76 63.03
C GLN F 445 -17.22 -14.82 62.24
N GLN F 446 -15.90 -14.94 62.46
CA GLN F 446 -15.12 -15.95 61.76
C GLN F 446 -15.61 -17.35 62.12
N LEU F 447 -15.91 -17.58 63.40
CA LEU F 447 -16.36 -18.89 63.84
C LEU F 447 -17.76 -19.22 63.31
N MET F 448 -18.65 -18.24 63.25
CA MET F 448 -19.95 -18.47 62.64
C MET F 448 -19.81 -18.81 61.17
N SER F 449 -18.94 -18.09 60.46
CA SER F 449 -18.68 -18.40 59.06
C SER F 449 -18.10 -19.80 58.92
N VAL F 450 -17.19 -20.18 59.83
CA VAL F 450 -16.59 -21.50 59.78
C VAL F 450 -17.63 -22.58 60.03
N SER F 451 -18.53 -22.36 60.98
CA SER F 451 -19.59 -23.34 61.24
C SER F 451 -20.53 -23.45 60.06
N LYS F 452 -20.85 -22.32 59.42
CA LYS F 452 -21.69 -22.37 58.22
C LYS F 452 -20.98 -23.14 57.11
N ASN F 453 -19.68 -22.90 56.93
CA ASN F 453 -18.92 -23.63 55.93
C ASN F 453 -18.84 -25.11 56.26
N LEU F 454 -18.76 -25.45 57.55
CA LEU F 454 -18.74 -26.85 57.96
C LEU F 454 -20.07 -27.52 57.63
N LYS F 455 -21.17 -26.81 57.87
CA LYS F 455 -22.47 -27.34 57.48
C LYS F 455 -22.56 -27.52 55.97
N SER F 456 -22.04 -26.55 55.22
CA SER F 456 -22.04 -26.66 53.76
C SER F 456 -21.23 -27.87 53.31
N ILE F 457 -20.07 -28.08 53.93
CA ILE F 457 -19.23 -29.23 53.57
C ILE F 457 -19.91 -30.53 53.92
N LEU F 458 -20.58 -30.58 55.08
CA LEU F 458 -21.28 -31.80 55.46
C LEU F 458 -22.39 -32.12 54.47
N THR F 459 -23.13 -31.09 54.05
CA THR F 459 -24.16 -31.29 53.03
C THR F 459 -23.54 -31.76 51.71
N GLN F 460 -22.42 -31.15 51.32
CA GLN F 460 -21.78 -31.50 50.06
C GLN F 460 -21.31 -32.95 50.07
N GLN F 461 -20.74 -33.38 51.20
CA GLN F 461 -20.34 -34.79 51.34
C GLN F 461 -21.56 -35.70 51.34
N ILE F 462 -22.65 -35.27 51.97
CA ILE F 462 -23.85 -36.09 52.04
C ILE F 462 -24.68 -36.02 50.76
N PHE F 463 -24.26 -35.25 49.78
CA PHE F 463 -25.05 -35.05 48.55
C PHE F 463 -25.25 -36.36 47.80
N TRP F 464 -24.17 -36.93 47.26
CA TRP F 464 -24.27 -38.15 46.49
C TRP F 464 -24.38 -39.38 47.40
N ASP F 474 -35.51 -57.15 60.20
CA ASP F 474 -34.28 -56.47 59.84
C ASP F 474 -34.36 -54.98 60.16
N TRP F 475 -34.46 -54.17 59.11
CA TRP F 475 -34.58 -52.72 59.31
C TRP F 475 -35.85 -52.37 60.08
N ILE F 476 -36.97 -53.01 59.72
CA ILE F 476 -38.22 -52.77 60.44
C ILE F 476 -38.14 -53.32 61.86
N LYS F 477 -37.48 -54.47 62.03
CA LYS F 477 -37.34 -55.04 63.37
C LYS F 477 -36.55 -54.11 64.28
N ALA F 478 -35.47 -53.53 63.76
CA ALA F 478 -34.72 -52.54 64.53
C ALA F 478 -35.55 -51.29 64.76
N PHE F 479 -36.36 -50.91 63.76
CA PHE F 479 -37.21 -49.74 63.92
C PHE F 479 -38.23 -49.89 65.06
N PRO F 480 -38.68 -51.09 65.42
CA PRO F 480 -39.59 -51.19 66.57
C PRO F 480 -38.99 -50.64 67.86
N GLN F 481 -37.68 -50.86 68.09
CA GLN F 481 -37.04 -50.30 69.26
C GLN F 481 -36.77 -48.81 69.08
N SER F 482 -36.40 -48.40 67.86
CA SER F 482 -36.12 -47.00 67.59
C SER F 482 -37.37 -46.13 67.66
N LEU F 483 -38.55 -46.73 67.60
CA LEU F 483 -39.79 -45.96 67.72
C LEU F 483 -39.89 -45.29 69.08
N LYS F 484 -39.53 -46.01 70.15
CA LYS F 484 -39.54 -45.41 71.48
C LYS F 484 -38.52 -44.28 71.59
N ASP F 485 -37.34 -44.47 71.00
CA ASP F 485 -36.32 -43.43 71.02
C ASP F 485 -36.80 -42.18 70.28
N GLU F 486 -37.45 -42.37 69.12
CA GLU F 486 -37.99 -41.25 68.38
C GLU F 486 -39.09 -40.53 69.15
N PHE F 487 -39.96 -41.31 69.82
CA PHE F 487 -41.01 -40.70 70.63
C PHE F 487 -40.42 -39.90 71.78
N LYS F 488 -39.37 -40.43 72.42
CA LYS F 488 -38.71 -39.68 73.48
C LYS F 488 -38.06 -38.42 72.93
N SER F 489 -37.52 -38.49 71.71
CA SER F 489 -36.90 -37.31 71.11
C SER F 489 -37.93 -36.22 70.83
N MET F 490 -39.19 -36.59 70.68
CA MET F 490 -40.24 -35.59 70.48
C MET F 490 -40.38 -34.69 71.70
N LYS F 491 -40.31 -35.27 72.89
CA LYS F 491 -40.40 -34.50 74.14
C LYS F 491 -39.01 -34.09 74.60
N ILE F 505 -47.02 -7.20 66.05
CA ILE F 505 -46.95 -7.29 64.60
C ILE F 505 -47.76 -8.48 64.10
N ALA F 506 -47.62 -9.63 64.75
CA ALA F 506 -48.35 -10.82 64.35
C ALA F 506 -49.86 -10.62 64.51
N PHE F 507 -50.27 -10.03 65.63
CA PHE F 507 -51.70 -9.78 65.85
C PHE F 507 -52.24 -8.78 64.83
N LEU F 508 -51.47 -7.74 64.52
CA LEU F 508 -51.91 -6.76 63.52
C LEU F 508 -52.03 -7.40 62.15
N ALA F 509 -51.09 -8.27 61.79
CA ALA F 509 -51.18 -8.97 60.51
C ALA F 509 -52.38 -9.91 60.48
N GLY F 510 -52.65 -10.61 61.59
CA GLY F 510 -53.79 -11.50 61.63
C GLY F 510 -55.12 -10.76 61.51
N LEU F 511 -55.27 -9.67 62.27
CA LEU F 511 -56.49 -8.86 62.15
C LEU F 511 -56.65 -8.28 60.76
N PRO F 512 -55.63 -7.70 60.14
CA PRO F 512 -55.78 -7.26 58.74
C PRO F 512 -56.15 -8.40 57.81
N LEU F 513 -55.61 -9.60 58.04
CA LEU F 513 -55.99 -10.75 57.23
C LEU F 513 -57.45 -11.11 57.42
N LEU F 514 -57.95 -11.03 58.67
CA LEU F 514 -59.35 -11.30 58.92
C LEU F 514 -60.25 -10.29 58.23
N LEU F 515 -59.88 -9.01 58.28
CA LEU F 515 -60.67 -7.99 57.59
C LEU F 515 -60.63 -8.19 56.08
N ILE F 516 -59.46 -8.57 55.56
CA ILE F 516 -59.32 -8.82 54.13
C ILE F 516 -60.21 -9.98 53.70
N ALA F 517 -60.25 -11.05 54.50
CA ALA F 517 -61.12 -12.18 54.18
C ALA F 517 -62.59 -11.79 54.28
N GLY F 518 -62.95 -10.98 55.28
CA GLY F 518 -64.33 -10.54 55.40
C GLY F 518 -64.79 -9.74 54.21
N LEU F 519 -63.95 -8.82 53.72
CA LEU F 519 -64.28 -8.09 52.51
C LEU F 519 -64.24 -8.99 51.29
N ILE F 520 -63.31 -9.94 51.26
CA ILE F 520 -63.12 -10.80 50.10
C ILE F 520 -64.27 -11.79 49.94
N HIS F 521 -65.02 -12.07 51.00
CA HIS F 521 -66.23 -12.90 50.82
C HIS F 521 -67.20 -12.24 49.85
N TRP F 522 -67.55 -10.98 50.11
CA TRP F 522 -68.43 -10.26 49.20
C TRP F 522 -67.74 -9.96 47.87
N ARG F 523 -66.44 -9.70 47.90
CA ARG F 523 -65.71 -9.47 46.66
C ARG F 523 -65.77 -10.69 45.75
N LEU F 524 -65.61 -11.88 46.32
CA LEU F 524 -65.67 -13.11 45.55
C LEU F 524 -67.09 -13.42 45.11
N GLY F 525 -68.10 -13.08 45.92
CA GLY F 525 -69.47 -13.20 45.45
C GLY F 525 -69.72 -12.35 44.22
N TRP F 526 -69.28 -11.09 44.27
CA TRP F 526 -69.44 -10.20 43.12
C TRP F 526 -68.64 -10.69 41.92
N LEU F 527 -67.44 -11.21 42.16
CA LEU F 527 -66.61 -11.73 41.08
C LEU F 527 -67.26 -12.95 40.43
N LYS F 528 -67.86 -13.83 41.24
CA LYS F 528 -68.55 -14.99 40.70
C LYS F 528 -69.76 -14.56 39.87
N ALA F 529 -70.50 -13.55 40.36
CA ALA F 529 -71.63 -13.03 39.58
C ALA F 529 -71.15 -12.47 38.25
N TYR F 530 -70.07 -11.70 38.27
CA TYR F 530 -69.53 -11.12 37.04
C TYR F 530 -69.04 -12.19 36.08
N GLN F 531 -68.37 -13.23 36.61
CA GLN F 531 -67.89 -14.32 35.78
C GLN F 531 -69.04 -15.09 35.15
N GLN F 532 -70.10 -15.34 35.91
CA GLN F 532 -71.28 -16.00 35.36
C GLN F 532 -71.92 -15.15 34.28
N LYS F 533 -72.00 -13.83 34.49
CA LYS F 533 -72.58 -12.95 33.49
C LYS F 533 -71.73 -12.95 32.21
N LEU F 534 -70.41 -12.94 32.35
CA LEU F 534 -69.54 -12.92 31.18
C LEU F 534 -69.57 -14.24 30.43
N ALA F 535 -69.59 -15.36 31.15
CA ALA F 535 -69.57 -16.67 30.50
C ALA F 535 -70.90 -17.01 29.86
N SER F 536 -72.00 -16.73 30.54
CA SER F 536 -73.33 -17.04 30.01
C SER F 536 -74.38 -16.08 30.56
N THR F 549 -64.93 -21.49 29.29
CA THR F 549 -64.66 -20.15 28.78
C THR F 549 -63.35 -19.61 29.33
N PRO F 550 -62.56 -18.96 28.47
CA PRO F 550 -61.30 -18.37 28.93
C PRO F 550 -61.50 -17.33 30.03
N LYS F 551 -62.56 -16.53 29.89
CA LYS F 551 -62.86 -15.53 30.91
C LYS F 551 -63.24 -16.20 32.23
N ALA F 552 -64.03 -17.27 32.18
CA ALA F 552 -64.39 -17.99 33.39
C ALA F 552 -63.17 -18.62 34.03
N ILE F 553 -62.26 -19.17 33.23
CA ILE F 553 -61.05 -19.76 33.77
C ILE F 553 -60.17 -18.70 34.43
N LEU F 554 -60.04 -17.54 33.79
CA LEU F 554 -59.26 -16.46 34.37
C LEU F 554 -59.88 -15.98 35.68
N ILE F 555 -61.21 -15.88 35.72
CA ILE F 555 -61.89 -15.45 36.94
C ILE F 555 -61.68 -16.47 38.05
N ASP F 556 -61.76 -17.76 37.72
CA ASP F 556 -61.52 -18.80 38.72
C ASP F 556 -60.10 -18.74 39.25
N LEU F 557 -59.13 -18.52 38.35
CA LEU F 557 -57.74 -18.41 38.78
C LEU F 557 -57.53 -17.20 39.68
N ILE F 558 -58.17 -16.07 39.34
CA ILE F 558 -58.05 -14.88 40.16
C ILE F 558 -58.68 -15.10 41.53
N ARG F 559 -59.83 -15.78 41.58
CA ARG F 559 -60.47 -16.08 42.85
C ARG F 559 -59.61 -17.00 43.70
N ALA F 560 -59.00 -18.01 43.08
CA ALA F 560 -58.11 -18.90 43.82
C ALA F 560 -56.88 -18.14 44.33
N LEU F 561 -56.35 -17.23 43.54
CA LEU F 561 -55.20 -16.44 43.96
C LEU F 561 -55.48 -15.60 45.20
N PRO F 562 -56.60 -14.89 45.31
CA PRO F 562 -56.85 -14.11 46.54
C PRO F 562 -56.94 -14.97 47.78
N VAL F 563 -57.60 -16.13 47.69
CA VAL F 563 -57.71 -17.03 48.84
C VAL F 563 -56.34 -17.56 49.21
N CYS F 564 -55.52 -17.91 48.22
CA CYS F 564 -54.17 -18.39 48.50
C CYS F 564 -53.34 -17.30 49.16
N LEU F 565 -53.47 -16.06 48.70
CA LEU F 565 -52.73 -14.95 49.31
C LEU F 565 -53.17 -14.73 50.75
N ILE F 566 -54.49 -14.81 51.01
CA ILE F 566 -54.98 -14.64 52.37
C ILE F 566 -54.46 -15.76 53.28
N ILE F 567 -54.47 -17.00 52.78
CA ILE F 567 -53.97 -18.12 53.57
C ILE F 567 -52.47 -17.95 53.84
N LEU F 568 -51.72 -17.51 52.84
CA LEU F 568 -50.28 -17.31 53.03
C LEU F 568 -50.02 -16.20 54.05
N ALA F 569 -50.79 -15.12 54.00
CA ALA F 569 -50.64 -14.05 54.99
C ALA F 569 -50.97 -14.55 56.39
N VAL F 570 -52.03 -15.36 56.52
CA VAL F 570 -52.39 -15.91 57.82
C VAL F 570 -51.29 -16.81 58.35
N GLY F 571 -50.72 -17.65 57.48
CA GLY F 571 -49.63 -18.51 57.89
C GLY F 571 -48.39 -17.74 58.30
N LEU F 572 -48.05 -16.69 57.54
CA LEU F 572 -46.91 -15.85 57.90
C LEU F 572 -47.13 -15.16 59.24
N ILE F 573 -48.35 -14.68 59.49
CA ILE F 573 -48.67 -14.09 60.79
C ILE F 573 -48.54 -15.12 61.89
N LEU F 574 -48.94 -16.37 61.60
CA LEU F 574 -48.81 -17.44 62.58
C LEU F 574 -47.36 -17.88 62.74
N LEU F 575 -46.47 -17.52 61.83
CA LEU F 575 -45.07 -17.90 61.91
C LEU F 575 -44.20 -16.71 62.30
N SER F 582 -40.07 -21.49 65.38
CA SER F 582 -41.06 -21.60 64.31
C SER F 582 -40.37 -21.51 62.94
N GLU F 583 -39.12 -21.96 62.89
CA GLU F 583 -38.37 -21.92 61.62
C GLU F 583 -38.99 -22.85 60.59
N LEU F 584 -39.40 -24.06 61.01
CA LEU F 584 -39.98 -25.01 60.07
C LEU F 584 -41.33 -24.53 59.56
N LEU F 585 -42.05 -23.76 60.38
CA LEU F 585 -43.36 -23.26 59.96
C LEU F 585 -43.24 -22.30 58.77
N TRP F 586 -42.19 -21.48 58.76
CA TRP F 586 -42.03 -20.53 57.66
C TRP F 586 -41.82 -21.23 56.32
N SER F 587 -40.93 -22.24 56.30
CA SER F 587 -40.72 -23.01 55.07
C SER F 587 -41.95 -23.82 54.72
N PHE F 588 -42.65 -24.34 55.74
CA PHE F 588 -43.89 -25.07 55.49
C PHE F 588 -44.90 -24.18 54.78
N SER F 589 -45.04 -22.93 55.23
CA SER F 589 -45.96 -21.99 54.59
C SER F 589 -45.47 -21.59 53.21
N LYS F 590 -44.15 -21.46 53.04
CA LYS F 590 -43.61 -21.12 51.73
C LYS F 590 -43.96 -22.19 50.71
N LYS F 591 -43.84 -23.46 51.09
CA LYS F 591 -44.25 -24.54 50.19
C LYS F 591 -45.78 -24.59 50.08
N LEU F 592 -46.48 -24.33 51.18
CA LEU F 592 -47.93 -24.43 51.20
C LEU F 592 -48.59 -23.37 50.33
N ALA F 593 -47.90 -22.27 50.03
CA ALA F 593 -48.45 -21.31 49.07
C ALA F 593 -48.72 -21.99 47.73
N ILE F 594 -47.69 -22.57 47.14
CA ILE F 594 -47.86 -23.29 45.88
C ILE F 594 -48.73 -24.52 46.05
N PHE F 595 -48.64 -25.19 47.20
CA PHE F 595 -49.46 -26.37 47.44
C PHE F 595 -50.94 -26.02 47.41
N TRP F 596 -51.32 -24.92 48.08
CA TRP F 596 -52.70 -24.49 48.09
C TRP F 596 -53.13 -23.94 46.74
N LEU F 597 -52.22 -23.30 46.01
CA LEU F 597 -52.55 -22.89 44.65
C LEU F 597 -52.92 -24.10 43.79
N VAL F 598 -52.11 -25.15 43.87
CA VAL F 598 -52.40 -26.37 43.11
C VAL F 598 -53.70 -27.01 43.59
N PHE F 599 -53.92 -27.03 44.89
CA PHE F 599 -55.14 -27.64 45.44
C PHE F 599 -56.39 -26.88 45.00
N GLY F 600 -56.34 -25.55 45.04
CA GLY F 600 -57.47 -24.74 44.63
C GLY F 600 -57.66 -24.61 43.14
N LEU F 601 -56.65 -24.97 42.34
CA LEU F 601 -56.84 -25.02 40.90
C LEU F 601 -57.95 -26.00 40.53
N CYS F 602 -58.03 -27.14 41.25
CA CYS F 602 -59.10 -28.09 41.01
C CYS F 602 -60.42 -27.64 41.61
N TRP F 603 -60.37 -26.95 42.76
CA TRP F 603 -61.59 -26.47 43.39
C TRP F 603 -62.29 -25.43 42.53
N LYS F 604 -61.52 -24.53 41.92
CA LYS F 604 -62.06 -23.49 41.05
C LYS F 604 -62.21 -23.97 39.61
N VAL F 605 -61.81 -25.20 39.31
CA VAL F 605 -61.95 -25.74 37.96
C VAL F 605 -62.06 -27.25 38.01
N GLN F 622 -64.70 -36.99 35.42
CA GLN F 622 -65.55 -35.80 35.37
C GLN F 622 -65.00 -34.71 36.27
N THR F 623 -65.32 -33.45 35.94
CA THR F 623 -64.87 -32.33 36.76
C THR F 623 -65.46 -32.41 38.17
N SER F 624 -66.74 -32.74 38.27
CA SER F 624 -67.34 -32.95 39.58
C SER F 624 -66.69 -34.15 40.28
N HIS F 625 -66.43 -35.22 39.54
CA HIS F 625 -65.71 -36.35 40.10
C HIS F 625 -64.29 -35.96 40.48
N TRP F 626 -63.64 -35.15 39.64
CA TRP F 626 -62.30 -34.67 39.97
C TRP F 626 -62.34 -33.75 41.18
N ARG F 627 -63.40 -32.95 41.32
CA ARG F 627 -63.52 -32.05 42.46
C ARG F 627 -63.58 -32.81 43.77
N ARG F 628 -64.02 -34.07 43.74
CA ARG F 628 -64.03 -34.91 44.94
C ARG F 628 -62.80 -35.78 45.05
N GLN F 629 -62.18 -36.17 43.93
CA GLN F 629 -61.01 -37.03 43.94
C GLN F 629 -59.72 -36.26 44.18
N ILE F 630 -59.72 -34.94 44.05
CA ILE F 630 -58.51 -34.16 44.31
C ILE F 630 -58.17 -34.06 45.79
N VAL F 631 -59.10 -34.44 46.67
CA VAL F 631 -58.83 -34.40 48.11
C VAL F 631 -57.72 -35.37 48.47
N ARG F 632 -57.72 -36.56 47.87
CA ARG F 632 -56.66 -37.53 48.14
C ARG F 632 -55.31 -37.01 47.67
N ILE F 633 -55.27 -36.37 46.49
CA ILE F 633 -54.03 -35.80 45.99
C ILE F 633 -53.53 -34.70 46.91
N SER F 634 -54.45 -33.84 47.36
CA SER F 634 -54.06 -32.77 48.28
C SER F 634 -53.51 -33.34 49.59
N LEU F 635 -54.16 -34.38 50.13
CA LEU F 635 -53.68 -35.00 51.36
C LEU F 635 -52.31 -35.64 51.16
N ALA F 636 -52.10 -36.30 50.03
CA ALA F 636 -50.80 -36.90 49.75
C ALA F 636 -49.71 -35.84 49.63
N LEU F 637 -50.02 -34.73 48.96
CA LEU F 637 -49.05 -33.64 48.87
C LEU F 637 -48.75 -33.06 50.24
N LEU F 638 -49.77 -32.92 51.09
CA LEU F 638 -49.55 -32.42 52.44
C LEU F 638 -48.62 -33.33 53.25
N PRO F 639 -48.80 -34.65 53.26
CA PRO F 639 -47.80 -35.49 53.94
C PRO F 639 -46.40 -35.35 53.35
N ILE F 640 -46.31 -35.25 52.02
CA ILE F 640 -45.01 -35.05 51.39
C ILE F 640 -44.43 -33.71 51.80
N HIS F 641 -45.26 -32.67 51.84
CA HIS F 641 -44.79 -31.36 52.27
C HIS F 641 -44.27 -31.41 53.71
N PHE F 642 -45.00 -32.09 54.59
CA PHE F 642 -44.58 -32.19 55.99
C PHE F 642 -43.30 -32.99 56.13
N TRP F 643 -43.13 -34.04 55.33
CA TRP F 643 -41.94 -34.87 55.41
C TRP F 643 -40.74 -34.27 54.69
N SER F 644 -40.94 -33.28 53.82
CA SER F 644 -39.85 -32.70 53.06
C SER F 644 -39.59 -31.23 53.36
N VAL F 645 -40.35 -30.62 54.28
CA VAL F 645 -40.12 -29.21 54.60
C VAL F 645 -38.73 -29.01 55.20
N VAL F 646 -38.33 -29.89 56.12
CA VAL F 646 -37.06 -29.74 56.82
C VAL F 646 -35.88 -30.26 56.00
N ALA F 647 -36.12 -30.74 54.78
CA ALA F 647 -35.03 -31.30 53.98
C ALA F 647 -34.09 -30.20 53.48
N GLU F 648 -34.65 -29.23 52.75
CA GLU F 648 -33.83 -28.18 52.15
C GLU F 648 -33.15 -27.27 53.17
N LEU F 649 -33.60 -27.29 54.43
CA LEU F 649 -33.02 -26.45 55.46
C LEU F 649 -32.03 -27.23 56.33
N VAL F 658 -35.22 -42.84 60.64
CA VAL F 658 -36.05 -43.48 59.63
C VAL F 658 -37.53 -43.39 59.95
N LEU F 659 -37.89 -42.75 61.07
CA LEU F 659 -39.30 -42.64 61.44
C LEU F 659 -40.08 -41.81 60.43
N GLY F 660 -39.47 -40.73 59.92
CA GLY F 660 -40.16 -39.86 58.99
C GLY F 660 -40.49 -40.52 57.66
N GLN F 661 -39.83 -41.62 57.32
CA GLN F 661 -40.09 -42.34 56.08
C GLN F 661 -41.15 -43.42 56.23
N ALA F 662 -41.66 -43.65 57.44
CA ALA F 662 -42.67 -44.68 57.63
C ALA F 662 -43.94 -44.36 56.85
N MET F 663 -44.39 -43.11 56.91
CA MET F 663 -45.57 -42.71 56.15
C MET F 663 -45.27 -42.66 54.66
N ILE F 664 -44.05 -42.23 54.29
CA ILE F 664 -43.69 -42.12 52.88
C ILE F 664 -43.64 -43.49 52.23
N PHE F 665 -43.27 -44.54 52.98
CA PHE F 665 -43.22 -45.88 52.42
C PHE F 665 -44.60 -46.30 51.92
N PHE F 666 -45.65 -46.02 52.70
CA PHE F 666 -47.00 -46.34 52.27
C PHE F 666 -47.52 -45.33 51.23
N ASN F 667 -47.09 -44.07 51.33
CA ASN F 667 -47.54 -43.07 50.37
C ASN F 667 -47.04 -43.39 48.96
N LEU F 668 -45.81 -43.88 48.84
CA LEU F 668 -45.28 -44.25 47.54
C LEU F 668 -46.10 -45.38 46.91
N LEU F 669 -46.44 -46.40 47.70
CA LEU F 669 -47.25 -47.50 47.20
C LEU F 669 -48.65 -47.01 46.81
N LEU F 670 -49.23 -46.12 47.62
CA LEU F 670 -50.55 -45.59 47.31
C LEU F 670 -50.52 -44.79 46.01
N ILE F 671 -49.47 -43.98 45.81
CA ILE F 671 -49.35 -43.21 44.58
C ILE F 671 -49.19 -44.13 43.38
N ALA F 672 -48.38 -45.19 43.52
CA ALA F 672 -48.21 -46.14 42.44
C ALA F 672 -49.53 -46.83 42.10
N PHE F 673 -50.29 -47.24 43.12
CA PHE F 673 -51.57 -47.88 42.89
C PHE F 673 -52.55 -46.94 42.20
N LEU F 674 -52.58 -45.67 42.63
CA LEU F 674 -53.47 -44.69 42.00
C LEU F 674 -53.08 -44.45 40.54
N VAL F 675 -51.78 -44.39 40.26
CA VAL F 675 -51.33 -44.18 38.89
C VAL F 675 -51.63 -45.40 38.03
N TRP F 676 -51.60 -46.60 38.63
CA TRP F 676 -51.88 -47.81 37.86
C TRP F 676 -53.22 -47.80 37.17
N PRO F 677 -54.32 -47.37 37.81
CA PRO F 677 -55.59 -47.28 37.08
C PRO F 677 -55.54 -46.32 35.90
N MET F 678 -54.85 -45.19 36.06
CA MET F 678 -54.72 -44.24 34.95
C MET F 678 -53.90 -44.83 33.81
N CYS F 679 -52.83 -45.55 34.14
CA CYS F 679 -52.03 -46.20 33.11
C CYS F 679 -52.84 -47.27 32.38
N ARG F 680 -53.64 -48.04 33.13
CA ARG F 680 -54.49 -49.05 32.50
C ARG F 680 -55.52 -48.40 31.58
N GLU F 681 -56.11 -47.29 32.01
CA GLU F 681 -57.03 -46.56 31.14
C GLU F 681 -56.31 -45.98 29.93
N SER F 682 -55.09 -45.46 30.14
CA SER F 682 -54.31 -44.93 29.02
C SER F 682 -53.87 -46.05 28.08
N TRP F 683 -53.55 -47.23 28.63
CA TRP F 683 -53.13 -48.34 27.80
C TRP F 683 -54.24 -48.84 26.88
N ARG F 684 -55.50 -48.55 27.22
CA ARG F 684 -56.61 -48.95 26.36
C ARG F 684 -56.61 -48.22 25.02
N ASP F 685 -55.97 -47.05 24.95
CA ASP F 685 -55.89 -46.27 23.73
C ASP F 685 -54.47 -46.32 23.19
N LYS F 686 -54.33 -46.63 21.90
CA LYS F 686 -53.04 -46.73 21.25
C LYS F 686 -52.79 -45.60 20.26
N GLU F 687 -53.72 -45.38 19.33
CA GLU F 687 -53.56 -44.30 18.35
C GLU F 687 -53.66 -42.92 18.98
N SER F 688 -54.29 -42.80 20.14
CA SER F 688 -54.41 -41.52 20.80
C SER F 688 -53.06 -41.07 21.36
N HIS F 689 -52.90 -39.75 21.50
CA HIS F 689 -51.66 -39.20 22.03
C HIS F 689 -51.51 -39.53 23.50
N THR F 690 -50.28 -39.80 23.91
CA THR F 690 -49.96 -40.13 25.29
C THR F 690 -48.77 -39.31 25.78
N MET F 691 -48.81 -38.01 25.49
CA MET F 691 -47.73 -37.12 25.90
C MET F 691 -47.62 -37.02 27.42
N ARG F 692 -48.76 -36.95 28.11
CA ARG F 692 -48.76 -36.82 29.56
C ARG F 692 -48.40 -38.12 30.28
N LEU F 693 -48.38 -39.25 29.57
CA LEU F 693 -48.05 -40.51 30.21
C LEU F 693 -46.59 -40.55 30.65
N VAL F 694 -45.72 -39.85 29.91
CA VAL F 694 -44.30 -39.85 30.25
C VAL F 694 -44.06 -39.24 31.61
N THR F 695 -44.72 -38.10 31.89
CA THR F 695 -44.58 -37.48 33.20
C THR F 695 -45.16 -38.37 34.30
N ILE F 696 -46.30 -39.00 34.03
CA ILE F 696 -46.89 -39.92 34.99
C ILE F 696 -45.96 -41.11 35.23
N THR F 697 -45.36 -41.62 34.16
CA THR F 697 -44.42 -42.73 34.30
C THR F 697 -43.21 -42.32 35.14
N VAL F 698 -42.70 -41.11 34.93
CA VAL F 698 -41.55 -40.64 35.71
C VAL F 698 -41.94 -40.50 37.17
N LEU F 699 -43.13 -39.94 37.44
CA LEU F 699 -43.57 -39.79 38.82
C LEU F 699 -43.75 -41.15 39.50
N SER F 700 -44.31 -42.12 38.78
CA SER F 700 -44.47 -43.46 39.35
C SER F 700 -43.12 -44.11 39.60
N ILE F 701 -42.17 -43.93 38.67
CA ILE F 701 -40.82 -44.47 38.87
C ILE F 701 -40.18 -43.87 40.11
N ILE F 702 -40.34 -42.55 40.29
CA ILE F 702 -39.87 -41.91 41.52
C ILE F 702 -40.54 -42.49 42.75
N PRO F 703 -41.86 -42.71 42.78
CA PRO F 703 -42.46 -43.35 43.96
C PRO F 703 -41.93 -44.75 44.20
N ILE F 704 -41.65 -45.51 43.14
CA ILE F 704 -41.11 -46.85 43.32
C ILE F 704 -39.66 -46.78 43.82
N ALA F 705 -38.86 -45.90 43.20
CA ALA F 705 -37.45 -45.80 43.57
C ALA F 705 -37.28 -45.33 45.01
N LEU F 706 -38.09 -44.36 45.43
CA LEU F 706 -37.97 -43.83 46.78
C LEU F 706 -38.24 -44.91 47.83
N MET F 707 -39.25 -45.75 47.59
CA MET F 707 -39.57 -46.82 48.53
C MET F 707 -38.69 -48.04 48.35
N VAL F 708 -37.95 -48.15 47.25
CA VAL F 708 -37.11 -49.33 47.01
C VAL F 708 -35.70 -49.10 47.52
N LEU F 709 -35.06 -48.01 47.09
CA LEU F 709 -33.64 -47.81 47.33
C LEU F 709 -33.34 -47.18 48.69
N THR F 710 -34.36 -46.88 49.50
CA THR F 710 -34.14 -46.22 50.78
C THR F 710 -33.71 -47.18 51.88
N ALA F 711 -33.67 -48.48 51.62
CA ALA F 711 -33.28 -49.45 52.63
C ALA F 711 -31.82 -49.30 53.00
N PHE F 715 -26.33 -42.36 49.89
CA PHE F 715 -26.97 -43.65 49.72
C PHE F 715 -28.42 -43.61 50.16
N TYR F 716 -28.66 -42.97 51.30
CA TYR F 716 -30.02 -42.80 51.83
C TYR F 716 -30.68 -41.51 51.38
N THR F 717 -30.02 -40.75 50.52
CA THR F 717 -30.53 -39.46 50.06
C THR F 717 -31.52 -39.58 48.90
N THR F 718 -32.11 -40.75 48.70
CA THR F 718 -33.04 -40.93 47.58
C THR F 718 -34.30 -40.09 47.76
N LEU F 719 -34.65 -39.73 48.99
CA LEU F 719 -35.85 -38.96 49.23
C LEU F 719 -35.73 -37.53 48.73
N ARG F 720 -34.52 -37.08 48.41
CA ARG F 720 -34.33 -35.70 47.96
C ARG F 720 -34.98 -35.45 46.61
N LEU F 721 -35.05 -36.48 45.76
CA LEU F 721 -35.58 -36.30 44.42
C LEU F 721 -37.07 -36.00 44.45
N ALA F 722 -37.75 -36.30 45.56
CA ALA F 722 -39.19 -36.06 45.63
C ALA F 722 -39.53 -34.58 45.54
N GLY F 723 -38.68 -33.72 46.11
CA GLY F 723 -38.93 -32.29 46.03
C GLY F 723 -38.93 -31.79 44.60
N ARG F 724 -37.97 -32.27 43.79
CA ARG F 724 -37.95 -31.90 42.38
C ARG F 724 -39.09 -32.56 41.62
N TRP F 725 -39.45 -33.80 41.99
CA TRP F 725 -40.51 -34.50 41.28
C TRP F 725 -41.86 -33.81 41.46
N ILE F 726 -42.15 -33.37 42.68
CA ILE F 726 -43.42 -32.67 42.93
C ILE F 726 -43.48 -31.37 42.14
N GLU F 727 -42.37 -30.63 42.12
CA GLU F 727 -42.33 -29.38 41.35
C GLU F 727 -42.50 -29.65 39.87
N THR F 728 -41.86 -30.71 39.36
CA THR F 728 -42.01 -31.05 37.95
C THR F 728 -43.45 -31.43 37.62
N VAL F 729 -44.11 -32.17 38.52
CA VAL F 729 -45.51 -32.54 38.29
C VAL F 729 -46.38 -31.30 38.27
N TYR F 730 -46.16 -30.38 39.21
CA TYR F 730 -46.93 -29.14 39.23
C TYR F 730 -46.70 -28.33 37.97
N LEU F 731 -45.44 -28.26 37.51
CA LEU F 731 -45.14 -27.52 36.29
C LEU F 731 -45.81 -28.17 35.08
N VAL F 732 -45.84 -29.49 35.03
CA VAL F 732 -46.50 -30.19 33.92
C VAL F 732 -47.99 -29.91 33.93
N ILE F 733 -48.61 -29.94 35.11
CA ILE F 733 -50.04 -29.66 35.19
C ILE F 733 -50.33 -28.23 34.75
N ILE F 734 -49.50 -27.28 35.20
CA ILE F 734 -49.68 -25.88 34.80
C ILE F 734 -49.51 -25.73 33.30
N TRP F 735 -48.52 -26.42 32.73
CA TRP F 735 -48.30 -26.34 31.29
C TRP F 735 -49.47 -26.90 30.51
N ASN F 736 -50.04 -28.02 30.97
CA ASN F 736 -51.20 -28.59 30.30
C ASN F 736 -52.40 -27.65 30.37
N LEU F 737 -52.65 -27.06 31.55
CA LEU F 737 -53.75 -26.12 31.68
C LEU F 737 -53.55 -24.90 30.79
N LEU F 738 -52.32 -24.37 30.76
CA LEU F 738 -52.04 -23.22 29.91
C LEU F 738 -52.18 -23.57 28.44
N TYR F 739 -51.79 -24.78 28.05
CA TYR F 739 -51.96 -25.21 26.67
C TYR F 739 -53.42 -25.31 26.29
N GLN F 740 -54.25 -25.86 27.18
CA GLN F 740 -55.68 -25.93 26.91
C GLN F 740 -56.29 -24.54 26.80
N THR F 741 -55.91 -23.62 27.69
CA THR F 741 -56.43 -22.26 27.63
C THR F 741 -55.99 -21.56 26.35
N VAL F 742 -54.73 -21.76 25.95
CA VAL F 742 -54.23 -21.14 24.73
C VAL F 742 -54.93 -21.71 23.51
N LEU F 743 -55.20 -23.01 23.51
CA LEU F 743 -55.94 -23.60 22.40
C LEU F 743 -57.35 -23.02 22.30
N ARG F 744 -58.03 -22.87 23.45
CA ARG F 744 -59.36 -22.28 23.45
C ARG F 744 -59.32 -20.84 22.93
N GLY F 745 -58.34 -20.05 23.41
CA GLY F 745 -58.23 -18.68 22.97
C GLY F 745 -57.91 -18.57 21.49
N LEU F 746 -57.03 -19.43 20.99
CA LEU F 746 -56.70 -19.43 19.57
C LEU F 746 -57.90 -19.82 18.72
N SER F 747 -58.68 -20.80 19.18
CA SER F 747 -59.90 -21.17 18.46
C SER F 747 -60.88 -20.02 18.42
N VAL F 748 -61.05 -19.31 19.55
CA VAL F 748 -61.96 -18.17 19.58
C VAL F 748 -61.49 -17.07 18.65
N ALA F 749 -60.18 -16.79 18.66
CA ALA F 749 -59.64 -15.74 17.79
C ALA F 749 -59.78 -16.13 16.32
N ALA F 750 -59.54 -17.39 15.99
CA ALA F 750 -59.71 -17.84 14.60
C ALA F 750 -61.15 -17.75 14.16
N ARG F 751 -62.09 -18.12 15.02
CA ARG F 751 -63.50 -17.99 14.68
C ARG F 751 -63.89 -16.53 14.46
N ARG F 752 -63.41 -15.64 15.33
CA ARG F 752 -63.70 -14.22 15.17
C ARG F 752 -63.11 -13.68 13.87
N ILE F 753 -61.88 -14.07 13.55
CA ILE F 753 -61.25 -13.60 12.32
C ILE F 753 -61.99 -14.12 11.09
N ALA F 754 -62.41 -15.39 11.12
CA ALA F 754 -63.17 -15.94 10.01
C ALA F 754 -64.51 -15.23 9.84
N ASN F 787 -53.90 -18.59 12.40
CA ASN F 787 -54.73 -19.39 13.29
C ASN F 787 -53.97 -20.61 13.81
N GLN F 788 -53.91 -21.66 12.99
CA GLN F 788 -53.22 -22.87 13.40
C GLN F 788 -51.73 -22.60 13.60
N GLN F 789 -51.11 -21.85 12.71
CA GLN F 789 -49.68 -21.55 12.83
C GLN F 789 -49.41 -20.73 14.08
N THR F 790 -50.24 -19.72 14.35
CA THR F 790 -50.06 -18.90 15.54
C THR F 790 -50.25 -19.72 16.82
N LEU F 791 -51.26 -20.59 16.82
CA LEU F 791 -51.47 -21.46 17.97
C LEU F 791 -50.29 -22.39 18.20
N ARG F 792 -49.75 -22.96 17.11
CA ARG F 792 -48.58 -23.83 17.22
C ARG F 792 -47.38 -23.07 17.76
N ILE F 793 -47.17 -21.83 17.28
CA ILE F 793 -46.04 -21.04 17.75
C ILE F 793 -46.19 -20.71 19.23
N THR F 794 -47.41 -20.34 19.66
CA THR F 794 -47.63 -20.03 21.07
C THR F 794 -47.44 -21.27 21.93
N MET F 795 -47.92 -22.42 21.48
CA MET F 795 -47.73 -23.66 22.23
C MET F 795 -46.26 -24.02 22.33
N LEU F 796 -45.51 -23.83 21.23
CA LEU F 796 -44.08 -24.10 21.26
C LEU F 796 -43.36 -23.17 22.24
N LEU F 797 -43.74 -21.89 22.26
CA LEU F 797 -43.13 -20.95 23.19
C LEU F 797 -43.42 -21.35 24.64
N MET F 798 -44.68 -21.72 24.91
CA MET F 798 -45.05 -22.13 26.26
C MET F 798 -44.32 -23.40 26.68
N PHE F 799 -44.20 -24.36 25.77
CA PHE F 799 -43.49 -25.60 26.07
C PHE F 799 -42.02 -25.34 26.32
N ALA F 800 -41.41 -24.44 25.53
CA ALA F 800 -40.01 -24.09 25.76
C ALA F 800 -39.82 -23.43 27.12
N LEU F 801 -40.72 -22.51 27.49
CA LEU F 801 -40.62 -21.87 28.79
C LEU F 801 -40.78 -22.89 29.92
N PHE F 802 -41.74 -23.81 29.78
CA PHE F 802 -41.94 -24.84 30.81
C PHE F 802 -40.72 -25.74 30.91
N GLY F 803 -40.13 -26.11 29.77
CA GLY F 803 -38.94 -26.96 29.81
C GLY F 803 -37.75 -26.25 30.44
N VAL F 804 -37.58 -24.97 30.13
CA VAL F 804 -36.50 -24.20 30.75
C VAL F 804 -36.69 -24.12 32.26
N MET F 805 -37.92 -23.86 32.69
CA MET F 805 -38.21 -23.80 34.12
C MET F 805 -37.94 -25.15 34.78
N PHE F 806 -38.35 -26.25 34.14
CA PHE F 806 -38.11 -27.57 34.69
C PHE F 806 -36.64 -27.88 34.79
N TRP F 807 -35.87 -27.52 33.76
CA TRP F 807 -34.43 -27.75 33.78
C TRP F 807 -33.77 -26.96 34.90
N ALA F 808 -34.17 -25.71 35.08
CA ALA F 808 -33.62 -24.89 36.15
C ALA F 808 -34.21 -25.24 37.52
N ILE F 809 -35.22 -26.10 37.59
CA ILE F 809 -35.90 -26.42 38.83
C ILE F 809 -35.66 -27.87 39.25
N TRP F 810 -35.66 -28.80 38.30
CA TRP F 810 -35.47 -30.21 38.65
C TRP F 810 -34.10 -30.48 39.23
N SER F 811 -33.12 -29.61 38.97
CA SER F 811 -31.75 -29.69 39.45
C SER F 811 -30.98 -30.87 38.86
N ASP F 812 -31.61 -31.70 38.02
CA ASP F 812 -30.94 -32.80 37.37
C ASP F 812 -30.45 -32.46 35.96
N LEU F 813 -31.10 -31.50 35.30
CA LEU F 813 -30.61 -31.06 33.99
C LEU F 813 -29.25 -30.38 34.10
N ILE F 814 -28.95 -29.79 35.26
CA ILE F 814 -27.62 -29.24 35.50
C ILE F 814 -26.58 -30.35 35.40
N THR F 815 -26.86 -31.50 36.02
CA THR F 815 -26.00 -32.66 35.84
C THR F 815 -26.00 -33.12 34.39
N VAL F 816 -27.15 -33.08 33.74
CA VAL F 816 -27.22 -33.41 32.31
C VAL F 816 -26.44 -32.40 31.49
N PHE F 817 -26.47 -31.13 31.90
CA PHE F 817 -25.68 -30.12 31.22
C PHE F 817 -24.19 -30.42 31.33
N SER F 818 -23.74 -30.82 32.53
CA SER F 818 -22.34 -31.20 32.70
C SER F 818 -21.99 -32.42 31.87
N TYR F 819 -22.89 -33.42 31.82
CA TYR F 819 -22.63 -34.61 31.04
C TYR F 819 -22.50 -34.28 29.56
N LEU F 820 -23.38 -33.41 29.06
CA LEU F 820 -23.28 -32.97 27.67
C LEU F 820 -22.02 -32.16 27.43
N ASP F 821 -21.60 -31.36 28.40
CA ASP F 821 -20.41 -30.53 28.27
C ASP F 821 -19.12 -31.26 28.65
N SER F 822 -19.13 -32.59 28.63
CA SER F 822 -17.97 -33.39 29.02
C SER F 822 -17.62 -34.39 27.91
N ILE F 823 -17.53 -33.90 26.68
CA ILE F 823 -17.15 -34.70 25.53
C ILE F 823 -16.24 -33.87 24.63
N THR F 824 -15.80 -34.49 23.54
CA THR F 824 -14.90 -33.84 22.60
C THR F 824 -15.30 -34.23 21.18
N LEU F 825 -15.27 -33.25 20.27
CA LEU F 825 -15.61 -33.51 18.89
C LEU F 825 -14.53 -33.09 17.90
N TRP F 826 -13.90 -31.93 18.13
CA TRP F 826 -12.85 -31.44 17.24
C TRP F 826 -11.94 -30.51 18.04
N HIS F 827 -10.76 -30.27 17.50
CA HIS F 827 -9.75 -29.43 18.17
C HIS F 827 -9.93 -27.99 17.71
N TYR F 828 -10.34 -27.12 18.62
CA TYR F 828 -10.46 -25.69 18.36
C TYR F 828 -9.41 -24.94 19.17
N ASN F 829 -9.12 -23.72 18.73
CA ASN F 829 -8.14 -22.87 19.40
C ASN F 829 -8.63 -21.44 19.40
N GLY F 830 -8.09 -20.65 20.31
CA GLY F 830 -8.46 -19.24 20.37
C GLY F 830 -7.68 -18.54 21.47
N THR F 831 -8.11 -17.31 21.74
CA THR F 831 -7.49 -16.48 22.78
C THR F 831 -8.55 -16.12 23.80
N GLU F 832 -8.33 -16.50 25.05
CA GLU F 832 -9.23 -16.18 26.15
C GLU F 832 -8.43 -15.53 27.27
N ALA F 833 -8.92 -14.38 27.75
CA ALA F 833 -8.29 -13.64 28.84
C ALA F 833 -6.84 -13.31 28.52
N GLY F 834 -6.53 -13.04 27.25
CA GLY F 834 -5.18 -12.73 26.84
C GLY F 834 -4.24 -13.92 26.77
N ALA F 835 -4.74 -15.14 26.88
CA ALA F 835 -3.93 -16.34 26.82
C ALA F 835 -4.42 -17.26 25.72
N ALA F 836 -3.48 -17.86 24.99
CA ALA F 836 -3.82 -18.77 23.90
C ALA F 836 -4.26 -20.10 24.49
N VAL F 837 -5.52 -20.46 24.27
CA VAL F 837 -6.11 -21.67 24.81
C VAL F 837 -6.64 -22.51 23.65
N VAL F 838 -6.29 -23.79 23.65
CA VAL F 838 -6.77 -24.75 22.67
C VAL F 838 -7.59 -25.81 23.42
N LYS F 839 -8.83 -25.99 22.98
CA LYS F 839 -9.73 -26.93 23.62
C LYS F 839 -10.40 -27.84 22.60
N ASN F 840 -11.39 -28.61 23.04
CA ASN F 840 -12.14 -29.51 22.17
C ASN F 840 -13.61 -29.11 22.16
N VAL F 841 -14.29 -29.53 21.10
CA VAL F 841 -15.70 -29.21 20.89
C VAL F 841 -16.53 -30.14 21.77
N THR F 842 -17.09 -29.61 22.85
CA THR F 842 -17.92 -30.42 23.73
C THR F 842 -19.22 -30.81 23.04
N MET F 843 -19.74 -31.98 23.41
CA MET F 843 -21.03 -32.41 22.87
C MET F 843 -22.14 -31.45 23.28
N GLY F 844 -22.03 -30.85 24.46
CA GLY F 844 -22.98 -29.82 24.83
C GLY F 844 -22.98 -28.65 23.86
N SER F 845 -21.79 -28.27 23.37
CA SER F 845 -21.70 -27.22 22.38
C SER F 845 -22.41 -27.61 21.09
N LEU F 846 -22.24 -28.86 20.66
CA LEU F 846 -22.91 -29.32 19.44
C LEU F 846 -24.43 -29.33 19.63
N LEU F 847 -24.89 -29.78 20.80
CA LEU F 847 -26.33 -29.78 21.07
C LEU F 847 -26.88 -28.35 21.08
N PHE F 848 -26.14 -27.43 21.69
CA PHE F 848 -26.58 -26.03 21.71
C PHE F 848 -26.63 -25.45 20.30
N ALA F 849 -25.63 -25.77 19.48
CA ALA F 849 -25.61 -25.28 18.11
C ALA F 849 -26.79 -25.83 17.31
N ILE F 850 -27.06 -27.12 17.47
CA ILE F 850 -28.19 -27.73 16.76
C ILE F 850 -29.50 -27.09 17.21
N ILE F 851 -29.64 -26.87 18.52
CA ILE F 851 -30.86 -26.26 19.05
C ILE F 851 -31.02 -24.85 18.49
N ALA F 852 -29.92 -24.09 18.46
CA ALA F 852 -29.98 -22.73 17.94
C ALA F 852 -30.40 -22.71 16.48
N SER F 853 -29.82 -23.62 15.67
CA SER F 853 -30.19 -23.68 14.27
C SER F 853 -31.66 -24.04 14.10
N MET F 854 -32.14 -25.01 14.87
CA MET F 854 -33.53 -25.43 14.76
C MET F 854 -34.48 -24.31 15.14
N VAL F 855 -34.20 -23.63 16.25
CA VAL F 855 -35.09 -22.56 16.68
C VAL F 855 -35.03 -21.39 15.72
N ALA F 856 -33.87 -21.10 15.14
CA ALA F 856 -33.79 -20.04 14.15
C ALA F 856 -34.63 -20.37 12.93
N TRP F 857 -34.53 -21.61 12.44
CA TRP F 857 -35.32 -22.00 11.28
C TRP F 857 -36.81 -22.00 11.58
N ALA F 858 -37.19 -22.35 12.81
CA ALA F 858 -38.60 -22.32 13.18
C ALA F 858 -39.11 -20.90 13.31
N LEU F 859 -38.28 -20.00 13.83
CA LEU F 859 -38.75 -18.65 14.16
C LEU F 859 -38.72 -17.73 12.95
N ILE F 860 -37.84 -17.98 11.98
CA ILE F 860 -37.83 -17.15 10.77
C ILE F 860 -39.15 -17.27 10.03
N ARG F 861 -39.71 -18.48 10.00
CA ARG F 861 -41.00 -18.68 9.33
C ARG F 861 -42.17 -18.32 10.22
N ASN F 862 -41.94 -18.15 11.53
CA ASN F 862 -43.03 -17.77 12.42
C ASN F 862 -43.10 -16.25 12.56
N LEU F 863 -42.11 -15.54 12.03
CA LEU F 863 -42.10 -14.09 12.11
C LEU F 863 -43.24 -13.38 11.39
N PRO F 864 -43.59 -13.71 10.11
CA PRO F 864 -44.42 -12.79 9.33
C PRO F 864 -45.85 -12.71 9.82
N GLY F 865 -46.49 -13.84 10.12
CA GLY F 865 -47.85 -13.79 10.62
C GLY F 865 -47.94 -13.14 11.99
N LEU F 866 -47.02 -13.47 12.88
CA LEU F 866 -47.03 -12.90 14.22
C LEU F 866 -46.77 -11.40 14.19
N LEU F 867 -45.98 -10.95 13.21
CA LEU F 867 -45.81 -9.51 13.03
C LEU F 867 -47.03 -8.85 12.39
N GLU F 868 -47.63 -9.49 11.39
CA GLU F 868 -48.73 -8.88 10.65
C GLU F 868 -49.98 -8.74 11.52
N VAL F 869 -50.22 -9.73 12.39
CA VAL F 869 -51.41 -9.65 13.24
C VAL F 869 -51.34 -8.42 14.14
N LEU F 870 -50.15 -8.07 14.61
CA LEU F 870 -49.98 -6.85 15.38
C LEU F 870 -50.03 -5.62 14.49
N VAL F 871 -49.37 -5.68 13.33
CA VAL F 871 -49.30 -4.52 12.45
C VAL F 871 -50.67 -4.21 11.85
N LEU F 872 -51.44 -5.24 11.52
CA LEU F 872 -52.79 -5.01 10.97
C LEU F 872 -53.66 -4.26 11.96
N SER F 873 -53.41 -4.41 13.26
CA SER F 873 -54.13 -3.64 14.26
C SER F 873 -53.61 -2.22 14.37
N ARG F 874 -52.48 -1.92 13.76
CA ARG F 874 -51.90 -0.57 13.80
C ARG F 874 -52.37 0.32 12.66
N LEU F 875 -53.30 -0.16 11.82
CA LEU F 875 -53.84 0.58 10.68
C LEU F 875 -52.76 0.93 9.66
N ASN F 876 -51.62 0.24 9.71
CA ASN F 876 -50.52 0.40 8.77
C ASN F 876 -49.93 1.82 8.79
N MET F 877 -48.85 2.02 8.03
CA MET F 877 -48.24 3.33 7.90
C MET F 877 -47.87 3.70 6.46
N ARG F 878 -47.94 2.77 5.52
CA ARG F 878 -47.59 3.01 4.12
C ARG F 878 -48.14 1.87 3.28
N GLN F 879 -47.82 1.88 2.00
CA GLN F 879 -48.32 0.86 1.09
C GLN F 879 -47.70 -0.51 1.40
N GLY F 880 -46.40 -0.56 1.69
CA GLY F 880 -45.72 -1.81 1.98
C GLY F 880 -44.81 -1.71 3.20
N ALA F 881 -45.10 -0.80 4.13
CA ALA F 881 -44.29 -0.68 5.33
C ALA F 881 -44.34 -1.96 6.15
N SER F 882 -45.50 -2.61 6.19
CA SER F 882 -45.62 -3.87 6.92
C SER F 882 -44.70 -4.93 6.30
N TYR F 883 -44.76 -5.08 4.97
CA TYR F 883 -43.89 -6.06 4.31
C TYR F 883 -42.43 -5.74 4.57
N ALA F 884 -42.06 -4.46 4.50
CA ALA F 884 -40.68 -4.08 4.74
C ALA F 884 -40.24 -4.42 6.15
N ILE F 885 -41.10 -4.18 7.14
CA ILE F 885 -40.70 -4.41 8.51
C ILE F 885 -40.59 -5.91 8.80
N THR F 886 -41.51 -6.72 8.26
CA THR F 886 -41.38 -8.16 8.45
C THR F 886 -40.12 -8.69 7.79
N THR F 887 -39.79 -8.19 6.60
CA THR F 887 -38.54 -8.60 5.97
C THR F 887 -37.34 -8.20 6.82
N ILE F 888 -37.37 -7.00 7.41
CA ILE F 888 -36.24 -6.55 8.21
C ILE F 888 -36.07 -7.43 9.44
N LEU F 889 -37.17 -7.77 10.12
CA LEU F 889 -37.05 -8.68 11.27
C LEU F 889 -36.57 -10.06 10.83
N ASN F 890 -37.03 -10.54 9.68
CA ASN F 890 -36.50 -11.79 9.12
C ASN F 890 -34.99 -11.72 9.00
N TYR F 891 -34.50 -10.60 8.48
CA TYR F 891 -33.09 -10.48 8.14
C TYR F 891 -32.27 -10.42 9.42
N ILE F 892 -32.72 -9.63 10.40
CA ILE F 892 -32.04 -9.54 11.69
C ILE F 892 -32.03 -10.89 12.38
N ILE F 893 -33.15 -11.63 12.30
CA ILE F 893 -33.23 -12.93 12.95
C ILE F 893 -32.23 -13.89 12.34
N ILE F 894 -32.12 -13.92 11.00
CA ILE F 894 -31.17 -14.82 10.37
C ILE F 894 -29.74 -14.41 10.71
N ALA F 895 -29.49 -13.10 10.82
CA ALA F 895 -28.15 -12.64 11.18
C ALA F 895 -27.76 -13.08 12.59
N VAL F 896 -28.68 -12.89 13.54
CA VAL F 896 -28.39 -13.27 14.92
C VAL F 896 -28.26 -14.78 15.05
N GLY F 897 -29.05 -15.53 14.27
CA GLY F 897 -28.93 -16.98 14.31
C GLY F 897 -27.58 -17.45 13.79
N ALA F 898 -27.13 -16.87 12.68
CA ALA F 898 -25.82 -17.23 12.14
C ALA F 898 -24.72 -16.86 13.12
N MET F 899 -24.83 -15.69 13.75
CA MET F 899 -23.81 -15.27 14.71
C MET F 899 -23.75 -16.22 15.90
N THR F 900 -24.92 -16.61 16.42
CA THR F 900 -24.96 -17.53 17.55
C THR F 900 -24.39 -18.89 17.16
N VAL F 901 -24.75 -19.39 15.97
CA VAL F 901 -24.30 -20.71 15.55
C VAL F 901 -22.79 -20.72 15.39
N PHE F 902 -22.24 -19.70 14.71
CA PHE F 902 -20.80 -19.64 14.52
C PHE F 902 -20.06 -19.41 15.84
N GLY F 903 -20.68 -18.68 16.77
CA GLY F 903 -20.07 -18.56 18.09
C GLY F 903 -20.08 -19.88 18.84
N SER F 904 -21.16 -20.64 18.74
CA SER F 904 -21.22 -21.95 19.39
C SER F 904 -20.18 -22.89 18.78
N LEU F 905 -20.04 -22.88 17.46
CA LEU F 905 -19.00 -23.67 16.82
C LEU F 905 -17.60 -23.18 17.18
N GLY F 906 -17.46 -21.91 17.52
CA GLY F 906 -16.18 -21.35 17.91
C GLY F 906 -15.23 -21.00 16.80
N VAL F 907 -15.54 -21.38 15.56
CA VAL F 907 -14.68 -21.05 14.43
C VAL F 907 -14.77 -19.57 14.09
N SER F 908 -15.79 -18.87 14.59
CA SER F 908 -15.96 -17.46 14.26
C SER F 908 -14.85 -16.61 14.89
N TRP F 909 -14.12 -17.16 15.86
CA TRP F 909 -13.03 -16.40 16.48
C TRP F 909 -11.93 -16.09 15.46
N ASP F 910 -11.56 -17.06 14.63
CA ASP F 910 -10.56 -16.84 13.60
C ASP F 910 -11.16 -16.50 12.24
N LYS F 911 -12.48 -16.43 12.14
CA LYS F 911 -13.14 -16.13 10.87
C LYS F 911 -12.94 -14.69 10.43
N LEU F 912 -12.44 -13.83 11.30
CA LEU F 912 -12.19 -12.43 10.94
C LEU F 912 -10.94 -12.26 10.11
N GLN F 913 -10.41 -13.34 9.53
CA GLN F 913 -9.22 -13.26 8.70
C GLN F 913 -9.56 -13.09 7.22
N TRP F 914 -10.31 -14.03 6.66
CA TRP F 914 -10.52 -14.05 5.21
C TRP F 914 -11.80 -13.32 4.81
N LEU F 915 -12.94 -13.79 5.29
CA LEU F 915 -14.22 -13.18 4.93
C LEU F 915 -14.38 -11.76 5.47
N ALA F 916 -13.54 -11.35 6.42
CA ALA F 916 -13.64 -10.02 6.98
C ALA F 916 -13.38 -8.96 5.91
N ALA F 917 -12.39 -9.18 5.06
CA ALA F 917 -12.10 -8.22 4.00
C ALA F 917 -13.27 -8.11 3.03
N ALA F 918 -13.87 -9.24 2.67
CA ALA F 918 -15.01 -9.22 1.77
C ALA F 918 -16.19 -8.48 2.40
N LEU F 919 -16.46 -8.74 3.68
CA LEU F 919 -17.52 -8.01 4.37
C LEU F 919 -17.22 -6.51 4.41
N SER F 920 -15.96 -6.16 4.64
CA SER F 920 -15.57 -4.76 4.70
C SER F 920 -15.83 -4.06 3.38
N VAL F 921 -15.39 -4.66 2.26
CA VAL F 921 -15.59 -4.00 0.98
C VAL F 921 -17.07 -3.98 0.61
N GLY F 922 -17.82 -5.04 0.96
CA GLY F 922 -19.24 -5.05 0.66
C GLY F 922 -19.99 -3.95 1.37
N LEU F 923 -19.69 -3.74 2.66
CA LEU F 923 -20.30 -2.63 3.38
C LEU F 923 -19.80 -1.29 2.88
N SER F 924 -18.52 -1.23 2.47
CA SER F 924 -17.93 0.02 2.03
C SER F 924 -18.59 0.52 0.76
N PHE F 925 -18.90 -0.39 -0.18
CA PHE F 925 -19.56 0.03 -1.42
C PHE F 925 -20.86 0.75 -1.11
N GLY F 926 -21.72 0.13 -0.30
CA GLY F 926 -23.01 0.74 -0.01
C GLY F 926 -22.89 2.02 0.79
N LEU F 927 -22.03 2.03 1.80
CA LEU F 927 -21.88 3.25 2.60
C LEU F 927 -21.29 4.38 1.76
N GLN F 928 -20.38 4.06 0.85
CA GLN F 928 -19.84 5.08 -0.06
C GLN F 928 -20.92 5.61 -1.00
N GLU F 929 -21.78 4.72 -1.49
CA GLU F 929 -22.89 5.17 -2.34
C GLU F 929 -23.79 6.13 -1.57
N ILE F 930 -24.16 5.76 -0.34
CA ILE F 930 -25.05 6.59 0.47
C ILE F 930 -24.41 7.95 0.74
N PHE F 931 -23.12 7.95 1.09
CA PHE F 931 -22.47 9.21 1.46
C PHE F 931 -22.19 10.08 0.25
N GLY F 932 -21.91 9.46 -0.90
CA GLY F 932 -21.78 10.23 -2.12
C GLY F 932 -23.09 10.91 -2.50
N ASN F 933 -24.20 10.18 -2.36
CA ASN F 933 -25.49 10.80 -2.59
C ASN F 933 -25.78 11.88 -1.56
N PHE F 934 -25.29 11.70 -0.33
CA PHE F 934 -25.38 12.75 0.68
C PHE F 934 -24.69 14.03 0.24
N VAL F 935 -23.44 13.93 -0.19
CA VAL F 935 -22.72 15.13 -0.62
C VAL F 935 -23.33 15.71 -1.88
N SER F 936 -23.87 14.87 -2.77
CA SER F 936 -24.55 15.39 -3.95
C SER F 936 -25.78 16.18 -3.56
N GLY F 937 -26.56 15.68 -2.60
CA GLY F 937 -27.70 16.45 -2.11
C GLY F 937 -27.26 17.76 -1.47
N LEU F 938 -26.16 17.73 -0.71
CA LEU F 938 -25.67 18.94 -0.07
C LEU F 938 -25.28 19.99 -1.12
N ILE F 939 -24.56 19.59 -2.16
CA ILE F 939 -24.13 20.56 -3.15
C ILE F 939 -25.31 21.05 -3.98
N ILE F 940 -26.31 20.17 -4.21
CA ILE F 940 -27.52 20.61 -4.90
C ILE F 940 -28.27 21.64 -4.06
N LEU F 941 -28.32 21.43 -2.74
CA LEU F 941 -29.02 22.38 -1.88
C LEU F 941 -28.27 23.70 -1.76
N PHE F 942 -26.94 23.67 -1.78
CA PHE F 942 -26.17 24.91 -1.64
C PHE F 942 -26.04 25.65 -2.96
N GLU F 943 -25.40 25.04 -3.96
CA GLU F 943 -25.17 25.71 -5.24
C GLU F 943 -26.48 26.00 -5.95
N ARG F 944 -27.45 25.10 -5.84
CA ARG F 944 -28.78 25.26 -6.41
C ARG F 944 -28.77 25.41 -7.94
N PRO F 945 -28.45 24.36 -8.69
CA PRO F 945 -28.68 24.42 -10.13
C PRO F 945 -30.13 24.17 -10.47
N VAL F 946 -30.81 23.41 -9.60
CA VAL F 946 -32.24 23.13 -9.73
C VAL F 946 -32.89 23.44 -8.39
N ARG F 947 -34.19 23.70 -8.42
CA ARG F 947 -34.95 24.04 -7.23
C ARG F 947 -36.35 23.46 -7.34
N ILE F 948 -37.22 23.86 -6.42
CA ILE F 948 -38.60 23.39 -6.41
C ILE F 948 -39.47 24.32 -7.22
N GLY F 949 -40.20 23.76 -8.17
CA GLY F 949 -41.11 24.55 -8.97
C GLY F 949 -40.50 25.17 -10.21
N ASP F 950 -39.84 24.36 -11.03
CA ASP F 950 -39.29 24.82 -12.30
C ASP F 950 -39.17 23.64 -13.24
N THR F 951 -39.64 23.83 -14.47
CA THR F 951 -39.54 22.76 -15.47
C THR F 951 -38.09 22.47 -15.80
N VAL F 952 -37.77 21.19 -15.96
CA VAL F 952 -36.41 20.75 -16.23
C VAL F 952 -36.49 19.42 -16.96
N THR F 953 -35.54 19.21 -17.88
CA THR F 953 -35.44 17.98 -18.65
C THR F 953 -34.03 17.42 -18.50
N ILE F 954 -33.94 16.13 -18.19
CA ILE F 954 -32.67 15.42 -18.08
C ILE F 954 -32.82 14.11 -18.83
N GLY F 955 -32.14 14.01 -19.98
CA GLY F 955 -32.21 12.80 -20.78
C GLY F 955 -33.61 12.51 -21.31
N SER F 956 -34.25 13.54 -21.88
CA SER F 956 -35.59 13.46 -22.45
C SER F 956 -36.67 13.16 -21.42
N PHE F 957 -36.42 13.52 -20.16
CA PHE F 957 -37.40 13.38 -19.08
C PHE F 957 -37.77 14.77 -18.60
N SER F 958 -38.86 15.31 -19.14
CA SER F 958 -39.28 16.69 -18.87
C SER F 958 -40.32 16.70 -17.76
N GLY F 959 -40.14 17.59 -16.79
CA GLY F 959 -41.12 17.72 -15.73
C GLY F 959 -40.69 18.74 -14.70
N THR F 960 -41.55 18.92 -13.70
CA THR F 960 -41.33 19.90 -12.64
C THR F 960 -40.77 19.21 -11.40
N VAL F 961 -39.72 19.79 -10.83
CA VAL F 961 -39.09 19.18 -9.65
C VAL F 961 -39.98 19.41 -8.43
N SER F 962 -40.22 18.35 -7.67
CA SER F 962 -41.14 18.41 -6.55
C SER F 962 -40.53 18.08 -5.19
N LYS F 963 -39.33 17.50 -5.16
CA LYS F 963 -38.70 17.17 -3.88
C LYS F 963 -37.21 16.97 -4.09
N ILE F 964 -36.42 17.39 -3.10
CA ILE F 964 -34.97 17.20 -3.11
C ILE F 964 -34.61 16.56 -1.77
N ARG F 965 -34.24 15.29 -1.79
CA ARG F 965 -33.95 14.52 -0.58
C ARG F 965 -32.67 13.72 -0.79
N ILE F 966 -32.40 12.79 0.14
CA ILE F 966 -31.23 11.94 0.00
C ILE F 966 -31.37 11.07 -1.23
N ARG F 967 -30.36 11.11 -2.09
CA ARG F 967 -30.20 10.09 -3.12
C ARG F 967 -31.30 10.13 -4.18
N ALA F 968 -32.30 10.98 -3.98
CA ALA F 968 -33.46 10.95 -4.86
C ALA F 968 -34.01 12.36 -5.04
N THR F 969 -34.32 12.69 -6.29
CA THR F 969 -35.03 13.91 -6.62
C THR F 969 -36.22 13.52 -7.48
N THR F 970 -37.40 13.99 -7.11
CA THR F 970 -38.63 13.61 -7.79
C THR F 970 -38.97 14.66 -8.83
N ILE F 971 -39.22 14.20 -10.05
CA ILE F 971 -39.63 15.07 -11.16
C ILE F 971 -40.99 14.59 -11.61
N THR F 972 -42.00 15.42 -11.41
CA THR F 972 -43.35 15.12 -11.88
C THR F 972 -43.42 15.43 -13.37
N ASP F 973 -43.56 14.40 -14.19
CA ASP F 973 -43.62 14.56 -15.62
C ASP F 973 -44.99 15.08 -16.01
N PHE F 974 -45.08 15.65 -17.22
CA PHE F 974 -46.34 16.20 -17.70
C PHE F 974 -47.44 15.14 -17.77
N ASP F 975 -47.07 13.86 -17.86
CA ASP F 975 -48.02 12.76 -17.88
C ASP F 975 -48.35 12.26 -16.48
N ARG F 976 -48.02 13.03 -15.44
CA ARG F 976 -48.19 12.63 -14.06
C ARG F 976 -47.44 11.32 -13.78
N LYS F 977 -46.14 11.37 -14.06
CA LYS F 977 -45.28 10.20 -13.92
C LYS F 977 -44.03 10.66 -13.16
N GLU F 978 -43.90 10.20 -11.93
CA GLU F 978 -42.81 10.65 -11.07
C GLU F 978 -41.52 9.93 -11.42
N VAL F 979 -40.48 10.71 -11.71
CA VAL F 979 -39.16 10.21 -12.02
C VAL F 979 -38.29 10.39 -10.79
N ILE F 980 -37.67 9.31 -10.33
CA ILE F 980 -36.81 9.33 -9.16
C ILE F 980 -35.37 9.35 -9.70
N ILE F 981 -34.84 10.54 -9.90
CA ILE F 981 -33.48 10.69 -10.42
C ILE F 981 -32.50 10.60 -9.27
N PRO F 982 -31.44 9.80 -9.39
CA PRO F 982 -30.42 9.76 -8.33
C PRO F 982 -29.70 11.09 -8.20
N ASN F 983 -29.15 11.32 -7.01
CA ASN F 983 -28.60 12.63 -6.68
C ASN F 983 -27.36 12.97 -7.48
N LYS F 984 -26.51 11.98 -7.79
CA LYS F 984 -25.30 12.26 -8.53
C LYS F 984 -25.59 12.68 -9.97
N ALA F 985 -26.73 12.26 -10.51
CA ALA F 985 -27.04 12.55 -11.91
C ALA F 985 -27.20 14.05 -12.15
N PHE F 986 -27.80 14.76 -11.20
CA PHE F 986 -27.98 16.20 -11.35
C PHE F 986 -26.64 16.93 -11.44
N VAL F 987 -25.69 16.55 -10.59
CA VAL F 987 -24.38 17.20 -10.60
C VAL F 987 -23.59 16.80 -11.84
N THR F 988 -23.63 15.52 -12.21
CA THR F 988 -22.77 15.01 -13.28
C THR F 988 -23.33 15.26 -14.67
N GLU F 989 -24.63 15.08 -14.89
CA GLU F 989 -25.19 15.18 -16.22
C GLU F 989 -25.48 16.65 -16.56
N ARG F 990 -26.15 16.87 -17.68
CA ARG F 990 -26.47 18.21 -18.17
C ARG F 990 -27.95 18.48 -17.96
N LEU F 991 -28.27 19.61 -17.35
CA LEU F 991 -29.65 19.97 -17.06
C LEU F 991 -30.13 21.02 -18.03
N ILE F 992 -31.38 20.86 -18.48
CA ILE F 992 -32.06 21.88 -19.28
C ILE F 992 -33.06 22.55 -18.35
N ASN F 993 -32.64 23.63 -17.71
CA ASN F 993 -33.49 24.34 -16.74
C ASN F 993 -34.33 25.34 -17.51
N TRP F 994 -35.61 25.02 -17.70
CA TRP F 994 -36.48 25.91 -18.48
C TRP F 994 -36.66 27.24 -17.79
N SER F 995 -36.83 27.24 -16.47
CA SER F 995 -37.12 28.45 -15.70
C SER F 995 -36.01 28.63 -14.67
N LEU F 996 -35.00 29.43 -15.02
CA LEU F 996 -33.94 29.77 -14.10
C LEU F 996 -33.81 31.25 -13.82
N THR F 997 -33.92 32.10 -14.85
CA THR F 997 -33.82 33.54 -14.65
C THR F 997 -35.10 34.28 -15.04
N ASP F 998 -35.61 34.07 -16.25
CA ASP F 998 -36.71 34.88 -16.75
C ASP F 998 -37.99 34.09 -17.01
N THR F 999 -37.92 32.76 -17.02
CA THR F 999 -39.07 31.88 -17.29
C THR F 999 -39.63 32.12 -18.68
N THR F 1000 -38.99 32.98 -19.46
CA THR F 1000 -39.44 33.26 -20.81
C THR F 1000 -39.10 32.09 -21.73
N THR F 1001 -39.88 31.95 -22.80
CA THR F 1001 -39.59 30.93 -23.79
C THR F 1001 -40.04 31.46 -25.14
N ARG F 1002 -39.61 30.81 -26.21
CA ARG F 1002 -40.03 31.16 -27.55
C ARG F 1002 -40.60 29.93 -28.24
N LEU F 1003 -41.65 30.14 -29.04
CA LEU F 1003 -42.30 29.07 -29.76
C LEU F 1003 -42.36 29.42 -31.24
N VAL F 1004 -42.34 28.38 -32.06
CA VAL F 1004 -42.29 28.50 -33.50
C VAL F 1004 -43.51 27.82 -34.11
N ILE F 1005 -43.97 28.37 -35.23
CA ILE F 1005 -45.12 27.87 -35.95
C ILE F 1005 -44.72 27.63 -37.40
N ARG F 1006 -45.02 26.43 -37.91
CA ARG F 1006 -44.77 26.07 -39.29
C ARG F 1006 -45.97 26.45 -40.15
N LEU F 1007 -45.70 26.65 -41.44
CA LEU F 1007 -46.79 26.79 -42.40
C LEU F 1007 -46.26 26.48 -43.78
N GLY F 1008 -47.08 25.82 -44.59
CA GLY F 1008 -46.74 25.50 -45.96
C GLY F 1008 -47.61 26.28 -46.92
N VAL F 1009 -46.99 26.87 -47.94
CA VAL F 1009 -47.68 27.75 -48.87
C VAL F 1009 -47.46 27.24 -50.29
N ALA F 1010 -48.50 27.30 -51.11
CA ALA F 1010 -48.43 26.83 -52.48
C ALA F 1010 -47.48 27.69 -53.31
N TYR F 1011 -46.93 27.09 -54.36
CA TYR F 1011 -45.96 27.77 -55.22
C TYR F 1011 -46.48 28.96 -56.01
N GLY F 1012 -47.72 28.89 -56.48
CA GLY F 1012 -48.25 29.97 -57.29
C GLY F 1012 -48.95 31.06 -56.50
N SER F 1013 -48.36 31.49 -55.38
CA SER F 1013 -48.92 32.53 -54.54
C SER F 1013 -47.84 33.49 -54.09
N ASP F 1014 -48.31 34.67 -53.67
CA ASP F 1014 -47.51 35.80 -53.19
C ASP F 1014 -46.85 35.57 -51.87
N LEU F 1015 -45.67 36.17 -51.67
CA LEU F 1015 -44.95 35.94 -50.42
C LEU F 1015 -44.98 37.17 -49.53
N GLU F 1016 -45.97 38.03 -49.70
CA GLU F 1016 -46.12 39.19 -48.82
C GLU F 1016 -47.47 39.22 -48.12
N LYS F 1017 -48.55 38.85 -48.81
CA LYS F 1017 -49.83 38.68 -48.12
C LYS F 1017 -49.72 37.60 -47.06
N VAL F 1018 -49.00 36.52 -47.36
CA VAL F 1018 -48.79 35.48 -46.36
C VAL F 1018 -48.03 36.02 -45.16
N ARG F 1019 -47.00 36.84 -45.41
CA ARG F 1019 -46.22 37.41 -44.32
C ARG F 1019 -47.07 38.30 -43.45
N LYS F 1020 -47.89 39.16 -44.07
CA LYS F 1020 -48.75 40.05 -43.28
C LYS F 1020 -49.80 39.27 -42.50
N VAL F 1021 -50.34 38.19 -43.10
CA VAL F 1021 -51.31 37.37 -42.40
C VAL F 1021 -50.68 36.71 -41.19
N LEU F 1022 -49.48 36.17 -41.36
CA LEU F 1022 -48.80 35.52 -40.24
C LEU F 1022 -48.47 36.52 -39.14
N LEU F 1023 -48.02 37.72 -39.51
CA LEU F 1023 -47.66 38.70 -38.50
C LEU F 1023 -48.86 39.31 -37.79
N LYS F 1024 -50.03 39.34 -38.46
CA LYS F 1024 -51.23 39.87 -37.82
C LYS F 1024 -51.60 39.08 -36.58
N ALA F 1025 -51.55 37.75 -36.68
CA ALA F 1025 -51.90 36.91 -35.55
C ALA F 1025 -50.98 37.15 -34.36
N ALA F 1026 -49.68 37.27 -34.61
CA ALA F 1026 -48.73 37.52 -33.54
C ALA F 1026 -48.93 38.90 -32.94
N THR F 1027 -49.18 39.91 -33.76
CA THR F 1027 -49.32 41.27 -33.25
C THR F 1027 -50.58 41.44 -32.42
N GLU F 1028 -51.71 40.87 -32.88
CA GLU F 1028 -52.98 41.06 -32.21
C GLU F 1028 -53.31 39.94 -31.22
N HIS F 1029 -52.30 39.34 -30.60
CA HIS F 1029 -52.51 38.33 -29.59
C HIS F 1029 -52.08 38.86 -28.23
N PRO F 1030 -52.96 38.92 -27.24
CA PRO F 1030 -52.61 39.57 -25.97
C PRO F 1030 -51.61 38.79 -25.13
N ARG F 1031 -51.13 37.65 -25.64
CA ARG F 1031 -50.20 36.82 -24.89
C ARG F 1031 -48.83 36.68 -25.56
N VAL F 1032 -48.53 37.54 -26.53
CA VAL F 1032 -47.26 37.49 -27.24
C VAL F 1032 -46.47 38.72 -26.87
N MET F 1033 -45.22 38.53 -26.44
CA MET F 1033 -44.40 39.64 -25.99
C MET F 1033 -44.11 40.61 -27.13
N HIS F 1034 -43.53 41.74 -26.77
CA HIS F 1034 -43.21 42.77 -27.75
C HIS F 1034 -41.75 43.20 -27.76
N GLU F 1035 -41.04 43.10 -26.64
CA GLU F 1035 -39.63 43.46 -26.65
C GLU F 1035 -38.82 42.56 -27.56
N PRO F 1036 -38.94 41.22 -27.50
CA PRO F 1036 -38.46 40.40 -28.62
C PRO F 1036 -39.55 40.27 -29.68
N MET F 1037 -39.68 41.28 -30.53
CA MET F 1037 -40.82 41.36 -31.43
C MET F 1037 -40.88 40.13 -32.32
N PRO F 1038 -42.07 39.55 -32.53
CA PRO F 1038 -42.18 38.39 -33.41
C PRO F 1038 -41.77 38.72 -34.84
N GLU F 1039 -41.19 37.74 -35.51
CA GLU F 1039 -40.75 37.88 -36.87
C GLU F 1039 -41.32 36.75 -37.70
N VAL F 1040 -41.28 36.90 -39.01
CA VAL F 1040 -41.71 35.87 -39.95
C VAL F 1040 -40.55 35.56 -40.88
N PHE F 1041 -40.32 34.26 -41.11
CA PHE F 1041 -39.20 33.81 -41.92
C PHE F 1041 -39.71 32.91 -43.04
N PHE F 1042 -39.00 32.96 -44.17
CA PHE F 1042 -39.19 32.06 -45.31
C PHE F 1042 -37.87 31.32 -45.47
N THR F 1043 -37.78 30.12 -44.92
CA THR F 1043 -36.50 29.47 -44.71
C THR F 1043 -36.30 28.19 -45.52
N ALA F 1044 -37.30 27.75 -46.27
CA ALA F 1044 -37.10 26.51 -47.02
C ALA F 1044 -37.94 26.39 -48.27
N PHE F 1045 -37.32 25.93 -49.35
CA PHE F 1045 -38.05 25.70 -50.57
C PHE F 1045 -38.40 24.23 -50.42
N GLY F 1046 -39.68 23.95 -50.16
CA GLY F 1046 -40.11 22.59 -49.96
C GLY F 1046 -40.39 21.88 -51.26
N ALA F 1047 -40.33 20.55 -51.21
CA ALA F 1047 -40.61 19.75 -52.38
C ALA F 1047 -41.96 20.09 -53.00
N SER F 1048 -42.94 20.46 -52.18
CA SER F 1048 -44.24 20.87 -52.70
C SER F 1048 -44.76 22.18 -52.12
N THR F 1049 -44.31 22.61 -50.94
CA THR F 1049 -44.77 23.84 -50.34
C THR F 1049 -43.58 24.65 -49.84
N LEU F 1050 -43.60 25.95 -50.10
CA LEU F 1050 -42.64 26.85 -49.48
C LEU F 1050 -42.92 26.89 -47.97
N ASP F 1051 -41.86 26.83 -47.18
CA ASP F 1051 -41.99 26.73 -45.73
C ASP F 1051 -41.81 28.09 -45.10
N HIS F 1052 -42.82 28.53 -44.35
CA HIS F 1052 -42.75 29.76 -43.57
C HIS F 1052 -42.70 29.40 -42.08
N GLU F 1053 -41.84 30.10 -41.35
CA GLU F 1053 -41.63 29.84 -39.94
C GLU F 1053 -41.86 31.13 -39.15
N LEU F 1054 -42.66 31.04 -38.10
CA LEU F 1054 -42.97 32.19 -37.25
C LEU F 1054 -42.40 31.96 -35.87
N ARG F 1055 -41.66 32.94 -35.35
CA ARG F 1055 -41.06 32.86 -34.02
C ARG F 1055 -41.69 33.93 -33.14
N LEU F 1056 -42.13 33.54 -31.94
CA LEU F 1056 -42.69 34.53 -31.04
C LEU F 1056 -42.47 34.09 -29.61
N TYR F 1057 -42.31 35.07 -28.72
CA TYR F 1057 -41.94 34.81 -27.34
C TYR F 1057 -43.15 34.89 -26.42
N VAL F 1058 -43.09 34.13 -25.33
CA VAL F 1058 -44.13 34.08 -24.32
C VAL F 1058 -43.48 34.10 -22.94
N ARG F 1059 -44.10 34.82 -22.01
CA ARG F 1059 -43.55 34.99 -20.67
C ARG F 1059 -43.84 33.78 -19.78
N GLU F 1060 -45.12 33.49 -19.56
CA GLU F 1060 -45.50 32.40 -18.69
C GLU F 1060 -45.26 31.06 -19.37
N LEU F 1061 -44.73 30.10 -18.60
CA LEU F 1061 -44.46 28.78 -19.15
C LEU F 1061 -45.75 28.05 -19.48
N ARG F 1062 -46.77 28.17 -18.63
CA ARG F 1062 -48.03 27.47 -18.83
C ARG F 1062 -48.84 28.00 -20.00
N ASP F 1063 -48.44 29.12 -20.58
CA ASP F 1063 -49.16 29.74 -21.68
C ASP F 1063 -48.75 29.15 -23.02
N ARG F 1064 -47.72 28.29 -23.03
CA ARG F 1064 -47.15 27.80 -24.28
C ARG F 1064 -48.18 27.05 -25.12
N SER F 1065 -48.92 26.13 -24.51
CA SER F 1065 -49.80 25.26 -25.30
C SER F 1065 -51.02 26.00 -25.82
N ARG F 1066 -51.64 26.84 -24.99
CA ARG F 1066 -52.84 27.57 -25.43
C ARG F 1066 -52.51 28.53 -26.57
N THR F 1067 -51.36 29.21 -26.47
CA THR F 1067 -51.00 30.23 -27.46
C THR F 1067 -50.88 29.62 -28.85
N VAL F 1068 -50.26 28.45 -28.95
CA VAL F 1068 -50.11 27.80 -30.25
C VAL F 1068 -51.48 27.47 -30.83
N ASP F 1069 -52.39 26.98 -30.00
CA ASP F 1069 -53.73 26.65 -30.48
C ASP F 1069 -54.46 27.88 -31.01
N GLU F 1070 -54.48 28.96 -30.22
CA GLU F 1070 -55.18 30.16 -30.66
C GLU F 1070 -54.55 30.73 -31.92
N LEU F 1071 -53.22 30.77 -31.97
CA LEU F 1071 -52.54 31.30 -33.13
C LEU F 1071 -52.84 30.48 -34.37
N ASN F 1072 -52.86 29.15 -34.25
CA ASN F 1072 -53.17 28.31 -35.40
C ASN F 1072 -54.59 28.52 -35.87
N ARG F 1073 -55.54 28.65 -34.94
CA ARG F 1073 -56.92 28.88 -35.32
C ARG F 1073 -57.08 30.20 -36.07
N THR F 1074 -56.50 31.28 -35.53
CA THR F 1074 -56.65 32.56 -36.20
C THR F 1074 -55.87 32.61 -37.51
N ILE F 1075 -54.75 31.88 -37.59
CA ILE F 1075 -54.00 31.83 -38.84
C ILE F 1075 -54.80 31.11 -39.91
N ASP F 1076 -55.49 30.02 -39.55
CA ASP F 1076 -56.34 29.33 -40.52
C ASP F 1076 -57.50 30.21 -40.95
N GLN F 1077 -58.09 30.95 -40.01
CA GLN F 1077 -59.18 31.85 -40.36
C GLN F 1077 -58.70 32.91 -41.35
N LEU F 1078 -57.57 33.56 -41.05
CA LEU F 1078 -57.03 34.55 -41.96
C LEU F 1078 -56.61 33.93 -43.28
N CYS F 1079 -56.22 32.65 -43.26
CA CYS F 1079 -55.85 31.95 -44.48
C CYS F 1079 -57.03 31.80 -45.41
N ARG F 1080 -58.16 31.34 -44.89
CA ARG F 1080 -59.35 31.25 -45.73
C ARG F 1080 -59.94 32.61 -46.03
N GLU F 1081 -59.59 33.63 -45.27
CA GLU F 1081 -60.09 34.98 -45.53
C GLU F 1081 -59.34 35.63 -46.69
N ASN F 1082 -58.03 35.82 -46.54
CA ASN F 1082 -57.22 36.50 -47.55
C ASN F 1082 -57.05 35.67 -48.82
N ASP F 1083 -57.47 34.40 -48.80
CA ASP F 1083 -57.40 33.51 -49.97
C ASP F 1083 -55.95 33.35 -50.42
N ILE F 1084 -55.17 32.73 -49.53
CA ILE F 1084 -53.84 32.22 -49.85
C ILE F 1084 -53.85 30.73 -49.55
N ASN F 1085 -53.45 29.92 -50.53
CA ASN F 1085 -53.71 28.49 -50.51
C ASN F 1085 -52.63 27.77 -49.72
N ILE F 1086 -53.05 26.90 -48.82
CA ILE F 1086 -52.15 25.94 -48.18
C ILE F 1086 -52.26 24.64 -48.94
N ALA F 1087 -51.18 24.24 -49.61
CA ALA F 1087 -51.21 23.17 -50.58
C ALA F 1087 -50.79 21.84 -49.98
N PHE F 1088 -51.34 20.77 -50.53
CA PHE F 1088 -50.99 19.41 -50.15
C PHE F 1088 -49.82 19.01 -51.04
N ASN F 1089 -49.10 17.97 -50.65
CA ASN F 1089 -47.96 17.51 -51.42
C ASN F 1089 -48.42 17.12 -52.83
N GLN F 1090 -47.73 17.65 -53.84
CA GLN F 1090 -48.14 17.47 -55.23
C GLN F 1090 -47.09 16.68 -55.98
N LEU F 1091 -47.48 16.20 -57.17
CA LEU F 1091 -46.58 15.46 -58.04
C LEU F 1091 -47.20 15.38 -59.43
N GLU F 1092 -46.34 15.41 -60.45
CA GLU F 1092 -46.77 15.39 -61.84
C GLU F 1092 -46.61 14.00 -62.43
N VAL F 1093 -47.54 13.61 -63.28
CA VAL F 1093 -47.59 12.27 -63.86
C VAL F 1093 -47.54 12.40 -65.37
N HIS F 1094 -46.65 11.63 -65.99
CA HIS F 1094 -46.52 11.59 -67.45
C HIS F 1094 -47.15 10.28 -67.93
N LEU F 1095 -48.46 10.33 -68.15
CA LEU F 1095 -49.20 9.14 -68.53
C LEU F 1095 -48.91 8.75 -69.98
N HIS F 1096 -48.89 7.45 -70.24
CA HIS F 1096 -48.91 6.92 -71.60
C HIS F 1096 -49.57 5.55 -71.55
N ASN F 1097 -50.52 5.31 -72.45
CA ASN F 1097 -51.27 4.07 -72.43
C ASN F 1097 -50.94 3.17 -73.62
N LEU G 286 -18.08 -50.33 87.25
CA LEU G 286 -17.58 -49.19 86.51
C LEU G 286 -16.15 -49.43 86.02
N VAL G 287 -15.26 -49.81 86.94
CA VAL G 287 -13.87 -50.07 86.57
C VAL G 287 -13.75 -51.36 85.77
N LYS G 288 -14.66 -52.31 85.96
CA LYS G 288 -14.60 -53.56 85.20
C LYS G 288 -14.78 -53.31 83.71
N GLN G 289 -15.70 -52.41 83.35
CA GLN G 289 -15.90 -52.08 81.94
C GLN G 289 -14.65 -51.45 81.34
N GLU G 290 -14.01 -50.54 82.08
CA GLU G 290 -12.77 -49.94 81.59
C GLU G 290 -11.68 -50.97 81.42
N LEU G 291 -11.57 -51.90 82.38
CA LEU G 291 -10.56 -52.95 82.27
C LEU G 291 -10.82 -53.84 81.06
N GLU G 292 -12.08 -54.19 80.83
CA GLU G 292 -12.43 -55.00 79.66
C GLU G 292 -12.12 -54.27 78.37
N ILE G 293 -12.41 -52.97 78.31
CA ILE G 293 -12.09 -52.18 77.13
C ILE G 293 -10.59 -52.12 76.91
N ASN G 294 -9.82 -51.95 77.98
CA ASN G 294 -8.36 -51.93 77.85
C ASN G 294 -7.83 -53.27 77.35
N GLN G 295 -8.39 -54.38 77.86
CA GLN G 295 -7.97 -55.70 77.40
C GLN G 295 -8.30 -55.89 75.93
N GLN G 296 -9.49 -55.45 75.50
CA GLN G 296 -9.86 -55.56 74.10
C GLN G 296 -8.94 -54.73 73.23
N LEU G 297 -8.60 -53.52 73.67
CA LEU G 297 -7.68 -52.67 72.92
C LEU G 297 -6.31 -53.31 72.82
N SER G 298 -5.82 -53.92 73.90
CA SER G 298 -4.53 -54.59 73.88
C SER G 298 -4.54 -55.77 72.93
N GLN G 299 -5.60 -56.57 72.96
CA GLN G 299 -5.70 -57.70 72.04
C GLN G 299 -5.75 -57.24 70.58
N ARG G 300 -6.52 -56.17 70.32
CA ARG G 300 -6.59 -55.64 68.96
C ARG G 300 -5.23 -55.12 68.51
N LEU G 301 -4.50 -54.45 69.41
CA LEU G 301 -3.17 -53.96 69.06
C LEU G 301 -2.21 -55.10 68.78
N ILE G 302 -2.28 -56.16 69.57
CA ILE G 302 -1.41 -57.32 69.34
C ILE G 302 -1.71 -57.98 68.00
N THR G 303 -2.99 -58.17 67.69
CA THR G 303 -3.36 -58.75 66.41
C THR G 303 -2.93 -57.87 65.25
N ALA G 304 -3.12 -56.55 65.39
CA ALA G 304 -2.70 -55.63 64.34
C ALA G 304 -1.19 -55.65 64.14
N THR G 305 -0.43 -55.73 65.24
CA THR G 305 1.02 -55.79 65.13
C THR G 305 1.47 -57.07 64.45
N GLU G 306 0.83 -58.20 64.78
CA GLU G 306 1.18 -59.45 64.13
C GLU G 306 0.87 -59.39 62.63
N ASN G 307 -0.30 -58.85 62.27
CA ASN G 307 -0.64 -58.71 60.87
C ASN G 307 0.32 -57.77 60.15
N GLY G 308 0.73 -56.69 60.84
CA GLY G 308 1.69 -55.77 60.25
C GLY G 308 3.03 -56.43 60.01
N ASN G 309 3.49 -57.25 60.96
CA ASN G 309 4.75 -57.96 60.76
C ASN G 309 4.67 -58.94 59.60
N GLN G 310 3.57 -59.68 59.51
CA GLN G 310 3.40 -60.58 58.38
C GLN G 310 3.37 -59.82 57.06
N LEU G 311 2.66 -58.69 57.03
CA LEU G 311 2.58 -57.89 55.81
C LEU G 311 3.94 -57.30 55.45
N MET G 312 4.72 -56.89 56.45
CA MET G 312 6.04 -56.36 56.19
C MET G 312 6.95 -57.45 55.62
N GLN G 313 6.87 -58.66 56.16
CA GLN G 313 7.66 -59.76 55.62
C GLN G 313 7.28 -60.04 54.17
N GLN G 314 5.97 -60.10 53.89
CA GLN G 314 5.50 -60.34 52.53
C GLN G 314 5.94 -59.23 51.60
N ASN G 315 5.86 -57.98 52.07
CA ASN G 315 6.27 -56.83 51.26
C ASN G 315 7.77 -56.88 50.96
N ILE G 316 8.56 -57.27 51.95
CA ILE G 316 10.00 -57.39 51.72
C ILE G 316 10.31 -58.47 50.69
N LYS G 317 9.62 -59.62 50.79
CA LYS G 317 9.82 -60.67 49.79
C LYS G 317 9.41 -60.18 48.41
N VAL G 318 8.28 -59.47 48.33
CA VAL G 318 7.82 -58.95 47.05
C VAL G 318 8.81 -57.93 46.49
N LYS G 319 9.39 -57.09 47.35
CA LYS G 319 10.36 -56.10 46.89
C LYS G 319 11.62 -56.78 46.36
N ASN G 320 12.08 -57.82 47.05
CA ASN G 320 13.24 -58.55 46.57
C ASN G 320 12.96 -59.19 45.21
N TRP G 321 11.81 -59.84 45.08
CA TRP G 321 11.45 -60.43 43.80
C TRP G 321 11.31 -59.37 42.71
N LEU G 322 10.78 -58.19 43.07
CA LEU G 322 10.59 -57.13 42.08
C LEU G 322 11.91 -56.55 41.63
N GLU G 323 12.86 -56.37 42.55
CA GLU G 323 14.18 -55.92 42.16
C GLU G 323 14.84 -56.93 41.23
N ARG G 324 14.73 -58.22 41.58
CA ARG G 324 15.29 -59.26 40.72
C ARG G 324 14.65 -59.21 39.33
N ALA G 325 13.33 -59.03 39.29
CA ALA G 325 12.62 -58.97 38.01
C ALA G 325 13.04 -57.75 37.20
N LEU G 326 13.21 -56.60 37.86
CA LEU G 326 13.63 -55.40 37.15
C LEU G 326 15.01 -55.59 36.55
N GLN G 327 15.94 -56.15 37.33
CA GLN G 327 17.28 -56.42 36.82
C GLN G 327 17.23 -57.38 35.64
N SER G 328 16.43 -58.45 35.77
CA SER G 328 16.33 -59.43 34.70
C SER G 328 15.72 -58.83 33.44
N GLU G 329 14.71 -57.97 33.60
CA GLU G 329 14.08 -57.35 32.44
C GLU G 329 15.03 -56.40 31.74
N ARG G 330 15.78 -55.61 32.51
CA ARG G 330 16.78 -54.75 31.89
C ARG G 330 17.83 -55.58 31.15
N ASN G 331 18.26 -56.68 31.76
CA ASN G 331 19.25 -57.54 31.12
C ASN G 331 18.70 -58.15 29.83
N ILE G 332 17.44 -58.58 29.87
CA ILE G 332 16.83 -59.17 28.67
C ILE G 332 16.69 -58.14 27.57
N LYS G 333 16.31 -56.90 27.92
CA LYS G 333 16.21 -55.85 26.92
C LYS G 333 17.58 -55.58 26.29
N GLU G 334 18.61 -55.49 27.11
CA GLU G 334 19.95 -55.28 26.58
C GLU G 334 20.38 -56.42 25.68
N GLN G 335 20.09 -57.65 26.08
CA GLN G 335 20.46 -58.81 25.28
C GLN G 335 19.74 -58.80 23.94
N ILE G 336 18.41 -58.64 23.96
CA ILE G 336 17.64 -58.60 22.73
C ILE G 336 18.06 -57.44 21.85
N ALA G 337 18.62 -56.38 22.45
CA ALA G 337 19.19 -55.31 21.64
C ALA G 337 20.40 -55.80 20.85
N VAL G 338 21.00 -56.92 21.25
CA VAL G 338 22.18 -57.45 20.58
C VAL G 338 22.12 -58.93 20.28
N LEU G 339 21.07 -59.64 20.67
CA LEU G 339 20.93 -61.06 20.42
C LEU G 339 19.96 -61.36 19.28
N LYS G 340 19.97 -60.53 18.25
CA LYS G 340 19.07 -60.74 17.11
C LYS G 340 19.43 -62.00 16.36
N GLY G 341 18.39 -62.70 15.88
CA GLY G 341 18.55 -63.91 15.06
C GLY G 341 19.34 -64.99 15.82
N SER G 342 18.77 -65.43 16.93
CA SER G 342 19.36 -66.49 17.75
C SER G 342 18.27 -67.50 18.11
N LEU G 343 18.36 -68.69 17.53
CA LEU G 343 17.36 -69.72 17.81
C LEU G 343 17.40 -70.13 19.28
N LEU G 344 18.59 -70.33 19.83
CA LEU G 344 18.72 -70.71 21.22
C LEU G 344 18.23 -69.62 22.15
N LEU G 345 18.16 -68.37 21.68
CA LEU G 345 17.61 -67.30 22.51
C LEU G 345 16.17 -67.56 22.87
N SER G 346 15.47 -68.37 22.07
CA SER G 346 14.13 -68.80 22.45
C SER G 346 14.16 -69.61 23.74
N ARG G 347 15.14 -70.51 23.87
CA ARG G 347 15.28 -71.27 25.10
C ARG G 347 15.61 -70.35 26.28
N ILE G 348 16.46 -69.35 26.05
CA ILE G 348 16.80 -68.41 27.11
C ILE G 348 15.57 -67.63 27.55
N LEU G 349 14.76 -67.20 26.58
CA LEU G 349 13.52 -66.49 26.90
C LEU G 349 12.55 -67.38 27.65
N TYR G 350 12.47 -68.66 27.28
CA TYR G 350 11.62 -69.60 28.00
C TYR G 350 12.09 -69.77 29.44
N GLN G 351 13.40 -69.87 29.63
CA GLN G 351 13.95 -69.95 30.98
C GLN G 351 13.64 -68.68 31.77
N GLN G 352 13.79 -67.52 31.15
CA GLN G 352 13.53 -66.25 31.82
C GLN G 352 12.06 -66.15 32.23
N GLN G 353 11.16 -66.53 31.32
CA GLN G 353 9.74 -66.54 31.64
C GLN G 353 9.43 -67.52 32.76
N GLN G 354 10.06 -68.70 32.74
CA GLN G 354 9.89 -69.65 33.83
C GLN G 354 10.41 -69.10 35.15
N THR G 355 11.42 -68.22 35.10
CA THR G 355 11.96 -67.61 36.30
C THR G 355 11.03 -66.53 36.85
N LEU G 356 10.21 -65.91 36.01
CA LEU G 356 9.31 -64.86 36.46
C LEU G 356 8.33 -65.39 37.49
N PRO G 357 8.18 -64.66 38.58
CA PRO G 357 7.23 -65.03 39.62
C PRO G 357 5.81 -64.70 39.18
N SER G 358 4.84 -65.38 39.80
CA SER G 358 3.43 -65.21 39.47
C SER G 358 2.86 -64.03 40.24
N ALA G 359 2.43 -62.99 39.52
CA ALA G 359 1.85 -61.81 40.13
C ALA G 359 0.37 -61.97 40.44
N ASP G 360 -0.25 -63.09 40.02
CA ASP G 360 -1.66 -63.30 40.29
C ASP G 360 -1.94 -63.51 41.77
N GLU G 361 -0.92 -63.81 42.56
CA GLU G 361 -1.06 -64.03 44.00
C GLU G 361 -1.16 -62.73 44.79
N LEU G 362 -1.18 -61.58 44.11
CA LEU G 362 -1.28 -60.30 44.79
C LEU G 362 -2.64 -60.14 45.45
N GLU G 363 -2.65 -59.71 46.70
CA GLU G 363 -3.89 -59.50 47.46
C GLU G 363 -4.23 -58.01 47.42
N ASN G 364 -5.28 -57.67 46.68
CA ASN G 364 -5.70 -56.27 46.57
C ASN G 364 -6.36 -55.83 47.87
N MET G 365 -5.56 -55.59 48.89
CA MET G 365 -6.05 -55.23 50.22
C MET G 365 -6.32 -53.74 50.37
N THR G 366 -6.57 -53.04 49.26
CA THR G 366 -6.89 -51.62 49.34
C THR G 366 -8.10 -51.38 50.23
N ASN G 367 -9.07 -52.30 50.22
CA ASN G 367 -10.20 -52.20 51.14
C ASN G 367 -9.73 -52.31 52.58
N ARG G 368 -8.79 -53.22 52.85
CA ARG G 368 -8.20 -53.29 54.19
C ARG G 368 -7.46 -52.01 54.55
N ILE G 369 -6.85 -51.35 53.56
CA ILE G 369 -6.20 -50.07 53.81
C ILE G 369 -7.21 -49.01 54.23
N ALA G 370 -8.35 -48.96 53.54
CA ALA G 370 -9.41 -48.04 53.95
C ALA G 370 -9.94 -48.39 55.34
N ASP G 371 -10.06 -49.69 55.64
CA ASP G 371 -10.50 -50.09 56.97
C ASP G 371 -9.51 -49.64 58.03
N LEU G 372 -8.21 -49.76 57.74
CA LEU G 372 -7.20 -49.30 58.67
C LEU G 372 -7.26 -47.79 58.86
N ARG G 373 -7.49 -47.05 57.76
CA ARG G 373 -7.62 -45.60 57.88
C ARG G 373 -8.82 -45.22 58.73
N LEU G 374 -9.95 -45.90 58.52
CA LEU G 374 -11.14 -45.63 59.34
C LEU G 374 -10.89 -45.98 60.80
N GLU G 375 -10.22 -47.10 61.06
CA GLU G 375 -9.91 -47.48 62.43
C GLU G 375 -8.99 -46.46 63.10
N GLN G 376 -8.01 -45.95 62.35
CA GLN G 376 -7.13 -44.92 62.90
C GLN G 376 -7.88 -43.64 63.19
N PHE G 377 -8.80 -43.24 62.30
CA PHE G 377 -9.61 -42.06 62.57
C PHE G 377 -10.48 -42.26 63.81
N GLU G 378 -11.05 -43.46 63.96
CA GLU G 378 -11.85 -43.75 65.13
C GLU G 378 -11.01 -43.70 66.41
N VAL G 379 -9.79 -44.24 66.35
CA VAL G 379 -8.90 -44.19 67.50
C VAL G 379 -8.53 -42.75 67.84
N ASN G 380 -8.29 -41.93 66.83
CA ASN G 380 -8.01 -40.52 67.07
C ASN G 380 -9.19 -39.82 67.72
N GLN G 381 -10.41 -40.13 67.25
CA GLN G 381 -11.60 -39.54 67.85
C GLN G 381 -11.75 -39.98 69.31
N GLN G 382 -11.51 -41.26 69.58
CA GLN G 382 -11.61 -41.75 70.94
C GLN G 382 -10.57 -41.11 71.85
N ARG G 383 -9.35 -40.94 71.35
CA ARG G 383 -8.31 -40.28 72.13
C ARG G 383 -8.66 -38.82 72.40
N ASP G 384 -9.21 -38.13 71.39
CA ASP G 384 -9.64 -36.75 71.59
C ASP G 384 -10.75 -36.66 72.62
N ALA G 385 -11.69 -37.62 72.59
CA ALA G 385 -12.73 -37.66 73.61
C ALA G 385 -12.16 -37.95 74.99
N LEU G 386 -11.10 -38.75 75.06
CA LEU G 386 -10.45 -39.08 76.32
C LEU G 386 -9.23 -38.21 76.60
N PHE G 387 -9.04 -37.12 75.84
CA PHE G 387 -7.90 -36.25 76.08
C PHE G 387 -7.96 -35.60 77.46
N GLN G 388 -9.14 -35.14 77.87
CA GLN G 388 -9.35 -34.55 79.18
C GLN G 388 -9.75 -35.67 80.14
N SER G 389 -8.76 -36.21 80.86
CA SER G 389 -9.01 -37.32 81.78
C SER G 389 -9.95 -36.90 82.91
N ASP G 390 -9.72 -35.71 83.48
CA ASP G 390 -10.58 -35.25 84.58
C ASP G 390 -12.02 -35.03 84.11
N ALA G 391 -12.20 -34.41 82.94
CA ALA G 391 -13.55 -34.19 82.42
C ALA G 391 -14.24 -35.51 82.12
N PHE G 392 -13.51 -36.46 81.53
CA PHE G 392 -14.09 -37.77 81.24
C PHE G 392 -14.49 -38.49 82.53
N VAL G 393 -13.64 -38.41 83.55
CA VAL G 393 -13.96 -39.05 84.83
C VAL G 393 -15.18 -38.40 85.47
N ASN G 394 -15.27 -37.07 85.40
CA ASN G 394 -16.44 -36.38 85.95
C ASN G 394 -17.71 -36.75 85.20
N LYS G 395 -17.63 -36.86 83.87
CA LYS G 395 -18.79 -37.25 83.09
C LYS G 395 -19.22 -38.69 83.40
N LEU G 396 -18.25 -39.60 83.55
CA LEU G 396 -18.57 -40.97 83.87
C LEU G 396 -19.14 -41.11 85.28
N GLU G 397 -18.66 -40.30 86.22
CA GLU G 397 -19.15 -40.37 87.59
C GLU G 397 -20.55 -39.81 87.76
N GLU G 398 -21.10 -39.16 86.73
CA GLU G 398 -22.45 -38.63 86.82
C GLU G 398 -23.46 -39.76 86.99
N GLY G 399 -24.46 -39.52 87.85
CA GLY G 399 -25.49 -40.49 88.18
C GLY G 399 -24.93 -41.78 88.76
N HIS G 400 -23.71 -41.73 89.31
CA HIS G 400 -23.08 -42.89 89.91
C HIS G 400 -22.35 -42.53 91.20
N THR G 401 -22.83 -41.50 91.90
CA THR G 401 -22.18 -41.07 93.13
C THR G 401 -22.35 -42.09 94.26
N ASN G 402 -23.32 -42.98 94.15
CA ASN G 402 -23.54 -43.99 95.18
C ASN G 402 -22.47 -45.08 95.17
N GLU G 403 -21.72 -45.21 94.07
CA GLU G 403 -20.66 -46.20 93.96
C GLU G 403 -19.31 -45.57 93.69
N VAL G 404 -19.21 -44.25 93.71
CA VAL G 404 -17.96 -43.54 93.46
C VAL G 404 -17.43 -42.96 94.76
N ASN G 405 -16.16 -43.22 95.05
CA ASN G 405 -15.51 -42.72 96.25
C ASN G 405 -14.21 -42.04 95.85
N SER G 406 -13.40 -41.68 96.86
CA SER G 406 -12.11 -41.06 96.59
C SER G 406 -11.19 -41.99 95.83
N GLU G 407 -11.16 -43.28 96.22
CA GLU G 407 -10.33 -44.25 95.51
C GLU G 407 -10.91 -44.58 94.14
N VAL G 408 -12.25 -44.58 94.03
CA VAL G 408 -12.88 -44.91 92.75
C VAL G 408 -12.54 -43.88 91.68
N HIS G 409 -12.53 -42.59 92.04
CA HIS G 409 -12.18 -41.55 91.08
C HIS G 409 -10.74 -41.71 90.61
N ASP G 410 -9.81 -41.97 91.52
CA ASP G 410 -8.42 -42.17 91.13
C ASP G 410 -8.26 -43.40 90.26
N ALA G 411 -8.95 -44.49 90.59
CA ALA G 411 -8.89 -45.69 89.76
C ALA G 411 -9.43 -45.43 88.37
N LEU G 412 -10.54 -44.70 88.27
CA LEU G 412 -11.10 -44.36 86.97
C LEU G 412 -10.15 -43.49 86.17
N LEU G 413 -9.51 -42.51 86.82
CA LEU G 413 -8.55 -41.66 86.12
C LEU G 413 -7.36 -42.48 85.61
N GLN G 414 -6.85 -43.38 86.44
CA GLN G 414 -5.73 -44.23 86.02
C GLN G 414 -6.13 -45.14 84.87
N VAL G 415 -7.34 -45.70 84.93
CA VAL G 415 -7.81 -46.56 83.84
C VAL G 415 -7.97 -45.76 82.55
N VAL G 416 -8.49 -44.54 82.64
CA VAL G 416 -8.61 -43.70 81.46
C VAL G 416 -7.25 -43.36 80.87
N ASP G 417 -6.27 -43.05 81.73
CA ASP G 417 -4.93 -42.75 81.25
C ASP G 417 -4.31 -43.97 80.56
N MET G 418 -4.46 -45.15 81.17
CA MET G 418 -3.92 -46.36 80.57
C MET G 418 -4.60 -46.67 79.24
N ARG G 419 -5.92 -46.50 79.17
CA ARG G 419 -6.63 -46.71 77.93
C ARG G 419 -6.18 -45.75 76.84
N ARG G 420 -5.96 -44.48 77.22
CA ARG G 420 -5.47 -43.50 76.27
C ARG G 420 -4.08 -43.86 75.75
N GLU G 421 -3.20 -44.30 76.66
CA GLU G 421 -1.86 -44.70 76.25
C GLU G 421 -1.89 -45.91 75.31
N LEU G 422 -2.71 -46.90 75.65
CA LEU G 422 -2.84 -48.08 74.79
C LEU G 422 -3.42 -47.71 73.44
N LEU G 423 -4.41 -46.82 73.42
CA LEU G 423 -5.00 -46.37 72.16
C LEU G 423 -3.97 -45.64 71.32
N ASP G 424 -3.15 -44.79 71.95
CA ASP G 424 -2.10 -44.10 71.20
C ASP G 424 -1.09 -45.08 70.61
N GLN G 425 -0.69 -46.08 71.40
CA GLN G 425 0.25 -47.08 70.90
C GLN G 425 -0.35 -47.86 69.73
N LEU G 426 -1.61 -48.28 69.87
CA LEU G 426 -2.28 -49.01 68.80
C LEU G 426 -2.44 -48.14 67.56
N ASN G 427 -2.73 -46.85 67.74
CA ASN G 427 -2.87 -45.94 66.61
C ASN G 427 -1.55 -45.77 65.88
N LYS G 428 -0.45 -45.63 66.62
CA LYS G 428 0.86 -45.54 65.98
C LYS G 428 1.18 -46.82 65.23
N GLN G 429 0.91 -47.97 65.83
CA GLN G 429 1.16 -49.24 65.15
C GLN G 429 0.31 -49.36 63.89
N LEU G 430 -0.95 -48.96 63.97
CA LEU G 430 -1.84 -49.05 62.81
C LEU G 430 -1.40 -48.10 61.70
N GLY G 431 -0.96 -46.89 62.06
CA GLY G 431 -0.48 -45.96 61.06
C GLY G 431 0.78 -46.47 60.37
N ASN G 432 1.69 -47.05 61.15
CA ASN G 432 2.89 -47.64 60.56
C ASN G 432 2.52 -48.80 59.64
N GLN G 433 1.59 -49.64 60.08
CA GLN G 433 1.13 -50.75 59.25
C GLN G 433 0.48 -50.25 57.97
N LEU G 434 -0.30 -49.17 58.05
CA LEU G 434 -0.96 -48.62 56.88
C LEU G 434 0.06 -48.05 55.89
N MET G 435 1.09 -47.37 56.41
CA MET G 435 2.15 -46.90 55.53
C MET G 435 2.87 -48.05 54.85
N MET G 436 3.17 -49.10 55.62
CA MET G 436 3.82 -50.28 55.05
C MET G 436 2.93 -50.94 53.99
N ALA G 437 1.63 -51.01 54.26
CA ALA G 437 0.71 -51.61 53.31
C ALA G 437 0.56 -50.76 52.05
N ILE G 438 0.57 -49.43 52.19
CA ILE G 438 0.51 -48.57 51.01
C ILE G 438 1.75 -48.74 50.16
N ASN G 439 2.93 -48.80 50.81
CA ASN G 439 4.16 -49.05 50.06
C ASN G 439 4.10 -50.43 49.40
N LEU G 440 3.58 -51.44 50.10
CA LEU G 440 3.49 -52.77 49.53
C LEU G 440 2.55 -52.81 48.35
N GLN G 441 1.42 -52.09 48.44
CA GLN G 441 0.48 -52.04 47.34
C GLN G 441 1.07 -51.34 46.12
N ILE G 442 1.79 -50.23 46.35
CA ILE G 442 2.46 -49.56 45.24
C ILE G 442 3.47 -50.47 44.59
N ASN G 443 4.26 -51.17 45.41
CA ASN G 443 5.26 -52.09 44.89
C ASN G 443 4.61 -53.25 44.13
N GLN G 444 3.50 -53.77 44.64
CA GLN G 444 2.81 -54.87 43.98
C GLN G 444 2.22 -54.44 42.65
N GLN G 445 1.65 -53.24 42.59
CA GLN G 445 1.15 -52.73 41.31
C GLN G 445 2.29 -52.54 40.33
N GLN G 446 3.42 -51.99 40.80
CA GLN G 446 4.57 -51.81 39.92
C GLN G 446 5.09 -53.16 39.42
N LEU G 447 5.13 -54.16 40.30
CA LEU G 447 5.62 -55.48 39.92
C LEU G 447 4.67 -56.18 38.95
N MET G 448 3.37 -56.03 39.15
CA MET G 448 2.42 -56.59 38.19
C MET G 448 2.57 -55.92 36.83
N SER G 449 2.75 -54.60 36.81
CA SER G 449 2.99 -53.91 35.55
C SER G 449 4.28 -54.37 34.91
N VAL G 450 5.32 -54.59 35.72
CA VAL G 450 6.60 -55.05 35.21
C VAL G 450 6.47 -56.44 34.61
N SER G 451 5.72 -57.33 35.28
CA SER G 451 5.52 -58.67 34.76
C SER G 451 4.73 -58.65 33.46
N LYS G 452 3.72 -57.77 33.39
CA LYS G 452 2.96 -57.62 32.15
C LYS G 452 3.86 -57.11 31.03
N ASN G 453 4.71 -56.13 31.34
CA ASN G 453 5.65 -55.62 30.34
C ASN G 453 6.65 -56.68 29.93
N LEU G 454 7.06 -57.53 30.86
CA LEU G 454 7.96 -58.64 30.53
C LEU G 454 7.30 -59.61 29.59
N LYS G 455 6.03 -59.93 29.84
CA LYS G 455 5.29 -60.79 28.92
C LYS G 455 5.17 -60.13 27.55
N SER G 456 4.91 -58.83 27.52
CA SER G 456 4.82 -58.11 26.25
C SER G 456 6.14 -58.16 25.51
N ILE G 457 7.25 -57.98 26.22
CA ILE G 457 8.56 -58.02 25.59
C ILE G 457 8.87 -59.42 25.07
N LEU G 458 8.49 -60.45 25.83
CA LEU G 458 8.73 -61.83 25.39
C LEU G 458 7.94 -62.11 24.12
N THR G 459 6.69 -61.65 24.07
CA THR G 459 5.90 -61.80 22.84
C THR G 459 6.52 -61.04 21.68
N GLN G 460 6.98 -59.81 21.94
CA GLN G 460 7.57 -59.00 20.88
C GLN G 460 8.82 -59.66 20.32
N GLN G 461 9.66 -60.21 21.20
CA GLN G 461 10.84 -60.94 20.74
C GLN G 461 10.44 -62.19 19.98
N ILE G 462 9.39 -62.88 20.43
CA ILE G 462 8.96 -64.10 19.78
C ILE G 462 8.12 -63.85 18.53
N PHE G 463 7.87 -62.59 18.19
CA PHE G 463 7.01 -62.25 17.06
C PHE G 463 7.56 -62.78 15.74
N TRP G 464 8.70 -62.24 15.30
CA TRP G 464 9.29 -62.65 14.03
C TRP G 464 10.04 -63.97 14.18
N ASP G 474 13.54 -88.27 13.36
CA ASP G 474 14.06 -86.95 13.71
C ASP G 474 13.13 -86.23 14.67
N TRP G 475 12.42 -85.22 14.17
CA TRP G 475 11.47 -84.49 15.00
C TRP G 475 10.35 -85.40 15.48
N ILE G 476 9.82 -86.24 14.58
CA ILE G 476 8.77 -87.18 14.98
C ILE G 476 9.32 -88.23 15.92
N LYS G 477 10.56 -88.68 15.67
CA LYS G 477 11.17 -89.68 16.55
C LYS G 477 11.32 -89.16 17.96
N ALA G 478 11.76 -87.90 18.10
CA ALA G 478 11.82 -87.28 19.42
C ALA G 478 10.43 -87.08 19.99
N PHE G 479 9.45 -86.75 19.14
CA PHE G 479 8.09 -86.59 19.62
C PHE G 479 7.51 -87.85 20.23
N PRO G 480 7.92 -89.07 19.83
CA PRO G 480 7.40 -90.27 20.51
C PRO G 480 7.68 -90.28 22.00
N GLN G 481 8.87 -89.81 22.42
CA GLN G 481 9.16 -89.71 23.84
C GLN G 481 8.44 -88.54 24.48
N SER G 482 8.34 -87.41 23.76
CA SER G 482 7.68 -86.23 24.29
C SER G 482 6.18 -86.43 24.44
N LEU G 483 5.61 -87.44 23.79
CA LEU G 483 4.18 -87.72 23.94
C LEU G 483 3.84 -88.08 25.39
N LYS G 484 4.68 -88.90 26.02
CA LYS G 484 4.45 -89.25 27.41
C LYS G 484 4.57 -88.03 28.32
N ASP G 485 5.55 -87.17 28.04
CA ASP G 485 5.72 -85.95 28.83
C ASP G 485 4.50 -85.04 28.69
N GLU G 486 3.98 -84.91 27.46
CA GLU G 486 2.79 -84.10 27.24
C GLU G 486 1.58 -84.69 27.95
N PHE G 487 1.43 -86.02 27.90
CA PHE G 487 0.33 -86.67 28.60
C PHE G 487 0.43 -86.46 30.10
N LYS G 488 1.64 -86.55 30.65
CA LYS G 488 1.82 -86.28 32.08
C LYS G 488 1.50 -84.82 32.40
N SER G 489 1.84 -83.91 31.49
CA SER G 489 1.54 -82.49 31.71
C SER G 489 0.04 -82.24 31.75
N MET G 490 -0.75 -83.10 31.11
CA MET G 490 -2.21 -82.96 31.15
C MET G 490 -2.73 -83.13 32.57
N LYS G 491 -2.19 -84.10 33.30
CA LYS G 491 -2.59 -84.33 34.69
C LYS G 491 -1.71 -83.54 35.65
N ILE G 505 -25.33 -66.58 39.44
CA ILE G 505 -25.39 -65.81 38.20
C ILE G 505 -25.34 -66.74 36.99
N ALA G 506 -24.46 -67.74 37.02
CA ALA G 506 -24.35 -68.68 35.91
C ALA G 506 -25.63 -69.49 35.76
N PHE G 507 -26.20 -69.95 36.87
CA PHE G 507 -27.45 -70.71 36.81
C PHE G 507 -28.60 -69.85 36.29
N LEU G 508 -28.66 -68.59 36.74
CA LEU G 508 -29.70 -67.69 36.26
C LEU G 508 -29.56 -67.42 34.77
N ALA G 509 -28.33 -67.24 34.29
CA ALA G 509 -28.11 -67.04 32.86
C ALA G 509 -28.50 -68.29 32.07
N GLY G 510 -28.15 -69.47 32.59
CA GLY G 510 -28.50 -70.70 31.90
C GLY G 510 -30.00 -70.92 31.81
N LEU G 511 -30.71 -70.73 32.93
CA LEU G 511 -32.16 -70.84 32.90
C LEU G 511 -32.80 -69.82 31.98
N PRO G 512 -32.42 -68.54 32.01
CA PRO G 512 -32.96 -67.60 31.02
C PRO G 512 -32.65 -68.02 29.59
N LEU G 513 -31.47 -68.59 29.34
CA LEU G 513 -31.16 -69.09 28.01
C LEU G 513 -32.07 -70.24 27.62
N LEU G 514 -32.37 -71.14 28.57
CA LEU G 514 -33.27 -72.24 28.28
C LEU G 514 -34.67 -71.74 27.95
N LEU G 515 -35.17 -70.76 28.72
CA LEU G 515 -36.48 -70.19 28.42
C LEU G 515 -36.48 -69.48 27.08
N ILE G 516 -35.40 -68.78 26.77
CA ILE G 516 -35.28 -68.09 25.49
C ILE G 516 -35.34 -69.08 24.34
N ALA G 517 -34.62 -70.20 24.47
CA ALA G 517 -34.65 -71.23 23.43
C ALA G 517 -36.03 -71.87 23.32
N GLY G 518 -36.70 -72.10 24.46
CA GLY G 518 -38.03 -72.67 24.41
C GLY G 518 -39.02 -71.77 23.69
N LEU G 519 -38.96 -70.47 23.93
CA LEU G 519 -39.81 -69.54 23.20
C LEU G 519 -39.36 -69.42 21.75
N ILE G 520 -38.05 -69.49 21.51
CA ILE G 520 -37.50 -69.30 20.17
C ILE G 520 -37.82 -70.47 19.26
N HIS G 521 -38.12 -71.64 19.81
CA HIS G 521 -38.58 -72.74 18.95
C HIS G 521 -39.85 -72.34 18.20
N TRP G 522 -40.88 -71.91 18.94
CA TRP G 522 -42.10 -71.45 18.30
C TRP G 522 -41.89 -70.16 17.51
N ARG G 523 -41.03 -69.28 18.01
CA ARG G 523 -40.72 -68.05 17.28
C ARG G 523 -40.13 -68.36 15.90
N LEU G 524 -39.21 -69.33 15.84
CA LEU G 524 -38.59 -69.72 14.59
C LEU G 524 -39.57 -70.48 13.70
N GLY G 525 -40.47 -71.27 14.28
CA GLY G 525 -41.53 -71.86 13.47
C GLY G 525 -42.38 -70.80 12.79
N TRP G 526 -42.80 -69.79 13.56
CA TRP G 526 -43.59 -68.71 12.99
C TRP G 526 -42.80 -67.92 11.96
N LEU G 527 -41.51 -67.70 12.22
CA LEU G 527 -40.66 -66.97 11.28
C LEU G 527 -40.50 -67.75 9.98
N LYS G 528 -40.33 -69.07 10.07
CA LYS G 528 -40.24 -69.90 8.88
C LYS G 528 -41.54 -69.87 8.08
N ALA G 529 -42.67 -69.91 8.78
CA ALA G 529 -43.96 -69.80 8.08
C ALA G 529 -44.07 -68.46 7.37
N TYR G 530 -43.69 -67.38 8.05
CA TYR G 530 -43.76 -66.05 7.44
C TYR G 530 -42.82 -65.94 6.25
N GLN G 531 -41.62 -66.50 6.37
CA GLN G 531 -40.66 -66.45 5.26
C GLN G 531 -41.16 -67.25 4.07
N GLN G 532 -41.77 -68.42 4.31
CA GLN G 532 -42.33 -69.19 3.21
C GLN G 532 -43.47 -68.43 2.56
N LYS G 533 -44.32 -67.77 3.36
CA LYS G 533 -45.42 -67.00 2.79
C LYS G 533 -44.90 -65.84 1.95
N LEU G 534 -43.85 -65.17 2.41
CA LEU G 534 -43.30 -64.03 1.67
C LEU G 534 -42.61 -64.48 0.40
N ALA G 535 -41.86 -65.58 0.45
CA ALA G 535 -41.12 -66.02 -0.72
C ALA G 535 -42.02 -66.64 -1.77
N SER G 536 -42.99 -67.46 -1.35
CA SER G 536 -43.89 -68.11 -2.29
C SER G 536 -45.24 -68.39 -1.64
N THR G 549 -34.66 -65.79 -2.86
CA THR G 549 -35.34 -64.53 -2.56
C THR G 549 -34.57 -63.74 -1.50
N PRO G 550 -34.44 -62.43 -1.70
CA PRO G 550 -33.76 -61.59 -0.70
C PRO G 550 -34.43 -61.65 0.67
N LYS G 551 -35.77 -61.68 0.67
CA LYS G 551 -36.51 -61.77 1.93
C LYS G 551 -36.25 -63.11 2.61
N ALA G 552 -36.23 -64.20 1.84
CA ALA G 552 -35.94 -65.51 2.40
C ALA G 552 -34.52 -65.56 2.96
N ILE G 553 -33.56 -64.97 2.25
CA ILE G 553 -32.18 -64.94 2.73
C ILE G 553 -32.08 -64.14 4.03
N LEU G 554 -32.75 -62.99 4.09
CA LEU G 554 -32.74 -62.19 5.30
C LEU G 554 -33.37 -62.94 6.47
N ILE G 555 -34.48 -63.64 6.21
CA ILE G 555 -35.14 -64.41 7.26
C ILE G 555 -34.22 -65.54 7.74
N ASP G 556 -33.54 -66.22 6.81
CA ASP G 556 -32.61 -67.28 7.21
C ASP G 556 -31.46 -66.72 8.05
N LEU G 557 -30.94 -65.56 7.66
CA LEU G 557 -29.86 -64.93 8.43
C LEU G 557 -30.35 -64.55 9.82
N ILE G 558 -31.58 -64.01 9.92
CA ILE G 558 -32.12 -63.64 11.22
C ILE G 558 -32.32 -64.87 12.09
N ARG G 559 -32.81 -65.96 11.50
CA ARG G 559 -33.00 -67.20 12.26
C ARG G 559 -31.66 -67.75 12.74
N ALA G 560 -30.63 -67.71 11.89
CA ALA G 560 -29.31 -68.17 12.32
C ALA G 560 -28.76 -67.28 13.43
N LEU G 561 -28.98 -65.98 13.34
CA LEU G 561 -28.51 -65.07 14.38
C LEU G 561 -29.11 -65.37 15.75
N PRO G 562 -30.42 -65.61 15.89
CA PRO G 562 -30.94 -65.92 17.23
C PRO G 562 -30.36 -67.19 17.83
N VAL G 563 -30.18 -68.24 17.02
CA VAL G 563 -29.59 -69.47 17.52
C VAL G 563 -28.16 -69.24 17.93
N CYS G 564 -27.41 -68.47 17.14
CA CYS G 564 -26.03 -68.16 17.50
C CYS G 564 -25.96 -67.37 18.79
N LEU G 565 -26.87 -66.40 18.98
CA LEU G 565 -26.90 -65.64 20.21
C LEU G 565 -27.23 -66.51 21.41
N ILE G 566 -28.18 -67.44 21.24
CA ILE G 566 -28.53 -68.35 22.33
C ILE G 566 -27.34 -69.24 22.69
N ILE G 567 -26.65 -69.74 21.67
CA ILE G 567 -25.48 -70.60 21.91
C ILE G 567 -24.37 -69.81 22.61
N LEU G 568 -24.16 -68.56 22.19
CA LEU G 568 -23.14 -67.73 22.82
C LEU G 568 -23.49 -67.43 24.27
N ALA G 569 -24.77 -67.16 24.56
CA ALA G 569 -25.19 -66.95 25.93
C ALA G 569 -24.99 -68.20 26.78
N VAL G 570 -25.32 -69.37 26.22
CA VAL G 570 -25.13 -70.62 26.94
C VAL G 570 -23.65 -70.84 27.23
N GLY G 571 -22.79 -70.58 26.25
CA GLY G 571 -21.36 -70.73 26.46
C GLY G 571 -20.81 -69.77 27.50
N LEU G 572 -21.28 -68.52 27.47
CA LEU G 572 -20.85 -67.55 28.47
C LEU G 572 -21.30 -67.96 29.86
N ILE G 573 -22.52 -68.48 29.98
CA ILE G 573 -22.99 -68.98 31.27
C ILE G 573 -22.14 -70.15 31.72
N LEU G 574 -21.73 -71.01 30.78
CA LEU G 574 -20.86 -72.14 31.11
C LEU G 574 -19.44 -71.69 31.41
N LEU G 575 -19.07 -70.47 31.06
CA LEU G 575 -17.72 -69.96 31.31
C LEU G 575 -17.72 -68.94 32.43
N SER G 582 -11.22 -71.28 33.76
CA SER G 582 -12.05 -71.31 32.56
C SER G 582 -11.72 -70.14 31.65
N GLU G 583 -10.46 -69.68 31.71
CA GLU G 583 -10.04 -68.56 30.86
C GLU G 583 -10.07 -68.94 29.39
N LEU G 584 -9.61 -70.14 29.05
CA LEU G 584 -9.59 -70.56 27.65
C LEU G 584 -10.99 -70.74 27.11
N LEU G 585 -11.95 -71.11 27.97
CA LEU G 585 -13.32 -71.30 27.52
C LEU G 585 -13.94 -70.00 27.03
N TRP G 586 -13.62 -68.88 27.68
CA TRP G 586 -14.20 -67.60 27.27
C TRP G 586 -13.74 -67.21 25.87
N SER G 587 -12.44 -67.32 25.60
CA SER G 587 -11.94 -67.02 24.25
C SER G 587 -12.45 -68.05 23.24
N PHE G 588 -12.56 -69.31 23.66
CA PHE G 588 -13.12 -70.33 22.77
C PHE G 588 -14.54 -69.96 22.35
N SER G 589 -15.35 -69.49 23.30
CA SER G 589 -16.72 -69.09 22.97
C SER G 589 -16.72 -67.80 22.14
N LYS G 590 -15.79 -66.89 22.41
CA LYS G 590 -15.72 -65.67 21.62
C LYS G 590 -15.45 -65.99 20.16
N LYS G 591 -14.54 -66.92 19.89
CA LYS G 591 -14.31 -67.35 18.52
C LYS G 591 -15.48 -68.18 17.99
N LEU G 592 -16.08 -69.00 18.86
CA LEU G 592 -17.15 -69.89 18.46
C LEU G 592 -18.41 -69.13 18.07
N ALA G 593 -18.57 -67.89 18.53
CA ALA G 593 -19.69 -67.07 18.05
C ALA G 593 -19.64 -66.93 16.53
N ILE G 594 -18.53 -66.40 16.02
CA ILE G 594 -18.37 -66.26 14.57
C ILE G 594 -18.29 -67.62 13.90
N PHE G 595 -17.67 -68.61 14.56
CA PHE G 595 -17.57 -69.93 13.97
C PHE G 595 -18.95 -70.54 13.73
N TRP G 596 -19.84 -70.42 14.72
CA TRP G 596 -21.20 -70.94 14.58
C TRP G 596 -22.02 -70.11 13.61
N LEU G 597 -21.76 -68.79 13.54
CA LEU G 597 -22.42 -67.99 12.52
C LEU G 597 -22.07 -68.49 11.12
N VAL G 598 -20.79 -68.75 10.88
CA VAL G 598 -20.35 -69.25 9.58
C VAL G 598 -20.93 -70.65 9.34
N PHE G 599 -20.95 -71.49 10.36
CA PHE G 599 -21.47 -72.85 10.20
C PHE G 599 -22.96 -72.84 9.88
N GLY G 600 -23.73 -72.00 10.57
CA GLY G 600 -25.16 -71.90 10.33
C GLY G 600 -25.55 -71.13 9.09
N LEU G 601 -24.63 -70.36 8.52
CA LEU G 601 -24.90 -69.72 7.24
C LEU G 601 -25.21 -70.76 6.16
N CYS G 602 -24.50 -71.90 6.20
CA CYS G 602 -24.78 -72.97 5.25
C CYS G 602 -26.03 -73.75 5.64
N TRP G 603 -26.29 -73.92 6.94
CA TRP G 603 -27.47 -74.65 7.38
C TRP G 603 -28.74 -73.91 6.98
N LYS G 604 -28.76 -72.59 7.11
CA LYS G 604 -29.91 -71.78 6.74
C LYS G 604 -29.90 -71.38 5.28
N VAL G 605 -28.87 -71.76 4.53
CA VAL G 605 -28.80 -71.45 3.11
C VAL G 605 -27.95 -72.50 2.38
N GLN G 622 -24.36 -78.69 -5.18
CA GLN G 622 -25.75 -78.39 -4.87
C GLN G 622 -25.90 -77.88 -3.44
N THR G 623 -26.95 -77.10 -3.20
CA THR G 623 -27.19 -76.58 -1.85
C THR G 623 -27.45 -77.72 -0.86
N SER G 624 -28.25 -78.70 -1.27
CA SER G 624 -28.44 -79.89 -0.44
C SER G 624 -27.13 -80.64 -0.26
N HIS G 625 -26.36 -80.78 -1.34
CA HIS G 625 -25.03 -81.38 -1.24
C HIS G 625 -24.12 -80.54 -0.35
N TRP G 626 -24.18 -79.21 -0.50
CA TRP G 626 -23.40 -78.33 0.37
C TRP G 626 -23.86 -78.43 1.81
N ARG G 627 -25.17 -78.60 2.04
CA ARG G 627 -25.68 -78.72 3.39
C ARG G 627 -25.12 -79.94 4.11
N ARG G 628 -24.70 -80.95 3.36
CA ARG G 628 -24.07 -82.13 3.95
C ARG G 628 -22.55 -82.05 3.94
N GLN G 629 -21.96 -81.36 2.98
CA GLN G 629 -20.51 -81.23 2.88
C GLN G 629 -19.93 -80.15 3.78
N ILE G 630 -20.76 -79.25 4.31
CA ILE G 630 -20.27 -78.22 5.23
C ILE G 630 -19.90 -78.77 6.59
N VAL G 631 -20.30 -80.01 6.90
CA VAL G 631 -19.95 -80.60 8.20
C VAL G 631 -18.45 -80.77 8.33
N ARG G 632 -17.80 -81.21 7.25
CA ARG G 632 -16.34 -81.37 7.28
C ARG G 632 -15.65 -80.02 7.49
N ILE G 633 -16.14 -78.97 6.82
CA ILE G 633 -15.56 -77.64 7.00
C ILE G 633 -15.74 -77.16 8.43
N SER G 634 -16.93 -77.38 8.99
CA SER G 634 -17.18 -76.99 10.38
C SER G 634 -16.27 -77.75 11.34
N LEU G 635 -16.08 -79.05 11.11
CA LEU G 635 -15.19 -79.84 11.97
C LEU G 635 -13.75 -79.36 11.85
N ALA G 636 -13.30 -79.04 10.63
CA ALA G 636 -11.94 -78.55 10.45
C ALA G 636 -11.75 -77.21 11.14
N LEU G 637 -12.75 -76.31 11.05
CA LEU G 637 -12.66 -75.04 11.75
C LEU G 637 -12.63 -75.24 13.25
N LEU G 638 -13.42 -76.19 13.76
CA LEU G 638 -13.40 -76.49 15.19
C LEU G 638 -12.04 -76.96 15.67
N PRO G 639 -11.36 -77.89 15.00
CA PRO G 639 -10.00 -78.23 15.41
C PRO G 639 -9.05 -77.05 15.35
N ILE G 640 -9.19 -76.20 14.32
CA ILE G 640 -8.36 -75.01 14.23
C ILE G 640 -8.67 -74.06 15.37
N HIS G 641 -9.95 -73.90 15.69
CA HIS G 641 -10.33 -73.05 16.81
C HIS G 641 -9.75 -73.56 18.12
N PHE G 642 -9.81 -74.87 18.34
CA PHE G 642 -9.27 -75.45 19.57
C PHE G 642 -7.75 -75.30 19.62
N TRP G 643 -7.06 -75.44 18.50
CA TRP G 643 -5.62 -75.33 18.48
C TRP G 643 -5.12 -73.89 18.47
N SER G 644 -5.98 -72.92 18.17
CA SER G 644 -5.56 -71.52 18.10
C SER G 644 -6.22 -70.62 19.14
N VAL G 645 -7.08 -71.16 20.00
CA VAL G 645 -7.73 -70.33 21.01
C VAL G 645 -6.70 -69.74 21.97
N VAL G 646 -5.75 -70.57 22.42
CA VAL G 646 -4.76 -70.13 23.40
C VAL G 646 -3.61 -69.36 22.77
N ALA G 647 -3.64 -69.12 21.46
CA ALA G 647 -2.53 -68.43 20.81
C ALA G 647 -2.51 -66.95 21.16
N GLU G 648 -3.62 -66.26 20.88
CA GLU G 648 -3.69 -64.82 21.10
C GLU G 648 -3.60 -64.42 22.57
N LEU G 649 -3.80 -65.36 23.49
CA LEU G 649 -3.74 -65.06 24.92
C LEU G 649 -2.41 -65.47 25.53
N VAL G 658 5.09 -79.36 20.73
CA VAL G 658 4.72 -79.69 19.36
C VAL G 658 3.54 -80.65 19.29
N LEU G 659 2.98 -81.05 20.43
CA LEU G 659 1.86 -81.97 20.43
C LEU G 659 0.62 -81.34 19.79
N GLY G 660 0.39 -80.06 20.04
CA GLY G 660 -0.78 -79.39 19.50
C GLY G 660 -0.79 -79.28 17.99
N GLN G 661 0.36 -79.42 17.35
CA GLN G 661 0.47 -79.34 15.90
C GLN G 661 0.31 -80.68 15.22
N ALA G 662 0.18 -81.77 15.99
CA ALA G 662 0.04 -83.10 15.39
C ALA G 662 -1.24 -83.19 14.56
N MET G 663 -2.34 -82.69 15.09
CA MET G 663 -3.59 -82.70 14.34
C MET G 663 -3.56 -81.68 13.20
N ILE G 664 -2.90 -80.53 13.42
CA ILE G 664 -2.84 -79.50 12.39
C ILE G 664 -2.04 -79.99 11.19
N PHE G 665 -1.03 -80.83 11.41
CA PHE G 665 -0.23 -81.35 10.30
C PHE G 665 -1.10 -82.12 9.32
N PHE G 666 -2.02 -82.95 9.84
CA PHE G 666 -2.94 -83.68 8.98
C PHE G 666 -4.06 -82.78 8.46
N ASN G 667 -4.48 -81.80 9.26
CA ASN G 667 -5.55 -80.90 8.83
C ASN G 667 -5.12 -80.07 7.63
N LEU G 668 -3.87 -79.63 7.61
CA LEU G 668 -3.36 -78.85 6.48
C LEU G 668 -3.40 -79.68 5.20
N LEU G 669 -2.95 -80.93 5.27
CA LEU G 669 -2.97 -81.81 4.12
C LEU G 669 -4.41 -82.09 3.66
N LEU G 670 -5.32 -82.29 4.62
CA LEU G 670 -6.71 -82.52 4.27
C LEU G 670 -7.32 -81.31 3.58
N ILE G 671 -7.02 -80.11 4.07
CA ILE G 671 -7.52 -78.89 3.46
C ILE G 671 -6.96 -78.74 2.05
N ALA G 672 -5.68 -79.01 1.87
CA ALA G 672 -5.08 -78.94 0.55
C ALA G 672 -5.73 -79.93 -0.42
N PHE G 673 -5.96 -81.16 0.05
CA PHE G 673 -6.60 -82.16 -0.80
C PHE G 673 -8.02 -81.75 -1.17
N LEU G 674 -8.77 -81.20 -0.20
CA LEU G 674 -10.13 -80.76 -0.49
C LEU G 674 -10.13 -79.60 -1.49
N VAL G 675 -9.18 -78.67 -1.36
CA VAL G 675 -9.11 -77.55 -2.28
C VAL G 675 -8.68 -78.01 -3.67
N TRP G 676 -7.87 -79.07 -3.74
CA TRP G 676 -7.43 -79.58 -5.05
C TRP G 676 -8.57 -79.95 -5.96
N PRO G 677 -9.62 -80.65 -5.51
CA PRO G 677 -10.75 -80.91 -6.41
C PRO G 677 -11.43 -79.65 -6.91
N MET G 678 -11.56 -78.63 -6.05
CA MET G 678 -12.16 -77.37 -6.48
C MET G 678 -11.28 -76.67 -7.51
N CYS G 679 -9.96 -76.70 -7.30
CA CYS G 679 -9.05 -76.09 -8.27
C CYS G 679 -9.12 -76.83 -9.60
N ARG G 680 -9.19 -78.16 -9.57
CA ARG G 680 -9.31 -78.92 -10.80
C ARG G 680 -10.62 -78.61 -11.53
N GLU G 681 -11.71 -78.48 -10.78
CA GLU G 681 -12.98 -78.07 -11.38
C GLU G 681 -12.89 -76.65 -11.93
N SER G 682 -12.23 -75.75 -11.19
CA SER G 682 -12.06 -74.38 -11.66
C SER G 682 -11.13 -74.33 -12.88
N TRP G 683 -10.11 -75.18 -12.90
CA TRP G 683 -9.18 -75.20 -14.03
C TRP G 683 -9.86 -75.63 -15.32
N ARG G 684 -10.98 -76.34 -15.24
CA ARG G 684 -11.69 -76.76 -16.44
C ARG G 684 -12.29 -75.58 -17.19
N ASP G 685 -12.51 -74.45 -16.52
CA ASP G 685 -13.06 -73.25 -17.14
C ASP G 685 -11.97 -72.20 -17.25
N LYS G 686 -11.82 -71.61 -18.44
CA LYS G 686 -10.81 -70.60 -18.70
C LYS G 686 -11.42 -69.21 -18.91
N GLU G 687 -12.39 -69.10 -19.82
CA GLU G 687 -13.01 -67.81 -20.08
C GLU G 687 -13.87 -67.34 -18.91
N SER G 688 -14.30 -68.24 -18.05
CA SER G 688 -15.11 -67.86 -16.90
C SER G 688 -14.27 -67.12 -15.87
N HIS G 689 -14.93 -66.27 -15.07
CA HIS G 689 -14.24 -65.51 -14.04
C HIS G 689 -13.77 -66.43 -12.92
N THR G 690 -12.58 -66.14 -12.40
CA THR G 690 -11.97 -66.91 -11.32
C THR G 690 -11.49 -65.98 -10.21
N MET G 691 -12.36 -65.04 -9.82
CA MET G 691 -12.00 -64.08 -8.78
C MET G 691 -11.80 -64.79 -7.43
N ARG G 692 -12.67 -65.76 -7.11
CA ARG G 692 -12.59 -66.46 -5.84
C ARG G 692 -11.44 -67.46 -5.78
N LEU G 693 -10.82 -67.78 -6.91
CA LEU G 693 -9.71 -68.73 -6.90
C LEU G 693 -8.50 -68.16 -6.17
N VAL G 694 -8.32 -66.83 -6.22
CA VAL G 694 -7.17 -66.22 -5.57
C VAL G 694 -7.21 -66.44 -4.07
N THR G 695 -8.38 -66.24 -3.46
CA THR G 695 -8.52 -66.48 -2.03
C THR G 695 -8.31 -67.96 -1.69
N ILE G 696 -8.85 -68.85 -2.52
CA ILE G 696 -8.64 -70.28 -2.32
C ILE G 696 -7.16 -70.63 -2.45
N THR G 697 -6.49 -70.02 -3.44
CA THR G 697 -5.07 -70.27 -3.61
C THR G 697 -4.27 -69.80 -2.40
N VAL G 698 -4.63 -68.62 -1.86
CA VAL G 698 -3.94 -68.12 -0.67
C VAL G 698 -4.17 -69.03 0.52
N LEU G 699 -5.41 -69.50 0.70
CA LEU G 699 -5.70 -70.40 1.81
C LEU G 699 -4.94 -71.71 1.67
N SER G 700 -4.87 -72.25 0.45
CA SER G 700 -4.11 -73.48 0.24
C SER G 700 -2.62 -73.27 0.48
N ILE G 701 -2.09 -72.12 0.05
CA ILE G 701 -0.69 -71.82 0.30
C ILE G 701 -0.41 -71.73 1.79
N ILE G 702 -1.32 -71.10 2.54
CA ILE G 702 -1.21 -71.10 4.00
C ILE G 702 -1.25 -72.50 4.57
N PRO G 703 -2.15 -73.40 4.15
CA PRO G 703 -2.10 -74.77 4.66
C PRO G 703 -0.80 -75.49 4.33
N ILE G 704 -0.24 -75.24 3.15
CA ILE G 704 1.03 -75.86 2.79
C ILE G 704 2.18 -75.27 3.61
N ALA G 705 2.20 -73.94 3.74
CA ALA G 705 3.29 -73.28 4.46
C ALA G 705 3.29 -73.66 5.93
N LEU G 706 2.11 -73.74 6.54
CA LEU G 706 2.03 -74.07 7.96
C LEU G 706 2.59 -75.46 8.24
N MET G 707 2.28 -76.43 7.38
CA MET G 707 2.79 -77.78 7.56
C MET G 707 4.20 -77.97 7.04
N VAL G 708 4.73 -77.01 6.26
CA VAL G 708 6.08 -77.15 5.71
C VAL G 708 7.11 -76.49 6.62
N LEU G 709 6.90 -75.22 6.95
CA LEU G 709 7.92 -74.42 7.62
C LEU G 709 7.91 -74.60 9.14
N THR G 710 7.02 -75.41 9.69
CA THR G 710 6.92 -75.57 11.14
C THR G 710 7.97 -76.52 11.71
N ALA G 711 8.76 -77.17 10.87
CA ALA G 711 9.77 -78.11 11.34
C ALA G 711 10.87 -77.39 12.11
N PHE G 715 10.60 -68.28 14.30
CA PHE G 715 10.87 -69.35 13.37
C PHE G 715 9.76 -70.39 13.38
N TYR G 716 9.30 -70.74 14.57
CA TYR G 716 8.19 -71.68 14.75
C TYR G 716 6.84 -71.00 14.82
N THR G 717 6.79 -69.68 14.65
CA THR G 717 5.56 -68.91 14.75
C THR G 717 4.73 -68.92 13.46
N THR G 718 4.96 -69.88 12.58
CA THR G 718 4.21 -69.91 11.32
C THR G 718 2.74 -70.18 11.54
N LEU G 719 2.38 -70.83 12.65
CA LEU G 719 0.98 -71.14 12.91
C LEU G 719 0.15 -69.90 13.23
N ARG G 720 0.80 -68.76 13.49
CA ARG G 720 0.04 -67.56 13.84
C ARG G 720 -0.76 -67.05 12.65
N LEU G 721 -0.27 -67.27 11.43
CA LEU G 721 -0.95 -66.74 10.26
C LEU G 721 -2.30 -67.39 10.03
N ALA G 722 -2.53 -68.56 10.64
CA ALA G 722 -3.80 -69.26 10.44
C ALA G 722 -4.97 -68.48 11.00
N GLY G 723 -4.77 -67.77 12.11
CA GLY G 723 -5.85 -66.97 12.67
C GLY G 723 -6.31 -65.89 11.72
N ARG G 724 -5.36 -65.21 11.06
CA ARG G 724 -5.72 -64.21 10.07
C ARG G 724 -6.29 -64.85 8.81
N TRP G 725 -5.78 -66.03 8.43
CA TRP G 725 -6.25 -66.69 7.21
C TRP G 725 -7.72 -67.10 7.36
N ILE G 726 -8.09 -67.66 8.52
CA ILE G 726 -9.47 -68.06 8.73
C ILE G 726 -10.40 -66.85 8.68
N GLU G 727 -9.99 -65.76 9.32
CA GLU G 727 -10.80 -64.54 9.29
C GLU G 727 -10.93 -64.00 7.87
N THR G 728 -9.85 -64.04 7.10
CA THR G 728 -9.90 -63.57 5.72
C THR G 728 -10.84 -64.44 4.89
N VAL G 729 -10.80 -65.76 5.10
CA VAL G 729 -11.70 -66.65 4.37
C VAL G 729 -13.15 -66.35 4.73
N TYR G 730 -13.43 -66.15 6.01
CA TYR G 730 -14.79 -65.83 6.43
C TYR G 730 -15.24 -64.50 5.83
N LEU G 731 -14.36 -63.51 5.82
CA LEU G 731 -14.69 -62.22 5.22
C LEU G 731 -14.96 -62.35 3.73
N VAL G 732 -14.18 -63.17 3.03
CA VAL G 732 -14.39 -63.38 1.60
C VAL G 732 -15.72 -64.05 1.35
N ILE G 733 -16.06 -65.06 2.16
CA ILE G 733 -17.36 -65.73 2.00
C ILE G 733 -18.50 -64.75 2.24
N ILE G 734 -18.38 -63.93 3.30
CA ILE G 734 -19.42 -62.95 3.60
C ILE G 734 -19.54 -61.94 2.46
N TRP G 735 -18.41 -61.51 1.91
CA TRP G 735 -18.44 -60.55 0.80
C TRP G 735 -19.10 -61.15 -0.43
N ASN G 736 -18.82 -62.42 -0.73
CA ASN G 736 -19.45 -63.08 -1.87
C ASN G 736 -20.96 -63.19 -1.67
N LEU G 737 -21.38 -63.59 -0.47
CA LEU G 737 -22.81 -63.69 -0.19
C LEU G 737 -23.49 -62.34 -0.29
N LEU G 738 -22.86 -61.30 0.27
CA LEU G 738 -23.43 -59.96 0.19
C LEU G 738 -23.49 -59.48 -1.25
N TYR G 739 -22.48 -59.80 -2.06
CA TYR G 739 -22.50 -59.41 -3.47
C TYR G 739 -23.63 -60.10 -4.21
N GLN G 740 -23.85 -61.38 -3.95
CA GLN G 740 -24.95 -62.10 -4.58
C GLN G 740 -26.30 -61.50 -4.16
N THR G 741 -26.46 -61.20 -2.87
CA THR G 741 -27.70 -60.60 -2.40
C THR G 741 -27.93 -59.23 -3.01
N VAL G 742 -26.86 -58.43 -3.12
CA VAL G 742 -26.98 -57.09 -3.70
C VAL G 742 -27.31 -57.18 -5.18
N LEU G 743 -26.73 -58.17 -5.88
CA LEU G 743 -27.08 -58.35 -7.29
C LEU G 743 -28.54 -58.72 -7.46
N ARG G 744 -29.04 -59.63 -6.60
CA ARG G 744 -30.45 -60.00 -6.67
C ARG G 744 -31.35 -58.80 -6.39
N GLY G 745 -31.02 -58.02 -5.35
CA GLY G 745 -31.81 -56.85 -5.03
C GLY G 745 -31.80 -55.80 -6.12
N LEU G 746 -30.62 -55.58 -6.73
CA LEU G 746 -30.53 -54.63 -7.82
C LEU G 746 -31.32 -55.10 -9.04
N SER G 747 -31.29 -56.40 -9.34
CA SER G 747 -32.09 -56.92 -10.44
C SER G 747 -33.58 -56.73 -10.16
N VAL G 748 -34.01 -57.00 -8.93
CA VAL G 748 -35.42 -56.81 -8.58
C VAL G 748 -35.81 -55.35 -8.71
N ALA G 749 -34.97 -54.45 -8.22
CA ALA G 749 -35.27 -53.02 -8.30
C ALA G 749 -35.32 -52.54 -9.75
N ALA G 750 -34.39 -53.02 -10.58
CA ALA G 750 -34.39 -52.65 -12.00
C ALA G 750 -35.64 -53.17 -12.70
N ARG G 751 -36.05 -54.40 -12.40
CA ARG G 751 -37.28 -54.92 -12.98
C ARG G 751 -38.49 -54.11 -12.57
N ARG G 752 -38.56 -53.74 -11.28
CA ARG G 752 -39.68 -52.93 -10.81
C ARG G 752 -39.68 -51.56 -11.47
N ILE G 753 -38.51 -50.94 -11.62
CA ILE G 753 -38.43 -49.63 -12.25
C ILE G 753 -38.84 -49.71 -13.72
N ALA G 754 -38.39 -50.76 -14.42
CA ALA G 754 -38.77 -50.93 -15.82
C ALA G 754 -40.27 -51.15 -15.97
N ASN G 787 -29.61 -48.67 -12.69
CA ASN G 787 -29.69 -50.12 -12.54
C ASN G 787 -28.30 -50.73 -12.49
N GLN G 788 -27.70 -50.92 -13.68
CA GLN G 788 -26.37 -51.51 -13.74
C GLN G 788 -25.34 -50.62 -13.06
N GLN G 789 -25.41 -49.30 -13.28
CA GLN G 789 -24.46 -48.39 -12.65
C GLN G 789 -24.61 -48.39 -11.14
N THR G 790 -25.84 -48.37 -10.65
CA THR G 790 -26.07 -48.39 -9.21
C THR G 790 -25.58 -49.70 -8.59
N LEU G 791 -25.84 -50.82 -9.28
CA LEU G 791 -25.36 -52.11 -8.78
C LEU G 791 -23.83 -52.14 -8.75
N ARG G 792 -23.18 -51.61 -9.79
CA ARG G 792 -21.73 -51.56 -9.81
C ARG G 792 -21.19 -50.69 -8.68
N ILE G 793 -21.83 -49.55 -8.42
CA ILE G 793 -21.38 -48.67 -7.35
C ILE G 793 -21.54 -49.35 -6.00
N THR G 794 -22.67 -50.03 -5.78
CA THR G 794 -22.88 -50.72 -4.51
C THR G 794 -21.88 -51.86 -4.33
N MET G 795 -21.60 -52.60 -5.40
CA MET G 795 -20.62 -53.68 -5.32
C MET G 795 -19.22 -53.13 -5.04
N LEU G 796 -18.88 -51.99 -5.66
CA LEU G 796 -17.59 -51.38 -5.39
C LEU G 796 -17.48 -50.92 -3.94
N LEU G 797 -18.56 -50.34 -3.40
CA LEU G 797 -18.55 -49.91 -2.01
C LEU G 797 -18.39 -51.10 -1.06
N MET G 798 -19.11 -52.19 -1.35
CA MET G 798 -19.01 -53.38 -0.51
C MET G 798 -17.62 -53.99 -0.59
N PHE G 799 -17.03 -54.04 -1.79
CA PHE G 799 -15.69 -54.58 -1.95
C PHE G 799 -14.66 -53.71 -1.23
N ALA G 800 -14.82 -52.39 -1.29
CA ALA G 800 -13.91 -51.51 -0.57
C ALA G 800 -14.02 -51.71 0.94
N LEU G 801 -15.24 -51.85 1.45
CA LEU G 801 -15.42 -52.10 2.88
C LEU G 801 -14.79 -53.43 3.28
N PHE G 802 -15.00 -54.46 2.48
CA PHE G 802 -14.42 -55.77 2.79
C PHE G 802 -12.90 -55.72 2.75
N GLY G 803 -12.34 -55.01 1.78
CA GLY G 803 -10.89 -54.88 1.71
C GLY G 803 -10.30 -54.10 2.88
N VAL G 804 -10.99 -53.05 3.30
CA VAL G 804 -10.55 -52.29 4.46
C VAL G 804 -10.58 -53.16 5.71
N MET G 805 -11.66 -53.92 5.87
CA MET G 805 -11.76 -54.82 7.02
C MET G 805 -10.66 -55.88 6.99
N PHE G 806 -10.38 -56.44 5.82
CA PHE G 806 -9.33 -57.44 5.70
C PHE G 806 -7.97 -56.85 6.02
N TRP G 807 -7.69 -55.64 5.52
CA TRP G 807 -6.42 -54.99 5.81
C TRP G 807 -6.27 -54.73 7.30
N ALA G 808 -7.32 -54.26 7.96
CA ALA G 808 -7.27 -54.02 9.38
C ALA G 808 -7.37 -55.30 10.21
N ILE G 809 -7.63 -56.45 9.58
CA ILE G 809 -7.83 -57.70 10.29
C ILE G 809 -6.73 -58.70 10.01
N TRP G 810 -6.25 -58.78 8.75
CA TRP G 810 -5.21 -59.74 8.42
C TRP G 810 -3.90 -59.45 9.13
N SER G 811 -3.70 -58.22 9.58
CA SER G 811 -2.51 -57.75 10.30
C SER G 811 -1.26 -57.75 9.44
N ASP G 812 -1.34 -58.16 8.18
CA ASP G 812 -0.21 -58.12 7.27
C ASP G 812 -0.19 -56.88 6.39
N LEU G 813 -1.35 -56.28 6.13
CA LEU G 813 -1.39 -55.03 5.38
C LEU G 813 -0.72 -53.90 6.16
N ILE G 814 -0.72 -53.99 7.49
CA ILE G 814 0.02 -53.01 8.30
C ILE G 814 1.50 -53.08 7.96
N THR G 815 2.05 -54.29 7.84
CA THR G 815 3.42 -54.43 7.35
C THR G 815 3.54 -53.94 5.92
N VAL G 816 2.53 -54.22 5.09
CA VAL G 816 2.53 -53.70 3.72
C VAL G 816 2.43 -52.18 3.74
N PHE G 817 1.68 -51.62 4.68
CA PHE G 817 1.61 -50.17 4.81
C PHE G 817 2.97 -49.58 5.15
N SER G 818 3.71 -50.24 6.06
CA SER G 818 5.05 -49.77 6.39
C SER G 818 5.99 -49.90 5.20
N TYR G 819 5.88 -50.99 4.44
CA TYR G 819 6.73 -51.18 3.28
C TYR G 819 6.46 -50.09 2.24
N LEU G 820 5.18 -49.77 2.01
CA LEU G 820 4.84 -48.69 1.08
C LEU G 820 5.32 -47.35 1.60
N ASP G 821 5.26 -47.13 2.92
CA ASP G 821 5.68 -45.87 3.52
C ASP G 821 7.17 -45.81 3.81
N SER G 822 7.97 -46.64 3.15
CA SER G 822 9.42 -46.71 3.39
C SER G 822 10.18 -46.53 2.08
N ILE G 823 9.82 -45.50 1.31
CA ILE G 823 10.48 -45.18 0.06
C ILE G 823 10.59 -43.67 -0.06
N THR G 824 11.19 -43.21 -1.15
CA THR G 824 11.41 -41.79 -1.39
C THR G 824 11.17 -41.50 -2.87
N LEU G 825 10.50 -40.38 -3.14
CA LEU G 825 10.24 -39.99 -4.52
C LEU G 825 10.72 -38.57 -4.84
N TRP G 826 10.54 -37.62 -3.94
CA TRP G 826 10.96 -36.25 -4.17
C TRP G 826 11.19 -35.58 -2.81
N HIS G 827 11.92 -34.47 -2.84
CA HIS G 827 12.27 -33.76 -1.61
C HIS G 827 11.20 -32.70 -1.34
N TYR G 828 10.44 -32.88 -0.26
CA TYR G 828 9.45 -31.92 0.18
C TYR G 828 9.90 -31.28 1.50
N ASN G 829 9.34 -30.12 1.79
CA ASN G 829 9.66 -29.40 3.01
C ASN G 829 8.40 -28.77 3.58
N GLY G 830 8.45 -28.46 4.86
CA GLY G 830 7.31 -27.82 5.50
C GLY G 830 7.61 -27.53 6.96
N THR G 831 6.55 -27.14 7.68
CA THR G 831 6.64 -26.84 9.10
C THR G 831 5.70 -27.76 9.86
N GLU G 832 6.24 -28.55 10.78
CA GLU G 832 5.46 -29.45 11.61
C GLU G 832 5.81 -29.20 13.07
N ALA G 833 4.78 -29.02 13.90
CA ALA G 833 4.95 -28.77 15.33
C ALA G 833 5.85 -27.58 15.60
N GLY G 834 5.78 -26.56 14.75
CA GLY G 834 6.62 -25.39 14.91
C GLY G 834 8.06 -25.56 14.52
N ALA G 835 8.42 -26.67 13.89
CA ALA G 835 9.80 -26.93 13.47
C ALA G 835 9.85 -27.19 11.98
N ALA G 836 10.87 -26.64 11.33
CA ALA G 836 11.04 -26.81 9.89
C ALA G 836 11.57 -28.22 9.62
N VAL G 837 10.78 -29.03 8.93
CA VAL G 837 11.11 -30.42 8.65
C VAL G 837 11.09 -30.62 7.13
N VAL G 838 12.14 -31.22 6.60
CA VAL G 838 12.24 -31.57 5.20
C VAL G 838 12.32 -33.08 5.10
N LYS G 839 11.42 -33.67 4.31
CA LYS G 839 11.36 -35.11 4.16
C LYS G 839 11.27 -35.50 2.69
N ASN G 840 11.01 -36.78 2.43
CA ASN G 840 10.88 -37.30 1.07
C ASN G 840 9.48 -37.87 0.87
N VAL G 841 9.09 -37.96 -0.39
CA VAL G 841 7.76 -38.42 -0.77
C VAL G 841 7.78 -39.95 -0.72
N THR G 842 7.13 -40.51 0.30
CA THR G 842 7.06 -41.96 0.43
C THR G 842 6.21 -42.56 -0.67
N MET G 843 6.56 -43.79 -1.07
CA MET G 843 5.74 -44.49 -2.07
C MET G 843 4.34 -44.74 -1.56
N GLY G 844 4.18 -44.93 -0.24
CA GLY G 844 2.85 -45.02 0.32
C GLY G 844 2.04 -43.76 0.08
N SER G 845 2.68 -42.60 0.16
CA SER G 845 1.99 -41.35 -0.13
C SER G 845 1.54 -41.30 -1.59
N LEU G 846 2.40 -41.75 -2.51
CA LEU G 846 2.01 -41.77 -3.92
C LEU G 846 0.84 -42.72 -4.16
N LEU G 847 0.88 -43.90 -3.52
CA LEU G 847 -0.22 -44.85 -3.67
C LEU G 847 -1.51 -44.27 -3.13
N PHE G 848 -1.44 -43.61 -1.96
CA PHE G 848 -2.63 -42.99 -1.39
C PHE G 848 -3.17 -41.89 -2.30
N ALA G 849 -2.28 -41.08 -2.88
CA ALA G 849 -2.72 -40.03 -3.78
C ALA G 849 -3.39 -40.61 -5.02
N ILE G 850 -2.80 -41.66 -5.59
CA ILE G 850 -3.39 -42.28 -6.77
C ILE G 850 -4.77 -42.87 -6.42
N ILE G 851 -4.86 -43.52 -5.26
CA ILE G 851 -6.13 -44.10 -4.84
C ILE G 851 -7.18 -43.01 -4.66
N ALA G 852 -6.79 -41.90 -4.04
CA ALA G 852 -7.73 -40.80 -3.82
C ALA G 852 -8.21 -40.24 -5.15
N SER G 853 -7.30 -40.05 -6.11
CA SER G 853 -7.70 -39.53 -7.41
C SER G 853 -8.66 -40.49 -8.10
N MET G 854 -8.35 -41.79 -8.06
CA MET G 854 -9.20 -42.77 -8.72
C MET G 854 -10.59 -42.81 -8.10
N VAL G 855 -10.67 -42.82 -6.77
CA VAL G 855 -11.97 -42.89 -6.12
C VAL G 855 -12.75 -41.60 -6.34
N ALA G 856 -12.06 -40.45 -6.39
CA ALA G 856 -12.77 -39.20 -6.68
C ALA G 856 -13.36 -39.23 -8.08
N TRP G 857 -12.57 -39.69 -9.06
CA TRP G 857 -13.08 -39.75 -10.43
C TRP G 857 -14.22 -40.76 -10.56
N ALA G 858 -14.17 -41.84 -9.80
CA ALA G 858 -15.25 -42.82 -9.86
C ALA G 858 -16.51 -42.28 -9.18
N LEU G 859 -16.35 -41.53 -8.10
CA LEU G 859 -17.50 -41.13 -7.30
C LEU G 859 -18.18 -39.89 -7.85
N ILE G 860 -17.44 -39.02 -8.54
CA ILE G 860 -18.07 -37.85 -9.15
C ILE G 860 -19.11 -38.27 -10.18
N ARG G 861 -18.82 -39.33 -10.94
CA ARG G 861 -19.77 -39.81 -11.93
C ARG G 861 -20.82 -40.73 -11.31
N ASN G 862 -20.60 -41.20 -10.08
CA ASN G 862 -21.59 -42.05 -9.43
C ASN G 862 -22.56 -41.22 -8.60
N LEU G 863 -22.27 -39.92 -8.44
CA LEU G 863 -23.14 -39.05 -7.66
C LEU G 863 -24.54 -38.86 -8.24
N PRO G 864 -24.75 -38.57 -9.54
CA PRO G 864 -26.05 -38.04 -9.97
C PRO G 864 -27.18 -39.06 -9.89
N GLY G 865 -26.95 -40.29 -10.36
CA GLY G 865 -27.99 -41.29 -10.27
C GLY G 865 -28.32 -41.68 -8.83
N LEU G 866 -27.29 -41.85 -8.01
CA LEU G 866 -27.51 -42.22 -6.61
C LEU G 866 -28.22 -41.11 -5.85
N LEU G 867 -27.99 -39.86 -6.23
CA LEU G 867 -28.75 -38.76 -5.65
C LEU G 867 -30.17 -38.69 -6.19
N GLU G 868 -30.36 -38.90 -7.49
CA GLU G 868 -31.68 -38.73 -8.09
C GLU G 868 -32.65 -39.82 -7.63
N VAL G 869 -32.15 -41.04 -7.44
CA VAL G 869 -33.03 -42.12 -7.00
C VAL G 869 -33.63 -41.79 -5.64
N LEU G 870 -32.85 -41.15 -4.77
CA LEU G 870 -33.39 -40.71 -3.48
C LEU G 870 -34.27 -39.48 -3.65
N VAL G 871 -33.84 -38.53 -4.47
CA VAL G 871 -34.59 -37.29 -4.63
C VAL G 871 -35.92 -37.53 -5.33
N LEU G 872 -35.93 -38.44 -6.32
CA LEU G 872 -37.18 -38.75 -7.01
C LEU G 872 -38.22 -39.30 -6.04
N SER G 873 -37.79 -39.97 -4.97
CA SER G 873 -38.72 -40.43 -3.95
C SER G 873 -39.17 -39.31 -3.03
N ARG G 874 -38.53 -38.14 -3.10
CA ARG G 874 -38.90 -37.00 -2.26
C ARG G 874 -39.93 -36.09 -2.91
N LEU G 875 -40.45 -36.46 -4.09
CA LEU G 875 -41.45 -35.69 -4.83
C LEU G 875 -40.94 -34.31 -5.22
N ASN G 876 -39.61 -34.13 -5.21
CA ASN G 876 -38.95 -32.89 -5.63
C ASN G 876 -39.35 -31.69 -4.78
N MET G 877 -38.71 -30.55 -5.04
CA MET G 877 -39.04 -29.30 -4.35
C MET G 877 -39.14 -28.10 -5.27
N ARG G 878 -38.73 -28.22 -6.53
CA ARG G 878 -38.75 -27.11 -7.48
C ARG G 878 -38.58 -27.69 -8.89
N GLN G 879 -38.48 -26.80 -9.87
CA GLN G 879 -38.33 -27.24 -11.26
C GLN G 879 -36.99 -27.91 -11.50
N GLY G 880 -35.91 -27.37 -10.93
CA GLY G 880 -34.57 -27.93 -11.13
C GLY G 880 -33.79 -28.01 -9.83
N ALA G 881 -34.48 -28.11 -8.68
CA ALA G 881 -33.77 -28.22 -7.41
C ALA G 881 -32.95 -29.50 -7.35
N SER G 882 -33.46 -30.58 -7.94
CA SER G 882 -32.70 -31.83 -7.98
C SER G 882 -31.40 -31.64 -8.76
N TYR G 883 -31.50 -31.05 -9.97
CA TYR G 883 -30.30 -30.82 -10.76
C TYR G 883 -29.32 -29.94 -10.01
N ALA G 884 -29.81 -28.90 -9.36
CA ALA G 884 -28.93 -27.99 -8.61
C ALA G 884 -28.23 -28.73 -7.48
N ILE G 885 -28.95 -29.59 -6.76
CA ILE G 885 -28.34 -30.26 -5.62
C ILE G 885 -27.31 -31.29 -6.08
N THR G 886 -27.59 -32.03 -7.17
CA THR G 886 -26.58 -32.96 -7.67
C THR G 886 -25.35 -32.23 -8.15
N THR G 887 -25.53 -31.09 -8.82
CA THR G 887 -24.37 -30.30 -9.21
C THR G 887 -23.57 -29.83 -8.00
N ILE G 888 -24.26 -29.42 -6.93
CA ILE G 888 -23.56 -28.93 -5.75
C ILE G 888 -22.75 -30.05 -5.10
N LEU G 889 -23.34 -31.25 -4.99
CA LEU G 889 -22.56 -32.36 -4.44
C LEU G 889 -21.39 -32.72 -5.35
N ASN G 890 -21.59 -32.67 -6.66
CA ASN G 890 -20.48 -32.85 -7.59
C ASN G 890 -19.34 -31.89 -7.27
N TYR G 891 -19.70 -30.63 -7.04
CA TYR G 891 -18.70 -29.59 -6.89
C TYR G 891 -17.96 -29.76 -5.57
N ILE G 892 -18.68 -30.06 -4.50
CA ILE G 892 -18.06 -30.32 -3.21
C ILE G 892 -17.16 -31.54 -3.27
N ILE G 893 -17.59 -32.58 -3.99
CA ILE G 893 -16.79 -33.79 -4.10
C ILE G 893 -15.49 -33.50 -4.81
N ILE G 894 -15.54 -32.73 -5.90
CA ILE G 894 -14.30 -32.43 -6.63
C ILE G 894 -13.40 -31.54 -5.77
N ALA G 895 -13.99 -30.65 -4.98
CA ALA G 895 -13.18 -29.80 -4.11
C ALA G 895 -12.45 -30.62 -3.05
N VAL G 896 -13.18 -31.52 -2.40
CA VAL G 896 -12.57 -32.34 -1.35
C VAL G 896 -11.53 -33.29 -1.94
N GLY G 897 -11.78 -33.79 -3.16
CA GLY G 897 -10.80 -34.64 -3.80
C GLY G 897 -9.51 -33.91 -4.10
N ALA G 898 -9.63 -32.69 -4.64
CA ALA G 898 -8.45 -31.89 -4.92
C ALA G 898 -7.70 -31.57 -3.64
N MET G 899 -8.43 -31.22 -2.57
CA MET G 899 -7.78 -30.91 -1.31
C MET G 899 -7.02 -32.12 -0.76
N THR G 900 -7.65 -33.29 -0.81
CA THR G 900 -6.99 -34.49 -0.33
C THR G 900 -5.76 -34.82 -1.17
N VAL G 901 -5.87 -34.71 -2.49
CA VAL G 901 -4.76 -35.05 -3.36
C VAL G 901 -3.58 -34.12 -3.11
N PHE G 902 -3.84 -32.81 -3.04
CA PHE G 902 -2.76 -31.86 -2.80
C PHE G 902 -2.19 -32.00 -1.39
N GLY G 903 -3.01 -32.40 -0.42
CA GLY G 903 -2.48 -32.70 0.90
C GLY G 903 -1.59 -33.93 0.89
N SER G 904 -1.99 -34.96 0.15
CA SER G 904 -1.16 -36.16 0.04
C SER G 904 0.16 -35.85 -0.65
N LEU G 905 0.12 -35.04 -1.71
CA LEU G 905 1.35 -34.61 -2.35
C LEU G 905 2.19 -33.71 -1.45
N GLY G 906 1.56 -33.01 -0.52
CA GLY G 906 2.27 -32.16 0.42
C GLY G 906 2.67 -30.81 -0.10
N VAL G 907 2.53 -30.54 -1.41
CA VAL G 907 2.88 -29.25 -1.95
C VAL G 907 1.87 -28.18 -1.55
N SER G 908 0.70 -28.60 -1.06
CA SER G 908 -0.33 -27.64 -0.69
C SER G 908 0.09 -26.82 0.53
N TRP G 909 1.10 -27.26 1.27
CA TRP G 909 1.56 -26.51 2.43
C TRP G 909 2.12 -25.15 2.03
N ASP G 910 2.91 -25.10 0.95
CA ASP G 910 3.46 -23.85 0.45
C ASP G 910 2.63 -23.23 -0.66
N LYS G 911 1.53 -23.88 -1.06
CA LYS G 911 0.70 -23.38 -2.15
C LYS G 911 -0.07 -22.12 -1.77
N LEU G 912 -0.11 -21.77 -0.49
CA LEU G 912 -0.80 -20.57 -0.04
C LEU G 912 -0.02 -19.30 -0.34
N GLN G 913 0.99 -19.37 -1.20
CA GLN G 913 1.79 -18.20 -1.55
C GLN G 913 1.25 -17.49 -2.79
N TRP G 914 1.18 -18.20 -3.91
CA TRP G 914 0.87 -17.55 -5.19
C TRP G 914 -0.62 -17.59 -5.50
N LEU G 915 -1.18 -18.80 -5.62
CA LEU G 915 -2.59 -18.93 -5.96
C LEU G 915 -3.52 -18.43 -4.87
N ALA G 916 -3.01 -18.21 -3.65
CA ALA G 916 -3.85 -17.73 -2.57
C ALA G 916 -4.41 -16.34 -2.88
N ALA G 917 -3.58 -15.46 -3.44
CA ALA G 917 -4.06 -14.13 -3.79
C ALA G 917 -5.15 -14.19 -4.84
N ALA G 918 -4.97 -15.04 -5.85
CA ALA G 918 -5.98 -15.19 -6.89
C ALA G 918 -7.28 -15.73 -6.31
N LEU G 919 -7.20 -16.73 -5.44
CA LEU G 919 -8.40 -17.24 -4.78
C LEU G 919 -9.07 -16.16 -3.95
N SER G 920 -8.28 -15.35 -3.25
CA SER G 920 -8.82 -14.28 -2.42
C SER G 920 -9.59 -13.28 -3.26
N VAL G 921 -9.00 -12.82 -4.37
CA VAL G 921 -9.71 -11.82 -5.17
C VAL G 921 -10.92 -12.44 -5.86
N GLY G 922 -10.82 -13.71 -6.27
CA GLY G 922 -11.96 -14.35 -6.90
C GLY G 922 -13.15 -14.47 -5.96
N LEU G 923 -12.90 -14.87 -4.72
CA LEU G 923 -13.97 -14.91 -3.73
C LEU G 923 -14.45 -13.50 -3.37
N SER G 924 -13.53 -12.54 -3.34
CA SER G 924 -13.87 -11.17 -2.96
C SER G 924 -14.84 -10.55 -3.95
N PHE G 925 -14.63 -10.80 -5.25
CA PHE G 925 -15.53 -10.23 -6.26
C PHE G 925 -16.96 -10.68 -5.99
N GLY G 926 -17.17 -11.99 -5.84
CA GLY G 926 -18.52 -12.49 -5.63
C GLY G 926 -19.13 -12.05 -4.31
N LEU G 927 -18.35 -12.11 -3.24
CA LEU G 927 -18.88 -11.67 -1.95
C LEU G 927 -19.21 -10.19 -1.94
N GLN G 928 -18.39 -9.38 -2.62
CA GLN G 928 -18.69 -7.96 -2.75
C GLN G 928 -19.96 -7.74 -3.56
N GLU G 929 -20.15 -8.50 -4.63
CA GLU G 929 -21.39 -8.39 -5.40
C GLU G 929 -22.60 -8.70 -4.53
N ILE G 930 -22.52 -9.81 -3.78
CA ILE G 930 -23.64 -10.22 -2.94
C ILE G 930 -23.94 -9.15 -1.89
N PHE G 931 -22.89 -8.62 -1.26
CA PHE G 931 -23.11 -7.67 -0.17
C PHE G 931 -23.55 -6.32 -0.68
N GLY G 932 -23.08 -5.91 -1.87
CA GLY G 932 -23.58 -4.70 -2.48
C GLY G 932 -25.06 -4.82 -2.82
N ASN G 933 -25.47 -5.96 -3.34
CA ASN G 933 -26.89 -6.18 -3.57
C ASN G 933 -27.66 -6.22 -2.26
N PHE G 934 -27.04 -6.73 -1.19
CA PHE G 934 -27.63 -6.66 0.14
C PHE G 934 -27.93 -5.23 0.57
N VAL G 935 -26.92 -4.36 0.49
CA VAL G 935 -27.15 -2.97 0.90
C VAL G 935 -28.11 -2.27 -0.03
N SER G 936 -28.12 -2.62 -1.33
CA SER G 936 -29.10 -2.04 -2.23
C SER G 936 -30.51 -2.45 -1.84
N GLY G 937 -30.71 -3.72 -1.49
CA GLY G 937 -32.01 -4.13 -1.00
C GLY G 937 -32.41 -3.42 0.28
N LEU G 938 -31.44 -3.23 1.19
CA LEU G 938 -31.73 -2.53 2.44
C LEU G 938 -32.18 -1.10 2.17
N ILE G 939 -31.48 -0.38 1.30
CA ILE G 939 -31.84 1.01 1.05
C ILE G 939 -33.15 1.08 0.28
N ILE G 940 -33.43 0.11 -0.60
CA ILE G 940 -34.72 0.08 -1.27
C ILE G 940 -35.84 -0.15 -0.27
N LEU G 941 -35.62 -1.02 0.72
CA LEU G 941 -36.64 -1.28 1.71
C LEU G 941 -36.85 -0.09 2.65
N PHE G 942 -35.79 0.64 2.96
CA PHE G 942 -35.93 1.77 3.88
C PHE G 942 -36.43 3.02 3.17
N GLU G 943 -35.65 3.54 2.21
CA GLU G 943 -36.03 4.77 1.53
C GLU G 943 -37.31 4.61 0.73
N ARG G 944 -37.51 3.44 0.13
CA ARG G 944 -38.71 3.10 -0.61
C ARG G 944 -38.96 4.02 -1.81
N PRO G 945 -38.15 3.95 -2.86
CA PRO G 945 -38.52 4.64 -4.10
C PRO G 945 -39.55 3.83 -4.87
N VAL G 946 -39.52 2.52 -4.70
CA VAL G 946 -40.48 1.60 -5.31
C VAL G 946 -41.04 0.70 -4.22
N ARG G 947 -42.22 0.15 -4.46
CA ARG G 947 -42.90 -0.70 -3.49
C ARG G 947 -43.66 -1.79 -4.23
N ILE G 948 -44.49 -2.52 -3.49
CA ILE G 948 -45.27 -3.60 -4.08
C ILE G 948 -46.61 -3.06 -4.53
N GLY G 949 -46.95 -3.31 -5.79
CA GLY G 949 -48.23 -2.90 -6.31
C GLY G 949 -48.27 -1.51 -6.88
N ASP G 950 -47.34 -1.21 -7.79
CA ASP G 950 -47.33 0.08 -8.48
C ASP G 950 -46.62 -0.08 -9.81
N THR G 951 -47.23 0.44 -10.87
CA THR G 951 -46.62 0.36 -12.19
C THR G 951 -45.34 1.17 -12.23
N VAL G 952 -44.33 0.63 -12.90
CA VAL G 952 -43.02 1.27 -12.98
C VAL G 952 -42.35 0.79 -14.26
N THR G 953 -41.58 1.69 -14.88
CA THR G 953 -40.83 1.38 -16.09
C THR G 953 -39.37 1.74 -15.87
N ILE G 954 -38.48 0.81 -16.21
CA ILE G 954 -37.04 1.03 -16.13
C ILE G 954 -36.43 0.53 -17.43
N GLY G 955 -35.96 1.46 -18.26
CA GLY G 955 -35.37 1.10 -19.53
C GLY G 955 -36.34 0.42 -20.48
N SER G 956 -37.54 1.01 -20.63
CA SER G 956 -38.60 0.52 -21.50
C SER G 956 -39.16 -0.83 -21.05
N PHE G 957 -39.04 -1.15 -19.77
CA PHE G 957 -39.61 -2.38 -19.20
C PHE G 957 -40.70 -1.97 -18.21
N SER G 958 -41.95 -1.95 -18.69
CA SER G 958 -43.07 -1.47 -17.91
C SER G 958 -43.78 -2.64 -17.24
N GLY G 959 -44.08 -2.51 -15.95
CA GLY G 959 -44.81 -3.56 -15.26
C GLY G 959 -44.99 -3.22 -13.80
N THR G 960 -45.66 -4.13 -13.10
CA THR G 960 -45.96 -3.97 -11.68
C THR G 960 -44.97 -4.75 -10.84
N VAL G 961 -44.44 -4.11 -9.80
CA VAL G 961 -43.45 -4.77 -8.95
C VAL G 961 -44.16 -5.78 -8.05
N SER G 962 -43.61 -7.00 -7.99
CA SER G 962 -44.25 -8.08 -7.27
C SER G 962 -43.41 -8.67 -6.14
N LYS G 963 -42.12 -8.38 -6.07
CA LYS G 963 -41.29 -8.92 -5.00
C LYS G 963 -40.02 -8.11 -4.88
N ILE G 964 -39.54 -7.93 -3.65
CA ILE G 964 -38.29 -7.23 -3.37
C ILE G 964 -37.48 -8.14 -2.46
N ARG G 965 -36.41 -8.72 -3.00
CA ARG G 965 -35.57 -9.69 -2.30
C ARG G 965 -34.11 -9.36 -2.52
N ILE G 966 -33.24 -10.29 -2.12
CA ILE G 966 -31.81 -10.10 -2.34
C ILE G 966 -31.53 -10.05 -3.83
N ARG G 967 -30.84 -8.99 -4.27
CA ARG G 967 -30.21 -9.00 -5.58
C ARG G 967 -31.22 -9.01 -6.73
N ALA G 968 -32.50 -9.15 -6.42
CA ALA G 968 -33.49 -9.35 -7.46
C ALA G 968 -34.79 -8.68 -7.07
N THR G 969 -35.37 -7.96 -8.04
CA THR G 969 -36.72 -7.42 -7.91
C THR G 969 -37.50 -7.87 -9.13
N THR G 970 -38.67 -8.45 -8.90
CA THR G 970 -39.49 -9.00 -9.97
C THR G 970 -40.51 -7.97 -10.42
N ILE G 971 -40.56 -7.75 -11.73
CA ILE G 971 -41.52 -6.83 -12.34
C ILE G 971 -42.35 -7.65 -13.31
N THR G 972 -43.64 -7.81 -12.99
CA THR G 972 -44.55 -8.51 -13.89
C THR G 972 -44.96 -7.55 -14.99
N ASP G 973 -44.53 -7.84 -16.21
CA ASP G 973 -44.82 -6.99 -17.36
C ASP G 973 -46.27 -7.23 -17.78
N PHE G 974 -46.82 -6.27 -18.54
CA PHE G 974 -48.20 -6.38 -19.00
C PHE G 974 -48.42 -7.61 -19.86
N ASP G 975 -47.36 -8.16 -20.46
CA ASP G 975 -47.43 -9.38 -21.26
C ASP G 975 -47.24 -10.64 -20.42
N ARG G 976 -47.33 -10.52 -19.09
CA ARG G 976 -47.07 -11.62 -18.17
C ARG G 976 -45.65 -12.17 -18.37
N LYS G 977 -44.69 -11.25 -18.25
CA LYS G 977 -43.28 -11.57 -18.48
C LYS G 977 -42.50 -10.99 -17.30
N GLU G 978 -41.99 -11.88 -16.45
CA GLU G 978 -41.32 -11.45 -15.24
C GLU G 978 -39.91 -10.98 -15.54
N VAL G 979 -39.60 -9.75 -15.13
CA VAL G 979 -38.28 -9.15 -15.29
C VAL G 979 -37.57 -9.22 -13.95
N ILE G 980 -36.38 -9.80 -13.93
CA ILE G 980 -35.59 -9.92 -12.71
C ILE G 980 -34.54 -8.82 -12.78
N ILE G 981 -34.87 -7.66 -12.22
CA ILE G 981 -33.95 -6.52 -12.24
C ILE G 981 -33.00 -6.64 -11.06
N PRO G 982 -31.69 -6.49 -11.27
CA PRO G 982 -30.75 -6.51 -10.15
C PRO G 982 -30.99 -5.35 -9.21
N ASN G 983 -30.56 -5.53 -7.96
CA ASN G 983 -30.89 -4.58 -6.91
C ASN G 983 -30.21 -3.24 -7.09
N LYS G 984 -28.98 -3.22 -7.60
CA LYS G 984 -28.27 -1.95 -7.78
C LYS G 984 -28.92 -1.08 -8.84
N ALA G 985 -29.61 -1.70 -9.80
CA ALA G 985 -30.19 -0.93 -10.90
C ALA G 985 -31.26 0.04 -10.42
N PHE G 986 -32.06 -0.36 -9.44
CA PHE G 986 -33.09 0.53 -8.91
C PHE G 986 -32.49 1.78 -8.29
N VAL G 987 -31.42 1.62 -7.51
CA VAL G 987 -30.80 2.77 -6.87
C VAL G 987 -30.07 3.63 -7.89
N THR G 988 -29.36 3.01 -8.82
CA THR G 988 -28.49 3.74 -9.74
C THR G 988 -29.23 4.35 -10.92
N GLU G 989 -30.16 3.61 -11.54
CA GLU G 989 -30.82 4.08 -12.75
C GLU G 989 -31.97 5.02 -12.39
N ARG G 990 -32.76 5.39 -13.40
CA ARG G 990 -33.87 6.32 -13.24
C ARG G 990 -35.18 5.53 -13.33
N LEU G 991 -36.05 5.74 -12.35
CA LEU G 991 -37.33 5.03 -12.29
C LEU G 991 -38.46 5.94 -12.72
N ILE G 992 -39.38 5.38 -13.49
CA ILE G 992 -40.62 6.07 -13.85
C ILE G 992 -41.71 5.42 -13.01
N ASN G 993 -41.98 5.99 -11.84
CA ASN G 993 -42.97 5.44 -10.92
C ASN G 993 -44.33 6.01 -11.28
N TRP G 994 -45.15 5.20 -11.93
CA TRP G 994 -46.46 5.67 -12.39
C TRP G 994 -47.35 6.04 -11.20
N SER G 995 -47.33 5.23 -10.15
CA SER G 995 -48.21 5.42 -9.00
C SER G 995 -47.34 5.59 -7.76
N LEU G 996 -47.08 6.84 -7.40
CA LEU G 996 -46.35 7.17 -6.20
C LEU G 996 -47.13 8.02 -5.21
N THR G 997 -47.85 9.04 -5.68
CA THR G 997 -48.62 9.89 -4.79
C THR G 997 -50.11 9.85 -5.10
N ASP G 998 -50.52 10.08 -6.34
CA ASP G 998 -51.93 10.24 -6.66
C ASP G 998 -52.48 9.17 -7.59
N THR G 999 -51.61 8.37 -8.22
CA THR G 999 -52.01 7.33 -9.16
C THR G 999 -52.74 7.91 -10.36
N THR G 1000 -52.86 9.23 -10.42
CA THR G 1000 -53.53 9.88 -11.54
C THR G 1000 -52.64 9.84 -12.78
N THR G 1001 -53.29 9.88 -13.95
CA THR G 1001 -52.55 9.95 -15.20
C THR G 1001 -53.38 10.74 -16.19
N ARG G 1002 -52.75 11.16 -17.28
CA ARG G 1002 -53.44 11.86 -18.34
C ARG G 1002 -53.22 11.14 -19.66
N LEU G 1003 -54.25 11.11 -20.50
CA LEU G 1003 -54.19 10.47 -21.79
C LEU G 1003 -54.61 11.46 -22.87
N VAL G 1004 -54.05 11.25 -24.06
CA VAL G 1004 -54.24 12.14 -25.19
C VAL G 1004 -54.85 11.35 -26.35
N ILE G 1005 -55.66 12.04 -27.14
CA ILE G 1005 -56.34 11.46 -28.28
C ILE G 1005 -56.04 12.32 -29.50
N ARG G 1006 -55.60 11.68 -30.58
CA ARG G 1006 -55.34 12.33 -31.84
C ARG G 1006 -56.59 12.36 -32.70
N LEU G 1007 -56.66 13.34 -33.61
CA LEU G 1007 -57.70 13.32 -34.62
C LEU G 1007 -57.24 14.18 -35.79
N GLY G 1008 -57.57 13.73 -37.00
CA GLY G 1008 -57.26 14.47 -38.20
C GLY G 1008 -58.53 14.98 -38.86
N VAL G 1009 -58.51 16.25 -39.26
CA VAL G 1009 -59.69 16.91 -39.79
C VAL G 1009 -59.36 17.49 -41.17
N ALA G 1010 -60.30 17.38 -42.09
CA ALA G 1010 -60.10 17.86 -43.46
C ALA G 1010 -59.98 19.38 -43.48
N TYR G 1011 -59.30 19.88 -44.51
CA TYR G 1011 -59.04 21.30 -44.66
C TYR G 1011 -60.25 22.19 -44.86
N GLY G 1012 -61.24 21.71 -45.61
CA GLY G 1012 -62.41 22.52 -45.89
C GLY G 1012 -63.53 22.39 -44.89
N SER G 1013 -63.21 22.39 -43.60
CA SER G 1013 -64.19 22.27 -42.54
C SER G 1013 -63.88 23.24 -41.41
N ASP G 1014 -64.92 23.52 -40.63
CA ASP G 1014 -64.93 24.43 -39.47
C ASP G 1014 -64.15 23.93 -38.30
N LEU G 1015 -63.55 24.83 -37.54
CA LEU G 1015 -62.72 24.42 -36.41
C LEU G 1015 -63.40 24.70 -35.07
N GLU G 1016 -64.71 24.77 -35.06
CA GLU G 1016 -65.44 24.94 -33.80
C GLU G 1016 -66.44 23.82 -33.55
N LYS G 1017 -67.13 23.35 -34.60
CA LYS G 1017 -67.96 22.16 -34.44
C LYS G 1017 -67.10 20.96 -34.04
N VAL G 1018 -65.92 20.86 -34.62
CA VAL G 1018 -65.00 19.78 -34.24
C VAL G 1018 -64.60 19.91 -32.78
N ARG G 1019 -64.32 21.13 -32.33
CA ARG G 1019 -63.94 21.34 -30.94
C ARG G 1019 -65.06 20.96 -29.99
N LYS G 1020 -66.29 21.36 -30.31
CA LYS G 1020 -67.42 21.02 -29.45
C LYS G 1020 -67.68 19.51 -29.45
N VAL G 1021 -67.52 18.87 -30.60
CA VAL G 1021 -67.70 17.41 -30.68
C VAL G 1021 -66.67 16.70 -29.82
N LEU G 1022 -65.41 17.13 -29.92
CA LEU G 1022 -64.36 16.50 -29.11
C LEU G 1022 -64.59 16.72 -27.63
N LEU G 1023 -65.01 17.93 -27.24
CA LEU G 1023 -65.22 18.21 -25.82
C LEU G 1023 -66.46 17.53 -25.25
N LYS G 1024 -67.46 17.25 -26.10
CA LYS G 1024 -68.66 16.57 -25.62
C LYS G 1024 -68.34 15.18 -25.07
N ALA G 1025 -67.49 14.43 -25.78
CA ALA G 1025 -67.14 13.10 -25.33
C ALA G 1025 -66.43 13.14 -23.98
N ALA G 1026 -65.51 14.08 -23.79
CA ALA G 1026 -64.80 14.18 -22.53
C ALA G 1026 -65.74 14.61 -21.41
N THR G 1027 -66.64 15.56 -21.67
CA THR G 1027 -67.52 16.06 -20.62
C THR G 1027 -68.53 14.99 -20.18
N GLU G 1028 -69.11 14.27 -21.14
CA GLU G 1028 -70.15 13.30 -20.82
C GLU G 1028 -69.62 11.88 -20.61
N HIS G 1029 -68.39 11.74 -20.13
CA HIS G 1029 -67.84 10.43 -19.82
C HIS G 1029 -67.68 10.28 -18.32
N PRO G 1030 -68.29 9.29 -17.69
CA PRO G 1030 -68.27 9.21 -16.23
C PRO G 1030 -66.92 8.83 -15.65
N ARG G 1031 -65.91 8.66 -16.50
CA ARG G 1031 -64.59 8.26 -16.02
C ARG G 1031 -63.51 9.30 -16.30
N VAL G 1032 -63.89 10.53 -16.62
CA VAL G 1032 -62.95 11.61 -16.90
C VAL G 1032 -63.04 12.62 -15.78
N MET G 1033 -61.90 12.97 -15.20
CA MET G 1033 -61.88 13.88 -14.07
C MET G 1033 -62.36 15.27 -14.48
N HIS G 1034 -62.56 16.12 -13.48
CA HIS G 1034 -63.05 17.47 -13.72
C HIS G 1034 -62.16 18.56 -13.14
N GLU G 1035 -61.42 18.29 -12.05
CA GLU G 1035 -60.53 19.33 -11.53
C GLU G 1035 -59.44 19.70 -12.52
N PRO G 1036 -58.72 18.76 -13.14
CA PRO G 1036 -57.96 19.12 -14.35
C PRO G 1036 -58.86 18.99 -15.58
N MET G 1037 -59.67 20.01 -15.83
CA MET G 1037 -60.70 19.90 -16.85
C MET G 1037 -60.10 19.58 -18.20
N PRO G 1038 -60.71 18.67 -18.96
CA PRO G 1038 -60.18 18.35 -20.29
C PRO G 1038 -60.22 19.56 -21.22
N GLU G 1039 -59.23 19.63 -22.10
CA GLU G 1039 -59.08 20.69 -23.06
C GLU G 1039 -58.90 20.13 -24.45
N VAL G 1040 -59.17 20.93 -25.46
CA VAL G 1040 -58.99 20.56 -26.85
C VAL G 1040 -57.99 21.51 -27.48
N PHE G 1041 -57.04 20.95 -28.23
CA PHE G 1041 -55.98 21.73 -28.85
C PHE G 1041 -55.94 21.49 -30.35
N PHE G 1042 -55.55 22.53 -31.08
CA PHE G 1042 -55.27 22.47 -32.52
C PHE G 1042 -53.80 22.84 -32.67
N THR G 1043 -52.93 21.84 -32.77
CA THR G 1043 -51.51 22.04 -32.57
C THR G 1043 -50.66 21.78 -33.81
N ALA G 1044 -51.25 21.35 -34.92
CA ALA G 1044 -50.43 21.09 -36.09
C ALA G 1044 -51.15 21.23 -37.42
N PHE G 1045 -50.48 21.87 -38.37
CA PHE G 1045 -51.03 21.98 -39.71
C PHE G 1045 -50.40 20.78 -40.38
N GLY G 1046 -51.21 19.76 -40.62
CA GLY G 1046 -50.71 18.54 -41.23
C GLY G 1046 -50.64 18.62 -42.73
N ALA G 1047 -49.77 17.80 -43.32
CA ALA G 1047 -49.64 17.77 -44.76
C ALA G 1047 -50.97 17.57 -45.46
N SER G 1048 -51.88 16.80 -44.85
CA SER G 1048 -53.21 16.60 -45.42
C SER G 1048 -54.34 16.82 -44.44
N THR G 1049 -54.13 16.71 -43.14
CA THR G 1049 -55.18 16.90 -42.16
C THR G 1049 -54.68 17.79 -41.03
N LEU G 1050 -55.53 18.75 -40.63
CA LEU G 1050 -55.25 19.50 -39.42
C LEU G 1050 -55.32 18.57 -38.23
N ASP G 1051 -54.37 18.70 -37.31
CA ASP G 1051 -54.25 17.78 -36.18
C ASP G 1051 -54.88 18.39 -34.94
N HIS G 1052 -55.85 17.70 -34.37
CA HIS G 1052 -56.47 18.09 -33.10
C HIS G 1052 -56.04 17.10 -32.03
N GLU G 1053 -55.72 17.62 -30.85
CA GLU G 1053 -55.24 16.81 -29.74
C GLU G 1053 -56.12 17.07 -28.53
N LEU G 1054 -56.58 16.00 -27.89
CA LEU G 1054 -57.43 16.08 -26.71
C LEU G 1054 -56.69 15.51 -25.52
N ARG G 1055 -56.65 16.27 -24.42
CA ARG G 1055 -56.00 15.83 -23.19
C ARG G 1055 -57.04 15.68 -22.10
N LEU G 1056 -57.02 14.55 -21.41
CA LEU G 1056 -57.97 14.36 -20.31
C LEU G 1056 -57.37 13.44 -19.28
N TYR G 1057 -57.75 13.66 -18.02
CA TYR G 1057 -57.14 12.97 -16.90
C TYR G 1057 -58.04 11.84 -16.40
N VAL G 1058 -57.41 10.81 -15.85
CA VAL G 1058 -58.09 9.65 -15.30
C VAL G 1058 -57.44 9.28 -13.97
N ARG G 1059 -58.27 8.88 -13.00
CA ARG G 1059 -57.79 8.58 -11.65
C ARG G 1059 -57.18 7.18 -11.58
N GLU G 1060 -57.99 6.16 -11.86
CA GLU G 1060 -57.52 4.79 -11.77
C GLU G 1060 -56.59 4.45 -12.93
N LEU G 1061 -55.51 3.74 -12.60
CA LEU G 1061 -54.56 3.36 -13.63
C LEU G 1061 -55.15 2.34 -14.60
N ARG G 1062 -55.94 1.40 -14.09
CA ARG G 1062 -56.52 0.35 -14.92
C ARG G 1062 -57.60 0.87 -15.86
N ASP G 1063 -58.04 2.11 -15.70
CA ASP G 1063 -59.10 2.67 -16.50
C ASP G 1063 -58.56 3.26 -17.80
N ARG G 1064 -57.23 3.30 -17.96
CA ARG G 1064 -56.62 3.99 -19.10
C ARG G 1064 -57.06 3.39 -20.43
N SER G 1065 -57.02 2.07 -20.56
CA SER G 1065 -57.27 1.45 -21.86
C SER G 1065 -58.73 1.52 -22.26
N ARG G 1066 -59.64 1.24 -21.32
CA ARG G 1066 -61.07 1.27 -21.65
C ARG G 1066 -61.52 2.67 -22.04
N THR G 1067 -61.02 3.69 -21.34
CA THR G 1067 -61.48 5.06 -21.57
C THR G 1067 -61.16 5.50 -23.00
N VAL G 1068 -59.97 5.17 -23.49
CA VAL G 1068 -59.59 5.54 -24.85
C VAL G 1068 -60.53 4.88 -25.85
N ASP G 1069 -60.87 3.62 -25.63
CA ASP G 1069 -61.76 2.91 -26.54
C ASP G 1069 -63.14 3.56 -26.58
N GLU G 1070 -63.73 3.79 -25.40
CA GLU G 1070 -65.06 4.40 -25.37
C GLU G 1070 -65.05 5.79 -25.98
N LEU G 1071 -64.03 6.58 -25.66
CA LEU G 1071 -63.95 7.93 -26.20
C LEU G 1071 -63.82 7.91 -27.71
N ASN G 1072 -63.02 6.99 -28.25
CA ASN G 1072 -62.87 6.92 -29.70
C ASN G 1072 -64.17 6.50 -30.36
N ARG G 1073 -64.89 5.55 -29.76
CA ARG G 1073 -66.16 5.13 -30.34
C ARG G 1073 -67.16 6.27 -30.37
N THR G 1074 -67.31 6.98 -29.24
CA THR G 1074 -68.28 8.06 -29.22
C THR G 1074 -67.84 9.22 -30.09
N ILE G 1075 -66.53 9.45 -30.21
CA ILE G 1075 -66.04 10.51 -31.09
C ILE G 1075 -66.35 10.18 -32.54
N ASP G 1076 -66.18 8.93 -32.95
CA ASP G 1076 -66.54 8.54 -34.31
C ASP G 1076 -68.03 8.67 -34.55
N GLN G 1077 -68.84 8.30 -33.56
CA GLN G 1077 -70.29 8.43 -33.70
C GLN G 1077 -70.66 9.90 -33.88
N LEU G 1078 -70.14 10.78 -33.03
CA LEU G 1078 -70.43 12.20 -33.17
C LEU G 1078 -69.86 12.76 -34.46
N CYS G 1079 -68.76 12.17 -34.95
CA CYS G 1079 -68.18 12.59 -36.22
C CYS G 1079 -69.13 12.34 -37.37
N ARG G 1080 -69.66 11.12 -37.46
CA ARG G 1080 -70.63 10.85 -38.52
C ARG G 1080 -71.97 11.53 -38.27
N GLU G 1081 -72.23 11.97 -37.04
CA GLU G 1081 -73.48 12.67 -36.74
C GLU G 1081 -73.41 14.13 -37.19
N ASN G 1082 -72.48 14.90 -36.64
CA ASN G 1082 -72.36 16.32 -36.94
C ASN G 1082 -71.87 16.59 -38.35
N ASP G 1083 -71.42 15.55 -39.07
CA ASP G 1083 -70.95 15.66 -40.45
C ASP G 1083 -69.76 16.62 -40.53
N ILE G 1084 -68.68 16.18 -39.88
CA ILE G 1084 -67.36 16.79 -40.05
C ILE G 1084 -66.42 15.68 -40.52
N ASN G 1085 -65.72 15.93 -41.63
CA ASN G 1085 -65.05 14.88 -42.38
C ASN G 1085 -63.68 14.61 -41.78
N ILE G 1086 -63.38 13.34 -41.56
CA ILE G 1086 -62.02 12.89 -41.25
C ILE G 1086 -61.39 12.43 -42.56
N ALA G 1087 -60.37 13.14 -43.02
CA ALA G 1087 -59.85 12.98 -44.36
C ALA G 1087 -58.64 12.06 -44.39
N PHE G 1088 -58.49 11.37 -45.51
CA PHE G 1088 -57.34 10.52 -45.75
C PHE G 1088 -56.27 11.40 -46.40
N ASN G 1089 -55.02 10.94 -46.39
CA ASN G 1089 -53.93 11.71 -46.96
C ASN G 1089 -54.21 11.97 -48.44
N GLN G 1090 -54.11 13.23 -48.85
CA GLN G 1090 -54.47 13.64 -50.20
C GLN G 1090 -53.24 14.15 -50.94
N LEU G 1091 -53.39 14.26 -52.26
CA LEU G 1091 -52.32 14.77 -53.11
C LEU G 1091 -52.91 15.13 -54.47
N GLU G 1092 -52.37 16.17 -55.09
CA GLU G 1092 -52.85 16.68 -56.36
C GLU G 1092 -51.94 16.21 -57.49
N VAL G 1093 -52.53 15.89 -58.63
CA VAL G 1093 -51.81 15.35 -59.78
C VAL G 1093 -52.01 16.27 -60.97
N HIS G 1094 -50.90 16.63 -61.63
CA HIS G 1094 -50.93 17.45 -62.84
C HIS G 1094 -50.69 16.53 -64.03
N LEU G 1095 -51.76 15.94 -64.53
CA LEU G 1095 -51.66 14.99 -65.63
C LEU G 1095 -51.36 15.69 -66.95
N HIS G 1096 -50.58 15.02 -67.78
CA HIS G 1096 -50.42 15.42 -69.19
C HIS G 1096 -50.10 14.16 -69.98
N ASN G 1097 -50.79 13.96 -71.10
CA ASN G 1097 -50.62 12.74 -71.88
C ASN G 1097 -49.94 13.01 -73.21
#